data_9B2V
#
_entry.id   9B2V
#
_cell.length_a   1.00
_cell.length_b   1.00
_cell.length_c   1.00
_cell.angle_alpha   90.00
_cell.angle_beta   90.00
_cell.angle_gamma   90.00
#
_symmetry.space_group_name_H-M   'P 1'
#
loop_
_entity.id
_entity.type
_entity.pdbx_description
1 polymer 'Spike glycoprotein'
2 branched alpha-D-mannopyranose-(1-3)-beta-D-mannopyranose-(1-4)-2-acetamido-2-deoxy-beta-D-glucopyranose-(1-4)-2-acetamido-2-deoxy-beta-D-glucopyranose
3 branched 2-acetamido-2-deoxy-beta-D-glucopyranose-(1-4)-2-acetamido-2-deoxy-beta-D-glucopyranose
4 branched beta-D-mannopyranose-(1-4)-2-acetamido-2-deoxy-beta-D-glucopyranose-(1-4)-2-acetamido-2-deoxy-beta-D-glucopyranose
5 branched alpha-D-mannopyranose-(1-6)-alpha-D-mannopyranose-(1-4)-2-acetamido-2-deoxy-beta-D-glucopyranose-(1-4)-2-acetamido-2-deoxy-beta-D-glucopyranose
6 branched alpha-L-fucopyranose-(1-6)-2-acetamido-2-deoxy-beta-D-glucopyranose
7 non-polymer 2-acetamido-2-deoxy-beta-D-glucopyranose
#
_entity_poly.entity_id   1
_entity_poly.type   'polypeptide(L)'
_entity_poly.pdbx_seq_one_letter_code
;MFVFLVLLPLVSSQCVNLSAWSHPQFEKGGGSGGGSGGSSAWSHPQFEKSALVPRGSTTRTQLPPAYTNSFTRGVYYPDK
VFRSSVLHSTQDLFLPFFSNVTWFHAIHVSGTNGTKRFDNPVLPFNDGVYFASTEKSNIIRGWIFGTTLDSKTQSLLIVN
NATNVVIKVCEFQFCNDPFLGVYYHKNNKSWMESEFRVYSSANNCTFEYVSQPFLMDLEGKQGNFKNLREFVFKNIDGYF
KIYSKHTPINLVRDLPQGFSALEPLVDLPIGINITRFQTLLALHRSYLTPGDSSSGWTAGAAAYYVGYLQPRTFLLKYNE
NGTITDAVDCALDPLSETKCTLKSFTVEKGIYQTSNFRVQPTESIVRFPNITNLCPFGEVFNATRFASVYAWNRKRISNC
VADYSVLYNSASFSTFKCYGVSPTKLNDLCFTNVYADSFVIRGDEVRQIAPGQTGKIADYNYKLPDDFTGCVIAWNSNNL
DSKVGGNYNYLYRLFRKSNLKPFERDISTEIYQAGSTPCNGVEGFNCYFPLQSYGFQPTNGVGYQPYRVVVLSFELLHAP
ATVCGPKKSTNLVKNKCVNFNFNGLTGTGVLTESNKKFLPFQQFGRDIADTTDAVRDPQTLEILDITPCSFGGVSVITPG
TNTSNQVAVLYQGVNCTEVPVAIHADQLTPTWRVYSTGSNVFQTRAGCLIGAEHVNNSYECDIPIGAGICASYQTQTNSP
GSASSVASQSIIAYTMSLGAENSVAYSNNSIAIPTNFTISVTTEILPVSMTKTSVDCTMYICGDSTECSNLLLQYGSFCT
QLNRALTGIAVEQDKNTQEVFAQVKQIYKTPPIKDFGGFNFSQILPDPSKPSKRSFIEDLLFNKVTLADAGFIKQYGDCL
GDIAARDLICAQKFNGLTVLPPLLTDEMIAQYTSALLAGTITSGWTFGAGAALQIPFAMQMAYRFNGIGVTQNVLYENQK
LIANQFNSAIGKIQDSLSSTASALGKLQDVVNQNAQALNTLVKQLSSNFGAISSVLNDILSRLDPPEAEVQIDRLITGRL
QSLQTYVTQQLIRAAEIRASANLAATKMSECVLGQSKRVDFCGKGYHLMSFPQSAPHGVVFLHVTYVPAQEKNFTTAPAI
CHDGKAHFPREGVFVSNGTHWFVTQRNFYEPQIITTDNTFVSGNCDVVIGIVNNTVYDPLQPELDSFKEELDKYFKNHTS
PDVDLGDISGINASVVNIQKEIDRLNEVAKNLNESLIDLQELGKYEQGSGYIPEAPRDGQAYVRKDGEWVLLSTF
;
_entity_poly.pdbx_strand_id   A,B,C
#
# COMPACT_ATOMS: atom_id res chain seq x y z
N ALA A 66 -12.64 -57.67 7.60
CA ALA A 66 -13.76 -56.75 7.75
C ALA A 66 -13.28 -55.31 7.81
N TYR A 67 -14.17 -54.40 8.19
CA TYR A 67 -13.85 -52.98 8.30
C TYR A 67 -14.32 -52.47 9.65
N THR A 68 -13.68 -51.40 10.12
CA THR A 68 -14.07 -50.73 11.35
C THR A 68 -13.74 -49.26 11.22
N ASN A 69 -14.32 -48.46 12.12
CA ASN A 69 -14.23 -47.02 12.05
C ASN A 69 -13.16 -46.53 13.03
N SER A 70 -12.20 -45.76 12.52
CA SER A 70 -11.18 -45.11 13.35
C SER A 70 -11.66 -43.70 13.63
N PHE A 71 -12.33 -43.52 14.77
CA PHE A 71 -13.00 -42.26 15.06
C PHE A 71 -12.01 -41.09 15.04
N THR A 72 -11.05 -41.10 15.95
CA THR A 72 -10.06 -40.03 16.06
C THR A 72 -8.70 -40.62 16.43
N ARG A 73 -8.34 -41.73 15.78
CA ARG A 73 -7.10 -42.43 16.07
C ARG A 73 -6.01 -42.03 15.09
N GLY A 74 -4.80 -42.49 15.38
CA GLY A 74 -3.66 -42.21 14.51
C GLY A 74 -3.23 -40.76 14.49
N VAL A 75 -3.23 -40.09 15.63
CA VAL A 75 -2.77 -38.71 15.75
C VAL A 75 -1.47 -38.73 16.52
N TYR A 76 -0.44 -38.10 15.96
CA TYR A 76 0.90 -38.10 16.54
C TYR A 76 1.45 -36.69 16.55
N TYR A 77 2.47 -36.48 17.38
CA TYR A 77 3.14 -35.20 17.48
C TYR A 77 3.96 -34.96 16.21
N PRO A 78 3.55 -34.05 15.32
CA PRO A 78 4.27 -33.94 14.03
C PRO A 78 5.72 -33.55 14.16
N ASP A 79 6.08 -32.74 15.15
CA ASP A 79 7.43 -32.20 15.28
C ASP A 79 7.92 -32.40 16.71
N LYS A 80 9.17 -31.99 16.94
CA LYS A 80 9.84 -32.18 18.22
C LYS A 80 9.79 -30.93 19.10
N VAL A 81 8.98 -29.95 18.75
CA VAL A 81 8.91 -28.71 19.51
C VAL A 81 7.80 -28.83 20.56
N PHE A 82 7.86 -27.96 21.55
CA PHE A 82 6.89 -27.93 22.65
C PHE A 82 5.93 -26.77 22.46
N ARG A 83 4.63 -27.06 22.61
CA ARG A 83 3.60 -26.04 22.49
C ARG A 83 2.58 -26.25 23.60
N SER A 84 2.15 -25.16 24.23
CA SER A 84 1.18 -25.22 25.32
C SER A 84 0.10 -24.15 25.11
N SER A 85 -1.14 -24.54 25.34
CA SER A 85 -2.29 -23.64 25.26
C SER A 85 -2.28 -22.86 23.94
N VAL A 86 -2.15 -23.60 22.84
CA VAL A 86 -2.15 -23.00 21.52
C VAL A 86 -2.68 -24.02 20.52
N LEU A 87 -3.40 -23.52 19.53
CA LEU A 87 -3.93 -24.34 18.45
C LEU A 87 -3.00 -24.22 17.25
N HIS A 88 -2.42 -25.35 16.83
CA HIS A 88 -1.43 -25.37 15.77
C HIS A 88 -1.99 -26.12 14.56
N SER A 89 -1.80 -25.56 13.38
CA SER A 89 -2.23 -26.17 12.14
C SER A 89 -1.02 -26.75 11.43
N THR A 90 -1.06 -28.05 11.13
CA THR A 90 0.04 -28.75 10.51
C THR A 90 -0.44 -29.56 9.33
N GLN A 91 0.44 -29.73 8.35
CA GLN A 91 0.19 -30.59 7.19
C GLN A 91 1.22 -31.71 7.19
N ASP A 92 0.76 -32.95 7.13
CA ASP A 92 1.63 -34.11 7.17
C ASP A 92 0.79 -35.34 6.82
N LEU A 93 1.42 -36.50 6.87
CA LEU A 93 0.74 -37.76 6.61
C LEU A 93 -0.02 -38.18 7.86
N PHE A 94 -1.33 -38.01 7.85
CA PHE A 94 -2.18 -38.33 8.97
C PHE A 94 -3.23 -39.36 8.54
N LEU A 95 -3.75 -40.08 9.52
CA LEU A 95 -4.84 -41.01 9.24
C LEU A 95 -6.16 -40.23 9.22
N PRO A 96 -6.87 -40.19 8.10
CA PRO A 96 -8.11 -39.40 8.05
C PRO A 96 -9.11 -39.88 9.09
N PHE A 97 -9.83 -38.93 9.68
CA PHE A 97 -10.84 -39.26 10.67
C PHE A 97 -11.99 -40.03 10.02
N PHE A 98 -12.52 -41.02 10.75
CA PHE A 98 -13.70 -41.77 10.33
C PHE A 98 -13.49 -42.42 8.96
N SER A 99 -12.60 -43.41 8.96
CA SER A 99 -12.28 -44.17 7.76
C SER A 99 -12.10 -45.64 8.13
N ASN A 100 -12.35 -46.52 7.17
CA ASN A 100 -11.99 -47.92 7.35
C ASN A 100 -10.50 -48.08 7.62
N VAL A 101 -10.20 -48.94 8.57
CA VAL A 101 -8.87 -49.52 8.78
C VAL A 101 -9.08 -51.03 8.73
N THR A 102 -8.39 -51.69 7.81
CA THR A 102 -8.62 -53.12 7.61
C THR A 102 -8.38 -53.89 8.90
N TRP A 103 -9.30 -54.79 9.24
CA TRP A 103 -9.23 -55.60 10.44
C TRP A 103 -8.99 -57.05 10.04
N PHE A 104 -8.04 -57.70 10.70
CA PHE A 104 -7.60 -59.03 10.34
C PHE A 104 -7.79 -60.01 11.50
N HIS A 105 -8.19 -61.24 11.16
CA HIS A 105 -8.39 -62.30 12.13
C HIS A 105 -7.71 -63.57 11.64
N ALA A 106 -7.26 -64.39 12.58
CA ALA A 106 -6.65 -65.68 12.28
C ALA A 106 -7.59 -66.78 12.74
N ILE A 107 -7.83 -67.76 11.86
CA ILE A 107 -8.77 -68.84 12.11
C ILE A 107 -7.98 -70.07 12.52
N HIS A 108 -8.07 -70.43 13.79
CA HIS A 108 -7.39 -71.61 14.33
C HIS A 108 -5.91 -71.63 13.92
N LYS A 116 -5.72 -76.37 9.16
CA LYS A 116 -6.69 -75.35 8.79
C LYS A 116 -6.02 -74.26 7.97
N ARG A 117 -6.65 -73.09 7.90
CA ARG A 117 -6.14 -71.96 7.15
C ARG A 117 -5.69 -70.86 8.10
N PHE A 118 -4.54 -70.25 7.79
CA PHE A 118 -3.97 -69.18 8.60
C PHE A 118 -3.96 -67.90 7.77
N ASP A 119 -4.43 -66.81 8.37
CA ASP A 119 -4.57 -65.53 7.68
C ASP A 119 -3.52 -64.56 8.21
N ASN A 120 -2.52 -64.26 7.39
CA ASN A 120 -1.48 -63.31 7.74
C ASN A 120 -0.79 -62.85 6.45
N PRO A 121 -1.42 -61.99 5.66
CA PRO A 121 -0.91 -61.67 4.33
C PRO A 121 0.12 -60.55 4.35
N VAL A 122 0.74 -60.34 3.19
CA VAL A 122 1.64 -59.23 2.98
C VAL A 122 0.82 -58.01 2.59
N LEU A 123 1.02 -56.90 3.30
CA LEU A 123 0.21 -55.71 3.08
C LEU A 123 1.00 -54.64 2.33
N PRO A 124 0.35 -53.79 1.56
CA PRO A 124 1.05 -52.68 0.92
C PRO A 124 1.50 -51.65 1.94
N PHE A 125 2.45 -50.82 1.52
CA PHE A 125 2.98 -49.74 2.35
C PHE A 125 3.26 -48.56 1.43
N ASN A 126 2.36 -47.57 1.44
CA ASN A 126 2.49 -46.38 0.61
C ASN A 126 2.21 -45.16 1.47
N ASP A 127 3.21 -44.27 1.56
CA ASP A 127 3.07 -43.02 2.30
C ASP A 127 2.66 -43.27 3.75
N GLY A 128 3.26 -44.27 4.37
CA GLY A 128 3.04 -44.55 5.77
C GLY A 128 1.88 -45.50 6.02
N VAL A 129 1.78 -45.95 7.26
CA VAL A 129 0.77 -46.92 7.67
C VAL A 129 0.47 -46.69 9.15
N TYR A 130 -0.79 -46.94 9.52
CA TYR A 130 -1.23 -46.90 10.90
C TYR A 130 -1.57 -48.31 11.35
N PHE A 131 -0.97 -48.74 12.46
CA PHE A 131 -1.12 -50.10 12.97
C PHE A 131 -1.69 -50.05 14.39
N ALA A 132 -2.65 -50.91 14.65
CA ALA A 132 -3.24 -51.04 15.98
C ALA A 132 -3.58 -52.50 16.25
N SER A 133 -3.50 -52.88 17.51
CA SER A 133 -3.82 -54.25 17.90
C SER A 133 -4.05 -54.30 19.41
N THR A 134 -4.89 -55.26 19.83
CA THR A 134 -5.13 -55.51 21.24
C THR A 134 -4.20 -56.62 21.72
N GLU A 135 -2.91 -56.28 21.81
CA GLU A 135 -1.89 -57.25 22.13
C GLU A 135 -2.10 -57.81 23.53
N LYS A 136 -2.12 -59.13 23.64
CA LYS A 136 -2.24 -59.82 24.92
C LYS A 136 -1.14 -60.88 24.99
N SER A 137 -0.43 -60.91 26.12
CA SER A 137 0.70 -61.82 26.30
C SER A 137 1.77 -61.64 25.23
N ASN A 138 1.75 -60.49 24.55
CA ASN A 138 2.78 -60.14 23.56
C ASN A 138 2.83 -61.15 22.42
N ILE A 139 1.66 -61.50 21.89
CA ILE A 139 1.61 -62.37 20.72
C ILE A 139 2.24 -61.67 19.52
N ILE A 140 1.90 -60.40 19.31
CA ILE A 140 2.49 -59.64 18.21
C ILE A 140 3.98 -59.47 18.50
N ARG A 141 4.82 -59.93 17.56
CA ARG A 141 6.27 -59.93 17.76
C ARG A 141 6.95 -58.76 17.07
N GLY A 142 6.56 -58.44 15.84
CA GLY A 142 7.21 -57.38 15.11
C GLY A 142 6.67 -57.29 13.70
N TRP A 143 7.37 -56.54 12.87
CA TRP A 143 6.94 -56.26 11.51
C TRP A 143 8.13 -56.34 10.57
N ILE A 144 7.84 -56.65 9.31
CA ILE A 144 8.84 -56.69 8.24
C ILE A 144 8.47 -55.61 7.23
N PHE A 145 9.45 -54.81 6.83
CA PHE A 145 9.25 -53.76 5.85
C PHE A 145 10.25 -53.94 4.72
N GLY A 146 9.76 -53.79 3.49
CA GLY A 146 10.62 -53.98 2.34
C GLY A 146 9.83 -53.81 1.06
N THR A 147 10.41 -54.30 -0.03
CA THR A 147 9.78 -54.15 -1.34
C THR A 147 9.62 -55.50 -2.03
N THR A 148 10.51 -56.44 -1.73
CA THR A 148 10.46 -57.79 -2.31
C THR A 148 10.44 -58.88 -1.25
N LEU A 149 11.14 -58.68 -0.13
CA LEU A 149 11.14 -59.65 0.96
C LEU A 149 11.63 -61.02 0.48
N ASP A 150 12.61 -61.01 -0.43
CA ASP A 150 13.14 -62.24 -1.02
C ASP A 150 14.67 -62.26 -1.00
N SER A 151 15.29 -61.40 -0.21
CA SER A 151 16.75 -61.34 -0.09
C SER A 151 17.38 -60.68 -1.31
N LYS A 152 16.58 -60.34 -2.32
CA LYS A 152 17.12 -59.62 -3.48
C LYS A 152 17.38 -58.16 -3.14
N THR A 153 16.53 -57.56 -2.30
CA THR A 153 16.66 -56.17 -1.89
C THR A 153 16.64 -56.09 -0.37
N GLN A 154 16.92 -54.89 0.14
CA GLN A 154 17.00 -54.68 1.58
C GLN A 154 15.64 -54.89 2.23
N SER A 155 15.66 -55.29 3.50
CA SER A 155 14.45 -55.54 4.27
C SER A 155 14.68 -55.09 5.71
N LEU A 156 13.58 -55.08 6.48
CA LEU A 156 13.60 -54.64 7.86
C LEU A 156 12.99 -55.71 8.75
N LEU A 157 13.52 -55.81 9.97
CA LEU A 157 13.13 -56.80 10.97
C LEU A 157 12.91 -56.15 12.33
N ILE A 158 12.10 -55.11 12.37
CA ILE A 158 11.73 -54.52 13.66
C ILE A 158 10.96 -55.57 14.43
N VAL A 159 11.59 -56.14 15.45
CA VAL A 159 10.97 -57.20 16.24
C VAL A 159 11.62 -57.23 17.61
N ASN A 160 10.82 -57.55 18.63
CA ASN A 160 11.31 -57.93 19.94
C ASN A 160 10.71 -59.29 20.29
N ASN A 161 11.58 -60.24 20.63
CA ASN A 161 11.17 -61.64 20.79
C ASN A 161 11.23 -62.08 22.24
N ALA A 162 12.42 -62.13 22.84
CA ALA A 162 12.59 -62.26 24.28
C ALA A 162 13.70 -61.38 24.83
N THR A 163 14.69 -60.99 24.02
CA THR A 163 15.70 -60.03 24.42
C THR A 163 15.20 -58.63 24.06
N ASN A 164 16.08 -57.64 24.10
CA ASN A 164 15.66 -56.29 23.78
C ASN A 164 15.26 -56.20 22.30
N VAL A 165 14.63 -55.09 21.94
CA VAL A 165 14.09 -54.91 20.60
C VAL A 165 15.26 -54.87 19.62
N VAL A 166 15.38 -55.90 18.78
CA VAL A 166 16.47 -56.02 17.82
C VAL A 166 15.96 -55.59 16.45
N ILE A 167 16.71 -54.72 15.79
CA ILE A 167 16.38 -54.23 14.46
C ILE A 167 17.50 -54.65 13.51
N LYS A 168 17.15 -55.33 12.43
CA LYS A 168 18.10 -55.82 11.44
C LYS A 168 17.74 -55.24 10.08
N VAL A 169 18.76 -54.80 9.35
CA VAL A 169 18.59 -54.26 8.00
C VAL A 169 19.58 -55.01 7.11
N CYS A 170 19.11 -56.08 6.48
CA CYS A 170 19.95 -56.89 5.60
C CYS A 170 19.06 -57.51 4.52
N GLU A 171 19.61 -58.48 3.80
CA GLU A 171 18.89 -59.25 2.80
C GLU A 171 18.61 -60.63 3.38
N PHE A 172 17.33 -61.01 3.43
CA PHE A 172 16.92 -62.26 4.07
C PHE A 172 16.05 -63.08 3.12
N GLN A 173 16.31 -64.39 3.09
CA GLN A 173 15.52 -65.32 2.31
C GLN A 173 14.31 -65.73 3.14
N PHE A 174 13.33 -64.84 3.17
CA PHE A 174 12.15 -65.05 4.01
C PHE A 174 11.42 -66.31 3.59
N CYS A 175 11.00 -67.10 4.58
CA CYS A 175 10.31 -68.35 4.31
C CYS A 175 8.89 -68.08 3.82
N ASN A 176 8.27 -69.12 3.24
CA ASN A 176 6.90 -68.99 2.77
C ASN A 176 5.94 -68.69 3.92
N ASP A 177 6.26 -69.17 5.12
CA ASP A 177 5.45 -68.95 6.31
C ASP A 177 6.35 -68.44 7.44
N PRO A 178 6.74 -67.16 7.40
CA PRO A 178 7.61 -66.61 8.45
C PRO A 178 6.83 -66.35 9.72
N PHE A 179 7.05 -67.20 10.73
CA PHE A 179 6.40 -67.04 12.02
C PHE A 179 7.13 -67.90 13.04
N LEU A 180 6.86 -67.63 14.31
CA LEU A 180 7.48 -68.34 15.41
C LEU A 180 6.64 -69.57 15.75
N GLY A 181 7.19 -70.75 15.51
CA GLY A 181 6.46 -71.99 15.73
C GLY A 181 6.13 -72.22 17.19
N VAL A 182 4.84 -72.16 17.52
CA VAL A 182 4.35 -72.39 18.88
C VAL A 182 3.25 -73.44 18.81
N TYR A 183 3.34 -74.45 19.66
CA TYR A 183 2.36 -75.52 19.73
C TYR A 183 1.39 -75.24 20.87
N TYR A 184 0.10 -75.22 20.56
CA TYR A 184 -0.95 -74.93 21.54
C TYR A 184 -1.52 -76.25 22.04
N HIS A 185 -0.79 -76.89 22.94
CA HIS A 185 -1.23 -78.13 23.55
C HIS A 185 -1.57 -79.18 22.50
N LYS A 189 1.40 -77.06 28.48
CA LYS A 189 1.97 -75.72 28.28
C LYS A 189 3.21 -75.80 27.39
N SER A 190 3.05 -75.38 26.13
CA SER A 190 4.13 -75.38 25.17
C SER A 190 4.13 -74.08 24.37
N TRP A 191 3.95 -72.96 25.06
CA TRP A 191 3.87 -71.65 24.42
C TRP A 191 5.27 -71.03 24.26
N MET A 192 6.11 -71.77 23.55
CA MET A 192 7.48 -71.34 23.27
C MET A 192 7.78 -71.52 21.79
N GLU A 193 8.62 -70.64 21.26
CA GLU A 193 9.00 -70.72 19.85
C GLU A 193 9.81 -71.99 19.61
N SER A 194 9.36 -72.79 18.63
CA SER A 194 10.02 -74.04 18.28
C SER A 194 10.57 -74.03 16.87
N GLU A 195 9.76 -73.65 15.89
CA GLU A 195 10.19 -73.59 14.49
C GLU A 195 10.49 -72.14 14.13
N PHE A 196 11.76 -71.87 13.79
CA PHE A 196 12.20 -70.52 13.43
C PHE A 196 12.28 -70.46 11.90
N ARG A 197 11.17 -70.07 11.28
CA ARG A 197 11.09 -69.91 9.83
C ARG A 197 11.08 -68.44 9.41
N VAL A 198 11.56 -67.55 10.27
CA VAL A 198 11.56 -66.12 9.94
C VAL A 198 12.41 -65.88 8.70
N TYR A 199 13.61 -66.43 8.68
CA TYR A 199 14.52 -66.22 7.56
C TYR A 199 15.63 -67.27 7.62
N SER A 200 16.44 -67.31 6.57
CA SER A 200 17.57 -68.23 6.48
C SER A 200 18.85 -67.57 6.98
N SER A 201 19.24 -66.46 6.36
CA SER A 201 20.49 -65.79 6.73
C SER A 201 20.39 -64.31 6.37
N ALA A 202 21.23 -63.50 7.02
CA ALA A 202 21.32 -62.08 6.70
C ALA A 202 22.02 -61.86 5.37
N ASN A 203 22.85 -62.80 4.95
CA ASN A 203 23.51 -62.75 3.65
C ASN A 203 24.36 -61.49 3.49
N ASN A 204 23.77 -60.40 3.00
CA ASN A 204 24.56 -59.25 2.59
C ASN A 204 24.66 -58.19 3.68
N CYS A 205 23.53 -57.57 4.03
CA CYS A 205 23.42 -56.73 5.21
C CYS A 205 24.11 -55.37 5.08
N THR A 206 23.46 -54.33 5.58
CA THR A 206 23.98 -52.97 5.55
C THR A 206 24.18 -52.40 6.95
N PHE A 207 23.15 -52.37 7.79
CA PHE A 207 23.20 -51.66 9.06
C PHE A 207 22.38 -52.40 10.10
N GLU A 208 22.85 -52.36 11.34
CA GLU A 208 22.25 -53.10 12.45
C GLU A 208 21.97 -52.16 13.62
N TYR A 209 20.91 -52.46 14.36
CA TYR A 209 20.53 -51.65 15.52
C TYR A 209 19.85 -52.55 16.53
N VAL A 210 20.44 -52.69 17.71
CA VAL A 210 19.89 -53.48 18.81
C VAL A 210 19.85 -52.61 20.05
N SER A 211 18.66 -52.39 20.59
CA SER A 211 18.48 -51.49 21.73
C SER A 211 17.08 -51.71 22.29
N GLN A 212 16.66 -50.80 23.18
CA GLN A 212 15.32 -50.80 23.76
C GLN A 212 15.09 -52.06 24.60
N PRO A 213 15.79 -52.23 25.71
CA PRO A 213 15.55 -53.38 26.61
C PRO A 213 14.34 -53.15 27.49
N PHE A 214 13.16 -53.11 26.86
CA PHE A 214 11.90 -52.85 27.54
C PHE A 214 10.87 -53.87 27.08
N LEU A 215 10.00 -54.28 28.00
CA LEU A 215 8.93 -55.21 27.68
C LEU A 215 7.69 -54.46 27.21
N MET A 216 6.95 -55.09 26.30
CA MET A 216 5.75 -54.51 25.72
C MET A 216 5.96 -53.03 25.37
N LYS A 226 -6.85 -56.51 26.83
CA LYS A 226 -7.51 -55.40 27.49
C LYS A 226 -6.75 -54.08 27.30
N ASN A 227 -5.65 -54.15 26.56
CA ASN A 227 -4.80 -52.99 26.30
C ASN A 227 -4.57 -52.85 24.81
N LEU A 228 -4.55 -51.61 24.32
CA LEU A 228 -4.46 -51.31 22.90
C LEU A 228 -3.06 -50.79 22.59
N ARG A 229 -2.44 -51.36 21.56
CA ARG A 229 -1.12 -50.94 21.09
C ARG A 229 -1.31 -50.24 19.75
N GLU A 230 -1.13 -48.92 19.73
CA GLU A 230 -1.25 -48.12 18.52
C GLU A 230 0.13 -47.75 18.03
N PHE A 231 0.40 -47.99 16.75
CA PHE A 231 1.68 -47.67 16.14
C PHE A 231 1.46 -46.95 14.82
N VAL A 232 2.35 -46.01 14.52
CA VAL A 232 2.34 -45.28 13.25
C VAL A 232 3.74 -45.36 12.66
N PHE A 233 3.83 -45.87 11.44
CA PHE A 233 5.09 -45.98 10.71
C PHE A 233 5.02 -45.13 9.46
N LYS A 234 6.05 -44.32 9.22
CA LYS A 234 6.15 -43.53 8.01
C LYS A 234 7.60 -43.47 7.56
N ASN A 235 7.82 -43.71 6.27
CA ASN A 235 9.16 -43.70 5.67
C ASN A 235 9.25 -42.47 4.78
N ILE A 236 9.97 -41.45 5.26
CA ILE A 236 10.07 -40.18 4.56
C ILE A 236 11.51 -39.70 4.60
N ASP A 237 11.98 -39.17 3.47
CA ASP A 237 13.31 -38.57 3.34
C ASP A 237 14.36 -39.38 4.08
N GLY A 238 14.35 -40.69 3.86
CA GLY A 238 15.34 -41.56 4.44
C GLY A 238 15.28 -41.69 5.94
N TYR A 239 14.12 -41.44 6.54
CA TYR A 239 13.92 -41.63 7.97
C TYR A 239 12.69 -42.50 8.19
N PHE A 240 12.84 -43.54 9.01
CA PHE A 240 11.74 -44.43 9.35
C PHE A 240 11.22 -44.02 10.72
N LYS A 241 10.33 -43.03 10.74
CA LYS A 241 9.76 -42.56 11.99
C LYS A 241 8.74 -43.57 12.51
N ILE A 242 8.74 -43.78 13.82
CA ILE A 242 7.83 -44.70 14.47
C ILE A 242 7.22 -44.00 15.68
N TYR A 243 5.91 -44.08 15.82
CA TYR A 243 5.20 -43.50 16.94
C TYR A 243 4.36 -44.58 17.61
N SER A 244 4.18 -44.46 18.92
CA SER A 244 3.51 -45.50 19.67
C SER A 244 2.75 -44.88 20.84
N LYS A 245 1.79 -45.65 21.36
CA LYS A 245 1.04 -45.24 22.53
C LYS A 245 0.42 -46.47 23.18
N HIS A 246 0.33 -46.44 24.50
CA HIS A 246 -0.25 -47.52 25.29
C HIS A 246 -1.44 -46.98 26.06
N THR A 247 -2.53 -47.73 26.06
CA THR A 247 -3.72 -47.33 26.79
C THR A 247 -4.65 -48.52 27.01
N PRO A 248 -5.07 -48.78 28.25
CA PRO A 248 -6.05 -49.86 28.47
C PRO A 248 -7.39 -49.52 27.82
N ILE A 249 -8.07 -50.56 27.34
CA ILE A 249 -9.33 -50.42 26.64
C ILE A 249 -10.31 -51.46 27.16
N ASN A 250 -11.57 -51.29 26.79
CA ASN A 250 -12.64 -52.19 27.19
C ASN A 250 -13.47 -52.73 26.03
N LEU A 251 -13.39 -52.12 24.84
CA LEU A 251 -14.13 -52.61 23.70
C LEU A 251 -13.51 -53.90 23.16
N VAL A 252 -14.28 -54.61 22.35
CA VAL A 252 -13.86 -55.91 21.84
C VAL A 252 -13.82 -55.88 20.32
N ARG A 253 -14.95 -55.59 19.69
CA ARG A 253 -15.10 -55.72 18.25
C ARG A 253 -14.98 -54.39 17.50
N ASP A 254 -14.54 -53.33 18.18
CA ASP A 254 -14.41 -52.03 17.53
C ASP A 254 -13.31 -51.23 18.23
N LEU A 255 -12.81 -50.22 17.53
CA LEU A 255 -11.79 -49.35 18.10
C LEU A 255 -12.38 -48.54 19.25
N PRO A 256 -11.55 -48.11 20.20
CA PRO A 256 -12.07 -47.36 21.34
C PRO A 256 -12.50 -45.94 20.94
N GLN A 257 -13.38 -45.38 21.76
CA GLN A 257 -13.88 -44.03 21.56
C GLN A 257 -13.11 -43.09 22.48
N GLY A 258 -12.45 -42.10 21.89
CA GLY A 258 -11.67 -41.14 22.65
C GLY A 258 -10.57 -40.56 21.79
N PHE A 259 -9.63 -39.92 22.47
CA PHE A 259 -8.48 -39.29 21.82
C PHE A 259 -7.21 -39.61 22.60
N SER A 260 -6.13 -39.87 21.87
CA SER A 260 -4.84 -40.15 22.48
C SER A 260 -3.76 -39.92 21.43
N ALA A 261 -2.90 -38.94 21.65
CA ALA A 261 -1.82 -38.67 20.71
C ALA A 261 -0.72 -39.73 20.85
N LEU A 262 0.04 -39.89 19.76
CA LEU A 262 1.09 -40.90 19.69
C LEU A 262 2.45 -40.20 19.71
N GLU A 263 3.26 -40.51 20.72
CA GLU A 263 4.57 -39.90 20.87
C GLU A 263 5.57 -40.57 19.93
N PRO A 264 6.58 -39.83 19.45
CA PRO A 264 7.64 -40.48 18.67
C PRO A 264 8.41 -41.48 19.52
N LEU A 265 8.87 -42.55 18.87
CA LEU A 265 9.64 -43.59 19.54
C LEU A 265 11.07 -43.66 19.02
N VAL A 266 11.26 -43.79 17.71
CA VAL A 266 12.58 -43.91 17.11
C VAL A 266 12.57 -43.25 15.74
N ASP A 267 13.76 -42.98 15.21
CA ASP A 267 13.92 -42.26 13.95
C ASP A 267 14.99 -42.92 13.08
N LEU A 268 14.89 -44.24 12.90
CA LEU A 268 15.85 -44.98 12.09
C LEU A 268 16.17 -44.26 10.78
N PRO A 269 17.41 -43.78 10.61
CA PRO A 269 17.82 -43.17 9.31
C PRO A 269 18.36 -44.21 8.33
N ILE A 270 17.46 -44.95 7.69
CA ILE A 270 17.85 -46.07 6.83
C ILE A 270 18.17 -45.56 5.43
N GLY A 271 17.17 -44.99 4.74
CA GLY A 271 17.37 -44.49 3.41
C GLY A 271 17.05 -45.48 2.30
N ILE A 272 15.87 -46.09 2.36
CA ILE A 272 15.37 -46.99 1.33
C ILE A 272 13.92 -46.63 1.04
N ASN A 273 13.31 -47.38 0.11
CA ASN A 273 11.89 -47.22 -0.19
C ASN A 273 11.16 -48.54 0.04
N ILE A 274 9.98 -48.45 0.65
CA ILE A 274 9.22 -49.60 1.10
C ILE A 274 7.89 -49.61 0.39
N THR A 275 7.51 -50.76 -0.15
CA THR A 275 6.22 -50.93 -0.82
C THR A 275 5.32 -51.95 -0.13
N ARG A 276 5.87 -52.94 0.56
CA ARG A 276 5.08 -53.97 1.22
C ARG A 276 5.62 -54.19 2.63
N PHE A 277 4.74 -54.67 3.50
CA PHE A 277 5.13 -54.98 4.88
C PHE A 277 4.22 -56.07 5.41
N GLN A 278 4.67 -56.73 6.47
CA GLN A 278 3.92 -57.82 7.07
C GLN A 278 4.27 -57.92 8.55
N THR A 279 3.27 -58.21 9.37
CA THR A 279 3.46 -58.38 10.81
C THR A 279 3.96 -59.80 11.10
N LEU A 280 4.19 -60.07 12.38
CA LEU A 280 4.65 -61.38 12.84
C LEU A 280 3.78 -61.85 14.00
N LEU A 281 3.66 -63.17 14.11
CA LEU A 281 2.80 -63.77 15.11
C LEU A 281 3.36 -65.11 15.53
N ALA A 282 2.91 -65.59 16.69
CA ALA A 282 3.29 -66.90 17.21
C ALA A 282 2.02 -67.67 17.55
N LEU A 283 1.94 -68.91 17.08
CA LEU A 283 0.77 -69.74 17.33
C LEU A 283 0.62 -70.04 18.81
N ALA A 301 -7.39 -65.72 16.78
CA ALA A 301 -6.12 -65.49 17.47
C ALA A 301 -5.61 -64.08 17.19
N ALA A 302 -5.36 -63.79 15.91
CA ALA A 302 -4.86 -62.48 15.53
C ALA A 302 -5.96 -61.43 15.60
N ALA A 303 -5.60 -60.25 16.09
CA ALA A 303 -6.56 -59.13 16.14
C ALA A 303 -5.74 -57.84 16.05
N TYR A 304 -5.65 -57.28 14.85
CA TYR A 304 -4.94 -56.03 14.65
C TYR A 304 -5.52 -55.31 13.44
N TYR A 305 -5.54 -53.98 13.50
CA TYR A 305 -6.08 -53.14 12.45
C TYR A 305 -4.95 -52.44 11.71
N VAL A 306 -5.18 -52.18 10.42
CA VAL A 306 -4.19 -51.53 9.57
C VAL A 306 -4.87 -50.36 8.86
N GLY A 307 -4.30 -49.17 9.03
CA GLY A 307 -4.75 -47.98 8.33
C GLY A 307 -3.74 -47.52 7.30
N TYR A 308 -3.98 -46.31 6.78
CA TYR A 308 -3.11 -45.75 5.76
C TYR A 308 -3.10 -44.23 5.91
N LEU A 309 -1.91 -43.67 6.11
CA LEU A 309 -1.79 -42.23 6.27
C LEU A 309 -1.96 -41.53 4.93
N GLN A 310 -2.55 -40.33 4.97
CA GLN A 310 -2.75 -39.51 3.79
C GLN A 310 -2.30 -38.09 4.08
N PRO A 311 -1.85 -37.35 3.07
CA PRO A 311 -1.40 -35.97 3.31
C PRO A 311 -2.57 -35.03 3.57
N ARG A 312 -2.74 -34.62 4.82
CA ARG A 312 -3.87 -33.80 5.22
C ARG A 312 -3.43 -32.76 6.23
N THR A 313 -4.20 -31.69 6.32
CA THR A 313 -3.96 -30.62 7.27
C THR A 313 -4.81 -30.83 8.52
N PHE A 314 -4.17 -30.77 9.68
CA PHE A 314 -4.83 -30.99 10.96
C PHE A 314 -4.65 -29.76 11.84
N LEU A 315 -5.67 -29.46 12.64
CA LEU A 315 -5.63 -28.39 13.63
C LEU A 315 -5.53 -29.05 14.99
N LEU A 316 -4.32 -29.08 15.55
CA LEU A 316 -4.03 -29.76 16.80
C LEU A 316 -4.14 -28.80 17.96
N LYS A 317 -4.78 -29.24 19.05
CA LYS A 317 -4.97 -28.43 20.24
C LYS A 317 -4.00 -28.91 21.32
N TYR A 318 -3.19 -27.99 21.83
CA TYR A 318 -2.26 -28.27 22.91
C TYR A 318 -2.83 -27.72 24.22
N ASN A 319 -2.74 -28.53 25.27
CA ASN A 319 -3.42 -28.26 26.53
C ASN A 319 -2.54 -27.40 27.44
N GLU A 320 -3.16 -26.87 28.50
CA GLU A 320 -2.50 -26.02 29.48
C GLU A 320 -1.07 -26.47 29.78
N ASN A 321 -0.88 -27.79 29.84
CA ASN A 321 0.34 -28.41 30.35
C ASN A 321 0.84 -29.43 29.33
N GLY A 322 0.95 -28.98 28.09
CA GLY A 322 1.45 -29.81 27.02
C GLY A 322 0.42 -30.81 26.54
N THR A 323 0.88 -31.72 25.68
CA THR A 323 0.06 -32.82 25.20
C THR A 323 -1.01 -32.34 24.23
N ILE A 324 -1.39 -33.19 23.28
CA ILE A 324 -2.46 -32.89 22.35
C ILE A 324 -3.74 -33.50 22.90
N THR A 325 -4.74 -32.65 23.15
CA THR A 325 -6.01 -33.11 23.71
C THR A 325 -7.10 -33.29 22.67
N ASP A 326 -7.02 -32.59 21.54
CA ASP A 326 -8.02 -32.72 20.49
C ASP A 326 -7.41 -32.29 19.17
N ALA A 327 -8.07 -32.68 18.09
CA ALA A 327 -7.62 -32.33 16.75
C ALA A 327 -8.83 -32.25 15.83
N VAL A 328 -8.65 -31.52 14.73
CA VAL A 328 -9.69 -31.33 13.73
C VAL A 328 -9.11 -31.68 12.37
N ASP A 329 -9.80 -32.55 11.64
CA ASP A 329 -9.40 -32.91 10.28
C ASP A 329 -9.99 -31.87 9.34
N CYS A 330 -9.14 -30.97 8.85
CA CYS A 330 -9.58 -29.81 8.09
C CYS A 330 -10.13 -30.14 6.72
N ALA A 331 -10.27 -31.42 6.36
CA ALA A 331 -10.92 -31.79 5.10
C ALA A 331 -12.01 -32.82 5.31
N LEU A 332 -12.37 -33.11 6.55
CA LEU A 332 -13.39 -34.13 6.82
C LEU A 332 -14.76 -33.66 6.33
N ASP A 333 -15.14 -32.43 6.65
CA ASP A 333 -16.47 -31.93 6.32
C ASP A 333 -16.44 -30.41 6.37
N PRO A 334 -17.49 -29.75 5.86
CA PRO A 334 -17.49 -28.28 5.86
C PRO A 334 -17.36 -27.69 7.25
N LEU A 335 -17.94 -28.32 8.26
CA LEU A 335 -17.80 -27.80 9.63
C LEU A 335 -16.34 -27.82 10.06
N SER A 336 -15.63 -28.91 9.75
CA SER A 336 -14.22 -28.98 10.08
C SER A 336 -13.41 -27.96 9.29
N GLU A 337 -13.77 -27.73 8.03
CA GLU A 337 -13.11 -26.68 7.26
C GLU A 337 -13.30 -25.32 7.91
N THR A 338 -14.53 -25.03 8.36
CA THR A 338 -14.79 -23.76 9.03
C THR A 338 -13.98 -23.64 10.31
N LYS A 339 -13.90 -24.73 11.09
CA LYS A 339 -13.11 -24.71 12.31
C LYS A 339 -11.65 -24.44 12.00
N CYS A 340 -11.11 -25.08 10.95
CA CYS A 340 -9.72 -24.85 10.58
C CYS A 340 -9.50 -23.41 10.16
N THR A 341 -10.42 -22.85 9.37
CA THR A 341 -10.26 -21.47 8.93
C THR A 341 -10.30 -20.50 10.10
N LEU A 342 -11.20 -20.73 11.06
CA LEU A 342 -11.31 -19.84 12.21
C LEU A 342 -10.28 -20.14 13.28
N LYS A 343 -9.51 -21.22 13.16
CA LYS A 343 -8.52 -21.59 14.17
C LYS A 343 -9.17 -21.72 15.54
N SER A 344 -10.34 -22.36 15.57
CA SER A 344 -11.06 -22.58 16.82
C SER A 344 -11.83 -23.89 16.73
N PHE A 345 -12.09 -24.48 17.89
CA PHE A 345 -12.86 -25.72 17.97
C PHE A 345 -14.34 -25.45 18.20
N THR A 346 -14.75 -24.19 18.30
CA THR A 346 -16.15 -23.82 18.43
C THR A 346 -16.41 -22.61 17.54
N VAL A 347 -17.40 -22.72 16.67
CA VAL A 347 -17.75 -21.66 15.73
C VAL A 347 -19.10 -21.07 16.15
N GLU A 348 -19.18 -19.74 16.16
CA GLU A 348 -20.42 -19.07 16.51
C GLU A 348 -21.39 -19.11 15.33
N LYS A 349 -22.65 -18.85 15.63
CA LYS A 349 -23.67 -18.78 14.59
C LYS A 349 -23.28 -17.74 13.54
N GLY A 350 -23.42 -18.11 12.28
CA GLY A 350 -23.13 -17.20 11.19
C GLY A 350 -22.78 -17.97 9.94
N ILE A 351 -22.32 -17.21 8.94
CA ILE A 351 -21.89 -17.74 7.65
C ILE A 351 -20.44 -17.36 7.44
N TYR A 352 -19.60 -18.33 7.12
CA TYR A 352 -18.15 -18.15 7.06
C TYR A 352 -17.63 -18.57 5.71
N GLN A 353 -16.77 -17.72 5.12
CA GLN A 353 -16.13 -18.05 3.86
C GLN A 353 -15.08 -19.12 4.06
N THR A 354 -15.04 -20.08 3.14
CA THR A 354 -14.10 -21.20 3.16
C THR A 354 -13.45 -21.28 1.78
N SER A 355 -12.53 -22.22 1.61
CA SER A 355 -11.80 -22.38 0.35
C SER A 355 -12.70 -22.17 -0.85
N ASN A 356 -12.19 -21.43 -1.82
CA ASN A 356 -12.93 -21.14 -3.04
C ASN A 356 -13.19 -22.41 -3.84
N PHE A 357 -14.22 -22.37 -4.67
CA PHE A 357 -14.59 -23.48 -5.54
C PHE A 357 -14.36 -23.07 -6.99
N ARG A 358 -13.67 -23.93 -7.73
CA ARG A 358 -13.42 -23.69 -9.14
C ARG A 358 -13.55 -25.00 -9.91
N VAL A 359 -14.17 -24.94 -11.07
CA VAL A 359 -14.37 -26.12 -11.91
C VAL A 359 -13.07 -26.37 -12.68
N GLN A 360 -12.42 -27.50 -12.39
CA GLN A 360 -11.17 -27.82 -13.05
C GLN A 360 -11.44 -28.27 -14.48
N PRO A 361 -10.50 -28.02 -15.40
CA PRO A 361 -10.69 -28.46 -16.78
C PRO A 361 -10.72 -29.98 -16.88
N THR A 362 -11.55 -30.46 -17.81
CA THR A 362 -11.69 -31.90 -17.97
C THR A 362 -10.62 -32.48 -18.88
N GLU A 363 -10.23 -31.74 -19.93
CA GLU A 363 -9.25 -32.23 -20.89
C GLU A 363 -8.57 -31.05 -21.55
N SER A 364 -7.43 -31.33 -22.18
CA SER A 364 -6.66 -30.33 -22.90
C SER A 364 -6.81 -30.56 -24.39
N ILE A 365 -7.21 -29.51 -25.12
CA ILE A 365 -7.42 -29.58 -26.55
C ILE A 365 -6.45 -28.61 -27.23
N VAL A 366 -5.82 -29.07 -28.31
CA VAL A 366 -4.89 -28.27 -29.09
C VAL A 366 -5.42 -28.20 -30.52
N ARG A 367 -5.55 -26.98 -31.03
CA ARG A 367 -5.98 -26.74 -32.40
C ARG A 367 -4.93 -25.87 -33.10
N PHE A 368 -4.51 -26.30 -34.29
CA PHE A 368 -3.50 -25.60 -35.05
C PHE A 368 -3.90 -25.58 -36.52
N PRO A 369 -3.39 -24.62 -37.29
CA PRO A 369 -3.61 -24.63 -38.73
C PRO A 369 -3.10 -25.91 -39.37
N ASN A 370 -3.33 -26.00 -40.68
CA ASN A 370 -3.22 -27.26 -41.39
C ASN A 370 -1.80 -27.40 -41.93
N ILE A 371 -1.13 -28.51 -41.62
CA ILE A 371 0.24 -28.69 -42.05
C ILE A 371 0.20 -29.09 -43.53
N THR A 372 0.51 -28.13 -44.40
CA THR A 372 0.52 -28.32 -45.84
C THR A 372 1.90 -28.09 -46.44
N ASN A 373 2.55 -26.98 -46.10
CA ASN A 373 3.86 -26.66 -46.63
C ASN A 373 4.88 -27.65 -46.08
N LEU A 374 5.37 -28.54 -46.94
CA LEU A 374 6.35 -29.56 -46.56
C LEU A 374 7.65 -29.29 -47.30
N CYS A 375 8.76 -29.53 -46.61
CA CYS A 375 10.07 -29.34 -47.22
C CYS A 375 10.33 -30.44 -48.25
N PRO A 376 11.26 -30.21 -49.19
CA PRO A 376 11.60 -31.22 -50.20
C PRO A 376 12.55 -32.30 -49.68
N PHE A 377 12.25 -32.81 -48.47
CA PHE A 377 13.07 -33.87 -47.91
C PHE A 377 13.00 -35.12 -48.77
N GLY A 378 11.80 -35.47 -49.24
CA GLY A 378 11.67 -36.64 -50.09
C GLY A 378 12.47 -36.51 -51.37
N GLU A 379 12.37 -35.35 -52.03
CA GLU A 379 13.11 -35.14 -53.27
C GLU A 379 14.61 -35.18 -53.02
N VAL A 380 15.06 -34.56 -51.92
CA VAL A 380 16.49 -34.56 -51.62
C VAL A 380 16.98 -35.98 -51.38
N PHE A 381 16.20 -36.79 -50.66
CA PHE A 381 16.62 -38.14 -50.31
C PHE A 381 16.42 -39.14 -51.45
N ASN A 382 15.63 -38.80 -52.46
CA ASN A 382 15.33 -39.72 -53.56
C ASN A 382 15.97 -39.27 -54.88
N ALA A 383 16.92 -38.35 -54.83
CA ALA A 383 17.57 -37.91 -56.06
C ALA A 383 18.29 -39.09 -56.72
N THR A 384 18.29 -39.09 -58.05
CA THR A 384 18.85 -40.21 -58.79
C THR A 384 20.34 -40.39 -58.48
N ARG A 385 21.09 -39.30 -58.44
CA ARG A 385 22.53 -39.38 -58.21
C ARG A 385 23.05 -38.01 -57.79
N PHE A 386 23.82 -37.97 -56.72
CA PHE A 386 24.37 -36.72 -56.21
C PHE A 386 25.66 -36.37 -56.97
N ALA A 387 26.20 -35.20 -56.66
CA ALA A 387 27.43 -34.74 -57.29
C ALA A 387 28.64 -35.40 -56.61
N SER A 388 29.82 -35.00 -57.04
CA SER A 388 31.04 -35.60 -56.51
C SER A 388 31.25 -35.21 -55.04
N VAL A 389 32.05 -36.02 -54.36
CA VAL A 389 32.30 -35.78 -52.94
C VAL A 389 32.95 -34.41 -52.75
N TYR A 390 33.91 -34.06 -53.60
CA TYR A 390 34.56 -32.76 -53.53
C TYR A 390 33.73 -31.64 -54.16
N ALA A 391 32.64 -31.98 -54.84
CA ALA A 391 31.72 -31.01 -55.43
C ALA A 391 30.31 -31.26 -54.95
N TRP A 392 30.17 -31.46 -53.64
CA TRP A 392 28.86 -31.76 -53.07
C TRP A 392 27.86 -30.66 -53.41
N ASN A 393 26.67 -31.08 -53.84
CA ASN A 393 25.62 -30.13 -54.23
C ASN A 393 24.90 -29.63 -52.99
N ARG A 394 24.79 -28.30 -52.88
CA ARG A 394 24.17 -27.66 -51.73
C ARG A 394 22.80 -27.14 -52.14
N LYS A 395 21.77 -27.53 -51.39
CA LYS A 395 20.41 -27.10 -51.63
C LYS A 395 19.87 -26.44 -50.36
N ARG A 396 19.22 -25.29 -50.52
CA ARG A 396 18.68 -24.54 -49.39
C ARG A 396 17.23 -24.90 -49.19
N ILE A 397 16.88 -25.30 -47.97
CA ILE A 397 15.52 -25.66 -47.58
C ILE A 397 15.05 -24.65 -46.55
N SER A 398 13.97 -23.93 -46.87
CA SER A 398 13.43 -22.93 -45.96
C SER A 398 11.96 -22.71 -46.29
N ASN A 399 11.24 -22.14 -45.32
CA ASN A 399 9.83 -21.82 -45.47
C ASN A 399 9.01 -23.08 -45.76
N CYS A 400 9.07 -24.02 -44.83
CA CYS A 400 8.36 -25.28 -44.95
C CYS A 400 8.39 -25.97 -43.59
N VAL A 401 7.85 -27.17 -43.54
CA VAL A 401 7.78 -27.97 -42.32
C VAL A 401 8.77 -29.13 -42.46
N ALA A 402 9.75 -29.18 -41.56
CA ALA A 402 10.80 -30.20 -41.63
C ALA A 402 10.36 -31.44 -40.84
N ASP A 403 9.31 -32.08 -41.35
CA ASP A 403 8.81 -33.29 -40.74
C ASP A 403 9.84 -34.41 -40.85
N TYR A 404 9.96 -35.20 -39.78
CA TYR A 404 10.91 -36.30 -39.74
C TYR A 404 10.25 -37.64 -39.41
N SER A 405 8.94 -37.67 -39.16
CA SER A 405 8.28 -38.94 -38.85
C SER A 405 8.44 -39.93 -39.98
N VAL A 406 8.19 -39.49 -41.22
CA VAL A 406 8.38 -40.35 -42.37
C VAL A 406 9.86 -40.64 -42.61
N LEU A 407 10.75 -39.84 -42.01
CA LEU A 407 12.19 -40.00 -42.20
C LEU A 407 12.77 -41.01 -41.21
N TYR A 408 12.55 -40.79 -39.91
CA TYR A 408 13.13 -41.66 -38.90
C TYR A 408 12.46 -43.03 -38.91
N ASN A 409 11.13 -43.08 -39.03
CA ASN A 409 10.43 -44.35 -38.95
C ASN A 409 10.84 -45.28 -40.08
N SER A 410 11.20 -44.75 -41.24
CA SER A 410 11.61 -45.58 -42.35
C SER A 410 12.85 -46.39 -41.98
N ALA A 411 12.80 -47.69 -42.27
CA ALA A 411 13.91 -48.59 -41.98
C ALA A 411 14.87 -48.76 -43.15
N SER A 412 14.63 -48.09 -44.28
CA SER A 412 15.50 -48.20 -45.44
C SER A 412 16.89 -47.63 -45.19
N PHE A 413 17.06 -46.84 -44.12
CA PHE A 413 18.35 -46.25 -43.80
C PHE A 413 19.11 -47.15 -42.83
N SER A 414 20.43 -46.92 -42.78
CA SER A 414 21.33 -47.73 -41.96
C SER A 414 21.88 -46.98 -40.76
N THR A 415 22.50 -45.83 -40.98
CA THR A 415 23.10 -45.02 -39.92
C THR A 415 22.46 -43.65 -39.91
N PHE A 416 22.05 -43.18 -38.73
CA PHE A 416 21.44 -41.87 -38.59
C PHE A 416 21.70 -41.38 -37.18
N LYS A 417 22.63 -40.43 -37.03
CA LYS A 417 23.01 -39.89 -35.74
C LYS A 417 23.06 -38.38 -35.81
N CYS A 418 22.49 -37.73 -34.80
CA CYS A 418 22.50 -36.27 -34.68
C CYS A 418 23.40 -35.90 -33.52
N TYR A 419 24.48 -35.17 -33.80
CA TYR A 419 25.46 -34.80 -32.79
C TYR A 419 25.14 -33.48 -32.10
N GLY A 420 24.07 -32.79 -32.48
CA GLY A 420 23.74 -31.52 -31.88
C GLY A 420 22.32 -31.42 -31.38
N VAL A 421 21.44 -32.30 -31.85
CA VAL A 421 20.03 -32.29 -31.51
C VAL A 421 19.56 -33.74 -31.35
N SER A 422 18.28 -33.89 -31.03
CA SER A 422 17.67 -35.20 -30.89
C SER A 422 16.38 -35.27 -31.69
N PRO A 423 16.07 -36.41 -32.31
CA PRO A 423 14.82 -36.50 -33.09
C PRO A 423 13.58 -36.23 -32.26
N THR A 424 13.56 -36.63 -30.98
CA THR A 424 12.37 -36.45 -30.16
C THR A 424 12.03 -34.97 -30.02
N LYS A 425 13.03 -34.13 -29.76
CA LYS A 425 12.82 -32.70 -29.61
C LYS A 425 12.92 -31.95 -30.94
N LEU A 426 13.23 -32.64 -32.04
CA LEU A 426 13.32 -31.97 -33.32
C LEU A 426 11.98 -31.35 -33.72
N ASN A 427 10.87 -32.06 -33.46
CA ASN A 427 9.56 -31.55 -33.84
C ASN A 427 9.27 -30.22 -33.17
N ASP A 428 9.61 -30.09 -31.88
CA ASP A 428 9.35 -28.89 -31.12
C ASP A 428 10.45 -27.85 -31.26
N LEU A 429 11.28 -27.95 -32.30
CA LEU A 429 12.38 -27.03 -32.53
C LEU A 429 12.19 -26.34 -33.89
N CYS A 430 12.40 -25.03 -33.90
CA CYS A 430 12.19 -24.21 -35.10
C CYS A 430 13.54 -23.79 -35.66
N PHE A 431 13.72 -23.96 -36.96
CA PHE A 431 14.94 -23.63 -37.66
C PHE A 431 14.69 -22.48 -38.63
N THR A 432 15.74 -21.69 -38.89
CA THR A 432 15.63 -20.58 -39.83
C THR A 432 15.84 -21.06 -41.25
N ASN A 433 16.95 -21.73 -41.52
CA ASN A 433 17.25 -22.27 -42.84
C ASN A 433 18.06 -23.55 -42.67
N VAL A 434 17.75 -24.54 -43.50
CA VAL A 434 18.43 -25.83 -43.49
C VAL A 434 19.00 -26.08 -44.88
N TYR A 435 20.29 -26.38 -44.93
CA TYR A 435 20.97 -26.72 -46.18
C TYR A 435 21.20 -28.22 -46.24
N ALA A 436 20.82 -28.82 -47.37
CA ALA A 436 21.00 -30.25 -47.60
C ALA A 436 22.12 -30.46 -48.60
N ASP A 437 23.17 -31.16 -48.17
CA ASP A 437 24.31 -31.48 -49.02
C ASP A 437 24.33 -32.99 -49.24
N SER A 438 24.10 -33.41 -50.47
CA SER A 438 24.06 -34.82 -50.83
C SER A 438 25.27 -35.17 -51.68
N PHE A 439 25.93 -36.28 -51.33
CA PHE A 439 27.07 -36.76 -52.09
C PHE A 439 27.20 -38.26 -51.88
N VAL A 440 27.93 -38.90 -52.79
CA VAL A 440 28.17 -40.34 -52.75
C VAL A 440 29.65 -40.56 -52.49
N ILE A 441 29.96 -41.37 -51.49
CA ILE A 441 31.33 -41.62 -51.06
C ILE A 441 31.54 -43.11 -50.85
N ARG A 442 32.80 -43.51 -50.82
CA ARG A 442 33.16 -44.87 -50.49
C ARG A 442 32.81 -45.17 -49.04
N GLY A 443 32.55 -46.45 -48.76
CA GLY A 443 32.17 -46.84 -47.41
C GLY A 443 33.21 -46.45 -46.37
N ASP A 444 34.50 -46.60 -46.73
CA ASP A 444 35.56 -46.24 -45.79
C ASP A 444 35.53 -44.75 -45.47
N GLU A 445 35.23 -43.91 -46.46
CA GLU A 445 35.20 -42.47 -46.24
C GLU A 445 34.14 -42.07 -45.22
N VAL A 446 33.16 -42.93 -44.96
CA VAL A 446 32.15 -42.62 -43.95
C VAL A 446 32.81 -42.38 -42.60
N ARG A 447 33.88 -43.13 -42.30
CA ARG A 447 34.64 -42.88 -41.08
C ARG A 447 35.25 -41.48 -41.10
N GLN A 448 35.79 -41.07 -42.26
CA GLN A 448 36.38 -39.74 -42.37
C GLN A 448 35.33 -38.64 -42.23
N ILE A 449 34.07 -38.95 -42.56
CA ILE A 449 33.01 -37.95 -42.44
C ILE A 449 32.86 -37.48 -41.00
N ALA A 450 33.28 -38.28 -40.03
CA ALA A 450 33.16 -37.88 -38.64
C ALA A 450 33.97 -36.60 -38.41
N PRO A 451 33.43 -35.63 -37.65
CA PRO A 451 34.20 -34.40 -37.40
C PRO A 451 35.49 -34.71 -36.66
N GLY A 452 36.54 -33.95 -37.01
CA GLY A 452 37.82 -34.10 -36.35
C GLY A 452 38.45 -35.46 -36.54
N GLN A 453 38.46 -35.96 -37.77
CA GLN A 453 39.07 -37.23 -38.11
C GLN A 453 40.26 -37.02 -39.03
N THR A 454 41.22 -37.94 -38.96
CA THR A 454 42.43 -37.84 -39.76
C THR A 454 42.13 -38.08 -41.24
N GLY A 455 43.02 -37.58 -42.09
CA GLY A 455 42.89 -37.75 -43.52
C GLY A 455 42.72 -36.44 -44.25
N LYS A 456 43.64 -36.15 -45.18
CA LYS A 456 43.54 -34.90 -45.94
C LYS A 456 42.30 -34.88 -46.83
N ILE A 457 41.75 -36.05 -47.18
CA ILE A 457 40.54 -36.07 -47.99
C ILE A 457 39.40 -35.37 -47.26
N ALA A 458 39.34 -35.53 -45.94
CA ALA A 458 38.24 -34.96 -45.17
C ALA A 458 38.13 -33.46 -45.40
N ASP A 459 39.23 -32.74 -45.24
CA ASP A 459 39.22 -31.30 -45.44
C ASP A 459 39.42 -30.89 -46.90
N TYR A 460 39.79 -31.83 -47.77
CA TYR A 460 39.84 -31.51 -49.19
C TYR A 460 38.44 -31.48 -49.81
N ASN A 461 37.56 -32.39 -49.39
CA ASN A 461 36.21 -32.45 -49.95
C ASN A 461 35.21 -31.70 -49.09
N TYR A 462 35.08 -32.07 -47.81
CA TYR A 462 34.09 -31.45 -46.93
C TYR A 462 34.53 -31.69 -45.50
N LYS A 463 34.92 -30.62 -44.80
CA LYS A 463 35.38 -30.72 -43.42
C LYS A 463 34.23 -30.45 -42.45
N LEU A 464 34.20 -31.22 -41.38
CA LEU A 464 33.18 -31.07 -40.34
C LEU A 464 33.81 -30.44 -39.10
N PRO A 465 33.51 -29.18 -38.77
CA PRO A 465 34.16 -28.55 -37.62
C PRO A 465 33.72 -29.17 -36.31
N ASP A 466 34.47 -28.87 -35.26
CA ASP A 466 34.18 -29.41 -33.94
C ASP A 466 32.82 -28.95 -33.43
N ASP A 467 32.29 -27.85 -33.95
CA ASP A 467 31.00 -27.29 -33.54
C ASP A 467 29.94 -27.48 -34.62
N PHE A 468 29.98 -28.62 -35.31
CA PHE A 468 29.02 -28.93 -36.36
C PHE A 468 27.86 -29.68 -35.74
N THR A 469 26.74 -28.98 -35.53
CA THR A 469 25.54 -29.58 -34.96
C THR A 469 24.63 -30.20 -36.00
N GLY A 470 24.93 -30.01 -37.29
CA GLY A 470 24.05 -30.53 -38.33
C GLY A 470 23.97 -32.05 -38.27
N CYS A 471 22.76 -32.57 -38.46
CA CYS A 471 22.55 -34.01 -38.51
C CYS A 471 23.13 -34.58 -39.80
N VAL A 472 23.63 -35.82 -39.70
CA VAL A 472 24.22 -36.53 -40.83
C VAL A 472 23.47 -37.85 -41.00
N ILE A 473 23.08 -38.14 -42.24
CA ILE A 473 22.38 -39.38 -42.57
C ILE A 473 23.19 -40.10 -43.64
N ALA A 474 23.45 -41.39 -43.42
CA ALA A 474 24.19 -42.21 -44.37
C ALA A 474 23.49 -43.56 -44.49
N TRP A 475 23.13 -43.93 -45.71
CA TRP A 475 22.47 -45.20 -45.99
C TRP A 475 23.15 -45.87 -47.17
N ASN A 476 23.17 -47.19 -47.15
CA ASN A 476 23.85 -47.95 -48.19
C ASN A 476 23.09 -47.85 -49.50
N SER A 477 23.81 -47.58 -50.58
CA SER A 477 23.27 -47.51 -51.94
C SER A 477 24.15 -48.28 -52.90
N ASN A 478 24.54 -49.49 -52.50
CA ASN A 478 25.46 -50.28 -53.31
C ASN A 478 24.88 -50.57 -54.69
N ASN A 479 23.63 -51.04 -54.74
CA ASN A 479 23.02 -51.35 -56.03
C ASN A 479 22.87 -50.08 -56.88
N LEU A 480 22.44 -48.98 -56.26
CA LEU A 480 22.19 -47.76 -57.03
C LEU A 480 23.47 -47.18 -57.60
N ASP A 481 24.56 -47.20 -56.83
CA ASP A 481 25.80 -46.52 -57.21
C ASP A 481 26.90 -47.50 -57.62
N SER A 482 26.54 -48.75 -57.90
CA SER A 482 27.50 -49.76 -58.34
C SER A 482 27.26 -50.09 -59.80
N LYS A 483 28.31 -49.96 -60.61
CA LYS A 483 28.26 -50.29 -62.02
C LYS A 483 28.82 -51.69 -62.26
N VAL A 484 28.40 -52.29 -63.38
CA VAL A 484 28.88 -53.62 -63.72
C VAL A 484 30.39 -53.61 -63.90
N GLY A 485 30.91 -52.59 -64.58
CA GLY A 485 32.34 -52.44 -64.77
C GLY A 485 33.05 -51.63 -63.72
N GLY A 486 32.31 -51.01 -62.80
CA GLY A 486 32.91 -50.18 -61.76
C GLY A 486 32.77 -48.70 -62.05
N ASN A 487 32.17 -47.96 -61.12
CA ASN A 487 31.98 -46.53 -61.28
C ASN A 487 33.27 -45.81 -60.91
N TYR A 488 33.97 -45.30 -61.91
CA TYR A 488 35.21 -44.57 -61.70
C TYR A 488 35.00 -43.06 -61.59
N ASN A 489 33.75 -42.60 -61.66
CA ASN A 489 33.49 -41.16 -61.54
C ASN A 489 33.91 -40.64 -60.17
N TYR A 490 33.62 -41.41 -59.12
CA TYR A 490 33.98 -41.01 -57.75
C TYR A 490 35.47 -41.27 -57.49
N LEU A 491 36.30 -40.59 -58.26
CA LEU A 491 37.74 -40.73 -58.11
C LEU A 491 38.17 -40.14 -56.76
N TYR A 492 39.16 -40.78 -56.14
CA TYR A 492 39.60 -40.40 -54.81
C TYR A 492 41.09 -40.02 -54.83
N ARG A 493 41.48 -39.19 -55.80
CA ARG A 493 42.85 -38.70 -55.91
C ARG A 493 43.07 -37.41 -55.15
N LEU A 494 42.32 -37.18 -54.07
CA LEU A 494 42.38 -35.92 -53.35
C LEU A 494 43.67 -35.80 -52.55
N PHE A 495 44.79 -35.66 -53.26
CA PHE A 495 46.09 -35.38 -52.67
C PHE A 495 46.76 -34.24 -53.42
N ARG A 496 45.98 -33.19 -53.71
CA ARG A 496 46.48 -32.09 -54.51
C ARG A 496 47.66 -31.42 -53.83
N LYS A 497 48.63 -30.98 -54.64
CA LYS A 497 49.80 -30.31 -54.08
C LYS A 497 49.41 -29.05 -53.33
N SER A 498 48.48 -28.27 -53.88
CA SER A 498 47.97 -27.09 -53.20
C SER A 498 47.11 -27.51 -52.01
N ASN A 499 47.35 -26.91 -50.86
CA ASN A 499 46.60 -27.23 -49.66
C ASN A 499 45.26 -26.51 -49.65
N LEU A 500 44.20 -27.23 -49.30
CA LEU A 500 42.85 -26.69 -49.20
C LEU A 500 42.48 -26.61 -47.72
N LYS A 501 42.37 -25.38 -47.21
CA LYS A 501 42.02 -25.20 -45.81
C LYS A 501 40.57 -25.62 -45.58
N PRO A 502 40.22 -26.07 -44.37
CA PRO A 502 38.85 -26.48 -44.10
C PRO A 502 37.86 -25.36 -44.39
N PHE A 503 36.75 -25.72 -45.04
CA PHE A 503 35.70 -24.77 -45.39
C PHE A 503 36.29 -23.52 -46.04
N GLU A 504 37.18 -23.75 -47.02
CA GLU A 504 37.80 -22.63 -47.72
C GLU A 504 36.79 -21.84 -48.54
N ARG A 505 35.68 -22.46 -48.92
CA ARG A 505 34.66 -21.78 -49.71
C ARG A 505 33.35 -21.69 -48.95
N PRO A 530 44.18 -40.52 -52.26
CA PRO A 530 44.29 -41.97 -52.08
C PRO A 530 43.45 -42.77 -53.07
N LEU A 531 44.08 -43.28 -54.13
CA LEU A 531 43.37 -44.05 -55.15
C LEU A 531 43.34 -45.52 -54.74
N GLN A 532 42.61 -45.78 -53.66
CA GLN A 532 42.42 -47.13 -53.14
C GLN A 532 41.16 -47.80 -53.66
N SER A 533 40.42 -47.16 -54.56
CA SER A 533 39.21 -47.71 -55.14
C SER A 533 39.48 -48.16 -56.56
N TYR A 534 39.15 -49.41 -56.86
CA TYR A 534 39.32 -49.98 -58.20
C TYR A 534 38.04 -49.93 -59.03
N GLY A 535 36.88 -50.14 -58.40
CA GLY A 535 35.62 -50.09 -59.11
C GLY A 535 34.45 -50.44 -58.22
N PHE A 536 33.37 -49.67 -58.33
CA PHE A 536 32.17 -49.92 -57.53
C PHE A 536 31.34 -51.00 -58.22
N GLN A 537 31.32 -52.19 -57.62
CA GLN A 537 30.63 -53.34 -58.17
C GLN A 537 29.72 -53.96 -57.11
N PRO A 538 28.66 -54.66 -57.54
CA PRO A 538 27.76 -55.27 -56.55
C PRO A 538 28.44 -56.31 -55.67
N THR A 539 29.58 -56.87 -56.11
CA THR A 539 30.30 -57.86 -55.33
C THR A 539 31.20 -57.25 -54.27
N ASN A 540 31.28 -55.92 -54.20
CA ASN A 540 32.13 -55.28 -53.20
C ASN A 540 31.65 -55.60 -51.80
N GLY A 541 32.59 -55.77 -50.88
CA GLY A 541 32.27 -56.12 -49.51
C GLY A 541 31.90 -54.91 -48.68
N VAL A 542 31.59 -55.19 -47.41
CA VAL A 542 31.21 -54.13 -46.49
C VAL A 542 32.38 -53.18 -46.27
N GLY A 543 32.10 -51.88 -46.31
CA GLY A 543 33.12 -50.86 -46.18
C GLY A 543 33.71 -50.40 -47.50
N TYR A 544 33.40 -51.08 -48.61
CA TYR A 544 33.87 -50.70 -49.92
C TYR A 544 32.75 -50.30 -50.88
N GLN A 545 31.51 -50.69 -50.60
CA GLN A 545 30.41 -50.34 -51.48
C GLN A 545 30.14 -48.84 -51.43
N PRO A 546 29.59 -48.27 -52.51
CA PRO A 546 29.24 -46.85 -52.48
C PRO A 546 28.14 -46.57 -51.47
N TYR A 547 28.21 -45.39 -50.85
CA TYR A 547 27.25 -44.99 -49.82
C TYR A 547 26.73 -43.60 -50.16
N ARG A 548 25.41 -43.43 -49.99
CA ARG A 548 24.77 -42.14 -50.20
C ARG A 548 24.68 -41.41 -48.86
N VAL A 549 25.39 -40.28 -48.76
CA VAL A 549 25.47 -39.50 -47.53
C VAL A 549 24.87 -38.13 -47.80
N VAL A 550 23.94 -37.71 -46.94
CA VAL A 550 23.31 -36.40 -47.03
C VAL A 550 23.50 -35.70 -45.69
N VAL A 551 23.95 -34.45 -45.74
CA VAL A 551 24.23 -33.65 -44.56
C VAL A 551 23.09 -32.66 -44.36
N LEU A 552 22.47 -32.68 -43.19
CA LEU A 552 21.38 -31.76 -42.86
C LEU A 552 21.98 -30.63 -42.01
N SER A 553 22.67 -29.73 -42.69
CA SER A 553 23.31 -28.59 -42.05
C SER A 553 22.34 -27.41 -42.02
N PHE A 554 22.23 -26.78 -40.84
CA PHE A 554 21.33 -25.66 -40.65
C PHE A 554 22.05 -24.56 -39.90
N GLU A 555 21.59 -23.32 -40.11
CA GLU A 555 22.19 -22.14 -39.51
C GLU A 555 21.12 -21.32 -38.80
N LEU A 556 21.58 -20.37 -37.99
CA LEU A 556 20.70 -19.53 -37.19
C LEU A 556 21.19 -18.09 -37.26
N LEU A 557 20.38 -17.18 -36.74
CA LEU A 557 20.71 -15.76 -36.69
C LEU A 557 20.99 -15.21 -38.08
N HIS A 558 20.13 -15.58 -39.03
CA HIS A 558 20.23 -15.08 -40.40
C HIS A 558 18.90 -14.53 -40.88
N ALA A 559 17.81 -15.02 -40.31
CA ALA A 559 16.46 -14.60 -40.69
C ALA A 559 15.50 -15.06 -39.61
N PRO A 560 14.30 -14.48 -39.55
CA PRO A 560 13.29 -14.96 -38.59
C PRO A 560 12.96 -16.42 -38.85
N ALA A 561 12.71 -17.16 -37.77
CA ALA A 561 12.45 -18.58 -37.89
C ALA A 561 11.26 -18.82 -38.81
N THR A 562 11.46 -19.71 -39.79
CA THR A 562 10.40 -20.04 -40.74
C THR A 562 10.30 -21.53 -41.02
N VAL A 563 11.17 -22.37 -40.45
CA VAL A 563 11.11 -23.81 -40.60
C VAL A 563 10.84 -24.41 -39.22
N CYS A 564 9.72 -25.10 -39.08
CA CYS A 564 9.34 -25.71 -37.82
C CYS A 564 8.72 -27.07 -38.08
N GLY A 565 8.86 -27.98 -37.13
CA GLY A 565 8.34 -29.32 -37.25
C GLY A 565 6.83 -29.33 -37.27
N PRO A 566 6.24 -30.45 -37.70
CA PRO A 566 4.77 -30.54 -37.74
C PRO A 566 4.18 -30.37 -36.35
N LYS A 567 3.04 -29.69 -36.29
CA LYS A 567 2.32 -29.46 -35.05
C LYS A 567 1.00 -30.22 -35.09
N LYS A 568 0.80 -31.12 -34.14
CA LYS A 568 -0.40 -31.95 -34.12
C LYS A 568 -1.60 -31.16 -33.64
N SER A 569 -2.79 -31.71 -33.89
CA SER A 569 -4.03 -31.10 -33.48
C SER A 569 -4.95 -32.17 -32.92
N THR A 570 -5.83 -31.76 -32.02
CA THR A 570 -6.80 -32.65 -31.39
C THR A 570 -8.21 -32.25 -31.79
N ASN A 571 -9.18 -33.06 -31.38
CA ASN A 571 -10.57 -32.79 -31.71
C ASN A 571 -11.07 -31.57 -30.94
N LEU A 572 -12.17 -31.00 -31.44
CA LEU A 572 -12.77 -29.81 -30.86
C LEU A 572 -13.95 -30.21 -29.99
N VAL A 573 -14.00 -29.63 -28.78
CA VAL A 573 -15.07 -29.92 -27.83
C VAL A 573 -15.72 -28.60 -27.42
N LYS A 574 -16.96 -28.70 -26.96
CA LYS A 574 -17.75 -27.52 -26.63
C LYS A 574 -18.53 -27.78 -25.35
N ASN A 575 -18.88 -26.69 -24.66
CA ASN A 575 -19.72 -26.72 -23.47
C ASN A 575 -19.06 -27.44 -22.30
N LYS A 576 -17.73 -27.57 -22.31
CA LYS A 576 -17.01 -28.23 -21.23
C LYS A 576 -15.76 -27.43 -20.92
N CYS A 577 -15.52 -27.20 -19.62
CA CYS A 577 -14.32 -26.49 -19.20
C CYS A 577 -13.09 -27.28 -19.60
N VAL A 578 -12.32 -26.75 -20.55
CA VAL A 578 -11.16 -27.44 -21.11
C VAL A 578 -10.01 -26.46 -21.25
N ASN A 579 -8.81 -27.00 -21.43
CA ASN A 579 -7.61 -26.22 -21.72
C ASN A 579 -7.43 -26.16 -23.23
N PHE A 580 -7.62 -24.98 -23.81
CA PHE A 580 -7.51 -24.80 -25.25
C PHE A 580 -6.16 -24.19 -25.60
N ASN A 581 -5.76 -24.39 -26.86
CA ASN A 581 -4.51 -23.81 -27.38
C ASN A 581 -4.72 -23.53 -28.85
N PHE A 582 -5.07 -22.29 -29.18
CA PHE A 582 -5.31 -21.86 -30.55
C PHE A 582 -4.11 -21.04 -31.00
N ASN A 583 -3.28 -21.61 -31.88
CA ASN A 583 -2.13 -20.92 -32.42
C ASN A 583 -1.25 -20.34 -31.31
N GLY A 584 -1.06 -21.13 -30.26
CA GLY A 584 -0.28 -20.70 -29.12
C GLY A 584 -1.04 -19.84 -28.12
N LEU A 585 -2.31 -19.55 -28.39
CA LEU A 585 -3.14 -18.79 -27.45
C LEU A 585 -3.72 -19.76 -26.43
N THR A 586 -2.99 -19.96 -25.34
CA THR A 586 -3.36 -20.91 -24.32
C THR A 586 -4.32 -20.28 -23.32
N GLY A 587 -5.24 -21.08 -22.81
CA GLY A 587 -6.19 -20.61 -21.83
C GLY A 587 -7.22 -21.68 -21.54
N THR A 588 -7.87 -21.53 -20.38
CA THR A 588 -8.90 -22.44 -19.93
C THR A 588 -10.26 -21.75 -19.94
N GLY A 589 -11.27 -22.44 -20.43
CA GLY A 589 -12.60 -21.86 -20.49
C GLY A 589 -13.57 -22.82 -21.12
N VAL A 590 -14.79 -22.32 -21.34
CA VAL A 590 -15.87 -23.09 -21.95
C VAL A 590 -16.08 -22.56 -23.35
N LEU A 591 -15.82 -23.40 -24.35
CA LEU A 591 -15.96 -23.01 -25.75
C LEU A 591 -17.40 -23.23 -26.18
N THR A 592 -18.04 -22.17 -26.65
CA THR A 592 -19.43 -22.21 -27.09
C THR A 592 -19.54 -21.50 -28.44
N GLU A 593 -20.47 -21.99 -29.27
CA GLU A 593 -20.68 -21.37 -30.57
C GLU A 593 -21.04 -19.90 -30.41
N SER A 594 -20.38 -19.05 -31.19
CA SER A 594 -20.54 -17.61 -31.08
C SER A 594 -21.21 -17.06 -32.34
N ASN A 595 -22.11 -16.10 -32.15
CA ASN A 595 -22.77 -15.42 -33.24
C ASN A 595 -22.01 -14.17 -33.68
N LYS A 596 -20.88 -13.87 -33.06
CA LYS A 596 -20.07 -12.73 -33.48
C LYS A 596 -19.51 -12.96 -34.88
N LYS A 597 -19.32 -11.87 -35.61
CA LYS A 597 -18.86 -11.92 -37.00
C LYS A 597 -17.47 -11.29 -37.08
N PHE A 598 -16.44 -12.12 -36.92
CA PHE A 598 -15.08 -11.66 -37.13
C PHE A 598 -14.88 -11.28 -38.59
N LEU A 599 -13.96 -10.35 -38.83
CA LEU A 599 -13.55 -10.08 -40.19
C LEU A 599 -12.59 -11.18 -40.66
N PRO A 600 -12.47 -11.36 -41.97
CA PRO A 600 -11.69 -12.51 -42.46
C PRO A 600 -10.26 -12.56 -41.93
N PHE A 601 -9.68 -11.42 -41.60
CA PHE A 601 -8.30 -11.37 -41.12
C PHE A 601 -8.19 -11.45 -39.61
N GLN A 602 -9.30 -11.46 -38.89
CA GLN A 602 -9.28 -11.40 -37.43
C GLN A 602 -9.31 -12.81 -36.85
N GLN A 603 -8.46 -13.06 -35.85
CA GLN A 603 -8.35 -14.37 -35.22
C GLN A 603 -8.99 -14.40 -33.83
N PHE A 604 -8.58 -13.51 -32.93
CA PHE A 604 -9.07 -13.50 -31.57
C PHE A 604 -10.21 -12.50 -31.40
N GLY A 605 -10.79 -12.51 -30.20
CA GLY A 605 -11.78 -11.51 -29.83
C GLY A 605 -11.55 -11.07 -28.40
N ARG A 606 -11.33 -9.78 -28.17
CA ARG A 606 -10.96 -9.26 -26.87
C ARG A 606 -12.09 -8.44 -26.28
N ASP A 607 -12.13 -8.40 -24.94
CA ASP A 607 -13.14 -7.68 -24.20
C ASP A 607 -12.65 -6.26 -23.94
N ILE A 608 -13.49 -5.46 -23.28
CA ILE A 608 -13.11 -4.08 -22.94
C ILE A 608 -11.89 -4.09 -22.02
N ALA A 609 -11.82 -5.06 -21.11
CA ALA A 609 -10.70 -5.19 -20.19
C ALA A 609 -9.48 -5.85 -20.83
N ASP A 610 -9.44 -5.96 -22.16
CA ASP A 610 -8.32 -6.57 -22.87
C ASP A 610 -8.13 -8.04 -22.46
N THR A 611 -9.25 -8.74 -22.31
CA THR A 611 -9.25 -10.16 -22.00
C THR A 611 -9.94 -10.91 -23.12
N THR A 612 -9.31 -12.00 -23.59
CA THR A 612 -9.87 -12.77 -24.69
C THR A 612 -11.22 -13.35 -24.30
N ASP A 613 -12.20 -13.18 -25.19
CA ASP A 613 -13.53 -13.73 -24.97
C ASP A 613 -14.11 -14.40 -26.21
N ALA A 614 -13.37 -14.47 -27.31
CA ALA A 614 -13.78 -15.21 -28.49
C ALA A 614 -12.54 -15.60 -29.26
N VAL A 615 -12.64 -16.68 -30.03
CA VAL A 615 -11.51 -17.22 -30.78
C VAL A 615 -12.02 -17.85 -32.06
N ARG A 616 -11.16 -17.89 -33.07
CA ARG A 616 -11.46 -18.49 -34.36
C ARG A 616 -10.62 -19.76 -34.51
N ASP A 617 -11.29 -20.88 -34.75
CA ASP A 617 -10.59 -22.15 -34.84
C ASP A 617 -9.76 -22.20 -36.12
N PRO A 618 -8.45 -22.48 -36.04
CA PRO A 618 -7.63 -22.46 -37.26
C PRO A 618 -8.08 -23.47 -38.30
N GLN A 619 -8.44 -24.69 -37.90
CA GLN A 619 -8.84 -25.71 -38.87
C GLN A 619 -10.11 -25.29 -39.59
N THR A 620 -11.22 -25.17 -38.84
CA THR A 620 -12.46 -24.67 -39.39
C THR A 620 -12.65 -23.22 -38.94
N LEU A 621 -12.86 -22.32 -39.91
CA LEU A 621 -12.92 -20.89 -39.63
C LEU A 621 -14.29 -20.57 -39.04
N GLU A 622 -14.41 -20.81 -37.74
CA GLU A 622 -15.65 -20.53 -37.01
C GLU A 622 -15.30 -19.82 -35.71
N ILE A 623 -16.25 -19.02 -35.24
CA ILE A 623 -16.06 -18.17 -34.06
C ILE A 623 -16.65 -18.90 -32.86
N LEU A 624 -15.83 -19.11 -31.83
CA LEU A 624 -16.24 -19.78 -30.61
C LEU A 624 -16.15 -18.81 -29.44
N ASP A 625 -17.23 -18.69 -28.68
CA ASP A 625 -17.21 -17.88 -27.48
C ASP A 625 -16.39 -18.56 -26.40
N ILE A 626 -15.68 -17.75 -25.61
CA ILE A 626 -14.88 -18.24 -24.49
C ILE A 626 -15.49 -17.69 -23.21
N THR A 627 -15.88 -18.60 -22.31
CA THR A 627 -16.42 -18.24 -21.01
C THR A 627 -15.55 -18.85 -19.93
N PRO A 628 -15.14 -18.08 -18.92
CA PRO A 628 -14.26 -18.65 -17.89
C PRO A 628 -14.94 -19.80 -17.17
N CYS A 629 -14.15 -20.81 -16.82
CA CYS A 629 -14.68 -21.95 -16.08
C CYS A 629 -15.32 -21.49 -14.79
N SER A 630 -16.48 -22.06 -14.48
CA SER A 630 -17.25 -21.59 -13.33
C SER A 630 -16.43 -21.68 -12.06
N PHE A 631 -16.56 -20.65 -11.23
CA PHE A 631 -15.83 -20.59 -9.96
C PHE A 631 -16.62 -19.69 -9.01
N GLY A 632 -16.26 -19.78 -7.73
CA GLY A 632 -16.88 -18.94 -6.73
C GLY A 632 -16.52 -19.37 -5.32
N GLY A 633 -16.73 -18.48 -4.35
CA GLY A 633 -16.44 -18.81 -2.98
C GLY A 633 -17.39 -19.84 -2.42
N VAL A 634 -16.94 -20.54 -1.38
CA VAL A 634 -17.74 -21.51 -0.66
C VAL A 634 -17.91 -21.01 0.76
N SER A 635 -19.16 -20.89 1.21
CA SER A 635 -19.48 -20.39 2.53
C SER A 635 -20.25 -21.44 3.31
N VAL A 636 -19.90 -21.61 4.58
CA VAL A 636 -20.53 -22.60 5.44
C VAL A 636 -21.47 -21.87 6.38
N ILE A 637 -22.74 -22.27 6.38
CA ILE A 637 -23.75 -21.69 7.25
C ILE A 637 -23.99 -22.65 8.41
N THR A 638 -23.75 -22.18 9.63
CA THR A 638 -23.91 -23.01 10.81
C THR A 638 -24.57 -22.21 11.93
N PRO A 639 -25.43 -22.84 12.71
CA PRO A 639 -25.79 -22.24 14.01
C PRO A 639 -24.63 -22.42 14.98
N GLY A 640 -24.83 -22.05 16.24
CA GLY A 640 -23.77 -22.23 17.23
C GLY A 640 -23.25 -23.65 17.22
N THR A 641 -21.96 -23.82 17.55
CA THR A 641 -21.38 -25.16 17.55
C THR A 641 -22.09 -26.06 18.56
N ASN A 642 -22.35 -25.54 19.77
CA ASN A 642 -23.11 -26.31 20.74
C ASN A 642 -24.60 -26.29 20.44
N THR A 643 -25.09 -25.32 19.67
CA THR A 643 -26.47 -25.37 19.22
C THR A 643 -26.72 -26.59 18.35
N SER A 644 -25.77 -26.91 17.47
CA SER A 644 -25.85 -28.08 16.62
C SER A 644 -24.57 -28.18 15.80
N ASN A 645 -24.30 -29.37 15.29
CA ASN A 645 -23.19 -29.61 14.38
C ASN A 645 -23.62 -29.64 12.92
N GLN A 646 -24.92 -29.49 12.65
CA GLN A 646 -25.40 -29.47 11.28
C GLN A 646 -25.02 -28.16 10.60
N VAL A 647 -24.67 -28.24 9.32
CA VAL A 647 -24.26 -27.08 8.54
C VAL A 647 -24.90 -27.13 7.16
N ALA A 648 -24.96 -25.98 6.52
CA ALA A 648 -25.38 -25.85 5.13
C ALA A 648 -24.30 -25.11 4.36
N VAL A 649 -24.08 -25.51 3.11
CA VAL A 649 -23.00 -24.99 2.30
C VAL A 649 -23.60 -24.18 1.16
N LEU A 650 -23.02 -23.01 0.90
CA LEU A 650 -23.45 -22.13 -0.17
C LEU A 650 -22.32 -21.98 -1.17
N TYR A 651 -22.62 -22.22 -2.45
CA TYR A 651 -21.66 -22.06 -3.53
C TYR A 651 -22.01 -20.76 -4.26
N GLN A 652 -21.27 -19.70 -3.97
CA GLN A 652 -21.59 -18.39 -4.49
C GLN A 652 -21.35 -18.33 -6.00
N GLY A 653 -22.34 -17.82 -6.73
CA GLY A 653 -22.19 -17.66 -8.17
C GLY A 653 -22.25 -18.93 -8.97
N VAL A 654 -22.72 -20.03 -8.38
CA VAL A 654 -22.84 -21.31 -9.05
C VAL A 654 -24.20 -21.86 -8.67
N ASN A 655 -24.71 -22.85 -9.41
CA ASN A 655 -26.02 -23.37 -9.05
C ASN A 655 -26.06 -24.89 -9.05
N CYS A 656 -25.00 -25.54 -8.59
CA CYS A 656 -24.98 -27.00 -8.41
C CYS A 656 -25.59 -27.77 -9.59
N THR A 657 -25.47 -27.21 -10.81
CA THR A 657 -25.32 -28.04 -11.99
C THR A 657 -23.86 -28.22 -12.33
N GLU A 658 -22.98 -27.62 -11.53
CA GLU A 658 -21.54 -27.75 -11.64
C GLU A 658 -20.87 -28.07 -10.32
N VAL A 659 -21.57 -27.89 -9.20
CA VAL A 659 -20.99 -28.24 -7.90
C VAL A 659 -20.67 -29.73 -7.82
N PRO A 660 -21.55 -30.65 -8.25
CA PRO A 660 -21.24 -32.08 -8.11
C PRO A 660 -19.93 -32.46 -8.79
N VAL A 661 -19.42 -31.59 -9.65
CA VAL A 661 -18.08 -31.82 -10.23
C VAL A 661 -17.05 -31.87 -9.12
N ALA A 662 -17.14 -30.97 -8.15
CA ALA A 662 -16.23 -30.96 -7.02
C ALA A 662 -16.61 -32.05 -6.02
N TYR A 675 -21.67 -34.67 0.61
CA TYR A 675 -22.60 -33.61 0.21
C TYR A 675 -22.88 -33.66 -1.29
N SER A 676 -22.15 -34.52 -2.00
CA SER A 676 -22.40 -34.68 -3.43
C SER A 676 -23.79 -35.22 -3.70
N THR A 677 -24.25 -36.15 -2.87
CA THR A 677 -25.59 -36.70 -3.04
C THR A 677 -26.65 -35.62 -2.92
N GLY A 678 -26.50 -34.72 -1.94
CA GLY A 678 -27.39 -33.60 -1.81
C GLY A 678 -28.63 -33.90 -0.99
N SER A 679 -29.75 -34.13 -1.68
CA SER A 679 -31.08 -34.32 -1.12
C SER A 679 -31.69 -33.00 -0.66
N ASN A 680 -30.93 -31.90 -0.64
CA ASN A 680 -31.47 -30.59 -0.34
C ASN A 680 -30.64 -29.58 -1.14
N VAL A 681 -31.13 -29.24 -2.33
CA VAL A 681 -30.48 -28.26 -3.20
C VAL A 681 -31.50 -27.18 -3.52
N PHE A 682 -31.18 -25.94 -3.16
CA PHE A 682 -32.05 -24.81 -3.39
C PHE A 682 -31.29 -23.77 -4.21
N GLN A 683 -31.91 -23.29 -5.27
CA GLN A 683 -31.29 -22.33 -6.18
C GLN A 683 -31.64 -20.92 -5.72
N THR A 684 -30.64 -20.20 -5.22
CA THR A 684 -30.79 -18.80 -4.83
C THR A 684 -30.05 -17.91 -5.81
N ARG A 685 -30.45 -16.64 -5.84
CA ARG A 685 -29.79 -15.68 -6.71
C ARG A 685 -28.36 -15.38 -6.28
N ALA A 686 -27.95 -15.81 -5.09
CA ALA A 686 -26.60 -15.61 -4.58
C ALA A 686 -25.80 -16.91 -4.57
N GLY A 687 -26.08 -17.79 -5.51
CA GLY A 687 -25.49 -19.13 -5.48
C GLY A 687 -26.39 -20.11 -4.75
N CYS A 688 -26.32 -21.37 -5.16
CA CYS A 688 -27.26 -22.36 -4.67
C CYS A 688 -26.83 -22.92 -3.33
N LEU A 689 -27.81 -23.23 -2.51
CA LEU A 689 -27.62 -23.67 -1.13
C LEU A 689 -27.79 -25.17 -1.04
N ILE A 690 -26.88 -25.83 -0.32
CA ILE A 690 -26.90 -27.27 -0.14
C ILE A 690 -26.98 -27.55 1.36
N GLY A 691 -27.93 -28.38 1.75
CA GLY A 691 -28.09 -28.77 3.14
C GLY A 691 -29.10 -27.97 3.93
N ALA A 692 -29.84 -27.06 3.28
CA ALA A 692 -30.83 -26.23 3.95
C ALA A 692 -32.18 -26.41 3.28
N GLU A 693 -33.21 -26.69 4.07
CA GLU A 693 -34.55 -26.82 3.53
C GLU A 693 -35.08 -25.45 3.11
N HIS A 694 -35.74 -25.42 1.95
CA HIS A 694 -36.30 -24.17 1.42
C HIS A 694 -37.75 -24.09 1.89
N VAL A 695 -37.93 -23.56 3.11
CA VAL A 695 -39.27 -23.40 3.65
C VAL A 695 -40.04 -22.36 2.84
N ASN A 696 -41.35 -22.33 3.07
CA ASN A 696 -42.22 -21.64 2.15
C ASN A 696 -42.70 -20.34 2.77
N ASN A 697 -42.41 -20.13 4.05
CA ASN A 697 -42.86 -19.00 4.84
C ASN A 697 -41.87 -17.84 4.73
N SER A 698 -41.99 -16.88 5.65
CA SER A 698 -41.06 -15.77 5.77
C SER A 698 -40.88 -15.41 7.23
N TYR A 699 -39.63 -15.29 7.67
CA TYR A 699 -39.29 -14.94 9.04
C TYR A 699 -38.31 -13.78 9.04
N GLU A 700 -38.02 -13.26 10.23
CA GLU A 700 -36.96 -12.25 10.37
C GLU A 700 -35.61 -12.87 10.05
N CYS A 701 -34.75 -12.10 9.38
CA CYS A 701 -33.46 -12.61 8.97
C CYS A 701 -32.64 -13.03 10.19
N ASP A 702 -32.06 -14.23 10.11
CA ASP A 702 -31.19 -14.75 11.16
C ASP A 702 -29.74 -14.84 10.68
N ILE A 703 -29.50 -15.55 9.59
CA ILE A 703 -28.18 -15.58 8.96
C ILE A 703 -28.32 -15.07 7.54
N PRO A 704 -27.77 -13.90 7.19
CA PRO A 704 -27.95 -13.39 5.84
C PRO A 704 -27.21 -14.23 4.81
N ILE A 705 -27.87 -14.46 3.67
CA ILE A 705 -27.27 -15.18 2.55
C ILE A 705 -27.14 -14.28 1.33
N GLY A 706 -28.14 -13.44 1.06
CA GLY A 706 -28.10 -12.54 -0.07
C GLY A 706 -29.36 -12.60 -0.90
N ALA A 707 -29.66 -11.52 -1.61
CA ALA A 707 -30.83 -11.46 -2.48
C ALA A 707 -32.12 -11.73 -1.70
N GLY A 708 -32.16 -11.26 -0.46
CA GLY A 708 -33.34 -11.43 0.37
C GLY A 708 -33.50 -12.79 0.99
N ILE A 709 -32.49 -13.67 0.88
CA ILE A 709 -32.56 -15.02 1.41
C ILE A 709 -31.77 -15.06 2.71
N CYS A 710 -32.36 -15.66 3.74
CA CYS A 710 -31.73 -15.82 5.04
C CYS A 710 -31.90 -17.26 5.49
N ALA A 711 -31.02 -17.69 6.40
CA ALA A 711 -31.01 -19.05 6.91
C ALA A 711 -31.17 -19.05 8.42
N SER A 712 -31.85 -20.08 8.93
CA SER A 712 -32.10 -20.20 10.35
C SER A 712 -32.21 -21.68 10.71
N TYR A 713 -32.06 -21.96 12.00
CA TYR A 713 -32.11 -23.31 12.55
C TYR A 713 -33.39 -23.44 13.37
N GLN A 714 -34.39 -24.10 12.80
CA GLN A 714 -35.71 -24.21 13.42
C GLN A 714 -36.20 -25.65 13.34
N THR A 715 -37.09 -26.01 14.27
CA THR A 715 -37.67 -27.34 14.34
C THR A 715 -38.97 -27.38 13.55
N GLN A 716 -39.75 -28.45 13.75
CA GLN A 716 -41.06 -28.59 13.15
C GLN A 716 -40.95 -29.09 11.71
N THR A 717 -41.94 -29.86 11.26
CA THR A 717 -41.94 -30.42 9.92
C THR A 717 -43.19 -29.98 9.15
N VAL A 726 -42.73 -32.85 13.83
CA VAL A 726 -42.13 -32.17 14.98
C VAL A 726 -40.67 -32.59 15.11
N ALA A 727 -39.97 -31.95 16.04
CA ALA A 727 -38.55 -32.26 16.28
C ALA A 727 -37.80 -32.08 14.95
N SER A 728 -36.73 -32.86 14.74
CA SER A 728 -35.97 -32.81 13.50
C SER A 728 -35.50 -31.40 13.19
N GLN A 729 -34.78 -30.82 14.15
CA GLN A 729 -34.20 -29.49 13.94
C GLN A 729 -33.31 -29.51 12.71
N SER A 730 -33.45 -28.50 11.86
CA SER A 730 -32.71 -28.43 10.62
C SER A 730 -32.54 -26.98 10.21
N ILE A 731 -31.56 -26.73 9.35
CA ILE A 731 -31.34 -25.40 8.81
C ILE A 731 -32.34 -25.15 7.69
N ILE A 732 -33.06 -24.04 7.77
CA ILE A 732 -34.07 -23.67 6.78
C ILE A 732 -33.61 -22.42 6.05
N ALA A 733 -34.08 -22.28 4.81
CA ALA A 733 -33.81 -21.11 3.99
C ALA A 733 -35.12 -20.50 3.54
N TYR A 734 -35.20 -19.17 3.60
CA TYR A 734 -36.47 -18.48 3.36
C TYR A 734 -36.18 -17.08 2.84
N THR A 735 -37.23 -16.46 2.28
CA THR A 735 -37.19 -15.05 1.93
C THR A 735 -37.59 -14.25 3.17
N MET A 736 -36.66 -13.45 3.68
CA MET A 736 -36.90 -12.75 4.94
C MET A 736 -38.05 -11.77 4.82
N SER A 737 -38.81 -11.64 5.90
CA SER A 737 -39.90 -10.67 5.97
C SER A 737 -39.36 -9.35 6.53
N LEU A 738 -39.89 -8.25 6.01
CA LEU A 738 -39.48 -6.93 6.46
C LEU A 738 -40.21 -6.47 7.71
N GLY A 739 -41.25 -7.19 8.13
CA GLY A 739 -42.02 -6.81 9.31
C GLY A 739 -43.48 -7.13 9.15
N ALA A 740 -44.24 -6.99 10.23
CA ALA A 740 -45.67 -7.28 10.18
C ALA A 740 -46.39 -6.26 9.31
N GLU A 741 -47.33 -6.75 8.51
CA GLU A 741 -48.13 -5.88 7.68
C GLU A 741 -49.09 -5.08 8.55
N ASN A 742 -49.20 -3.78 8.30
CA ASN A 742 -50.08 -2.90 9.04
C ASN A 742 -50.78 -1.96 8.08
N SER A 743 -52.06 -1.71 8.34
CA SER A 743 -52.85 -0.77 7.55
C SER A 743 -53.46 0.23 8.51
N VAL A 744 -52.94 1.46 8.51
CA VAL A 744 -53.45 2.48 9.41
C VAL A 744 -54.90 2.78 9.04
N ALA A 745 -55.76 2.81 10.06
CA ALA A 745 -57.17 3.10 9.83
C ALA A 745 -57.35 4.58 9.55
N TYR A 746 -56.86 5.03 8.39
CA TYR A 746 -56.86 6.45 8.08
C TYR A 746 -58.23 6.87 7.56
N SER A 747 -58.75 7.96 8.13
CA SER A 747 -59.96 8.60 7.65
C SER A 747 -59.73 10.10 7.66
N ASN A 748 -60.56 10.82 6.92
CA ASN A 748 -60.43 12.26 6.83
C ASN A 748 -61.04 12.98 8.03
N ASN A 749 -61.66 12.26 8.96
CA ASN A 749 -62.21 12.86 10.16
C ASN A 749 -61.97 11.98 11.39
N SER A 750 -60.90 11.19 11.38
CA SER A 750 -60.61 10.27 12.47
C SER A 750 -59.20 10.50 12.97
N ILE A 751 -59.04 10.59 14.28
CA ILE A 751 -57.74 10.77 14.92
C ILE A 751 -57.60 9.76 16.04
N ALA A 752 -56.37 9.32 16.28
CA ALA A 752 -56.05 8.41 17.39
C ALA A 752 -55.17 9.16 18.38
N ILE A 753 -55.58 9.21 19.63
CA ILE A 753 -54.91 9.96 20.67
C ILE A 753 -54.56 8.99 21.79
N PRO A 754 -53.30 8.91 22.23
CA PRO A 754 -52.95 8.00 23.32
C PRO A 754 -53.63 8.39 24.62
N THR A 755 -54.04 7.38 25.39
CA THR A 755 -54.65 7.57 26.69
C THR A 755 -53.71 7.23 27.83
N ASN A 756 -52.54 6.68 27.54
CA ASN A 756 -51.58 6.28 28.56
C ASN A 756 -50.18 6.47 27.99
N PHE A 757 -49.18 5.95 28.68
CA PHE A 757 -47.81 6.06 28.21
C PHE A 757 -46.95 5.01 28.91
N THR A 758 -45.77 4.78 28.35
CA THR A 758 -44.77 3.94 28.97
C THR A 758 -43.43 4.67 28.95
N ILE A 759 -42.70 4.61 30.05
CA ILE A 759 -41.36 5.16 30.15
C ILE A 759 -40.39 4.07 29.72
N SER A 760 -39.71 4.30 28.60
CA SER A 760 -38.82 3.32 28.01
C SER A 760 -37.38 3.77 28.20
N VAL A 761 -36.53 2.87 28.68
CA VAL A 761 -35.10 3.11 28.79
C VAL A 761 -34.40 2.11 27.89
N THR A 762 -33.64 2.61 26.92
CA THR A 762 -32.91 1.79 25.97
C THR A 762 -31.43 2.16 26.01
N THR A 763 -30.59 1.16 25.74
CA THR A 763 -29.15 1.33 25.83
C THR A 763 -28.56 1.50 24.44
N GLU A 764 -27.56 2.39 24.33
CA GLU A 764 -26.83 2.62 23.10
C GLU A 764 -25.35 2.57 23.41
N ILE A 765 -24.59 1.81 22.62
CA ILE A 765 -23.17 1.60 22.83
C ILE A 765 -22.41 2.21 21.66
N LEU A 766 -21.36 2.97 21.97
CA LEU A 766 -20.54 3.61 20.96
C LEU A 766 -19.06 3.44 21.27
N PRO A 767 -18.27 2.89 20.35
CA PRO A 767 -16.82 2.89 20.56
C PRO A 767 -16.28 4.32 20.63
N VAL A 768 -15.33 4.54 21.54
CA VAL A 768 -14.78 5.87 21.75
C VAL A 768 -13.30 5.90 21.43
N SER A 769 -12.62 4.77 21.62
CA SER A 769 -11.18 4.71 21.41
C SER A 769 -10.77 3.27 21.19
N MET A 770 -9.50 3.09 20.81
CA MET A 770 -8.90 1.79 20.64
C MET A 770 -7.53 1.80 21.32
N THR A 771 -7.01 0.60 21.58
CA THR A 771 -5.76 0.48 22.32
C THR A 771 -4.64 1.21 21.60
N LYS A 772 -3.89 2.01 22.36
CA LYS A 772 -2.68 2.62 21.82
C LYS A 772 -1.66 1.55 21.49
N THR A 773 -0.98 1.71 20.36
CA THR A 773 0.02 0.74 19.91
C THR A 773 1.17 1.49 19.28
N SER A 774 2.37 1.32 19.83
CA SER A 774 3.59 1.85 19.25
C SER A 774 4.44 0.69 18.79
N VAL A 775 4.95 0.78 17.56
CA VAL A 775 5.76 -0.27 16.96
C VAL A 775 7.10 0.34 16.58
N ASP A 776 8.18 -0.23 17.10
CA ASP A 776 9.52 0.16 16.69
C ASP A 776 9.80 -0.50 15.34
N CYS A 777 9.76 0.29 14.28
CA CYS A 777 9.92 -0.26 12.93
C CYS A 777 11.26 -0.96 12.79
N THR A 778 12.33 -0.32 13.28
CA THR A 778 13.66 -0.92 13.16
C THR A 778 13.72 -2.26 13.88
N MET A 779 13.18 -2.34 15.10
CA MET A 779 13.23 -3.60 15.83
C MET A 779 12.38 -4.67 15.14
N TYR A 780 11.18 -4.30 14.69
CA TYR A 780 10.32 -5.29 14.05
C TYR A 780 10.96 -5.84 12.79
N ILE A 781 11.66 -5.00 12.02
CA ILE A 781 12.22 -5.46 10.76
C ILE A 781 13.54 -6.20 10.98
N CYS A 782 14.41 -5.66 11.83
CA CYS A 782 15.80 -6.11 11.96
C CYS A 782 16.17 -6.29 13.43
N GLY A 783 15.34 -7.00 14.19
CA GLY A 783 15.58 -7.14 15.61
C GLY A 783 16.99 -7.56 15.96
N ASP A 784 17.75 -6.64 16.56
CA ASP A 784 19.11 -6.92 17.03
C ASP A 784 19.99 -7.44 15.89
N SER A 785 20.13 -6.61 14.85
CA SER A 785 20.96 -6.96 13.70
C SER A 785 21.49 -5.66 13.11
N THR A 786 22.76 -5.35 13.41
CA THR A 786 23.35 -4.11 12.93
C THR A 786 23.42 -4.08 11.40
N GLU A 787 23.81 -5.21 10.79
CA GLU A 787 23.90 -5.24 9.33
C GLU A 787 22.52 -5.07 8.70
N CYS A 788 21.50 -5.70 9.26
CA CYS A 788 20.16 -5.54 8.74
C CYS A 788 19.68 -4.11 8.89
N SER A 789 19.98 -3.47 10.02
CA SER A 789 19.59 -2.08 10.21
C SER A 789 20.32 -1.17 9.21
N ASN A 790 21.60 -1.45 8.96
CA ASN A 790 22.34 -0.66 7.98
C ASN A 790 21.72 -0.82 6.59
N LEU A 791 21.32 -2.04 6.24
CA LEU A 791 20.60 -2.23 4.97
C LEU A 791 19.30 -1.44 4.97
N LEU A 792 18.58 -1.47 6.08
CA LEU A 792 17.30 -0.76 6.16
C LEU A 792 17.48 0.74 6.00
N LEU A 793 18.63 1.26 6.41
CA LEU A 793 18.88 2.69 6.27
C LEU A 793 18.83 3.14 4.82
N GLN A 794 19.01 2.23 3.87
CA GLN A 794 18.95 2.58 2.46
C GLN A 794 17.53 2.88 1.99
N TYR A 795 16.52 2.63 2.82
CA TYR A 795 15.13 2.85 2.44
C TYR A 795 14.60 4.21 2.87
N GLY A 796 15.42 5.04 3.49
CA GLY A 796 15.04 6.41 3.80
C GLY A 796 14.39 6.52 5.16
N SER A 797 13.22 7.16 5.20
CA SER A 797 12.53 7.46 6.46
C SER A 797 11.20 6.74 6.57
N PHE A 798 11.10 5.54 6.01
CA PHE A 798 9.87 4.77 6.13
C PHE A 798 9.55 4.47 7.59
N CYS A 799 10.55 4.06 8.36
CA CYS A 799 10.33 3.75 9.77
C CYS A 799 9.87 4.98 10.54
N THR A 800 10.50 6.12 10.26
CA THR A 800 10.10 7.36 10.92
C THR A 800 8.66 7.71 10.57
N GLN A 801 8.27 7.56 9.30
CA GLN A 801 6.90 7.84 8.90
C GLN A 801 5.91 6.94 9.64
N LEU A 802 6.22 5.64 9.71
CA LEU A 802 5.31 4.72 10.37
C LEU A 802 5.17 5.04 11.86
N ASN A 803 6.30 5.34 12.51
CA ASN A 803 6.25 5.70 13.93
C ASN A 803 5.44 6.97 14.14
N ARG A 804 5.62 7.96 13.26
CA ARG A 804 4.84 9.18 13.36
C ARG A 804 3.35 8.90 13.23
N ALA A 805 2.98 8.06 12.27
CA ALA A 805 1.57 7.74 12.08
C ALA A 805 0.99 7.08 13.33
N LEU A 806 1.69 6.10 13.88
CA LEU A 806 1.17 5.40 15.05
C LEU A 806 1.09 6.33 16.26
N THR A 807 2.08 7.21 16.43
CA THR A 807 2.02 8.17 17.53
C THR A 807 0.82 9.10 17.38
N GLY A 808 0.57 9.56 16.16
CA GLY A 808 -0.62 10.36 15.92
C GLY A 808 -1.89 9.62 16.28
N ILE A 809 -1.97 8.34 15.93
CA ILE A 809 -3.16 7.57 16.27
C ILE A 809 -3.34 7.50 17.79
N ALA A 810 -2.25 7.25 18.52
CA ALA A 810 -2.36 7.15 19.98
C ALA A 810 -2.83 8.47 20.60
N VAL A 811 -2.21 9.57 20.19
CA VAL A 811 -2.60 10.88 20.71
C VAL A 811 -4.06 11.15 20.38
N GLU A 812 -4.49 10.74 19.19
CA GLU A 812 -5.88 10.94 18.82
C GLU A 812 -6.83 10.11 19.66
N GLN A 813 -6.41 8.91 20.09
CA GLN A 813 -7.24 8.12 20.99
C GLN A 813 -7.43 8.85 22.31
N ASP A 814 -6.34 9.40 22.85
CA ASP A 814 -6.47 10.19 24.07
C ASP A 814 -7.41 11.37 23.86
N LYS A 815 -7.29 12.05 22.72
CA LYS A 815 -8.15 13.18 22.42
C LYS A 815 -9.61 12.75 22.33
N ASN A 816 -9.88 11.60 21.73
CA ASN A 816 -11.24 11.09 21.63
C ASN A 816 -11.84 10.92 23.02
N THR A 817 -11.12 10.23 23.90
CA THR A 817 -11.66 10.00 25.24
C THR A 817 -11.88 11.33 25.96
N GLN A 818 -10.93 12.25 25.85
CA GLN A 818 -11.08 13.54 26.52
C GLN A 818 -12.31 14.28 26.00
N GLU A 819 -12.48 14.34 24.68
CA GLU A 819 -13.60 15.07 24.12
C GLU A 819 -14.93 14.45 24.53
N VAL A 820 -15.00 13.13 24.58
CA VAL A 820 -16.26 12.48 24.93
C VAL A 820 -16.61 12.73 26.39
N PHE A 821 -15.64 12.55 27.29
CA PHE A 821 -15.98 12.47 28.72
C PHE A 821 -15.75 13.77 29.49
N ALA A 822 -14.70 14.52 29.19
CA ALA A 822 -14.39 15.74 29.93
C ALA A 822 -15.27 16.90 29.46
N GLN A 823 -16.58 16.71 29.61
CA GLN A 823 -17.56 17.73 29.27
C GLN A 823 -18.05 18.51 30.49
N VAL A 824 -17.50 18.23 31.67
CA VAL A 824 -17.90 18.90 32.90
C VAL A 824 -16.68 19.58 33.49
N LYS A 825 -16.78 20.88 33.74
CA LYS A 825 -15.70 21.62 34.38
C LYS A 825 -15.62 21.37 35.87
N GLN A 826 -16.69 20.84 36.48
CA GLN A 826 -16.73 20.60 37.91
C GLN A 826 -17.18 19.17 38.16
N ILE A 827 -16.61 18.55 39.20
CA ILE A 827 -16.92 17.15 39.53
C ILE A 827 -18.09 17.20 40.50
N TYR A 828 -19.31 17.24 39.95
CA TYR A 828 -20.50 17.29 40.77
C TYR A 828 -20.69 16.00 41.54
N LYS A 829 -21.16 16.12 42.78
CA LYS A 829 -21.38 14.98 43.66
C LYS A 829 -22.83 14.98 44.10
N THR A 830 -23.46 13.80 44.04
CA THR A 830 -24.86 13.69 44.41
C THR A 830 -25.01 13.81 45.93
N PRO A 831 -26.13 14.36 46.41
CA PRO A 831 -26.31 14.52 47.85
C PRO A 831 -26.43 13.17 48.53
N PRO A 832 -26.10 13.08 49.82
CA PRO A 832 -26.24 11.80 50.53
C PRO A 832 -27.67 11.28 50.55
N ILE A 833 -28.66 12.16 50.63
CA ILE A 833 -30.06 11.76 50.69
C ILE A 833 -30.62 11.70 49.28
N LYS A 834 -31.09 10.52 48.87
CA LYS A 834 -31.57 10.30 47.52
C LYS A 834 -33.09 10.47 47.46
N ASP A 835 -33.51 11.71 47.65
CA ASP A 835 -34.94 12.06 47.59
C ASP A 835 -35.23 12.64 46.22
N PHE A 836 -35.33 11.75 45.23
CA PHE A 836 -35.52 12.13 43.84
C PHE A 836 -36.95 11.88 43.37
N GLY A 837 -37.93 12.05 44.26
CA GLY A 837 -39.31 11.94 43.86
C GLY A 837 -39.79 10.55 43.51
N GLY A 838 -39.12 9.52 44.01
CA GLY A 838 -39.46 8.14 43.73
C GLY A 838 -38.60 7.49 42.67
N PHE A 839 -37.86 8.27 41.89
CA PHE A 839 -36.94 7.71 40.91
C PHE A 839 -35.69 7.20 41.62
N ASN A 840 -35.18 6.07 41.15
CA ASN A 840 -34.13 5.32 41.84
C ASN A 840 -32.97 5.11 40.88
N PHE A 841 -31.86 5.79 41.16
CA PHE A 841 -30.65 5.72 40.33
C PHE A 841 -29.54 4.94 41.02
N SER A 842 -29.90 3.99 41.88
CA SER A 842 -28.88 3.25 42.62
C SER A 842 -28.00 2.43 41.70
N GLN A 843 -28.59 1.84 40.65
CA GLN A 843 -27.85 0.95 39.77
C GLN A 843 -26.94 1.67 38.79
N ILE A 844 -27.04 3.00 38.69
CA ILE A 844 -26.17 3.78 37.82
C ILE A 844 -25.31 4.77 38.57
N LEU A 845 -25.58 5.01 39.84
CA LEU A 845 -24.73 5.88 40.64
C LEU A 845 -23.53 5.10 41.17
N PRO A 846 -22.45 5.79 41.53
CA PRO A 846 -21.24 5.08 41.97
C PRO A 846 -21.49 4.26 43.22
N ASP A 847 -20.76 3.15 43.32
CA ASP A 847 -20.81 2.29 44.49
C ASP A 847 -19.56 2.51 45.32
N PRO A 848 -19.63 3.21 46.45
CA PRO A 848 -18.41 3.45 47.23
C PRO A 848 -17.73 2.18 47.72
N SER A 849 -18.50 1.11 47.93
CA SER A 849 -17.92 -0.10 48.51
C SER A 849 -16.82 -0.67 47.62
N LYS A 850 -17.04 -0.70 46.31
CA LYS A 850 -16.08 -1.31 45.41
C LYS A 850 -14.78 -0.49 45.36
N PRO A 851 -13.64 -1.14 45.17
CA PRO A 851 -12.39 -0.37 45.04
C PRO A 851 -12.42 0.62 43.89
N SER A 852 -13.08 0.26 42.79
CA SER A 852 -13.32 1.17 41.68
C SER A 852 -14.72 1.75 41.85
N LYS A 853 -14.80 3.08 41.90
CA LYS A 853 -16.07 3.75 42.17
C LYS A 853 -16.95 3.74 40.92
N ARG A 854 -17.27 2.51 40.48
CA ARG A 854 -18.10 2.29 39.31
C ARG A 854 -19.49 1.85 39.76
N SER A 855 -20.48 2.14 38.92
CA SER A 855 -21.84 1.74 39.21
C SER A 855 -22.04 0.25 38.92
N PHE A 856 -23.20 -0.26 39.31
CA PHE A 856 -23.52 -1.66 39.07
C PHE A 856 -23.47 -1.97 37.57
N ILE A 857 -24.09 -1.12 36.75
CA ILE A 857 -24.14 -1.37 35.31
C ILE A 857 -22.76 -1.20 34.69
N GLU A 858 -21.98 -0.24 35.18
CA GLU A 858 -20.62 -0.07 34.66
C GLU A 858 -19.78 -1.30 34.95
N ASP A 859 -19.89 -1.84 36.16
CA ASP A 859 -19.18 -3.09 36.48
C ASP A 859 -19.66 -4.22 35.59
N LEU A 860 -20.97 -4.30 35.36
CA LEU A 860 -21.50 -5.32 34.47
C LEU A 860 -20.85 -5.23 33.09
N LEU A 861 -20.79 -4.01 32.54
CA LEU A 861 -20.20 -3.84 31.21
C LEU A 861 -18.73 -4.23 31.21
N PHE A 862 -17.99 -3.77 32.22
CA PHE A 862 -16.55 -4.06 32.25
C PHE A 862 -16.30 -5.55 32.34
N ASN A 863 -17.14 -6.28 33.09
CA ASN A 863 -17.03 -7.73 33.11
C ASN A 863 -17.42 -8.33 31.77
N LYS A 864 -18.44 -7.78 31.12
CA LYS A 864 -18.92 -8.36 29.87
C LYS A 864 -17.85 -8.30 28.79
N VAL A 865 -17.10 -7.22 28.73
CA VAL A 865 -16.09 -7.06 27.69
C VAL A 865 -14.87 -7.89 28.03
N THR A 866 -14.48 -8.77 27.10
CA THR A 866 -13.24 -9.52 27.16
C THR A 866 -12.33 -9.07 26.02
N LEU A 867 -11.02 -9.08 26.26
CA LEU A 867 -10.08 -8.39 25.36
C LEU A 867 -9.53 -9.30 24.28
N ALA A 868 -8.76 -10.32 24.67
CA ALA A 868 -8.05 -11.21 23.74
C ALA A 868 -6.74 -11.69 24.36
N ASP A 869 -5.64 -11.00 24.08
CA ASP A 869 -4.32 -11.42 24.52
C ASP A 869 -3.95 -10.79 25.86
N ALA A 870 -3.87 -9.46 25.91
CA ALA A 870 -3.57 -8.75 27.14
C ALA A 870 -3.68 -7.25 26.89
N GLY A 871 -4.17 -6.51 27.88
CA GLY A 871 -4.35 -5.08 27.74
C GLY A 871 -3.46 -4.29 28.67
N PHE A 872 -2.23 -4.76 28.87
CA PHE A 872 -1.29 -4.09 29.76
C PHE A 872 -0.71 -2.83 29.10
N ASP A 882 -5.31 -1.53 32.33
CA ASP A 882 -5.63 -2.89 32.74
C ASP A 882 -5.16 -3.15 34.17
N ILE A 883 -5.07 -4.42 34.54
CA ILE A 883 -4.66 -4.83 35.87
C ILE A 883 -3.21 -5.32 35.89
N ALA A 884 -2.41 -4.91 34.91
CA ALA A 884 -1.02 -5.36 34.82
C ALA A 884 -0.16 -4.56 35.81
N ALA A 885 0.51 -5.28 36.71
CA ALA A 885 1.46 -4.69 37.64
C ALA A 885 2.90 -4.89 37.21
N ARG A 886 3.13 -5.31 35.97
CA ARG A 886 4.44 -5.67 35.47
C ARG A 886 4.49 -5.35 33.98
N ASP A 887 5.44 -5.95 33.28
CA ASP A 887 5.61 -5.70 31.86
C ASP A 887 4.33 -6.07 31.10
N LEU A 888 4.34 -5.76 29.80
CA LEU A 888 3.17 -5.93 28.96
C LEU A 888 2.99 -7.40 28.59
N ILE A 889 2.16 -7.68 27.59
CA ILE A 889 1.62 -9.03 27.36
C ILE A 889 2.73 -10.07 27.31
N CYS A 890 3.58 -9.98 26.28
CA CYS A 890 4.73 -10.87 26.09
C CYS A 890 5.02 -11.05 24.60
N ALA A 891 4.39 -12.06 23.98
CA ALA A 891 4.72 -12.41 22.60
C ALA A 891 4.70 -11.19 21.69
N GLN A 892 3.55 -10.51 21.62
CA GLN A 892 3.48 -9.29 20.84
C GLN A 892 4.39 -8.21 21.43
N LYS A 893 4.41 -8.10 22.76
CA LYS A 893 5.22 -7.08 23.41
C LYS A 893 6.70 -7.21 23.09
N PHE A 894 7.16 -8.40 22.70
CA PHE A 894 8.58 -8.72 22.61
C PHE A 894 9.11 -8.71 21.18
N ASN A 895 8.37 -8.13 20.24
CA ASN A 895 8.79 -8.07 18.85
C ASN A 895 8.80 -6.63 18.34
N GLY A 896 9.14 -5.68 19.21
CA GLY A 896 9.12 -4.28 18.85
C GLY A 896 7.76 -3.63 18.93
N LEU A 897 6.73 -4.38 19.32
CA LEU A 897 5.38 -3.86 19.47
C LEU A 897 5.10 -3.62 20.94
N THR A 898 4.65 -2.42 21.29
CA THR A 898 4.32 -2.08 22.66
C THR A 898 2.97 -1.38 22.71
N VAL A 899 2.28 -1.56 23.82
CA VAL A 899 0.95 -0.99 24.04
C VAL A 899 1.09 0.10 25.10
N LEU A 900 0.70 1.32 24.75
CA LEU A 900 0.81 2.43 25.69
C LEU A 900 -0.47 2.55 26.52
N PRO A 901 -0.37 2.80 27.83
CA PRO A 901 -1.59 2.94 28.63
C PRO A 901 -2.34 4.20 28.26
N PRO A 902 -3.67 4.19 28.36
CA PRO A 902 -4.42 5.42 28.10
C PRO A 902 -4.13 6.48 29.16
N LEU A 903 -4.23 7.74 28.73
CA LEU A 903 -3.94 8.85 29.64
C LEU A 903 -4.91 8.87 30.81
N LEU A 904 -6.19 8.65 30.55
CA LEU A 904 -7.22 8.64 31.59
C LEU A 904 -7.48 7.21 32.02
N THR A 905 -7.29 6.94 33.31
CA THR A 905 -7.57 5.62 33.84
C THR A 905 -9.06 5.38 33.90
N ASP A 906 -9.43 4.09 34.01
CA ASP A 906 -10.84 3.74 34.11
C ASP A 906 -11.48 4.42 35.32
N GLU A 907 -10.73 4.60 36.41
CA GLU A 907 -11.25 5.31 37.56
C GLU A 907 -11.59 6.75 37.19
N MET A 908 -10.72 7.41 36.41
CA MET A 908 -10.98 8.78 36.02
C MET A 908 -12.18 8.87 35.09
N ILE A 909 -12.32 7.92 34.16
CA ILE A 909 -13.49 7.90 33.28
C ILE A 909 -14.75 7.73 34.10
N ALA A 910 -14.72 6.82 35.09
CA ALA A 910 -15.89 6.63 35.95
C ALA A 910 -16.18 7.87 36.77
N GLN A 911 -15.14 8.59 37.20
CA GLN A 911 -15.36 9.84 37.92
C GLN A 911 -16.06 10.87 37.03
N TYR A 912 -15.63 10.97 35.77
CA TYR A 912 -16.29 11.89 34.86
C TYR A 912 -17.75 11.50 34.64
N THR A 913 -18.02 10.20 34.46
CA THR A 913 -19.39 9.75 34.28
C THR A 913 -20.23 10.04 35.52
N SER A 914 -19.67 9.83 36.70
CA SER A 914 -20.38 10.12 37.94
C SER A 914 -20.69 11.61 38.06
N ALA A 915 -19.72 12.45 37.71
CA ALA A 915 -19.97 13.89 37.74
C ALA A 915 -21.09 14.27 36.79
N LEU A 916 -21.08 13.72 35.57
CA LEU A 916 -22.15 14.02 34.62
C LEU A 916 -23.50 13.57 35.15
N LEU A 917 -23.57 12.36 35.72
CA LEU A 917 -24.84 11.83 36.21
C LEU A 917 -25.36 12.66 37.38
N ALA A 918 -24.48 13.01 38.32
CA ALA A 918 -24.90 13.82 39.45
C ALA A 918 -25.38 15.18 38.98
N GLY A 919 -24.63 15.82 38.09
CA GLY A 919 -25.07 17.10 37.57
C GLY A 919 -26.43 17.02 36.92
N THR A 920 -26.65 15.99 36.10
CA THR A 920 -27.95 15.81 35.48
C THR A 920 -29.03 15.68 36.55
N ILE A 921 -28.96 14.63 37.38
CA ILE A 921 -30.06 14.33 38.28
C ILE A 921 -30.25 15.36 39.37
N THR A 922 -29.31 16.30 39.56
CA THR A 922 -29.50 17.36 40.54
C THR A 922 -29.79 18.72 39.94
N SER A 923 -29.51 18.96 38.65
CA SER A 923 -29.65 20.30 38.10
C SER A 923 -30.23 20.32 36.69
N GLY A 924 -30.86 19.24 36.24
CA GLY A 924 -31.42 19.25 34.90
C GLY A 924 -30.35 19.49 33.86
N TRP A 925 -30.61 20.43 32.95
CA TRP A 925 -29.67 20.77 31.89
C TRP A 925 -28.93 22.07 32.17
N THR A 926 -29.09 22.65 33.36
CA THR A 926 -28.49 23.94 33.65
C THR A 926 -26.98 23.84 33.82
N PHE A 927 -26.48 22.71 34.30
CA PHE A 927 -25.04 22.57 34.49
C PHE A 927 -24.29 22.51 33.18
N GLY A 928 -24.97 22.15 32.08
CA GLY A 928 -24.35 22.14 30.78
C GLY A 928 -24.27 23.50 30.10
N ALA A 929 -25.03 24.48 30.60
CA ALA A 929 -25.02 25.82 30.05
C ALA A 929 -24.39 26.85 30.98
N GLY A 930 -24.28 26.56 32.26
CA GLY A 930 -23.65 27.47 33.19
C GLY A 930 -23.40 26.82 34.54
N ALA A 931 -23.58 27.56 35.62
CA ALA A 931 -23.51 26.96 36.94
C ALA A 931 -24.72 26.06 37.17
N ALA A 932 -24.49 24.89 37.75
CA ALA A 932 -25.57 23.97 38.02
C ALA A 932 -26.59 24.63 38.95
N LEU A 933 -27.86 24.56 38.55
CA LEU A 933 -28.95 25.18 39.30
C LEU A 933 -29.84 24.06 39.85
N GLN A 934 -29.73 23.83 41.15
CA GLN A 934 -30.56 22.85 41.84
C GLN A 934 -32.02 22.97 41.40
N ILE A 935 -32.69 21.82 41.32
CA ILE A 935 -34.12 21.78 41.04
C ILE A 935 -34.63 20.40 41.47
N PRO A 936 -35.79 20.29 42.10
CA PRO A 936 -36.31 18.96 42.45
C PRO A 936 -36.50 18.12 41.20
N PHE A 937 -36.19 16.82 41.31
CA PHE A 937 -36.18 15.97 40.14
C PHE A 937 -37.57 15.86 39.52
N ALA A 938 -38.61 15.86 40.35
CA ALA A 938 -39.96 15.82 39.81
C ALA A 938 -40.24 17.04 38.95
N MET A 939 -39.82 18.21 39.40
CA MET A 939 -40.02 19.42 38.62
C MET A 939 -39.18 19.40 37.35
N GLN A 940 -37.97 18.84 37.43
CA GLN A 940 -37.16 18.68 36.23
C GLN A 940 -37.87 17.79 35.22
N MET A 941 -38.44 16.68 35.67
CA MET A 941 -39.18 15.80 34.77
C MET A 941 -40.42 16.49 34.22
N ALA A 942 -41.03 17.38 35.01
CA ALA A 942 -42.14 18.17 34.49
C ALA A 942 -41.67 19.08 33.35
N TYR A 943 -40.51 19.69 33.51
CA TYR A 943 -39.94 20.49 32.43
C TYR A 943 -39.72 19.62 31.18
N ARG A 944 -39.22 18.40 31.38
CA ARG A 944 -38.99 17.51 30.24
C ARG A 944 -40.31 17.16 29.55
N PHE A 945 -41.34 16.87 30.33
CA PHE A 945 -42.65 16.57 29.76
C PHE A 945 -43.16 17.75 28.95
N ASN A 946 -43.00 18.97 29.47
CA ASN A 946 -43.32 20.16 28.68
C ASN A 946 -42.50 20.17 27.39
N GLY A 947 -41.24 19.75 27.48
CA GLY A 947 -40.41 19.75 26.29
C GLY A 947 -40.92 18.82 25.20
N ILE A 948 -41.46 17.67 25.60
CA ILE A 948 -41.98 16.73 24.61
C ILE A 948 -43.43 17.06 24.27
N GLY A 949 -43.92 18.19 24.76
CA GLY A 949 -45.25 18.64 24.42
C GLY A 949 -46.37 18.07 25.25
N VAL A 950 -46.07 17.51 26.43
CA VAL A 950 -47.07 16.97 27.34
C VAL A 950 -47.15 17.89 28.55
N THR A 951 -48.37 18.21 28.96
CA THR A 951 -48.56 19.13 30.07
C THR A 951 -47.98 18.53 31.35
N GLN A 952 -47.43 19.40 32.21
CA GLN A 952 -46.72 18.93 33.39
C GLN A 952 -47.66 18.32 34.42
N ASN A 953 -48.94 18.73 34.41
CA ASN A 953 -49.90 18.11 35.32
C ASN A 953 -49.97 16.60 35.11
N VAL A 954 -49.71 16.14 33.89
CA VAL A 954 -49.71 14.70 33.64
C VAL A 954 -48.67 14.00 34.50
N LEU A 955 -47.45 14.52 34.51
CA LEU A 955 -46.42 13.95 35.36
C LEU A 955 -46.77 14.12 36.84
N TYR A 956 -47.23 15.31 37.22
CA TYR A 956 -47.49 15.51 38.65
C TYR A 956 -48.61 14.62 39.15
N GLU A 957 -49.49 14.17 38.27
CA GLU A 957 -50.59 13.28 38.65
C GLU A 957 -50.24 11.81 38.49
N ASN A 958 -49.26 11.47 37.66
CA ASN A 958 -48.84 10.09 37.46
C ASN A 958 -47.40 9.87 37.92
N GLN A 959 -46.94 10.66 38.89
CA GLN A 959 -45.55 10.58 39.33
C GLN A 959 -45.18 9.19 39.83
N LYS A 960 -46.04 8.59 40.66
CA LYS A 960 -45.71 7.28 41.20
C LYS A 960 -45.60 6.24 40.09
N LEU A 961 -46.54 6.26 39.15
CA LEU A 961 -46.50 5.31 38.04
C LEU A 961 -45.25 5.54 37.19
N ILE A 962 -44.91 6.79 36.93
CA ILE A 962 -43.75 7.09 36.08
C ILE A 962 -42.46 6.65 36.76
N ALA A 963 -42.36 6.89 38.07
CA ALA A 963 -41.17 6.44 38.80
C ALA A 963 -41.08 4.92 38.79
N ASN A 964 -42.20 4.23 39.00
CA ASN A 964 -42.19 2.77 38.96
C ASN A 964 -41.76 2.27 37.59
N GLN A 965 -42.26 2.90 36.52
CA GLN A 965 -41.89 2.48 35.17
C GLN A 965 -40.41 2.70 34.91
N PHE A 966 -39.87 3.85 35.35
CA PHE A 966 -38.45 4.10 35.16
C PHE A 966 -37.61 3.08 35.92
N ASN A 967 -37.99 2.78 37.17
CA ASN A 967 -37.24 1.80 37.94
C ASN A 967 -37.29 0.43 37.29
N SER A 968 -38.47 0.04 36.79
CA SER A 968 -38.59 -1.25 36.12
C SER A 968 -37.75 -1.31 34.86
N ALA A 969 -37.72 -0.23 34.10
CA ALA A 969 -36.90 -0.21 32.89
C ALA A 969 -35.42 -0.31 33.22
N ILE A 970 -34.97 0.38 34.26
CA ILE A 970 -33.57 0.27 34.66
C ILE A 970 -33.25 -1.15 35.11
N GLY A 971 -34.14 -1.76 35.87
CA GLY A 971 -33.94 -3.14 36.28
C GLY A 971 -33.88 -4.09 35.09
N LYS A 972 -34.74 -3.85 34.10
CA LYS A 972 -34.71 -4.68 32.89
C LYS A 972 -33.39 -4.52 32.16
N ILE A 973 -32.87 -3.30 32.08
CA ILE A 973 -31.57 -3.08 31.45
C ILE A 973 -30.49 -3.86 32.20
N GLN A 974 -30.51 -3.79 33.53
CA GLN A 974 -29.53 -4.52 34.32
C GLN A 974 -29.61 -6.02 34.05
N ASP A 975 -30.83 -6.57 34.04
CA ASP A 975 -31.01 -7.99 33.81
C ASP A 975 -30.53 -8.39 32.42
N SER A 976 -30.86 -7.58 31.41
CA SER A 976 -30.42 -7.89 30.05
C SER A 976 -28.90 -7.88 29.94
N LEU A 977 -28.26 -6.89 30.55
CA LEU A 977 -26.80 -6.85 30.51
C LEU A 977 -26.20 -8.06 31.22
N SER A 978 -26.79 -8.45 32.37
CA SER A 978 -26.28 -9.60 33.09
C SER A 978 -26.42 -10.88 32.28
N SER A 979 -27.55 -11.04 31.58
CA SER A 979 -27.83 -12.30 30.88
C SER A 979 -27.12 -12.36 29.53
N THR A 980 -27.48 -11.46 28.61
CA THR A 980 -26.97 -11.56 27.26
C THR A 980 -25.53 -11.08 27.17
N ALA A 981 -24.83 -11.51 26.12
CA ALA A 981 -23.44 -11.16 25.89
C ALA A 981 -23.21 -10.47 24.55
N SER A 982 -24.24 -10.33 23.72
CA SER A 982 -24.10 -9.67 22.43
C SER A 982 -24.39 -8.18 22.48
N ALA A 983 -24.69 -7.63 23.67
CA ALA A 983 -25.01 -6.22 23.77
C ALA A 983 -23.81 -5.35 23.40
N LEU A 984 -22.60 -5.75 23.80
CA LEU A 984 -21.39 -4.98 23.58
C LEU A 984 -20.65 -5.44 22.33
N GLY A 985 -21.39 -5.86 21.31
CA GLY A 985 -20.78 -6.35 20.10
C GLY A 985 -19.86 -5.34 19.43
N LYS A 986 -20.23 -4.06 19.49
CA LYS A 986 -19.43 -3.04 18.82
C LYS A 986 -18.04 -2.92 19.46
N LEU A 987 -17.99 -2.78 20.79
CA LEU A 987 -16.71 -2.68 21.46
C LEU A 987 -15.92 -3.97 21.30
N GLN A 988 -16.60 -5.12 21.41
CA GLN A 988 -15.90 -6.38 21.22
C GLN A 988 -15.32 -6.49 19.82
N ASP A 989 -16.05 -6.02 18.81
CA ASP A 989 -15.57 -6.08 17.44
C ASP A 989 -14.36 -5.17 17.24
N VAL A 990 -14.38 -3.99 17.84
CA VAL A 990 -13.21 -3.10 17.75
C VAL A 990 -11.99 -3.79 18.35
N VAL A 991 -12.16 -4.34 19.55
CA VAL A 991 -11.05 -5.00 20.21
C VAL A 991 -10.55 -6.18 19.39
N ASN A 992 -11.47 -6.98 18.85
CA ASN A 992 -11.10 -8.15 18.07
C ASN A 992 -10.37 -7.76 16.81
N GLN A 993 -10.82 -6.70 16.13
CA GLN A 993 -10.15 -6.24 14.93
C GLN A 993 -8.71 -5.82 15.25
N ASN A 994 -8.53 -5.06 16.33
CA ASN A 994 -7.18 -4.63 16.69
C ASN A 994 -6.29 -5.83 17.01
N ALA A 995 -6.81 -6.78 17.80
CA ALA A 995 -6.02 -7.93 18.17
C ALA A 995 -5.66 -8.78 16.94
N GLN A 996 -6.61 -8.94 16.03
CA GLN A 996 -6.37 -9.74 14.83
C GLN A 996 -5.33 -9.07 13.94
N ALA A 997 -5.38 -7.75 13.81
CA ALA A 997 -4.37 -7.05 13.03
C ALA A 997 -2.99 -7.23 13.65
N LEU A 998 -2.89 -7.09 14.97
CA LEU A 998 -1.60 -7.29 15.62
C LEU A 998 -1.10 -8.71 15.45
N ASN A 999 -2.00 -9.69 15.55
CA ASN A 999 -1.60 -11.08 15.39
C ASN A 999 -1.10 -11.34 13.97
N THR A 1000 -1.78 -10.77 12.97
CA THR A 1000 -1.31 -10.92 11.60
C THR A 1000 0.07 -10.29 11.41
N LEU A 1001 0.27 -9.10 11.98
CA LEU A 1001 1.57 -8.45 11.87
C LEU A 1001 2.67 -9.31 12.49
N VAL A 1002 2.40 -9.88 13.67
CA VAL A 1002 3.41 -10.71 14.32
C VAL A 1002 3.65 -11.98 13.52
N LYS A 1003 2.59 -12.60 13.01
CA LYS A 1003 2.73 -13.86 12.28
C LYS A 1003 3.47 -13.66 10.97
N GLN A 1004 3.41 -12.45 10.39
CA GLN A 1004 4.13 -12.20 9.15
C GLN A 1004 5.64 -12.31 9.32
N LEU A 1005 6.13 -12.31 10.56
CA LEU A 1005 7.56 -12.45 10.81
C LEU A 1005 8.07 -13.85 10.52
N SER A 1006 7.18 -14.82 10.30
CA SER A 1006 7.57 -16.18 9.99
C SER A 1006 7.62 -16.46 8.49
N SER A 1007 7.38 -15.46 7.65
CA SER A 1007 7.36 -15.65 6.21
C SER A 1007 8.77 -15.50 5.65
N ASN A 1008 9.15 -16.43 4.77
CA ASN A 1008 10.49 -16.37 4.18
C ASN A 1008 10.61 -15.21 3.19
N PHE A 1009 9.53 -14.90 2.48
CA PHE A 1009 9.54 -13.85 1.45
C PHE A 1009 10.57 -14.15 0.37
N GLY A 1010 10.83 -15.44 0.12
CA GLY A 1010 11.80 -15.85 -0.87
C GLY A 1010 13.20 -16.05 -0.33
N ALA A 1011 13.47 -15.66 0.92
CA ALA A 1011 14.78 -15.88 1.51
C ALA A 1011 14.94 -17.34 1.92
N ILE A 1012 16.19 -17.73 2.17
CA ILE A 1012 16.46 -19.11 2.56
C ILE A 1012 15.75 -19.44 3.87
N SER A 1013 15.69 -18.47 4.79
CA SER A 1013 15.07 -18.68 6.08
C SER A 1013 14.39 -17.39 6.51
N SER A 1014 13.44 -17.51 7.42
CA SER A 1014 12.76 -16.37 8.01
C SER A 1014 13.44 -15.90 9.30
N VAL A 1015 14.58 -16.50 9.67
CA VAL A 1015 15.29 -16.15 10.89
C VAL A 1015 16.54 -15.38 10.50
N LEU A 1016 16.61 -14.13 10.94
CA LEU A 1016 17.75 -13.28 10.61
C LEU A 1016 19.03 -13.84 11.17
N ASN A 1017 18.99 -14.36 12.41
CA ASN A 1017 20.18 -14.94 13.00
C ASN A 1017 20.66 -16.14 12.20
N ASP A 1018 19.73 -16.99 11.74
CA ASP A 1018 20.12 -18.12 10.92
C ASP A 1018 20.74 -17.66 9.61
N ILE A 1019 20.16 -16.66 8.97
CA ILE A 1019 20.73 -16.16 7.72
C ILE A 1019 22.15 -15.64 7.96
N LEU A 1020 22.34 -14.89 9.05
CA LEU A 1020 23.64 -14.26 9.29
C LEU A 1020 24.69 -15.27 9.75
N SER A 1021 24.26 -16.37 10.38
CA SER A 1021 25.18 -17.37 10.89
C SER A 1021 25.54 -18.43 9.87
N ARG A 1022 24.98 -18.37 8.66
CA ARG A 1022 25.26 -19.33 7.61
C ARG A 1022 25.97 -18.72 6.42
N LEU A 1023 25.60 -17.52 6.01
CA LEU A 1023 26.11 -16.90 4.80
C LEU A 1023 27.13 -15.83 5.12
N ASP A 1024 28.05 -15.62 4.17
CA ASP A 1024 29.01 -14.54 4.27
C ASP A 1024 28.34 -13.21 3.93
N PRO A 1025 28.95 -12.09 4.35
CA PRO A 1025 28.31 -10.78 4.20
C PRO A 1025 27.72 -10.57 2.81
N PRO A 1026 28.50 -10.76 1.75
CA PRO A 1026 27.99 -10.40 0.41
C PRO A 1026 26.74 -11.14 0.01
N GLU A 1027 26.72 -12.47 0.14
CA GLU A 1027 25.55 -13.25 -0.26
C GLU A 1027 24.40 -13.14 0.74
N ALA A 1028 24.70 -12.84 2.01
CA ALA A 1028 23.63 -12.68 3.00
C ALA A 1028 22.81 -11.43 2.75
N GLU A 1029 23.37 -10.43 2.05
CA GLU A 1029 22.64 -9.19 1.82
C GLU A 1029 21.37 -9.43 1.02
N VAL A 1030 21.41 -10.36 0.07
CA VAL A 1030 20.24 -10.62 -0.75
C VAL A 1030 19.09 -11.15 0.09
N GLN A 1031 19.39 -12.14 0.95
CA GLN A 1031 18.35 -12.69 1.81
C GLN A 1031 17.84 -11.65 2.79
N ILE A 1032 18.75 -10.87 3.38
CA ILE A 1032 18.34 -9.83 4.31
C ILE A 1032 17.47 -8.81 3.61
N ASP A 1033 17.77 -8.49 2.35
CA ASP A 1033 16.97 -7.54 1.61
C ASP A 1033 15.58 -8.08 1.31
N ARG A 1034 15.49 -9.37 0.97
CA ARG A 1034 14.18 -9.97 0.76
C ARG A 1034 13.34 -9.89 2.03
N LEU A 1035 13.94 -10.23 3.17
CA LEU A 1035 13.22 -10.15 4.44
C LEU A 1035 12.82 -8.72 4.75
N ILE A 1036 13.72 -7.77 4.50
CA ILE A 1036 13.42 -6.36 4.77
C ILE A 1036 12.23 -5.92 3.93
N THR A 1037 12.24 -6.26 2.65
CA THR A 1037 11.14 -5.86 1.78
C THR A 1037 9.81 -6.44 2.28
N GLY A 1038 9.80 -7.73 2.59
CA GLY A 1038 8.56 -8.35 3.06
C GLY A 1038 8.06 -7.71 4.34
N ARG A 1039 8.94 -7.54 5.32
CA ARG A 1039 8.52 -7.03 6.61
C ARG A 1039 8.12 -5.56 6.53
N LEU A 1040 8.80 -4.78 5.70
CA LEU A 1040 8.42 -3.40 5.49
C LEU A 1040 7.05 -3.30 4.85
N GLN A 1041 6.76 -4.16 3.87
CA GLN A 1041 5.42 -4.17 3.28
C GLN A 1041 4.38 -4.54 4.32
N SER A 1042 4.66 -5.52 5.16
CA SER A 1042 3.72 -5.91 6.20
C SER A 1042 3.46 -4.74 7.15
N LEU A 1043 4.51 -4.06 7.58
CA LEU A 1043 4.34 -2.94 8.50
C LEU A 1043 3.54 -1.81 7.85
N GLN A 1044 3.81 -1.51 6.58
CA GLN A 1044 3.08 -0.45 5.90
C GLN A 1044 1.60 -0.79 5.78
N THR A 1045 1.30 -2.05 5.43
CA THR A 1045 -0.10 -2.46 5.36
C THR A 1045 -0.78 -2.33 6.72
N TYR A 1046 -0.10 -2.77 7.78
CA TYR A 1046 -0.67 -2.66 9.12
C TYR A 1046 -0.95 -1.21 9.47
N VAL A 1047 0.00 -0.31 9.18
CA VAL A 1047 -0.16 1.08 9.56
C VAL A 1047 -1.29 1.73 8.77
N THR A 1048 -1.42 1.40 7.48
CA THR A 1048 -2.53 1.95 6.71
C THR A 1048 -3.87 1.47 7.25
N GLN A 1049 -3.96 0.19 7.57
CA GLN A 1049 -5.20 -0.32 8.15
C GLN A 1049 -5.51 0.38 9.47
N GLN A 1050 -4.48 0.59 10.29
CA GLN A 1050 -4.68 1.27 11.57
C GLN A 1050 -5.14 2.70 11.36
N LEU A 1051 -4.59 3.40 10.36
CA LEU A 1051 -5.03 4.76 10.09
C LEU A 1051 -6.49 4.80 9.70
N ILE A 1052 -6.92 3.89 8.83
CA ILE A 1052 -8.32 3.87 8.41
C ILE A 1052 -9.22 3.56 9.61
N ARG A 1053 -8.83 2.57 10.41
CA ARG A 1053 -9.62 2.21 11.59
C ARG A 1053 -9.69 3.35 12.58
N ALA A 1054 -8.58 4.08 12.74
CA ALA A 1054 -8.57 5.22 13.65
C ALA A 1054 -9.47 6.33 13.15
N ALA A 1055 -9.52 6.55 11.84
CA ALA A 1055 -10.48 7.52 11.31
C ALA A 1055 -11.91 7.11 11.64
N GLU A 1056 -12.23 5.83 11.46
CA GLU A 1056 -13.58 5.37 11.78
C GLU A 1056 -13.88 5.55 13.27
N ILE A 1057 -12.93 5.21 14.12
CA ILE A 1057 -13.13 5.35 15.56
C ILE A 1057 -13.26 6.81 15.95
N ARG A 1058 -12.53 7.70 15.27
CA ARG A 1058 -12.66 9.13 15.53
C ARG A 1058 -14.05 9.62 15.16
N ALA A 1059 -14.58 9.15 14.04
CA ALA A 1059 -15.96 9.50 13.68
C ALA A 1059 -16.93 9.02 14.76
N SER A 1060 -16.74 7.79 15.23
CA SER A 1060 -17.62 7.26 16.27
C SER A 1060 -17.50 8.06 17.56
N ALA A 1061 -16.28 8.48 17.91
CA ALA A 1061 -16.07 9.26 19.13
C ALA A 1061 -16.68 10.64 19.01
N ASN A 1062 -16.60 11.25 17.82
CA ASN A 1062 -17.27 12.52 17.61
C ASN A 1062 -18.78 12.37 17.77
N LEU A 1063 -19.34 11.29 17.23
CA LEU A 1063 -20.76 11.04 17.42
C LEU A 1063 -21.09 10.86 18.89
N ALA A 1064 -20.23 10.14 19.63
CA ALA A 1064 -20.48 9.93 21.05
C ALA A 1064 -20.43 11.24 21.82
N ALA A 1065 -19.48 12.12 21.49
CA ALA A 1065 -19.40 13.42 22.14
C ALA A 1065 -20.63 14.25 21.84
N THR A 1066 -21.08 14.25 20.59
CA THR A 1066 -22.30 14.97 20.24
C THR A 1066 -23.49 14.42 21.01
N LYS A 1067 -23.58 13.10 21.13
CA LYS A 1067 -24.68 12.50 21.88
C LYS A 1067 -24.62 12.90 23.35
N MET A 1068 -23.42 12.87 23.93
CA MET A 1068 -23.28 13.31 25.32
C MET A 1068 -23.81 14.74 25.47
N SER A 1069 -23.32 15.65 24.64
CA SER A 1069 -23.71 17.05 24.77
C SER A 1069 -25.21 17.24 24.58
N GLU A 1070 -25.80 16.55 23.59
CA GLU A 1070 -27.15 16.86 23.18
C GLU A 1070 -28.22 16.03 23.88
N CYS A 1071 -27.86 14.90 24.49
CA CYS A 1071 -28.79 14.06 25.21
C CYS A 1071 -28.58 14.08 26.72
N VAL A 1072 -27.33 14.05 27.17
CA VAL A 1072 -27.07 14.06 28.61
C VAL A 1072 -27.12 15.48 29.16
N LEU A 1073 -26.52 16.44 28.45
CA LEU A 1073 -26.48 17.82 28.90
C LEU A 1073 -27.72 18.60 28.50
N GLY A 1074 -28.65 17.99 27.77
CA GLY A 1074 -29.87 18.68 27.39
C GLY A 1074 -30.90 17.69 26.89
N GLN A 1075 -32.04 18.23 26.50
CA GLN A 1075 -33.12 17.44 25.93
C GLN A 1075 -33.16 17.67 24.43
N SER A 1076 -33.08 16.59 23.66
CA SER A 1076 -32.93 16.68 22.22
C SER A 1076 -34.30 16.53 21.54
N LYS A 1077 -34.58 17.43 20.61
CA LYS A 1077 -35.76 17.34 19.78
C LYS A 1077 -35.51 16.56 18.49
N ARG A 1078 -34.27 16.17 18.24
CA ARG A 1078 -33.96 15.41 17.02
C ARG A 1078 -34.49 14.00 17.14
N VAL A 1079 -35.24 13.56 16.13
CA VAL A 1079 -35.94 12.29 16.21
C VAL A 1079 -34.93 11.15 16.11
N ASP A 1080 -35.08 10.16 16.99
CA ASP A 1080 -34.28 8.94 17.00
C ASP A 1080 -32.81 9.19 17.29
N PHE A 1081 -32.43 10.42 17.66
CA PHE A 1081 -31.05 10.68 18.01
C PHE A 1081 -30.73 10.10 19.38
N CYS A 1082 -31.46 10.52 20.41
CA CYS A 1082 -31.32 9.98 21.75
C CYS A 1082 -32.39 8.93 22.03
N GLY A 1083 -32.32 7.83 21.26
CA GLY A 1083 -33.23 6.72 21.47
C GLY A 1083 -34.54 6.86 20.72
N LYS A 1084 -35.35 5.81 20.82
CA LYS A 1084 -36.64 5.74 20.15
C LYS A 1084 -37.72 6.31 21.05
N GLY A 1085 -38.59 7.15 20.47
CA GLY A 1085 -39.62 7.82 21.23
C GLY A 1085 -39.24 9.26 21.54
N TYR A 1086 -40.14 9.92 22.25
CA TYR A 1086 -39.91 11.32 22.63
C TYR A 1086 -38.88 11.37 23.75
N HIS A 1087 -37.68 11.83 23.42
CA HIS A 1087 -36.58 11.81 24.38
C HIS A 1087 -36.91 12.65 25.61
N LEU A 1088 -36.60 12.10 26.78
CA LEU A 1088 -36.72 12.81 28.04
C LEU A 1088 -35.36 13.14 28.63
N MET A 1089 -34.52 12.14 28.87
CA MET A 1089 -33.19 12.37 29.41
C MET A 1089 -32.33 11.16 29.11
N SER A 1090 -31.02 11.37 29.17
CA SER A 1090 -30.05 10.32 28.93
C SER A 1090 -29.04 10.28 30.06
N PHE A 1091 -28.55 9.07 30.35
CA PHE A 1091 -27.57 8.85 31.40
C PHE A 1091 -26.34 8.18 30.82
N PRO A 1092 -25.14 8.72 31.05
CA PRO A 1092 -23.94 8.07 30.53
C PRO A 1092 -23.40 7.00 31.46
N GLN A 1093 -22.85 5.96 30.86
CA GLN A 1093 -22.15 4.90 31.58
C GLN A 1093 -20.85 4.60 30.85
N SER A 1094 -19.76 4.55 31.60
CA SER A 1094 -18.47 4.27 31.00
C SER A 1094 -18.32 2.77 30.74
N ALA A 1095 -17.75 2.44 29.60
CA ALA A 1095 -17.49 1.08 29.18
C ALA A 1095 -16.07 0.99 28.63
N PRO A 1096 -15.50 -0.20 28.57
CA PRO A 1096 -14.13 -0.33 28.06
C PRO A 1096 -14.02 0.19 26.63
N HIS A 1097 -13.21 1.24 26.47
CA HIS A 1097 -12.96 1.83 25.16
C HIS A 1097 -14.25 2.29 24.49
N GLY A 1098 -15.18 2.80 25.29
CA GLY A 1098 -16.45 3.24 24.75
C GLY A 1098 -17.31 3.88 25.81
N VAL A 1099 -18.55 4.18 25.43
CA VAL A 1099 -19.54 4.76 26.32
C VAL A 1099 -20.88 4.11 26.04
N VAL A 1100 -21.70 4.02 27.07
CA VAL A 1100 -23.04 3.46 26.98
C VAL A 1100 -24.03 4.51 27.44
N PHE A 1101 -25.03 4.81 26.61
CA PHE A 1101 -26.06 5.79 26.91
C PHE A 1101 -27.35 5.08 27.26
N LEU A 1102 -27.94 5.45 28.40
CA LEU A 1102 -29.26 4.97 28.79
C LEU A 1102 -30.25 6.06 28.44
N HIS A 1103 -30.87 5.95 27.26
CA HIS A 1103 -31.80 6.96 26.79
C HIS A 1103 -33.17 6.72 27.41
N VAL A 1104 -33.68 7.71 28.13
CA VAL A 1104 -35.02 7.65 28.72
C VAL A 1104 -35.96 8.39 27.78
N THR A 1105 -36.97 7.68 27.28
CA THR A 1105 -37.89 8.22 26.29
C THR A 1105 -39.32 8.01 26.73
N TYR A 1106 -40.20 8.85 26.20
CA TYR A 1106 -41.64 8.81 26.48
C TYR A 1106 -42.33 8.17 25.28
N VAL A 1107 -43.05 7.08 25.53
CA VAL A 1107 -43.70 6.31 24.48
C VAL A 1107 -45.19 6.29 24.75
N PRO A 1108 -46.02 6.84 23.86
CA PRO A 1108 -47.48 6.69 24.03
C PRO A 1108 -47.89 5.23 23.98
N ALA A 1109 -48.90 4.87 24.78
CA ALA A 1109 -49.20 3.47 25.06
C ALA A 1109 -50.55 3.02 24.50
N GLN A 1110 -51.65 3.66 24.90
CA GLN A 1110 -52.98 3.17 24.62
C GLN A 1110 -53.76 4.23 23.84
N GLU A 1111 -54.03 3.94 22.57
CA GLU A 1111 -54.62 4.92 21.65
C GLU A 1111 -56.08 4.58 21.38
N LYS A 1112 -56.93 5.60 21.46
CA LYS A 1112 -58.34 5.46 21.17
C LYS A 1112 -58.69 6.18 19.85
N ASN A 1113 -59.89 5.85 19.40
CA ASN A 1113 -60.83 6.27 18.37
C ASN A 1113 -61.62 7.54 18.83
N PHE A 1114 -61.43 8.67 18.11
CA PHE A 1114 -62.22 9.90 18.30
C PHE A 1114 -62.47 10.51 16.93
N THR A 1115 -63.63 11.14 16.77
CA THR A 1115 -63.90 11.94 15.59
C THR A 1115 -63.34 13.33 15.82
N THR A 1116 -62.68 13.88 14.80
CA THR A 1116 -61.97 15.13 14.94
C THR A 1116 -62.37 16.10 13.83
N ALA A 1117 -62.28 17.38 14.14
CA ALA A 1117 -62.57 18.44 13.19
C ALA A 1117 -61.46 19.48 13.24
N PRO A 1118 -61.16 20.14 12.11
CA PRO A 1118 -60.12 21.16 12.14
C PRO A 1118 -60.52 22.42 12.87
N ALA A 1119 -61.81 22.75 12.91
CA ALA A 1119 -62.27 23.97 13.56
C ALA A 1119 -63.72 23.77 13.98
N ILE A 1120 -64.18 24.67 14.86
CA ILE A 1120 -65.52 24.61 15.44
C ILE A 1120 -66.26 25.88 15.06
N CYS A 1121 -67.50 25.73 14.60
CA CYS A 1121 -68.37 26.84 14.27
C CYS A 1121 -69.31 27.11 15.43
N HIS A 1122 -69.27 28.32 15.98
CA HIS A 1122 -70.05 28.66 17.16
C HIS A 1122 -71.11 29.71 16.86
N ASP A 1123 -70.71 30.88 16.36
CA ASP A 1123 -71.62 32.01 16.17
C ASP A 1123 -71.33 32.68 14.83
N GLY A 1124 -71.17 31.87 13.80
CA GLY A 1124 -70.69 32.39 12.53
C GLY A 1124 -69.21 32.64 12.48
N LYS A 1125 -68.47 32.25 13.52
CA LYS A 1125 -67.04 32.40 13.60
C LYS A 1125 -66.39 31.02 13.66
N ALA A 1126 -65.17 30.93 13.14
CA ALA A 1126 -64.41 29.69 13.18
C ALA A 1126 -63.43 29.74 14.36
N HIS A 1127 -63.50 28.73 15.21
CA HIS A 1127 -62.63 28.61 16.38
C HIS A 1127 -61.61 27.51 16.14
N PHE A 1128 -60.34 27.81 16.38
CA PHE A 1128 -59.28 26.83 16.27
C PHE A 1128 -58.66 26.60 17.65
N PRO A 1129 -58.11 25.41 17.90
CA PRO A 1129 -57.49 25.16 19.21
C PRO A 1129 -56.20 25.95 19.37
N ARG A 1130 -56.02 26.52 20.57
CA ARG A 1130 -54.76 27.19 20.87
C ARG A 1130 -53.62 26.18 20.90
N GLU A 1131 -53.71 25.21 21.79
CA GLU A 1131 -52.76 24.10 21.85
C GLU A 1131 -53.58 22.82 22.03
N GLY A 1132 -53.58 21.96 21.02
CA GLY A 1132 -54.28 20.70 21.10
C GLY A 1132 -55.10 20.46 19.85
N VAL A 1133 -56.11 19.60 19.98
CA VAL A 1133 -56.92 19.17 18.85
C VAL A 1133 -58.34 18.93 19.33
N PHE A 1134 -59.30 19.20 18.47
CA PHE A 1134 -60.71 18.95 18.77
C PHE A 1134 -61.02 17.48 18.56
N VAL A 1135 -61.67 16.86 19.55
CA VAL A 1135 -62.07 15.47 19.46
C VAL A 1135 -63.51 15.33 19.94
N SER A 1136 -64.15 14.24 19.50
CA SER A 1136 -65.51 13.93 19.89
C SER A 1136 -65.61 12.46 20.25
N ASN A 1137 -66.28 12.17 21.35
CA ASN A 1137 -66.53 10.80 21.77
C ASN A 1137 -67.81 10.24 21.18
N GLY A 1138 -68.47 10.97 20.29
CA GLY A 1138 -69.67 10.51 19.65
C GLY A 1138 -70.81 11.51 19.74
N THR A 1139 -70.88 12.21 20.86
CA THR A 1139 -71.97 13.16 21.11
C THR A 1139 -71.47 14.54 21.51
N HIS A 1140 -70.39 14.62 22.28
CA HIS A 1140 -69.87 15.89 22.78
C HIS A 1140 -68.47 16.13 22.22
N TRP A 1141 -68.14 17.40 22.06
CA TRP A 1141 -66.86 17.82 21.52
C TRP A 1141 -65.97 18.38 22.62
N PHE A 1142 -64.70 18.01 22.59
CA PHE A 1142 -63.71 18.45 23.57
C PHE A 1142 -62.44 18.85 22.84
N VAL A 1143 -61.59 19.59 23.55
CA VAL A 1143 -60.27 19.98 23.05
C VAL A 1143 -59.23 19.38 23.99
N THR A 1144 -58.29 18.64 23.43
CA THR A 1144 -57.31 17.90 24.20
C THR A 1144 -55.91 18.14 23.66
N GLN A 1145 -54.93 17.96 24.54
CA GLN A 1145 -53.55 17.96 24.11
C GLN A 1145 -53.29 16.74 23.21
N ARG A 1146 -52.34 16.90 22.29
CA ARG A 1146 -52.21 15.94 21.20
C ARG A 1146 -51.60 14.61 21.67
N ASN A 1147 -50.73 14.65 22.68
CA ASN A 1147 -49.97 13.47 23.07
C ASN A 1147 -50.55 12.74 24.27
N PHE A 1148 -51.72 13.15 24.76
CA PHE A 1148 -52.32 12.53 25.93
C PHE A 1148 -53.80 12.91 25.96
N TYR A 1149 -54.67 11.92 26.03
CA TYR A 1149 -56.11 12.18 25.99
C TYR A 1149 -56.52 12.80 27.33
N GLU A 1150 -56.75 14.11 27.34
CA GLU A 1150 -57.23 14.83 28.50
C GLU A 1150 -58.34 15.76 28.04
N PRO A 1151 -59.53 15.22 27.77
CA PRO A 1151 -60.60 16.04 27.18
C PRO A 1151 -60.97 17.21 28.09
N GLN A 1152 -61.30 18.33 27.46
CA GLN A 1152 -61.71 19.52 28.18
C GLN A 1152 -62.80 20.24 27.40
N ILE A 1153 -63.60 21.02 28.12
CA ILE A 1153 -64.68 21.77 27.49
C ILE A 1153 -64.08 22.83 26.57
N ILE A 1154 -64.63 22.92 25.36
CA ILE A 1154 -64.18 23.94 24.42
C ILE A 1154 -64.70 25.29 24.88
N THR A 1155 -63.79 26.20 25.21
CA THR A 1155 -64.14 27.53 25.67
C THR A 1155 -63.39 28.55 24.84
N THR A 1156 -63.56 29.83 25.19
CA THR A 1156 -62.85 30.90 24.50
C THR A 1156 -61.40 31.00 24.93
N ASP A 1157 -60.98 30.24 25.94
CA ASP A 1157 -59.60 30.25 26.40
C ASP A 1157 -58.77 29.14 25.77
N ASN A 1158 -59.40 28.02 25.40
CA ASN A 1158 -58.70 26.95 24.69
C ASN A 1158 -58.56 27.23 23.20
N THR A 1159 -59.28 28.21 22.66
CA THR A 1159 -59.38 28.42 21.23
C THR A 1159 -59.16 29.88 20.90
N PHE A 1160 -58.94 30.14 19.61
CA PHE A 1160 -58.88 31.50 19.08
C PHE A 1160 -59.72 31.56 17.80
N VAL A 1161 -60.20 32.76 17.49
CA VAL A 1161 -61.10 32.97 16.36
C VAL A 1161 -60.30 33.44 15.16
N SER A 1162 -60.76 33.06 13.97
CA SER A 1162 -60.15 33.55 12.73
C SER A 1162 -61.15 33.37 11.60
N GLY A 1163 -61.65 34.48 11.06
CA GLY A 1163 -62.54 34.40 9.92
C GLY A 1163 -63.92 33.87 10.29
N ASN A 1164 -64.58 33.29 9.29
CA ASN A 1164 -65.94 32.79 9.45
C ASN A 1164 -66.04 31.33 9.05
N CYS A 1165 -67.26 30.82 8.94
CA CYS A 1165 -67.51 29.38 8.85
C CYS A 1165 -67.37 28.81 7.45
N ASP A 1166 -67.27 29.63 6.41
CA ASP A 1166 -67.44 29.16 5.04
C ASP A 1166 -66.11 29.06 4.28
N VAL A 1167 -65.01 28.81 4.98
CA VAL A 1167 -63.71 28.62 4.36
C VAL A 1167 -63.09 27.28 4.77
N VAL A 1168 -63.07 26.99 6.06
CA VAL A 1168 -62.41 25.79 6.56
C VAL A 1168 -63.15 24.56 6.05
N ILE A 1169 -62.41 23.59 5.53
CA ILE A 1169 -62.98 22.34 5.02
C ILE A 1169 -63.05 21.35 6.18
N GLY A 1170 -64.25 20.87 6.49
CA GLY A 1170 -64.45 19.96 7.58
C GLY A 1170 -64.89 20.60 8.88
N ILE A 1171 -65.24 21.89 8.87
CA ILE A 1171 -65.67 22.56 10.09
C ILE A 1171 -66.99 21.97 10.56
N VAL A 1172 -67.14 21.85 11.87
CA VAL A 1172 -68.33 21.24 12.48
C VAL A 1172 -68.99 22.24 13.42
N ASN A 1173 -70.31 22.17 13.49
CA ASN A 1173 -71.12 23.07 14.29
C ASN A 1173 -70.95 22.69 15.76
N ASN A 1174 -70.70 23.67 16.63
CA ASN A 1174 -70.69 23.29 18.04
C ASN A 1174 -70.60 24.54 18.91
N THR A 1175 -71.22 24.45 20.08
CA THR A 1175 -71.19 25.57 21.02
C THR A 1175 -69.82 25.75 21.63
N VAL A 1176 -69.40 26.99 21.81
CA VAL A 1176 -68.17 27.33 22.50
C VAL A 1176 -68.54 28.11 23.75
N TYR A 1177 -68.16 27.57 24.90
CA TYR A 1177 -68.59 28.11 26.18
C TYR A 1177 -67.75 29.33 26.56
N ASP A 1178 -68.42 30.41 26.96
CA ASP A 1178 -67.74 31.63 27.37
C ASP A 1178 -67.72 31.70 28.90
N PRO A 1179 -66.55 31.64 29.54
CA PRO A 1179 -66.55 31.59 31.02
C PRO A 1179 -67.23 32.78 31.68
N LEU A 1180 -67.19 33.96 31.06
CA LEU A 1180 -67.77 35.14 31.70
C LEU A 1180 -69.30 35.12 31.66
N GLN A 1181 -69.89 34.58 30.59
CA GLN A 1181 -71.34 34.67 30.43
C GLN A 1181 -72.11 34.11 31.61
N PRO A 1182 -71.83 32.89 32.10
CA PRO A 1182 -72.63 32.38 33.23
C PRO A 1182 -72.54 33.25 34.47
N GLU A 1183 -71.37 33.83 34.73
CA GLU A 1183 -71.24 34.72 35.88
C GLU A 1183 -72.11 35.96 35.70
N LEU A 1184 -72.09 36.54 34.49
CA LEU A 1184 -72.91 37.71 34.23
C LEU A 1184 -74.39 37.34 34.18
N ASP A 1185 -74.73 36.21 33.58
CA ASP A 1185 -76.12 35.79 33.51
C ASP A 1185 -76.69 35.57 34.90
N SER A 1186 -75.92 34.93 35.79
CA SER A 1186 -76.38 34.70 37.15
C SER A 1186 -76.62 36.01 37.87
N PHE A 1187 -75.74 36.99 37.68
CA PHE A 1187 -75.91 38.31 38.28
C PHE A 1187 -77.21 38.95 37.81
N ALA B 66 4.36 18.33 -55.64
CA ALA B 66 3.36 19.10 -54.89
C ALA B 66 3.14 18.48 -53.51
N TYR B 67 3.07 19.34 -52.49
CA TYR B 67 2.87 18.91 -51.10
C TYR B 67 1.37 18.81 -50.83
N THR B 68 0.80 17.66 -51.19
CA THR B 68 -0.59 17.40 -50.88
C THR B 68 -0.75 16.98 -49.42
N ASN B 69 -1.95 17.16 -48.89
CA ASN B 69 -2.25 16.90 -47.49
C ASN B 69 -3.39 15.91 -47.37
N SER B 70 -3.15 14.81 -46.66
CA SER B 70 -4.21 13.86 -46.36
C SER B 70 -5.11 14.42 -45.26
N PHE B 71 -6.29 13.81 -45.12
CA PHE B 71 -7.26 14.25 -44.12
C PHE B 71 -7.50 13.20 -43.06
N THR B 72 -7.92 11.99 -43.44
CA THR B 72 -8.17 10.93 -42.49
C THR B 72 -7.70 9.56 -43.01
N ARG B 73 -6.86 9.54 -44.03
CA ARG B 73 -6.42 8.29 -44.64
C ARG B 73 -5.23 7.73 -43.87
N GLY B 74 -4.81 6.53 -44.25
CA GLY B 74 -3.68 5.87 -43.62
C GLY B 74 -4.00 5.11 -42.36
N VAL B 75 -5.27 4.93 -42.02
CA VAL B 75 -5.67 4.17 -40.85
C VAL B 75 -5.84 2.72 -41.26
N TYR B 76 -5.10 1.84 -40.60
CA TYR B 76 -5.15 0.41 -40.86
C TYR B 76 -5.38 -0.33 -39.56
N TYR B 77 -5.89 -1.55 -39.67
CA TYR B 77 -6.13 -2.36 -38.48
C TYR B 77 -4.77 -2.76 -37.90
N PRO B 78 -4.44 -2.36 -36.67
CA PRO B 78 -3.10 -2.65 -36.15
C PRO B 78 -2.88 -4.12 -35.83
N ASP B 79 -3.94 -4.91 -35.67
CA ASP B 79 -3.80 -6.31 -35.31
C ASP B 79 -5.04 -7.06 -35.78
N LYS B 80 -5.01 -8.38 -35.59
CA LYS B 80 -6.09 -9.26 -36.01
C LYS B 80 -7.09 -9.53 -34.89
N VAL B 81 -7.22 -8.61 -33.95
CA VAL B 81 -8.13 -8.77 -32.82
C VAL B 81 -9.46 -8.13 -33.16
N PHE B 82 -10.54 -8.79 -32.78
CA PHE B 82 -11.90 -8.31 -33.03
C PHE B 82 -12.42 -7.59 -31.80
N ARG B 83 -12.91 -6.37 -32.00
CA ARG B 83 -13.47 -5.57 -30.92
C ARG B 83 -14.81 -4.98 -31.39
N SER B 84 -15.79 -4.98 -30.49
CA SER B 84 -17.14 -4.51 -30.81
C SER B 84 -17.53 -3.42 -29.83
N SER B 85 -17.89 -2.25 -30.36
CA SER B 85 -18.33 -1.12 -29.54
C SER B 85 -17.28 -0.77 -28.48
N VAL B 86 -16.03 -0.71 -28.91
CA VAL B 86 -14.91 -0.39 -28.04
C VAL B 86 -14.12 0.75 -28.65
N LEU B 87 -13.70 1.69 -27.81
CA LEU B 87 -12.81 2.77 -28.24
C LEU B 87 -11.38 2.42 -27.86
N HIS B 88 -10.81 1.49 -28.63
CA HIS B 88 -9.45 1.05 -28.38
C HIS B 88 -8.45 2.10 -28.82
N SER B 89 -7.35 2.20 -28.09
CA SER B 89 -6.27 3.14 -28.39
C SER B 89 -4.98 2.35 -28.58
N THR B 90 -4.29 2.64 -29.68
CA THR B 90 -3.09 1.91 -30.06
C THR B 90 -1.93 2.88 -30.30
N GLN B 91 -0.73 2.43 -29.95
CA GLN B 91 0.51 3.15 -30.22
C GLN B 91 1.23 2.36 -31.30
N ASP B 92 1.15 2.84 -32.54
CA ASP B 92 1.72 2.13 -33.67
C ASP B 92 2.08 3.14 -34.75
N LEU B 93 2.85 2.66 -35.74
CA LEU B 93 3.26 3.50 -36.86
C LEU B 93 2.03 3.88 -37.69
N PHE B 94 1.68 5.16 -37.69
CA PHE B 94 0.50 5.65 -38.38
C PHE B 94 0.86 6.87 -39.22
N LEU B 95 -0.03 7.19 -40.15
CA LEU B 95 0.12 8.41 -40.94
C LEU B 95 -0.58 9.56 -40.23
N PRO B 96 0.14 10.60 -39.81
CA PRO B 96 -0.52 11.65 -39.02
C PRO B 96 -1.65 12.32 -39.78
N PHE B 97 -2.70 12.66 -39.05
CA PHE B 97 -3.81 13.39 -39.66
C PHE B 97 -3.32 14.76 -40.14
N PHE B 98 -3.77 15.13 -41.35
CA PHE B 98 -3.47 16.45 -41.90
C PHE B 98 -1.97 16.69 -41.99
N SER B 99 -1.31 15.80 -42.74
CA SER B 99 0.12 15.88 -42.99
C SER B 99 0.35 16.00 -44.49
N ASN B 100 1.40 16.72 -44.87
CA ASN B 100 1.78 16.74 -46.28
C ASN B 100 2.19 15.35 -46.74
N VAL B 101 1.53 14.90 -47.80
CA VAL B 101 1.88 13.70 -48.54
C VAL B 101 2.33 14.15 -49.93
N THR B 102 3.56 13.77 -50.31
CA THR B 102 4.10 14.23 -51.58
C THR B 102 3.27 13.68 -52.74
N TRP B 103 3.20 14.48 -53.81
CA TRP B 103 2.42 14.14 -54.99
C TRP B 103 3.36 13.98 -56.19
N PHE B 104 3.20 12.90 -56.94
CA PHE B 104 4.06 12.60 -58.07
C PHE B 104 3.22 12.40 -59.32
N HIS B 105 3.80 12.75 -60.46
CA HIS B 105 3.16 12.59 -61.76
C HIS B 105 3.71 11.32 -62.43
N ALA B 106 2.81 10.42 -62.80
CA ALA B 106 3.20 9.13 -63.38
C ALA B 106 3.24 9.27 -64.89
N ILE B 107 4.44 9.49 -65.43
CA ILE B 107 4.63 9.59 -66.87
C ILE B 107 5.32 8.34 -67.39
N LYS B 116 10.30 11.85 -72.04
CA LYS B 116 11.20 12.94 -71.69
C LYS B 116 11.29 13.09 -70.17
N ARG B 117 10.16 13.41 -69.56
CA ARG B 117 10.07 13.61 -68.11
C ARG B 117 9.58 12.31 -67.48
N PHE B 118 10.50 11.55 -66.90
CA PHE B 118 10.18 10.28 -66.25
C PHE B 118 10.35 10.46 -64.75
N ASP B 119 9.23 10.53 -64.03
CA ASP B 119 9.24 10.72 -62.58
C ASP B 119 9.19 9.35 -61.91
N ASN B 120 10.36 8.73 -61.79
CA ASN B 120 10.52 7.45 -61.09
C ASN B 120 11.70 7.56 -60.13
N PRO B 121 11.56 8.35 -59.08
CA PRO B 121 12.67 8.57 -58.15
C PRO B 121 12.82 7.43 -57.17
N VAL B 122 13.98 7.40 -56.53
CA VAL B 122 14.31 6.38 -55.52
C VAL B 122 14.08 7.03 -54.16
N LEU B 123 12.87 6.90 -53.65
CA LEU B 123 12.51 7.53 -52.40
C LEU B 123 13.01 6.72 -51.21
N PRO B 124 13.22 7.37 -50.07
CA PRO B 124 13.63 6.62 -48.87
C PRO B 124 12.44 5.93 -48.21
N PHE B 125 12.75 4.91 -47.42
CA PHE B 125 11.76 4.11 -46.71
C PHE B 125 12.01 4.30 -45.22
N ASN B 126 11.41 5.35 -44.66
CA ASN B 126 11.61 5.69 -43.25
C ASN B 126 10.57 4.94 -42.42
N ASP B 127 10.98 3.79 -41.88
CA ASP B 127 10.20 3.01 -40.92
C ASP B 127 8.70 3.08 -41.22
N GLY B 128 8.36 2.85 -42.49
CA GLY B 128 6.97 2.83 -42.90
C GLY B 128 6.66 3.79 -44.02
N VAL B 129 5.79 3.38 -44.94
CA VAL B 129 5.38 4.21 -46.07
C VAL B 129 3.91 3.98 -46.33
N TYR B 130 3.19 5.06 -46.66
CA TYR B 130 1.79 4.99 -47.07
C TYR B 130 1.71 5.35 -48.54
N PHE B 131 1.27 4.40 -49.35
CA PHE B 131 1.19 4.56 -50.79
C PHE B 131 -0.26 4.52 -51.23
N ALA B 132 -0.72 5.58 -51.89
CA ALA B 132 -2.05 5.64 -52.46
C ALA B 132 -1.95 6.20 -53.87
N SER B 133 -2.78 5.68 -54.78
CA SER B 133 -2.73 6.10 -56.17
C SER B 133 -4.12 5.98 -56.77
N THR B 134 -4.32 6.73 -57.86
CA THR B 134 -5.58 6.69 -58.59
C THR B 134 -5.34 6.30 -60.04
N GLU B 135 -4.54 5.27 -60.26
CA GLU B 135 -4.19 4.78 -61.58
C GLU B 135 -5.12 3.64 -62.00
N LYS B 136 -5.00 3.24 -63.25
CA LYS B 136 -5.75 2.13 -63.81
C LYS B 136 -4.83 1.28 -64.68
N SER B 137 -5.18 0.01 -64.82
CA SER B 137 -4.40 -0.94 -65.61
C SER B 137 -3.00 -1.14 -65.04
N ASN B 138 -2.82 -0.84 -63.75
CA ASN B 138 -1.56 -1.09 -63.06
C ASN B 138 -0.41 -0.32 -63.71
N ILE B 139 -0.55 1.01 -63.74
CA ILE B 139 0.53 1.86 -64.23
C ILE B 139 1.76 1.71 -63.33
N ILE B 140 1.56 1.78 -62.03
CA ILE B 140 2.62 1.51 -61.06
C ILE B 140 2.52 0.03 -60.69
N ARG B 141 3.48 -0.77 -61.17
CA ARG B 141 3.36 -2.21 -61.06
C ARG B 141 3.67 -2.72 -59.66
N GLY B 142 4.89 -2.50 -59.20
CA GLY B 142 5.35 -3.02 -57.93
C GLY B 142 6.31 -2.07 -57.28
N TRP B 143 7.22 -2.62 -56.49
CA TRP B 143 8.13 -1.81 -55.71
C TRP B 143 9.44 -2.56 -55.50
N ILE B 144 10.49 -1.81 -55.20
CA ILE B 144 11.81 -2.35 -54.93
C ILE B 144 12.23 -1.90 -53.54
N PHE B 145 12.74 -2.83 -52.74
CA PHE B 145 13.17 -2.52 -51.38
C PHE B 145 14.56 -3.08 -51.15
N GLY B 146 15.36 -2.34 -50.41
CA GLY B 146 16.73 -2.76 -50.12
C GLY B 146 17.54 -1.60 -49.60
N THR B 147 18.82 -1.88 -49.35
CA THR B 147 19.77 -0.88 -48.88
C THR B 147 20.84 -0.52 -49.90
N THR B 148 21.09 -1.39 -50.88
CA THR B 148 22.02 -1.08 -51.96
C THR B 148 21.36 -1.13 -53.33
N LEU B 149 20.43 -2.07 -53.54
CA LEU B 149 19.68 -2.16 -54.79
C LEU B 149 20.62 -2.26 -55.99
N ASP B 150 21.69 -3.05 -55.84
CA ASP B 150 22.65 -3.25 -56.92
C ASP B 150 23.08 -4.71 -57.03
N SER B 151 22.30 -5.65 -56.50
CA SER B 151 22.58 -7.07 -56.49
C SER B 151 23.71 -7.44 -55.53
N LYS B 152 24.32 -6.47 -54.86
CA LYS B 152 25.31 -6.79 -53.84
C LYS B 152 24.68 -7.19 -52.51
N THR B 153 23.40 -6.90 -52.32
CA THR B 153 22.66 -7.30 -51.13
C THR B 153 21.26 -7.74 -51.55
N GLN B 154 20.70 -8.69 -50.79
CA GLN B 154 19.37 -9.19 -51.10
C GLN B 154 18.36 -8.05 -51.05
N SER B 155 17.51 -7.97 -52.08
CA SER B 155 16.52 -6.91 -52.20
C SER B 155 15.19 -7.50 -52.62
N LEU B 156 14.11 -6.99 -52.04
CA LEU B 156 12.77 -7.46 -52.37
C LEU B 156 12.35 -6.93 -53.74
N LEU B 157 11.34 -7.57 -54.31
CA LEU B 157 10.78 -7.17 -55.60
C LEU B 157 9.32 -7.58 -55.62
N ILE B 158 8.43 -6.62 -55.85
CA ILE B 158 6.99 -6.85 -55.72
C ILE B 158 6.32 -6.57 -57.06
N VAL B 159 7.01 -6.88 -58.15
CA VAL B 159 6.50 -6.55 -59.48
C VAL B 159 5.20 -7.30 -59.78
N ASN B 160 4.34 -6.67 -60.57
CA ASN B 160 3.10 -7.24 -61.05
C ASN B 160 2.91 -6.84 -62.51
N ASN B 161 2.17 -7.65 -63.27
CA ASN B 161 1.64 -7.19 -64.55
C ASN B 161 0.11 -7.21 -64.56
N ALA B 162 -0.51 -8.39 -64.52
CA ALA B 162 -1.96 -8.48 -64.35
C ALA B 162 -2.38 -9.68 -63.51
N THR B 163 -1.48 -10.65 -63.34
CA THR B 163 -1.85 -12.00 -62.91
C THR B 163 -1.66 -12.22 -61.42
N ASN B 164 -0.44 -12.03 -60.93
CA ASN B 164 -0.12 -12.36 -59.54
C ASN B 164 1.13 -11.64 -59.12
N VAL B 165 1.21 -11.32 -57.83
CA VAL B 165 2.40 -10.68 -57.28
C VAL B 165 3.46 -11.75 -57.06
N VAL B 166 4.70 -11.42 -57.38
CA VAL B 166 5.75 -12.42 -57.54
C VAL B 166 6.87 -12.18 -56.54
N ILE B 167 6.51 -11.83 -55.30
CA ILE B 167 7.46 -11.29 -54.33
C ILE B 167 8.75 -12.09 -54.44
N LYS B 168 9.88 -11.39 -54.61
CA LYS B 168 11.15 -12.00 -54.98
C LYS B 168 12.27 -11.30 -54.23
N VAL B 169 12.66 -11.85 -53.09
CA VAL B 169 13.79 -11.30 -52.31
C VAL B 169 15.03 -12.04 -52.79
N CYS B 170 15.61 -11.53 -53.87
CA CYS B 170 16.85 -12.06 -54.41
C CYS B 170 17.76 -10.89 -54.78
N GLU B 171 19.05 -11.17 -54.88
CA GLU B 171 20.00 -10.14 -55.28
C GLU B 171 19.85 -9.85 -56.77
N PHE B 172 18.70 -9.33 -57.17
CA PHE B 172 18.41 -9.09 -58.57
C PHE B 172 19.14 -7.84 -59.04
N GLN B 173 19.84 -7.95 -60.16
CA GLN B 173 20.52 -6.80 -60.74
C GLN B 173 19.49 -5.82 -61.27
N PHE B 174 19.62 -4.55 -60.87
CA PHE B 174 18.67 -3.50 -61.23
C PHE B 174 19.33 -2.58 -62.25
N CYS B 175 18.71 -2.45 -63.41
CA CYS B 175 19.18 -1.50 -64.40
C CYS B 175 18.87 -0.08 -63.96
N ASN B 176 19.68 0.87 -64.45
CA ASN B 176 19.46 2.27 -64.12
C ASN B 176 18.13 2.78 -64.64
N ASP B 177 17.57 2.14 -65.67
CA ASP B 177 16.28 2.51 -66.24
C ASP B 177 15.44 1.25 -66.42
N PRO B 178 14.96 0.66 -65.32
CA PRO B 178 14.18 -0.59 -65.41
C PRO B 178 12.68 -0.32 -65.60
N PHE B 179 12.32 0.15 -66.80
CA PHE B 179 10.94 0.44 -67.13
C PHE B 179 10.64 -0.09 -68.52
N LEU B 180 9.39 -0.48 -68.73
CA LEU B 180 9.02 -1.20 -69.95
C LEU B 180 9.02 -0.26 -71.16
N GLY B 181 8.45 0.92 -71.02
CA GLY B 181 8.40 1.86 -72.13
C GLY B 181 7.52 1.37 -73.26
N VAL B 182 6.22 1.27 -73.02
CA VAL B 182 5.25 0.82 -74.01
C VAL B 182 4.41 2.02 -74.41
N TYR B 183 4.43 2.36 -75.70
CA TYR B 183 3.60 3.43 -76.26
C TYR B 183 2.40 2.74 -76.90
N TYR B 184 1.38 2.49 -76.08
CA TYR B 184 0.23 1.68 -76.46
C TYR B 184 -1.00 2.57 -76.62
N HIS B 185 -1.72 2.37 -77.73
CA HIS B 185 -2.99 3.05 -77.96
C HIS B 185 -2.84 4.57 -77.84
N LYS B 186 -1.77 5.11 -78.43
CA LYS B 186 -1.54 6.54 -78.50
C LYS B 186 -1.60 7.06 -79.92
N ASN B 187 -0.77 6.54 -80.82
CA ASN B 187 -0.80 6.90 -82.23
C ASN B 187 -1.05 5.70 -83.13
N ASN B 188 -0.34 4.59 -82.93
CA ASN B 188 -0.49 3.41 -83.76
C ASN B 188 -1.71 2.58 -83.41
N LYS B 189 -2.37 2.87 -82.28
CA LYS B 189 -3.53 2.10 -81.84
C LYS B 189 -3.18 0.61 -81.72
N SER B 190 -2.01 0.33 -81.17
CA SER B 190 -1.58 -1.05 -80.94
C SER B 190 -0.64 -1.07 -79.74
N TRP B 191 -0.55 -2.25 -79.12
CA TRP B 191 0.32 -2.45 -77.95
C TRP B 191 1.67 -2.91 -78.44
N MET B 192 2.67 -2.03 -78.37
CA MET B 192 4.01 -2.30 -78.83
C MET B 192 5.01 -2.19 -77.67
N GLU B 193 5.95 -3.11 -77.62
CA GLU B 193 6.98 -3.15 -76.59
C GLU B 193 8.31 -2.75 -77.21
N SER B 194 8.77 -1.53 -76.89
CA SER B 194 10.03 -1.05 -77.45
C SER B 194 11.22 -1.76 -76.82
N GLU B 195 11.14 -2.04 -75.51
CA GLU B 195 12.24 -2.69 -74.81
C GLU B 195 11.67 -3.51 -73.66
N PHE B 196 12.51 -4.38 -73.11
CA PHE B 196 12.15 -5.26 -72.00
C PHE B 196 13.26 -5.25 -70.95
N ARG B 197 13.71 -4.05 -70.59
CA ARG B 197 14.82 -3.87 -69.65
C ARG B 197 14.34 -3.81 -68.20
N VAL B 198 13.12 -4.24 -67.92
CA VAL B 198 12.65 -4.30 -66.53
C VAL B 198 13.47 -5.31 -65.75
N TYR B 199 13.79 -6.44 -66.37
CA TYR B 199 14.58 -7.51 -65.75
C TYR B 199 15.96 -7.54 -66.38
N SER B 200 17.00 -7.57 -65.55
CA SER B 200 18.38 -7.59 -66.01
C SER B 200 19.03 -8.94 -65.77
N SER B 201 19.04 -9.42 -64.53
CA SER B 201 19.66 -10.70 -64.20
C SER B 201 19.41 -10.99 -62.74
N ALA B 202 19.43 -12.28 -62.40
CA ALA B 202 19.33 -12.74 -61.02
C ALA B 202 20.57 -13.60 -60.74
N ASN B 203 21.67 -12.94 -60.36
CA ASN B 203 22.89 -13.66 -60.05
C ASN B 203 22.73 -14.53 -58.81
N ASN B 204 22.02 -14.03 -57.81
CA ASN B 204 21.86 -14.70 -56.53
C ASN B 204 20.39 -14.68 -56.13
N CYS B 205 20.04 -15.55 -55.19
CA CYS B 205 18.68 -15.55 -54.64
C CYS B 205 18.64 -16.47 -53.44
N THR B 206 17.72 -16.18 -52.52
CA THR B 206 17.51 -16.99 -51.33
C THR B 206 16.06 -17.32 -51.04
N PHE B 207 15.10 -16.55 -51.53
CA PHE B 207 13.70 -16.80 -51.23
C PHE B 207 12.87 -16.12 -52.32
N GLU B 208 12.06 -16.90 -53.03
CA GLU B 208 11.15 -16.38 -54.04
C GLU B 208 9.75 -16.92 -53.74
N TYR B 209 8.77 -16.01 -53.72
CA TYR B 209 7.38 -16.40 -53.46
C TYR B 209 6.50 -15.85 -54.58
N VAL B 210 5.64 -16.70 -55.10
CA VAL B 210 4.72 -16.36 -56.19
C VAL B 210 3.32 -16.68 -55.74
N SER B 211 2.39 -15.75 -55.93
CA SER B 211 1.02 -15.91 -55.47
C SER B 211 0.14 -16.47 -56.59
N GLN B 212 -1.11 -16.74 -56.25
CA GLN B 212 -2.03 -17.35 -57.20
C GLN B 212 -2.30 -16.40 -58.36
N PRO B 213 -2.44 -16.91 -59.59
CA PRO B 213 -2.75 -16.02 -60.72
C PRO B 213 -4.17 -15.47 -60.66
N PHE B 214 -4.37 -14.43 -59.84
CA PHE B 214 -5.65 -13.76 -59.74
C PHE B 214 -5.76 -12.73 -60.87
N LEU B 215 -6.81 -11.92 -60.84
CA LEU B 215 -7.02 -10.90 -61.87
C LEU B 215 -7.84 -9.77 -61.25
N MET B 216 -7.19 -8.65 -60.95
CA MET B 216 -7.86 -7.50 -60.39
C MET B 216 -8.65 -6.78 -61.48
N ASP B 217 -9.41 -5.76 -61.07
CA ASP B 217 -10.20 -4.98 -62.01
C ASP B 217 -9.30 -4.04 -62.80
N LEU B 218 -8.43 -4.60 -63.63
CA LEU B 218 -7.47 -3.82 -64.40
C LEU B 218 -7.96 -3.51 -65.82
N GLU B 219 -9.20 -3.91 -66.16
CA GLU B 219 -9.71 -3.66 -67.49
C GLU B 219 -9.86 -2.16 -67.74
N GLY B 220 -9.71 -1.77 -69.00
CA GLY B 220 -9.80 -0.38 -69.38
C GLY B 220 -11.18 0.21 -69.20
N LYS B 221 -11.35 1.07 -68.18
CA LYS B 221 -12.60 1.78 -67.93
C LYS B 221 -12.23 3.17 -67.42
N GLN B 222 -12.16 4.12 -68.34
CA GLN B 222 -11.80 5.49 -67.98
C GLN B 222 -12.83 6.05 -67.01
N GLY B 223 -14.05 6.27 -67.50
CA GLY B 223 -15.17 6.67 -66.67
C GLY B 223 -14.80 7.64 -65.57
N ASN B 224 -15.17 7.29 -64.34
CA ASN B 224 -14.73 7.99 -63.14
C ASN B 224 -13.93 7.02 -62.30
N PHE B 225 -12.77 7.46 -61.82
CA PHE B 225 -11.86 6.55 -61.13
C PHE B 225 -12.51 5.97 -59.89
N LYS B 226 -12.39 4.65 -59.73
CA LYS B 226 -12.90 3.94 -58.56
C LYS B 226 -11.81 3.13 -57.88
N ASN B 227 -10.54 3.51 -58.07
CA ASN B 227 -9.41 2.72 -57.59
C ASN B 227 -8.46 3.64 -56.82
N LEU B 228 -8.62 3.66 -55.49
CA LEU B 228 -7.67 4.31 -54.59
C LEU B 228 -6.94 3.19 -53.86
N ARG B 229 -5.85 2.72 -54.47
CA ARG B 229 -5.10 1.57 -53.96
C ARG B 229 -4.19 2.05 -52.85
N GLU B 230 -4.79 2.27 -51.68
CA GLU B 230 -4.06 2.74 -50.51
C GLU B 230 -3.32 1.57 -49.88
N PHE B 231 -1.99 1.60 -49.94
CA PHE B 231 -1.14 0.57 -49.36
C PHE B 231 -0.34 1.13 -48.20
N VAL B 232 -0.02 0.26 -47.25
CA VAL B 232 0.87 0.59 -46.14
C VAL B 232 1.94 -0.49 -46.08
N PHE B 233 3.20 -0.08 -46.10
CA PHE B 233 4.33 -0.99 -46.08
C PHE B 233 5.11 -0.79 -44.80
N LYS B 234 5.38 -1.88 -44.10
CA LYS B 234 6.04 -1.84 -42.81
C LYS B 234 7.04 -2.98 -42.71
N ASN B 235 8.20 -2.70 -42.11
CA ASN B 235 9.26 -3.69 -41.93
C ASN B 235 9.75 -3.58 -40.48
N ILE B 236 9.29 -4.49 -39.63
CA ILE B 236 9.61 -4.48 -38.22
C ILE B 236 10.06 -5.88 -37.80
N ASP B 237 11.06 -5.94 -36.91
CA ASP B 237 11.56 -7.20 -36.36
C ASP B 237 11.76 -8.23 -37.46
N GLY B 238 12.29 -7.79 -38.59
CA GLY B 238 12.53 -8.69 -39.70
C GLY B 238 11.29 -9.21 -40.38
N TYR B 239 10.15 -8.56 -40.16
CA TYR B 239 8.87 -8.99 -40.73
C TYR B 239 8.32 -7.88 -41.59
N PHE B 240 7.87 -8.22 -42.80
CA PHE B 240 7.33 -7.24 -43.74
C PHE B 240 5.82 -7.40 -43.79
N LYS B 241 5.11 -6.31 -43.51
CA LYS B 241 3.65 -6.29 -43.48
C LYS B 241 3.12 -5.33 -44.54
N ILE B 242 2.10 -5.78 -45.26
CA ILE B 242 1.46 -4.97 -46.30
C ILE B 242 -0.03 -4.90 -45.98
N TYR B 243 -0.53 -3.69 -45.76
CA TYR B 243 -1.95 -3.44 -45.61
C TYR B 243 -2.48 -2.75 -46.85
N SER B 244 -3.73 -3.01 -47.19
CA SER B 244 -4.30 -2.47 -48.41
C SER B 244 -5.81 -2.42 -48.30
N LYS B 245 -6.43 -1.64 -49.17
CA LYS B 245 -7.89 -1.57 -49.24
C LYS B 245 -8.32 -0.92 -50.54
N HIS B 246 -9.25 -1.56 -51.25
CA HIS B 246 -9.77 -1.05 -52.51
C HIS B 246 -10.96 -0.16 -52.19
N THR B 247 -10.74 1.16 -52.30
CA THR B 247 -11.76 2.14 -51.92
C THR B 247 -12.27 2.87 -53.15
N PRO B 248 -13.47 2.55 -53.65
CA PRO B 248 -14.03 3.35 -54.75
C PRO B 248 -14.34 4.77 -54.30
N ILE B 249 -14.20 5.71 -55.24
CA ILE B 249 -14.43 7.11 -54.99
C ILE B 249 -15.28 7.67 -56.13
N ASN B 250 -15.59 8.96 -56.05
CA ASN B 250 -16.43 9.62 -57.03
C ASN B 250 -15.78 10.82 -57.70
N LEU B 251 -14.60 11.26 -57.23
CA LEU B 251 -13.92 12.42 -57.79
C LEU B 251 -12.51 12.02 -58.20
N VAL B 252 -12.16 12.34 -59.45
CA VAL B 252 -10.81 12.06 -59.96
C VAL B 252 -9.78 13.07 -59.49
N ARG B 253 -10.21 14.09 -58.76
CA ARG B 253 -9.31 15.15 -58.30
C ARG B 253 -8.53 14.66 -57.09
N ASP B 254 -7.88 15.60 -56.39
CA ASP B 254 -7.03 15.29 -55.25
C ASP B 254 -7.75 14.42 -54.23
N LEU B 255 -6.98 13.80 -53.32
CA LEU B 255 -7.46 12.89 -52.30
C LEU B 255 -8.78 13.37 -51.70
N PRO B 256 -9.77 12.48 -51.51
CA PRO B 256 -11.08 12.94 -51.06
C PRO B 256 -11.22 13.01 -49.55
N GLN B 257 -12.41 13.37 -49.08
CA GLN B 257 -12.72 13.44 -47.65
C GLN B 257 -13.56 12.23 -47.28
N GLY B 258 -13.06 11.45 -46.32
CA GLY B 258 -13.75 10.25 -45.89
C GLY B 258 -12.83 9.40 -45.05
N PHE B 259 -13.42 8.35 -44.48
CA PHE B 259 -12.70 7.42 -43.62
C PHE B 259 -12.89 6.00 -44.10
N SER B 260 -11.80 5.25 -44.17
CA SER B 260 -11.84 3.84 -44.56
C SER B 260 -10.56 3.18 -44.06
N ALA B 261 -10.72 2.11 -43.29
CA ALA B 261 -9.56 1.41 -42.74
C ALA B 261 -9.01 0.40 -43.74
N LEU B 262 -7.72 0.13 -43.63
CA LEU B 262 -7.02 -0.77 -44.54
C LEU B 262 -6.82 -2.12 -43.85
N GLU B 263 -7.31 -3.19 -44.48
CA GLU B 263 -7.11 -4.53 -43.95
C GLU B 263 -5.73 -5.07 -44.34
N PRO B 264 -5.18 -5.98 -43.55
CA PRO B 264 -3.92 -6.62 -43.96
C PRO B 264 -4.12 -7.46 -45.21
N LEU B 265 -3.12 -7.47 -46.08
CA LEU B 265 -3.18 -8.23 -47.32
C LEU B 265 -2.11 -9.30 -47.41
N VAL B 266 -0.84 -8.95 -47.20
CA VAL B 266 0.27 -9.88 -47.32
C VAL B 266 1.11 -9.79 -46.05
N ASP B 267 1.68 -10.92 -45.66
CA ASP B 267 2.44 -11.03 -44.42
C ASP B 267 3.61 -11.96 -44.68
N LEU B 268 4.84 -11.43 -44.64
CA LEU B 268 6.00 -12.19 -45.05
C LEU B 268 7.13 -12.10 -44.02
N PRO B 269 7.80 -13.23 -43.72
CA PRO B 269 8.98 -13.20 -42.83
C PRO B 269 10.29 -13.01 -43.59
N ILE B 270 10.44 -11.85 -44.23
CA ILE B 270 11.61 -11.64 -45.09
C ILE B 270 12.87 -11.54 -44.23
N GLY B 271 12.85 -10.72 -43.18
CA GLY B 271 13.98 -10.56 -42.30
C GLY B 271 15.01 -9.56 -42.74
N ILE B 272 14.85 -8.97 -43.93
CA ILE B 272 15.93 -8.23 -44.59
C ILE B 272 16.07 -6.78 -44.15
N ASN B 273 17.08 -6.13 -44.73
CA ASN B 273 17.66 -4.90 -44.23
C ASN B 273 17.13 -3.85 -45.21
N ILE B 274 16.32 -2.88 -44.78
CA ILE B 274 15.78 -1.90 -45.74
C ILE B 274 16.03 -0.48 -45.26
N THR B 275 16.50 0.36 -46.19
CA THR B 275 16.70 1.79 -45.96
C THR B 275 16.28 2.64 -47.17
N ARG B 276 15.73 2.03 -48.22
CA ARG B 276 15.39 2.75 -49.44
C ARG B 276 14.44 1.93 -50.30
N PHE B 277 13.39 2.56 -50.83
CA PHE B 277 12.41 1.86 -51.65
C PHE B 277 12.15 2.63 -52.94
N GLN B 278 11.79 1.89 -53.98
CA GLN B 278 11.55 2.45 -55.31
C GLN B 278 10.30 1.80 -55.89
N THR B 279 9.58 2.56 -56.71
CA THR B 279 8.40 2.07 -57.41
C THR B 279 8.76 1.67 -58.83
N LEU B 280 7.84 0.95 -59.47
CA LEU B 280 8.02 0.47 -60.83
C LEU B 280 6.93 1.03 -61.72
N LEU B 281 7.32 1.48 -62.92
CA LEU B 281 6.41 2.09 -63.88
C LEU B 281 6.61 1.44 -65.24
N ALA B 282 5.51 1.17 -65.93
CA ALA B 282 5.54 0.53 -67.24
C ALA B 282 5.42 1.53 -68.38
N LEU B 283 5.45 2.83 -68.09
CA LEU B 283 5.29 3.85 -69.12
C LEU B 283 6.08 5.09 -68.78
N SER B 293 9.78 9.71 -79.98
CA SER B 293 9.82 9.29 -78.59
C SER B 293 9.50 10.46 -77.66
N SER B 294 10.44 11.40 -77.55
CA SER B 294 10.27 12.57 -76.71
C SER B 294 9.62 13.75 -77.42
N SER B 295 9.44 13.67 -78.73
CA SER B 295 8.85 14.75 -79.51
C SER B 295 7.35 14.55 -79.60
N GLY B 296 6.59 15.53 -79.11
CA GLY B 296 5.14 15.42 -79.13
C GLY B 296 4.62 14.25 -78.34
N TRP B 297 5.22 13.99 -77.17
CA TRP B 297 4.84 12.85 -76.34
C TRP B 297 3.72 13.26 -75.40
N THR B 298 2.61 12.51 -75.43
CA THR B 298 1.46 12.81 -74.59
C THR B 298 1.70 12.23 -73.20
N ALA B 299 1.84 13.11 -72.21
CA ALA B 299 2.10 12.66 -70.85
C ALA B 299 0.90 11.91 -70.30
N GLY B 300 1.16 10.81 -69.61
CA GLY B 300 0.09 10.03 -69.02
C GLY B 300 -0.59 10.78 -67.90
N ALA B 301 -1.88 10.48 -67.71
CA ALA B 301 -2.70 11.13 -66.69
C ALA B 301 -2.84 10.16 -65.51
N ALA B 302 -1.83 10.17 -64.65
CA ALA B 302 -1.86 9.35 -63.45
C ALA B 302 -0.90 9.94 -62.43
N ALA B 303 -1.19 9.70 -61.15
CA ALA B 303 -0.39 10.24 -60.06
C ALA B 303 -0.51 9.32 -58.86
N TYR B 304 0.57 9.23 -58.09
CA TYR B 304 0.61 8.41 -56.89
C TYR B 304 1.14 9.23 -55.72
N TYR B 305 0.56 9.03 -54.55
CA TYR B 305 0.94 9.72 -53.34
C TYR B 305 1.82 8.82 -52.48
N VAL B 306 2.74 9.43 -51.74
CA VAL B 306 3.69 8.71 -50.89
C VAL B 306 3.66 9.38 -49.52
N GLY B 307 2.84 8.85 -48.61
CA GLY B 307 2.83 9.33 -47.25
C GLY B 307 3.76 8.51 -46.37
N TYR B 308 4.18 9.12 -45.27
CA TYR B 308 5.15 8.50 -44.36
C TYR B 308 4.50 8.19 -43.02
N LEU B 309 4.92 7.10 -42.40
CA LEU B 309 4.39 6.64 -41.14
C LEU B 309 5.39 6.93 -40.03
N GLN B 310 4.89 7.48 -38.92
CA GLN B 310 5.69 7.75 -37.74
C GLN B 310 4.98 7.20 -36.51
N PRO B 311 5.72 6.90 -35.45
CA PRO B 311 5.07 6.37 -34.23
C PRO B 311 4.13 7.40 -33.64
N ARG B 312 2.84 7.06 -33.62
CA ARG B 312 1.81 7.93 -33.07
C ARG B 312 0.78 7.09 -32.35
N THR B 313 0.11 7.72 -31.39
CA THR B 313 -0.96 7.08 -30.63
C THR B 313 -2.30 7.50 -31.20
N PHE B 314 -3.11 6.52 -31.56
CA PHE B 314 -4.43 6.76 -32.15
C PHE B 314 -5.50 6.13 -31.27
N LEU B 315 -6.67 6.75 -31.26
CA LEU B 315 -7.85 6.20 -30.61
C LEU B 315 -8.79 5.70 -31.70
N LEU B 316 -8.86 4.38 -31.87
CA LEU B 316 -9.66 3.77 -32.92
C LEU B 316 -11.03 3.42 -32.37
N LYS B 317 -12.08 3.86 -33.07
CA LYS B 317 -13.45 3.57 -32.67
C LYS B 317 -13.87 2.28 -33.33
N TYR B 318 -13.53 1.16 -32.69
CA TYR B 318 -14.05 -0.12 -33.14
C TYR B 318 -15.57 -0.12 -33.03
N ASN B 319 -16.24 -0.57 -34.08
CA ASN B 319 -17.61 -0.17 -34.36
C ASN B 319 -18.24 -1.39 -35.04
N GLU B 320 -19.31 -1.15 -35.81
CA GLU B 320 -20.14 -2.23 -36.35
C GLU B 320 -19.31 -3.44 -36.76
N ASN B 321 -19.56 -4.55 -36.08
CA ASN B 321 -18.96 -5.86 -36.41
C ASN B 321 -17.45 -5.74 -36.61
N GLY B 322 -16.80 -5.02 -35.71
CA GLY B 322 -15.36 -4.98 -35.66
C GLY B 322 -14.70 -4.12 -36.72
N THR B 323 -15.44 -3.25 -37.39
CA THR B 323 -14.88 -2.39 -38.42
C THR B 323 -14.58 -1.02 -37.83
N ILE B 324 -13.32 -0.60 -37.94
CA ILE B 324 -12.91 0.72 -37.46
C ILE B 324 -13.64 1.77 -38.27
N THR B 325 -14.56 2.49 -37.63
CA THR B 325 -15.38 3.48 -38.31
C THR B 325 -14.87 4.90 -38.15
N ASP B 326 -14.12 5.18 -37.08
CA ASP B 326 -13.57 6.51 -36.87
C ASP B 326 -12.29 6.39 -36.05
N ALA B 327 -11.50 7.46 -36.06
CA ALA B 327 -10.25 7.49 -35.33
C ALA B 327 -9.96 8.91 -34.89
N VAL B 328 -9.11 9.04 -33.88
CA VAL B 328 -8.67 10.33 -33.36
C VAL B 328 -7.15 10.30 -33.24
N ASP B 329 -6.50 11.32 -33.78
CA ASP B 329 -5.06 11.47 -33.67
C ASP B 329 -4.75 12.16 -32.34
N CYS B 330 -4.26 11.40 -31.37
CA CYS B 330 -4.10 11.91 -30.01
C CYS B 330 -3.02 12.95 -29.88
N ALA B 331 -2.37 13.36 -30.98
CA ALA B 331 -1.37 14.42 -30.93
C ALA B 331 -1.63 15.50 -31.98
N LEU B 332 -2.79 15.48 -32.63
CA LEU B 332 -3.07 16.48 -33.66
C LEU B 332 -3.31 17.85 -33.05
N ASP B 333 -4.14 17.92 -32.01
CA ASP B 333 -4.54 19.20 -31.44
C ASP B 333 -5.03 18.96 -30.02
N PRO B 334 -5.19 20.01 -29.21
CA PRO B 334 -5.61 19.81 -27.82
C PRO B 334 -6.94 19.10 -27.68
N LEU B 335 -7.89 19.36 -28.59
CA LEU B 335 -9.17 18.67 -28.51
C LEU B 335 -9.00 17.17 -28.69
N SER B 336 -8.19 16.76 -29.68
CA SER B 336 -7.94 15.33 -29.88
C SER B 336 -7.19 14.74 -28.69
N GLU B 337 -6.27 15.50 -28.11
CA GLU B 337 -5.58 15.02 -26.92
C GLU B 337 -6.56 14.79 -25.77
N THR B 338 -7.50 15.72 -25.60
CA THR B 338 -8.53 15.54 -24.57
C THR B 338 -9.39 14.32 -24.85
N LYS B 339 -9.78 14.12 -26.10
CA LYS B 339 -10.57 12.95 -26.45
C LYS B 339 -9.81 11.67 -26.12
N CYS B 340 -8.52 11.62 -26.46
CA CYS B 340 -7.71 10.44 -26.15
C CYS B 340 -7.60 10.24 -24.65
N THR B 341 -7.41 11.32 -23.88
CA THR B 341 -7.29 11.19 -22.44
C THR B 341 -8.57 10.65 -21.83
N LEU B 342 -9.72 11.13 -22.28
CA LEU B 342 -10.99 10.66 -21.77
C LEU B 342 -11.45 9.34 -22.40
N LYS B 343 -10.74 8.85 -23.41
CA LYS B 343 -11.13 7.62 -24.10
C LYS B 343 -12.57 7.71 -24.61
N SER B 344 -12.92 8.87 -25.14
CA SER B 344 -14.25 9.11 -25.68
C SER B 344 -14.16 10.03 -26.88
N PHE B 345 -15.10 9.87 -27.80
CA PHE B 345 -15.18 10.73 -28.97
C PHE B 345 -16.01 11.99 -28.72
N THR B 346 -16.69 12.07 -27.58
CA THR B 346 -17.45 13.24 -27.18
C THR B 346 -16.98 13.68 -25.80
N VAL B 347 -16.84 15.00 -25.63
CA VAL B 347 -16.30 15.59 -24.41
C VAL B 347 -17.33 16.55 -23.85
N GLU B 348 -17.63 16.42 -22.56
CA GLU B 348 -18.55 17.33 -21.91
C GLU B 348 -17.83 18.61 -21.49
N LYS B 349 -18.62 19.65 -21.22
CA LYS B 349 -18.05 20.93 -20.83
C LYS B 349 -17.22 20.78 -19.56
N GLY B 350 -16.04 21.38 -19.57
CA GLY B 350 -15.18 21.35 -18.41
C GLY B 350 -13.74 21.64 -18.80
N ILE B 351 -12.86 21.44 -17.83
CA ILE B 351 -11.42 21.62 -18.00
C ILE B 351 -10.76 20.29 -17.64
N TYR B 352 -9.90 19.80 -18.52
CA TYR B 352 -9.33 18.46 -18.39
C TYR B 352 -7.81 18.55 -18.43
N GLN B 353 -7.17 17.86 -17.48
CA GLN B 353 -5.72 17.78 -17.47
C GLN B 353 -5.24 16.86 -18.58
N THR B 354 -4.10 17.21 -19.18
CA THR B 354 -3.53 16.44 -20.27
C THR B 354 -2.02 16.39 -20.07
N SER B 355 -1.29 15.97 -21.10
CA SER B 355 0.15 15.83 -21.00
C SER B 355 0.79 17.04 -20.34
N ASN B 356 1.81 16.79 -19.54
CA ASN B 356 2.52 17.86 -18.87
C ASN B 356 3.40 18.63 -19.85
N PHE B 357 3.66 19.89 -19.52
CA PHE B 357 4.49 20.76 -20.32
C PHE B 357 5.91 20.78 -19.77
N ARG B 358 6.89 20.75 -20.66
CA ARG B 358 8.29 20.72 -20.25
C ARG B 358 9.12 21.46 -21.29
N VAL B 359 9.87 22.45 -20.84
CA VAL B 359 10.74 23.21 -21.72
C VAL B 359 11.96 22.35 -22.06
N GLN B 360 12.17 22.12 -23.35
CA GLN B 360 13.29 21.28 -23.76
C GLN B 360 14.59 22.08 -23.76
N PRO B 361 15.72 21.40 -23.58
CA PRO B 361 17.00 22.13 -23.54
C PRO B 361 17.44 22.56 -24.93
N THR B 362 17.76 23.85 -25.06
CA THR B 362 18.16 24.38 -26.36
C THR B 362 19.47 23.76 -26.83
N GLU B 363 20.45 23.62 -25.93
CA GLU B 363 21.75 23.11 -26.32
C GLU B 363 22.43 22.52 -25.09
N SER B 364 23.47 21.71 -25.35
CA SER B 364 24.23 21.05 -24.32
C SER B 364 25.60 21.70 -24.19
N ILE B 365 26.03 21.93 -22.95
CA ILE B 365 27.32 22.55 -22.66
C ILE B 365 28.11 21.63 -21.75
N VAL B 366 29.43 21.58 -21.99
CA VAL B 366 30.34 20.76 -21.21
C VAL B 366 31.43 21.66 -20.65
N ARG B 367 31.75 21.49 -19.36
CA ARG B 367 32.76 22.30 -18.69
C ARG B 367 33.68 21.37 -17.91
N PHE B 368 34.92 21.24 -18.38
CA PHE B 368 35.95 20.43 -17.74
C PHE B 368 37.15 21.31 -17.39
N PRO B 369 38.01 20.86 -16.48
CA PRO B 369 39.18 21.65 -16.12
C PRO B 369 40.13 21.82 -17.30
N ASN B 370 41.16 22.63 -17.09
CA ASN B 370 42.18 22.91 -18.11
C ASN B 370 43.39 22.02 -17.83
N ILE B 371 43.28 20.75 -18.22
CA ILE B 371 44.34 19.77 -18.09
C ILE B 371 44.77 19.35 -19.48
N THR B 372 46.07 19.15 -19.66
CA THR B 372 46.63 18.70 -20.93
C THR B 372 47.49 17.45 -20.80
N ASN B 373 48.26 17.33 -19.72
CA ASN B 373 49.17 16.20 -19.59
C ASN B 373 48.39 14.89 -19.51
N LEU B 374 48.90 13.88 -20.22
CA LEU B 374 48.31 12.55 -20.20
C LEU B 374 48.72 11.80 -18.95
N CYS B 375 47.95 10.77 -18.63
CA CYS B 375 48.22 9.95 -17.45
C CYS B 375 49.32 8.93 -17.76
N PRO B 376 50.02 8.44 -16.71
CA PRO B 376 51.11 7.46 -16.90
C PRO B 376 50.62 6.03 -17.11
N PHE B 377 49.61 5.87 -17.98
CA PHE B 377 49.15 4.53 -18.30
C PHE B 377 50.24 3.71 -18.98
N GLY B 378 50.98 4.33 -19.91
CA GLY B 378 52.09 3.64 -20.53
C GLY B 378 53.16 3.28 -19.51
N GLU B 379 53.43 4.17 -18.57
CA GLU B 379 54.44 3.90 -17.55
C GLU B 379 54.03 2.73 -16.66
N VAL B 380 52.75 2.64 -16.31
CA VAL B 380 52.30 1.64 -15.34
C VAL B 380 51.92 0.30 -15.96
N PHE B 381 51.51 0.28 -17.23
CA PHE B 381 51.02 -0.94 -17.85
C PHE B 381 52.14 -1.77 -18.45
N ASN B 382 52.90 -1.18 -19.38
CA ASN B 382 53.92 -1.90 -20.14
C ASN B 382 55.28 -1.91 -19.44
N ALA B 383 55.30 -1.77 -18.12
CA ALA B 383 56.55 -1.69 -17.39
C ALA B 383 57.29 -3.03 -17.42
N THR B 384 58.58 -2.98 -17.08
CA THR B 384 59.43 -4.16 -17.15
C THR B 384 59.23 -5.07 -15.95
N ARG B 385 59.25 -4.51 -14.74
CA ARG B 385 59.20 -5.29 -13.51
C ARG B 385 57.82 -5.17 -12.88
N PHE B 386 57.23 -6.32 -12.52
CA PHE B 386 55.94 -6.39 -11.86
C PHE B 386 56.12 -6.96 -10.47
N ALA B 387 55.53 -6.30 -9.48
CA ALA B 387 55.67 -6.76 -8.10
C ALA B 387 54.89 -8.05 -7.87
N SER B 388 55.27 -8.77 -6.82
CA SER B 388 54.60 -10.01 -6.47
C SER B 388 53.20 -9.73 -5.94
N VAL B 389 52.32 -10.73 -6.08
CA VAL B 389 50.94 -10.57 -5.67
C VAL B 389 50.84 -10.27 -4.18
N TYR B 390 51.65 -10.95 -3.37
CA TYR B 390 51.65 -10.68 -1.94
C TYR B 390 52.19 -9.30 -1.61
N ALA B 391 53.02 -8.73 -2.49
CA ALA B 391 53.57 -7.40 -2.29
C ALA B 391 53.16 -6.50 -3.44
N TRP B 392 51.88 -6.55 -3.82
CA TRP B 392 51.40 -5.79 -4.96
C TRP B 392 51.73 -4.31 -4.79
N ASN B 393 52.27 -3.72 -5.85
CA ASN B 393 52.65 -2.31 -5.84
C ASN B 393 51.48 -1.46 -6.31
N ARG B 394 51.22 -0.37 -5.59
CA ARG B 394 50.12 0.54 -5.89
C ARG B 394 50.68 1.85 -6.42
N LYS B 395 50.16 2.30 -7.56
CA LYS B 395 50.58 3.53 -8.19
C LYS B 395 49.44 4.54 -8.15
N ARG B 396 49.78 5.81 -7.97
CA ARG B 396 48.81 6.88 -7.85
C ARG B 396 48.74 7.64 -9.17
N ILE B 397 47.51 7.84 -9.67
CA ILE B 397 47.27 8.59 -10.90
C ILE B 397 46.36 9.76 -10.57
N SER B 398 46.79 10.96 -10.98
CA SER B 398 46.00 12.16 -10.71
C SER B 398 46.53 13.29 -11.59
N ASN B 399 45.73 14.35 -11.68
CA ASN B 399 46.11 15.57 -12.39
C ASN B 399 46.56 15.25 -13.82
N CYS B 400 45.70 14.54 -14.54
CA CYS B 400 45.98 14.19 -15.92
C CYS B 400 44.67 13.85 -16.62
N VAL B 401 44.71 13.83 -17.94
CA VAL B 401 43.59 13.38 -18.76
C VAL B 401 43.84 11.93 -19.14
N ALA B 402 42.88 11.07 -18.82
CA ALA B 402 43.00 9.64 -19.06
C ALA B 402 42.19 9.27 -20.28
N ASP B 403 42.84 8.67 -21.27
CA ASP B 403 42.18 8.20 -22.48
C ASP B 403 42.05 6.68 -22.39
N TYR B 404 40.99 6.24 -21.71
CA TYR B 404 40.76 4.81 -21.56
C TYR B 404 40.35 4.14 -22.87
N SER B 405 39.98 4.93 -23.88
CA SER B 405 39.61 4.36 -25.17
C SER B 405 40.71 3.47 -25.71
N VAL B 406 41.93 4.00 -25.77
CA VAL B 406 43.06 3.26 -26.33
C VAL B 406 43.30 1.99 -25.54
N LEU B 407 43.27 2.08 -24.21
CA LEU B 407 43.39 0.88 -23.39
C LEU B 407 42.33 -0.14 -23.76
N TYR B 408 41.13 0.33 -24.10
CA TYR B 408 40.06 -0.61 -24.44
C TYR B 408 40.32 -1.29 -25.78
N ASN B 409 40.69 -0.53 -26.82
CA ASN B 409 40.84 -1.16 -28.12
C ASN B 409 42.17 -1.88 -28.27
N SER B 410 43.08 -1.72 -27.31
CA SER B 410 44.33 -2.49 -27.32
C SER B 410 43.99 -3.96 -27.13
N ALA B 411 44.11 -4.74 -28.20
CA ALA B 411 43.67 -6.14 -28.18
C ALA B 411 44.58 -7.04 -27.37
N SER B 412 45.75 -6.56 -26.94
CA SER B 412 46.66 -7.41 -26.19
C SER B 412 46.08 -7.84 -24.85
N PHE B 413 45.04 -7.17 -24.38
CA PHE B 413 44.47 -7.48 -23.06
C PHE B 413 43.51 -8.66 -23.18
N SER B 414 43.80 -9.74 -22.45
CA SER B 414 42.94 -10.92 -22.49
C SER B 414 41.61 -10.64 -21.82
N THR B 415 41.62 -10.00 -20.65
CA THR B 415 40.42 -9.73 -19.88
C THR B 415 40.35 -8.24 -19.60
N PHE B 416 39.23 -7.62 -19.98
CA PHE B 416 38.95 -6.20 -19.71
C PHE B 416 37.56 -6.15 -19.09
N LYS B 417 37.51 -6.15 -17.75
CA LYS B 417 36.26 -6.25 -17.02
C LYS B 417 36.17 -5.11 -16.01
N CYS B 418 35.03 -4.41 -16.01
CA CYS B 418 34.78 -3.32 -15.08
C CYS B 418 33.45 -3.57 -14.38
N TYR B 419 33.34 -3.09 -13.14
CA TYR B 419 32.20 -3.43 -12.28
C TYR B 419 31.32 -2.22 -11.98
N GLY B 420 31.87 -1.16 -11.41
CA GLY B 420 31.06 -0.01 -11.05
C GLY B 420 30.80 0.96 -12.19
N VAL B 421 31.48 0.79 -13.32
CA VAL B 421 31.34 1.68 -14.46
C VAL B 421 31.65 0.88 -15.71
N SER B 422 30.91 1.14 -16.78
CA SER B 422 31.11 0.39 -18.00
C SER B 422 32.35 0.89 -18.74
N PRO B 423 33.04 0.02 -19.48
CA PRO B 423 34.26 0.46 -20.17
C PRO B 423 34.03 1.61 -21.14
N THR B 424 32.90 1.61 -21.85
CA THR B 424 32.67 2.63 -22.87
C THR B 424 32.40 4.00 -22.28
N LYS B 425 31.96 4.07 -21.03
CA LYS B 425 31.59 5.33 -20.40
C LYS B 425 32.75 5.97 -19.64
N LEU B 426 33.95 5.39 -19.69
CA LEU B 426 35.07 5.94 -18.95
C LEU B 426 35.61 7.22 -19.58
N ASN B 427 35.40 7.43 -20.88
CA ASN B 427 35.99 8.56 -21.57
C ASN B 427 35.24 9.86 -21.33
N ASP B 428 34.09 9.83 -20.67
CA ASP B 428 33.31 11.03 -20.39
C ASP B 428 32.97 11.13 -18.91
N LEU B 429 33.87 10.63 -18.05
CA LEU B 429 33.68 10.64 -16.61
C LEU B 429 34.90 11.25 -15.94
N CYS B 430 34.66 11.88 -14.80
CA CYS B 430 35.71 12.52 -14.01
C CYS B 430 35.81 11.84 -12.65
N PHE B 431 37.04 11.63 -12.18
CA PHE B 431 37.28 10.91 -10.95
C PHE B 431 38.17 11.75 -10.03
N THR B 432 37.98 11.55 -8.72
CA THR B 432 38.83 12.25 -7.75
C THR B 432 40.28 11.83 -7.90
N ASN B 433 40.52 10.53 -8.09
CA ASN B 433 41.85 10.00 -8.34
C ASN B 433 41.72 8.52 -8.66
N VAL B 434 42.70 7.99 -9.40
CA VAL B 434 42.69 6.62 -9.86
C VAL B 434 43.88 5.90 -9.23
N TYR B 435 43.63 4.73 -8.64
CA TYR B 435 44.66 3.90 -8.07
C TYR B 435 44.94 2.72 -9.00
N ALA B 436 46.21 2.53 -9.35
CA ALA B 436 46.63 1.44 -10.22
C ALA B 436 47.47 0.48 -9.40
N ASP B 437 46.97 -0.74 -9.21
CA ASP B 437 47.67 -1.80 -8.50
C ASP B 437 48.08 -2.87 -9.49
N SER B 438 49.37 -3.20 -9.50
CA SER B 438 49.95 -4.13 -10.46
C SER B 438 50.56 -5.32 -9.72
N PHE B 439 50.33 -6.51 -10.25
CA PHE B 439 50.92 -7.73 -9.71
C PHE B 439 50.80 -8.83 -10.75
N VAL B 440 51.34 -10.00 -10.43
CA VAL B 440 51.37 -11.15 -11.33
C VAL B 440 50.66 -12.31 -10.64
N ILE B 441 49.74 -12.96 -11.36
CA ILE B 441 48.96 -14.06 -10.84
C ILE B 441 48.85 -15.13 -11.93
N ARG B 442 48.31 -16.28 -11.54
CA ARG B 442 48.12 -17.40 -12.46
C ARG B 442 46.83 -17.22 -13.25
N GLY B 443 46.58 -18.16 -14.19
CA GLY B 443 45.39 -18.06 -15.01
C GLY B 443 44.11 -18.41 -14.29
N ASP B 444 44.19 -19.30 -13.30
CA ASP B 444 43.01 -19.67 -12.51
C ASP B 444 42.70 -18.66 -11.42
N GLU B 445 43.52 -17.63 -11.26
CA GLU B 445 43.35 -16.62 -10.22
C GLU B 445 42.77 -15.31 -10.76
N VAL B 446 42.58 -15.21 -12.07
CA VAL B 446 41.96 -14.01 -12.64
C VAL B 446 40.54 -13.84 -12.11
N ARG B 447 39.77 -14.93 -12.11
CA ARG B 447 38.44 -14.88 -11.53
C ARG B 447 38.50 -14.63 -10.02
N GLN B 448 39.52 -15.15 -9.36
CA GLN B 448 39.68 -14.92 -7.93
C GLN B 448 39.84 -13.43 -7.64
N ILE B 449 40.60 -12.72 -8.48
CA ILE B 449 40.87 -11.31 -8.24
C ILE B 449 39.63 -10.45 -8.30
N ALA B 450 38.51 -10.99 -8.78
CA ALA B 450 37.28 -10.21 -8.85
C ALA B 450 36.76 -9.90 -7.45
N PRO B 451 36.03 -8.79 -7.30
CA PRO B 451 35.53 -8.43 -5.96
C PRO B 451 34.49 -9.42 -5.46
N GLY B 452 34.43 -9.55 -4.14
CA GLY B 452 33.47 -10.44 -3.51
C GLY B 452 33.72 -11.90 -3.75
N GLN B 453 34.89 -12.27 -4.29
CA GLN B 453 35.22 -13.66 -4.59
C GLN B 453 36.04 -14.26 -3.46
N THR B 454 36.03 -15.59 -3.41
CA THR B 454 36.72 -16.34 -2.38
C THR B 454 37.78 -17.24 -2.98
N GLY B 455 38.81 -17.52 -2.19
CA GLY B 455 39.90 -18.34 -2.65
C GLY B 455 41.18 -17.95 -1.93
N LYS B 456 42.26 -18.63 -2.30
CA LYS B 456 43.56 -18.37 -1.68
C LYS B 456 43.96 -16.90 -1.83
N ILE B 457 43.93 -16.40 -3.06
CA ILE B 457 44.38 -15.05 -3.35
C ILE B 457 43.40 -14.03 -2.78
N ALA B 458 42.11 -14.21 -3.07
CA ALA B 458 41.11 -13.29 -2.54
C ALA B 458 41.07 -13.29 -1.02
N ASP B 459 41.61 -14.32 -0.39
CA ASP B 459 41.56 -14.42 1.06
C ASP B 459 42.77 -13.79 1.73
N TYR B 460 43.99 -14.15 1.30
CA TYR B 460 45.16 -13.61 1.99
C TYR B 460 46.28 -13.21 1.03
N ASN B 461 45.95 -12.76 -0.16
CA ASN B 461 46.93 -12.10 -1.03
C ASN B 461 46.45 -10.76 -1.54
N TYR B 462 45.19 -10.65 -1.94
CA TYR B 462 44.64 -9.40 -2.48
C TYR B 462 43.13 -9.49 -2.46
N LYS B 463 42.49 -8.63 -1.66
CA LYS B 463 41.04 -8.64 -1.50
C LYS B 463 40.46 -7.33 -2.03
N LEU B 464 39.47 -7.44 -2.92
CA LEU B 464 38.80 -6.25 -3.43
C LEU B 464 37.55 -5.96 -2.60
N PRO B 465 37.19 -4.69 -2.44
CA PRO B 465 36.00 -4.36 -1.64
C PRO B 465 34.73 -4.88 -2.29
N ASP B 466 33.72 -5.09 -1.44
CA ASP B 466 32.43 -5.61 -1.93
C ASP B 466 31.81 -4.65 -2.94
N ASP B 467 31.88 -3.34 -2.66
CA ASP B 467 31.32 -2.32 -3.55
C ASP B 467 32.38 -1.73 -4.47
N PHE B 468 33.36 -2.54 -4.87
CA PHE B 468 34.44 -2.05 -5.71
C PHE B 468 33.90 -1.45 -7.00
N THR B 469 34.40 -0.27 -7.35
CA THR B 469 34.07 0.39 -8.60
C THR B 469 35.38 0.66 -9.34
N GLY B 470 35.54 0.06 -10.50
CA GLY B 470 36.77 0.18 -11.24
C GLY B 470 36.84 -0.87 -12.33
N CYS B 471 38.04 -1.02 -12.89
CA CYS B 471 38.28 -1.95 -13.99
C CYS B 471 39.40 -2.91 -13.61
N VAL B 472 39.25 -4.17 -14.03
CA VAL B 472 40.24 -5.22 -13.83
C VAL B 472 40.78 -5.63 -15.18
N ILE B 473 42.10 -5.56 -15.33
CA ILE B 473 42.77 -5.80 -16.61
C ILE B 473 43.71 -7.00 -16.44
N ALA B 474 43.66 -7.93 -17.39
CA ALA B 474 44.54 -9.08 -17.39
C ALA B 474 45.01 -9.35 -18.81
N TRP B 475 46.30 -9.65 -18.97
CA TRP B 475 46.85 -10.03 -20.25
C TRP B 475 48.00 -11.01 -20.04
N ASN B 476 48.24 -11.84 -21.05
CA ASN B 476 49.24 -12.88 -20.92
C ASN B 476 50.64 -12.29 -20.87
N SER B 477 51.42 -12.72 -19.88
CA SER B 477 52.81 -12.31 -19.73
C SER B 477 53.74 -13.53 -19.77
N ASN B 478 53.35 -14.56 -20.51
CA ASN B 478 54.17 -15.76 -20.58
C ASN B 478 55.53 -15.47 -21.17
N ASN B 479 55.56 -14.72 -22.28
CA ASN B 479 56.82 -14.46 -22.98
C ASN B 479 57.77 -13.61 -22.15
N LEU B 480 57.26 -12.85 -21.17
CA LEU B 480 58.09 -11.96 -20.37
C LEU B 480 58.35 -12.48 -18.97
N ASP B 481 57.59 -13.47 -18.49
CA ASP B 481 57.76 -14.03 -17.16
C ASP B 481 58.03 -15.53 -17.19
N SER B 482 58.33 -16.10 -18.36
CA SER B 482 58.63 -17.52 -18.49
C SER B 482 60.13 -17.72 -18.48
N LYS B 483 60.61 -18.62 -17.63
CA LYS B 483 62.01 -18.97 -17.53
C LYS B 483 62.17 -20.47 -17.76
N VAL B 484 63.18 -20.84 -18.56
CA VAL B 484 63.41 -22.25 -18.83
C VAL B 484 63.67 -23.01 -17.54
N GLY B 485 64.48 -22.42 -16.64
CA GLY B 485 64.74 -23.02 -15.36
C GLY B 485 63.73 -22.73 -14.28
N GLY B 486 62.79 -21.81 -14.54
CA GLY B 486 61.77 -21.46 -13.57
C GLY B 486 62.01 -20.10 -12.94
N ASN B 487 61.05 -19.19 -13.09
CA ASN B 487 61.14 -17.85 -12.54
C ASN B 487 60.59 -17.88 -11.11
N TYR B 488 61.49 -17.91 -10.14
CA TYR B 488 61.12 -17.96 -8.73
C TYR B 488 61.04 -16.59 -8.08
N ASN B 489 61.24 -15.51 -8.85
CA ASN B 489 61.25 -14.16 -8.28
C ASN B 489 59.88 -13.72 -7.79
N TYR B 490 58.82 -14.44 -8.15
CA TYR B 490 57.46 -14.08 -7.75
C TYR B 490 56.99 -14.99 -6.62
N LEU B 491 56.40 -14.38 -5.59
CA LEU B 491 55.96 -15.10 -4.40
C LEU B 491 54.49 -14.78 -4.13
N TYR B 492 53.83 -15.68 -3.41
CA TYR B 492 52.45 -15.47 -3.00
C TYR B 492 52.22 -16.18 -1.68
N ARG B 493 51.41 -15.57 -0.81
CA ARG B 493 51.18 -16.12 0.51
C ARG B 493 50.40 -17.43 0.43
N LEU B 494 50.79 -18.38 1.27
CA LEU B 494 50.10 -19.67 1.34
C LEU B 494 48.90 -19.63 2.28
N PHE B 495 49.09 -19.09 3.48
CA PHE B 495 48.00 -18.94 4.43
C PHE B 495 48.32 -17.79 5.38
N ARG B 496 47.28 -17.27 6.02
CA ARG B 496 47.41 -16.14 6.92
C ARG B 496 46.72 -16.45 8.24
N LYS B 497 47.35 -16.05 9.34
CA LYS B 497 46.76 -16.28 10.66
C LYS B 497 45.47 -15.49 10.84
N SER B 498 45.27 -14.42 10.06
CA SER B 498 44.07 -13.61 10.11
C SER B 498 43.27 -13.79 8.83
N ASN B 499 42.07 -13.20 8.82
CA ASN B 499 41.17 -13.32 7.68
C ASN B 499 41.47 -12.23 6.66
N LEU B 500 40.67 -12.21 5.59
CA LEU B 500 40.86 -11.26 4.51
C LEU B 500 40.53 -9.84 4.99
N LYS B 501 40.96 -8.87 4.18
CA LYS B 501 40.67 -7.47 4.43
C LYS B 501 40.91 -6.68 3.15
N PRO B 502 39.97 -5.86 2.68
CA PRO B 502 40.18 -5.17 1.40
C PRO B 502 41.37 -4.22 1.45
N PHE B 503 42.13 -4.20 0.36
CA PHE B 503 43.18 -3.21 0.12
C PHE B 503 44.16 -3.14 1.30
N GLU B 504 44.86 -4.25 1.53
CA GLU B 504 45.98 -4.27 2.46
C GLU B 504 47.10 -5.11 1.87
N ARG B 505 48.33 -4.74 2.20
CA ARG B 505 49.52 -5.44 1.74
C ARG B 505 50.21 -6.08 2.94
N ASP B 506 50.50 -7.37 2.84
CA ASP B 506 51.16 -8.13 3.90
C ASP B 506 52.55 -8.54 3.43
N ILE B 507 53.57 -8.14 4.20
CA ILE B 507 54.95 -8.47 3.88
C ILE B 507 55.51 -9.36 4.98
N SER B 508 54.64 -10.13 5.61
CA SER B 508 55.05 -11.04 6.68
C SER B 508 55.66 -12.30 6.08
N THR B 509 56.90 -12.60 6.47
CA THR B 509 57.62 -13.76 5.96
C THR B 509 58.06 -14.70 7.07
N GLU B 510 57.58 -14.50 8.29
CA GLU B 510 58.01 -15.31 9.41
C GLU B 510 57.37 -16.70 9.35
N ILE B 511 57.95 -17.63 10.11
CA ILE B 511 57.40 -18.97 10.20
C ILE B 511 56.06 -18.94 10.94
N TYR B 512 55.17 -19.85 10.57
CA TYR B 512 53.86 -19.93 11.19
C TYR B 512 53.93 -20.71 12.50
N GLN B 513 53.15 -20.26 13.48
CA GLN B 513 53.06 -20.92 14.78
C GLN B 513 51.62 -21.34 15.03
N ALA B 514 51.44 -22.59 15.43
CA ALA B 514 50.11 -23.13 15.70
C ALA B 514 49.63 -22.72 17.09
N THR B 517 50.25 -25.30 18.75
CA THR B 517 51.51 -25.44 19.47
C THR B 517 52.54 -24.43 18.97
N PRO B 518 53.38 -23.91 19.87
CA PRO B 518 54.38 -22.93 19.43
C PRO B 518 55.33 -23.51 18.40
N CYS B 519 55.72 -22.68 17.44
CA CYS B 519 56.62 -23.07 16.37
C CYS B 519 57.70 -22.02 16.21
N ASN B 520 58.94 -22.47 15.99
CA ASN B 520 60.07 -21.58 15.80
C ASN B 520 60.92 -22.11 14.65
N GLY B 521 62.05 -21.46 14.41
CA GLY B 521 62.94 -21.89 13.37
C GLY B 521 62.30 -21.79 12.00
N VAL B 522 62.69 -22.71 11.11
CA VAL B 522 62.21 -22.71 9.73
C VAL B 522 61.27 -23.87 9.45
N GLU B 523 61.12 -24.83 10.36
CA GLU B 523 60.26 -25.98 10.13
C GLU B 523 59.71 -26.48 11.46
N GLY B 524 58.61 -27.21 11.38
CA GLY B 524 57.99 -27.78 12.56
C GLY B 524 56.73 -28.53 12.17
N PHE B 525 56.11 -29.13 13.17
CA PHE B 525 54.87 -29.85 12.94
C PHE B 525 53.79 -28.88 12.43
N ASN B 526 53.12 -29.27 11.35
CA ASN B 526 52.10 -28.43 10.70
C ASN B 526 52.59 -27.00 10.51
N CYS B 527 53.90 -26.82 10.35
CA CYS B 527 54.51 -25.51 10.11
C CYS B 527 55.07 -25.48 8.69
N TYR B 528 54.66 -24.48 7.92
CA TYR B 528 55.05 -24.36 6.52
C TYR B 528 55.49 -22.94 6.23
N PHE B 529 56.36 -22.80 5.24
CA PHE B 529 56.82 -21.47 4.85
C PHE B 529 55.63 -20.65 4.33
N PRO B 530 55.52 -19.38 4.72
CA PRO B 530 54.35 -18.59 4.31
C PRO B 530 54.24 -18.38 2.81
N LEU B 531 55.36 -18.31 2.10
CA LEU B 531 55.38 -17.96 0.68
C LEU B 531 56.02 -19.08 -0.13
N GLN B 532 55.49 -19.31 -1.33
CA GLN B 532 55.98 -20.32 -2.25
C GLN B 532 56.23 -19.68 -3.60
N SER B 533 57.41 -19.96 -4.18
CA SER B 533 57.77 -19.38 -5.46
C SER B 533 56.88 -19.92 -6.58
N TYR B 534 56.69 -19.11 -7.60
CA TYR B 534 55.88 -19.50 -8.74
C TYR B 534 56.72 -20.27 -9.75
N GLY B 535 56.25 -21.45 -10.13
CA GLY B 535 56.92 -22.24 -11.14
C GLY B 535 56.56 -21.81 -12.54
N PHE B 536 57.05 -20.64 -12.95
CA PHE B 536 56.75 -20.08 -14.27
C PHE B 536 57.80 -20.57 -15.27
N GLN B 537 57.37 -21.39 -16.22
CA GLN B 537 58.20 -21.85 -17.32
C GLN B 537 57.42 -21.73 -18.61
N PRO B 538 58.12 -21.55 -19.75
CA PRO B 538 57.40 -21.43 -21.02
C PRO B 538 56.62 -22.68 -21.40
N THR B 539 56.98 -23.84 -20.84
CA THR B 539 56.29 -25.08 -21.16
C THR B 539 55.03 -25.31 -20.34
N ASN B 540 54.74 -24.45 -19.36
CA ASN B 540 53.55 -24.61 -18.55
C ASN B 540 52.30 -24.49 -19.41
N GLY B 541 51.29 -25.30 -19.09
CA GLY B 541 50.05 -25.30 -19.84
C GLY B 541 49.17 -24.12 -19.51
N VAL B 542 48.18 -23.89 -20.37
CA VAL B 542 47.25 -22.79 -20.15
C VAL B 542 46.51 -23.00 -18.83
N GLY B 543 46.17 -21.89 -18.17
CA GLY B 543 45.60 -21.92 -16.86
C GLY B 543 46.61 -21.86 -15.73
N TYR B 544 47.88 -22.10 -16.02
CA TYR B 544 48.95 -21.98 -15.04
C TYR B 544 50.04 -21.01 -15.49
N GLN B 545 49.96 -20.49 -16.72
CA GLN B 545 50.95 -19.56 -17.20
C GLN B 545 50.86 -18.25 -16.43
N PRO B 546 51.95 -17.49 -16.36
CA PRO B 546 51.91 -16.22 -15.62
C PRO B 546 51.03 -15.21 -16.30
N TYR B 547 50.41 -14.35 -15.49
CA TYR B 547 49.52 -13.31 -15.98
C TYR B 547 49.79 -12.01 -15.23
N ARG B 548 49.97 -10.93 -15.99
CA ARG B 548 50.17 -9.61 -15.41
C ARG B 548 48.81 -8.92 -15.32
N VAL B 549 48.37 -8.61 -14.11
CA VAL B 549 47.04 -8.05 -13.86
C VAL B 549 47.22 -6.68 -13.22
N VAL B 550 46.55 -5.68 -13.79
CA VAL B 550 46.52 -4.32 -13.24
C VAL B 550 45.07 -3.93 -13.06
N VAL B 551 44.73 -3.44 -11.87
CA VAL B 551 43.36 -3.07 -11.51
C VAL B 551 43.32 -1.58 -11.25
N LEU B 552 42.39 -0.90 -11.91
CA LEU B 552 42.21 0.54 -11.73
C LEU B 552 41.05 0.77 -10.76
N SER B 553 41.34 1.49 -9.67
CA SER B 553 40.36 1.78 -8.64
C SER B 553 40.23 3.29 -8.48
N PHE B 554 39.00 3.78 -8.60
CA PHE B 554 38.73 5.21 -8.44
C PHE B 554 37.40 5.39 -7.72
N GLU B 555 37.24 6.55 -7.10
CA GLU B 555 36.01 6.91 -6.42
C GLU B 555 35.44 8.18 -7.03
N LEU B 556 34.12 8.32 -6.94
CA LEU B 556 33.39 9.37 -7.63
C LEU B 556 32.73 10.32 -6.64
N LEU B 557 32.79 11.61 -6.95
CA LEU B 557 32.10 12.64 -6.16
C LEU B 557 32.53 12.60 -4.69
N HIS B 558 33.85 12.55 -4.47
CA HIS B 558 34.41 12.59 -3.13
C HIS B 558 35.43 13.70 -2.96
N ALA B 559 35.72 14.48 -4.00
CA ALA B 559 36.69 15.55 -3.94
C ALA B 559 36.69 16.32 -5.26
N PRO B 560 37.34 17.48 -5.34
CA PRO B 560 37.54 18.11 -6.65
C PRO B 560 38.12 17.15 -7.66
N ALA B 561 37.34 16.80 -8.68
CA ALA B 561 37.81 15.83 -9.67
C ALA B 561 39.01 16.37 -10.41
N THR B 562 40.03 15.53 -10.58
CA THR B 562 41.24 15.91 -11.28
C THR B 562 41.60 14.97 -12.42
N VAL B 563 41.02 13.78 -12.49
CA VAL B 563 41.25 12.84 -13.58
C VAL B 563 39.97 12.82 -14.42
N CYS B 564 40.09 13.15 -15.70
CA CYS B 564 38.94 13.26 -16.59
C CYS B 564 39.31 12.71 -17.95
N GLY B 565 38.28 12.32 -18.70
CA GLY B 565 38.46 11.80 -20.03
C GLY B 565 38.74 12.89 -21.04
N PRO B 566 39.05 12.47 -22.26
CA PRO B 566 39.37 13.44 -23.33
C PRO B 566 38.13 14.05 -23.97
N LYS B 567 37.57 15.04 -23.28
CA LYS B 567 36.36 15.74 -23.72
C LYS B 567 36.66 17.22 -23.87
N LYS B 568 36.30 17.78 -25.02
CA LYS B 568 36.52 19.20 -25.27
C LYS B 568 35.38 20.00 -24.66
N SER B 569 35.72 20.95 -23.81
CA SER B 569 34.72 21.79 -23.17
C SER B 569 34.09 22.73 -24.20
N THR B 570 32.94 23.30 -23.83
CA THR B 570 32.22 24.24 -24.67
C THR B 570 32.03 25.55 -23.92
N ASN B 571 31.66 26.58 -24.66
CA ASN B 571 31.48 27.90 -24.07
C ASN B 571 30.31 27.90 -23.09
N LEU B 572 30.45 28.66 -22.00
CA LEU B 572 29.41 28.72 -20.98
C LEU B 572 28.18 29.43 -21.52
N VAL B 573 27.01 28.91 -21.16
CA VAL B 573 25.73 29.47 -21.56
C VAL B 573 24.90 29.72 -20.31
N LYS B 574 24.23 30.87 -20.26
CA LYS B 574 23.46 31.27 -19.09
C LYS B 574 22.07 31.72 -19.52
N ASN B 575 21.14 31.70 -18.55
CA ASN B 575 19.78 32.20 -18.74
C ASN B 575 19.04 31.43 -19.83
N LYS B 576 19.33 30.14 -19.97
CA LYS B 576 18.67 29.31 -20.96
C LYS B 576 18.67 27.87 -20.47
N CYS B 577 17.62 27.14 -20.82
CA CYS B 577 17.51 25.73 -20.46
C CYS B 577 18.50 24.93 -21.29
N VAL B 578 19.53 24.40 -20.63
CA VAL B 578 20.61 23.70 -21.30
C VAL B 578 20.93 22.41 -20.54
N ASN B 579 21.65 21.51 -21.21
CA ASN B 579 22.21 20.31 -20.59
C ASN B 579 23.66 20.61 -20.22
N PHE B 580 23.92 20.74 -18.93
CA PHE B 580 25.25 21.05 -18.45
C PHE B 580 25.98 19.77 -18.04
N ASN B 581 27.31 19.85 -18.01
CA ASN B 581 28.15 18.73 -17.59
C ASN B 581 29.38 19.33 -16.92
N PHE B 582 29.34 19.43 -15.60
CA PHE B 582 30.42 20.01 -14.80
C PHE B 582 31.20 18.87 -14.15
N ASN B 583 32.36 18.56 -14.73
CA ASN B 583 33.21 17.49 -14.22
C ASN B 583 32.42 16.18 -14.10
N GLY B 584 31.64 15.87 -15.14
CA GLY B 584 30.83 14.67 -15.15
C GLY B 584 29.52 14.78 -14.41
N LEU B 585 29.18 15.97 -13.87
CA LEU B 585 27.91 16.17 -13.18
C LEU B 585 26.87 16.62 -14.20
N THR B 586 26.35 15.64 -14.94
CA THR B 586 25.37 15.93 -15.98
C THR B 586 24.05 16.37 -15.37
N GLY B 587 23.27 17.09 -16.16
CA GLY B 587 21.98 17.57 -15.71
C GLY B 587 21.36 18.47 -16.75
N THR B 588 20.20 19.02 -16.39
CA THR B 588 19.47 19.94 -17.25
C THR B 588 18.84 21.03 -16.39
N GLY B 589 18.91 22.26 -16.88
CA GLY B 589 18.36 23.37 -16.13
C GLY B 589 18.79 24.70 -16.74
N VAL B 590 18.54 25.76 -15.99
CA VAL B 590 18.86 27.12 -16.39
C VAL B 590 20.00 27.62 -15.50
N LEU B 591 21.12 27.99 -16.12
CA LEU B 591 22.27 28.48 -15.40
C LEU B 591 22.21 30.00 -15.29
N THR B 592 22.41 30.50 -14.07
CA THR B 592 22.37 31.93 -13.80
C THR B 592 23.52 32.29 -12.88
N GLU B 593 23.96 33.54 -12.95
CA GLU B 593 24.98 34.03 -12.03
C GLU B 593 24.45 33.94 -10.61
N SER B 594 25.28 33.41 -9.71
CA SER B 594 24.88 33.14 -8.34
C SER B 594 25.52 34.16 -7.40
N ASN B 595 24.71 34.74 -6.53
CA ASN B 595 25.21 35.63 -5.49
C ASN B 595 25.63 34.89 -4.23
N LYS B 596 25.46 33.57 -4.20
CA LYS B 596 25.94 32.79 -3.07
C LYS B 596 27.45 32.89 -2.96
N LYS B 597 27.93 33.05 -1.73
CA LYS B 597 29.36 33.20 -1.46
C LYS B 597 29.91 31.83 -1.06
N PHE B 598 30.13 30.98 -2.06
CA PHE B 598 30.80 29.72 -1.82
C PHE B 598 32.17 29.98 -1.21
N LEU B 599 32.51 29.21 -0.17
CA LEU B 599 33.84 29.30 0.38
C LEU B 599 34.84 28.72 -0.63
N PRO B 600 36.11 29.09 -0.52
CA PRO B 600 37.08 28.66 -1.55
C PRO B 600 37.11 27.17 -1.75
N PHE B 601 36.92 26.38 -0.69
CA PHE B 601 36.96 24.93 -0.80
C PHE B 601 35.65 24.32 -1.28
N GLN B 602 34.55 25.09 -1.28
CA GLN B 602 33.25 24.57 -1.66
C GLN B 602 33.04 24.70 -3.16
N GLN B 603 32.48 23.65 -3.76
CA GLN B 603 32.23 23.61 -5.20
C GLN B 603 30.75 23.44 -5.53
N PHE B 604 30.08 22.48 -4.91
CA PHE B 604 28.69 22.17 -5.20
C PHE B 604 27.77 22.79 -4.15
N GLY B 605 26.53 23.02 -4.56
CA GLY B 605 25.49 23.44 -3.64
C GLY B 605 24.32 22.50 -3.70
N ARG B 606 24.04 21.80 -2.60
CA ARG B 606 23.03 20.77 -2.56
C ARG B 606 21.72 21.32 -2.00
N ASP B 607 20.62 20.73 -2.44
CA ASP B 607 19.29 21.07 -1.94
C ASP B 607 18.79 19.93 -1.05
N ILE B 608 17.54 20.04 -0.61
CA ILE B 608 17.00 19.06 0.33
C ILE B 608 16.96 17.68 -0.31
N ALA B 609 16.67 17.60 -1.60
CA ALA B 609 16.50 16.34 -2.30
C ALA B 609 17.82 15.77 -2.82
N ASP B 610 18.95 16.20 -2.26
CA ASP B 610 20.26 15.75 -2.73
C ASP B 610 20.48 16.15 -4.19
N THR B 611 19.94 17.31 -4.56
CA THR B 611 20.05 17.84 -5.91
C THR B 611 20.90 19.10 -5.89
N THR B 612 21.79 19.22 -6.88
CA THR B 612 22.72 20.35 -6.96
C THR B 612 21.96 21.56 -7.48
N ASP B 613 21.73 22.54 -6.62
CA ASP B 613 21.10 23.80 -7.01
C ASP B 613 22.11 24.93 -7.17
N ALA B 614 23.41 24.61 -7.15
CA ALA B 614 24.45 25.60 -7.38
C ALA B 614 25.78 24.90 -7.64
N VAL B 615 26.50 25.31 -8.69
CA VAL B 615 27.73 24.66 -9.09
C VAL B 615 28.79 25.71 -9.33
N ARG B 616 30.05 25.27 -9.31
CA ARG B 616 31.21 26.12 -9.56
C ARG B 616 31.89 25.65 -10.83
N ASP B 617 32.08 26.57 -11.78
CA ASP B 617 32.61 26.19 -13.07
C ASP B 617 34.07 25.76 -12.95
N PRO B 618 34.44 24.59 -13.47
CA PRO B 618 35.85 24.15 -13.33
C PRO B 618 36.84 25.09 -13.98
N GLN B 619 36.50 25.68 -15.12
CA GLN B 619 37.45 26.52 -15.85
C GLN B 619 37.60 27.89 -15.19
N THR B 620 36.51 28.64 -15.11
CA THR B 620 36.49 29.92 -14.42
C THR B 620 35.93 29.73 -13.02
N LEU B 621 36.63 30.28 -12.02
CA LEU B 621 36.23 30.10 -10.62
C LEU B 621 35.06 31.03 -10.29
N GLU B 622 33.89 30.63 -10.79
CA GLU B 622 32.65 31.34 -10.51
C GLU B 622 31.56 30.33 -10.21
N ILE B 623 30.56 30.78 -9.45
CA ILE B 623 29.48 29.94 -8.97
C ILE B 623 28.21 30.28 -9.74
N LEU B 624 27.55 29.25 -10.28
CA LEU B 624 26.35 29.42 -11.08
C LEU B 624 25.17 28.75 -10.39
N ASP B 625 24.07 29.47 -10.29
CA ASP B 625 22.83 28.87 -9.81
C ASP B 625 22.28 27.91 -10.86
N ILE B 626 21.58 26.89 -10.38
CA ILE B 626 20.93 25.91 -11.25
C ILE B 626 19.45 25.92 -10.91
N THR B 627 18.61 26.17 -11.92
CA THR B 627 17.17 26.20 -11.77
C THR B 627 16.57 25.34 -12.88
N PRO B 628 15.72 24.38 -12.56
CA PRO B 628 15.21 23.49 -13.61
C PRO B 628 14.34 24.23 -14.60
N CYS B 629 14.36 23.75 -15.85
CA CYS B 629 13.55 24.36 -16.89
C CYS B 629 12.07 24.29 -16.52
N SER B 630 11.34 25.33 -16.91
CA SER B 630 9.95 25.47 -16.48
C SER B 630 9.14 24.24 -16.88
N PHE B 631 8.27 23.80 -15.97
CA PHE B 631 7.40 22.66 -16.21
C PHE B 631 6.05 22.91 -15.55
N GLY B 632 5.05 22.19 -16.02
CA GLY B 632 3.72 22.32 -15.46
C GLY B 632 2.68 21.54 -16.25
N GLY B 633 1.52 21.31 -15.65
CA GLY B 633 0.46 20.61 -16.34
C GLY B 633 -0.19 21.47 -17.41
N VAL B 634 -0.79 20.80 -18.39
CA VAL B 634 -1.52 21.46 -19.46
C VAL B 634 -2.98 21.03 -19.36
N SER B 635 -3.87 22.01 -19.22
CA SER B 635 -5.30 21.77 -19.12
C SER B 635 -5.98 22.33 -20.36
N VAL B 636 -6.91 21.55 -20.92
CA VAL B 636 -7.64 21.94 -22.12
C VAL B 636 -9.04 22.34 -21.68
N ILE B 637 -9.37 23.62 -21.85
CA ILE B 637 -10.69 24.14 -21.52
C ILE B 637 -11.55 24.07 -22.76
N THR B 638 -12.71 23.41 -22.66
CA THR B 638 -13.58 23.24 -23.80
C THR B 638 -15.03 23.24 -23.34
N PRO B 639 -15.94 23.87 -24.08
CA PRO B 639 -17.36 23.63 -23.83
C PRO B 639 -17.75 22.26 -24.34
N GLY B 640 -19.03 21.91 -24.28
CA GLY B 640 -19.47 20.64 -24.82
C GLY B 640 -18.91 20.42 -26.22
N THR B 641 -18.59 19.16 -26.55
CA THR B 641 -18.01 18.89 -27.86
C THR B 641 -18.98 19.27 -28.97
N ASN B 642 -20.25 18.96 -28.81
CA ASN B 642 -21.22 19.33 -29.82
C ASN B 642 -21.51 20.82 -29.84
N THR B 643 -21.29 21.52 -28.72
CA THR B 643 -21.43 22.98 -28.73
C THR B 643 -20.41 23.61 -29.67
N SER B 644 -19.17 23.12 -29.64
CA SER B 644 -18.13 23.61 -30.53
C SER B 644 -16.88 22.79 -30.30
N ASN B 645 -16.02 22.76 -31.32
CA ASN B 645 -14.70 22.14 -31.21
C ASN B 645 -13.62 23.13 -30.80
N GLN B 646 -13.98 24.39 -30.58
CA GLN B 646 -13.02 25.38 -30.13
C GLN B 646 -12.65 25.14 -28.68
N VAL B 647 -11.36 25.25 -28.37
CA VAL B 647 -10.84 24.99 -27.03
C VAL B 647 -9.83 26.05 -26.66
N ALA B 648 -9.60 26.18 -25.35
CA ALA B 648 -8.55 27.00 -24.80
C ALA B 648 -7.63 26.13 -23.96
N VAL B 649 -6.35 26.51 -23.91
CA VAL B 649 -5.32 25.72 -23.24
C VAL B 649 -4.75 26.54 -22.10
N LEU B 650 -4.66 25.93 -20.92
CA LEU B 650 -4.06 26.54 -19.75
C LEU B 650 -2.76 25.80 -19.43
N TYR B 651 -1.67 26.56 -19.29
CA TYR B 651 -0.38 26.02 -18.88
C TYR B 651 -0.21 26.35 -17.40
N GLN B 652 -0.51 25.38 -16.54
CA GLN B 652 -0.55 25.63 -15.11
C GLN B 652 0.83 26.00 -14.59
N GLY B 653 0.89 27.08 -13.81
CA GLY B 653 2.14 27.49 -13.21
C GLY B 653 3.21 27.88 -14.20
N VAL B 654 2.85 28.10 -15.46
CA VAL B 654 3.79 28.48 -16.50
C VAL B 654 3.54 29.94 -16.85
N ASN B 655 4.62 30.68 -17.06
CA ASN B 655 4.54 32.10 -17.38
C ASN B 655 4.45 32.27 -18.90
N CYS B 656 3.65 33.24 -19.33
CA CYS B 656 3.33 33.39 -20.74
C CYS B 656 4.53 33.76 -21.60
N THR B 657 5.71 33.93 -21.02
CA THR B 657 6.91 34.12 -21.81
C THR B 657 7.60 32.81 -22.15
N GLU B 658 7.45 31.80 -21.29
CA GLU B 658 8.15 30.53 -21.52
C GLU B 658 7.61 29.81 -22.75
N VAL B 659 6.29 29.82 -22.95
CA VAL B 659 5.72 29.19 -24.14
C VAL B 659 6.20 29.87 -25.41
N PRO B 660 6.16 31.20 -25.55
CA PRO B 660 6.80 31.83 -26.72
C PRO B 660 8.29 31.51 -26.81
N VAL B 661 8.98 31.39 -25.68
CA VAL B 661 10.41 31.10 -25.71
C VAL B 661 10.64 29.72 -26.34
N ALA B 662 9.80 28.75 -25.99
CA ALA B 662 9.97 27.41 -26.56
C ALA B 662 9.84 27.42 -28.07
N ILE B 663 8.88 28.16 -28.60
CA ILE B 663 8.70 28.28 -30.04
C ILE B 663 9.65 29.32 -30.60
N THR B 671 4.77 17.55 -29.60
CA THR B 671 3.75 18.36 -28.96
C THR B 671 3.33 19.52 -29.86
N TRP B 672 2.02 19.66 -30.06
CA TRP B 672 1.51 20.75 -30.88
C TRP B 672 1.98 22.10 -30.33
N ARG B 673 2.44 22.96 -31.23
CA ARG B 673 2.89 24.30 -30.87
C ARG B 673 2.20 25.39 -31.69
N VAL B 674 1.14 25.04 -32.42
CA VAL B 674 0.42 26.05 -33.22
C VAL B 674 -0.21 27.09 -32.31
N TYR B 675 -0.68 26.67 -31.14
CA TYR B 675 -1.29 27.61 -30.20
C TYR B 675 -0.30 28.63 -29.68
N SER B 676 1.00 28.37 -29.80
CA SER B 676 2.01 29.30 -29.30
C SER B 676 2.09 30.59 -30.11
N THR B 677 1.42 30.66 -31.26
CA THR B 677 1.48 31.87 -32.07
C THR B 677 1.00 33.09 -31.29
N GLY B 678 -0.12 32.96 -30.57
CA GLY B 678 -0.60 34.02 -29.71
C GLY B 678 -1.86 34.69 -30.20
N SER B 679 -1.94 36.01 -30.00
CA SER B 679 -3.11 36.82 -30.34
C SER B 679 -4.25 36.61 -29.35
N ASN B 680 -4.07 35.66 -28.42
CA ASN B 680 -5.04 35.46 -27.36
C ASN B 680 -4.37 35.14 -26.03
N VAL B 681 -3.05 35.29 -25.92
CA VAL B 681 -2.36 34.95 -24.68
C VAL B 681 -2.87 35.83 -23.56
N PHE B 682 -3.14 35.22 -22.41
CA PHE B 682 -3.67 35.92 -21.25
C PHE B 682 -3.02 35.32 -20.01
N GLN B 683 -2.23 36.12 -19.30
CA GLN B 683 -1.56 35.65 -18.10
C GLN B 683 -2.52 35.72 -16.91
N THR B 684 -2.70 34.59 -16.24
CA THR B 684 -3.54 34.49 -15.06
C THR B 684 -2.70 34.04 -13.87
N ARG B 685 -3.28 34.14 -12.68
CA ARG B 685 -2.59 33.67 -11.49
C ARG B 685 -2.43 32.17 -11.47
N ALA B 686 -3.18 31.44 -12.30
CA ALA B 686 -3.10 29.99 -12.38
C ALA B 686 -2.14 29.51 -13.46
N GLY B 687 -1.73 30.38 -14.37
CA GLY B 687 -0.84 30.00 -15.44
C GLY B 687 -1.18 30.78 -16.70
N CYS B 688 -0.56 30.36 -17.80
CA CYS B 688 -0.80 31.01 -19.09
C CYS B 688 -2.02 30.40 -19.76
N LEU B 689 -2.98 31.24 -20.13
CA LEU B 689 -4.21 30.83 -20.78
C LEU B 689 -4.18 31.29 -22.23
N ILE B 690 -4.35 30.36 -23.16
CA ILE B 690 -4.26 30.63 -24.59
C ILE B 690 -5.54 30.16 -25.25
N GLY B 691 -6.11 31.00 -26.10
CA GLY B 691 -7.33 30.68 -26.81
C GLY B 691 -8.59 31.22 -26.16
N ALA B 692 -8.47 32.00 -25.09
CA ALA B 692 -9.61 32.59 -24.40
C ALA B 692 -9.49 34.10 -24.42
N GLU B 693 -10.62 34.77 -24.63
CA GLU B 693 -10.65 36.22 -24.70
C GLU B 693 -10.98 36.79 -23.31
N HIS B 694 -10.05 37.52 -22.73
CA HIS B 694 -10.27 38.12 -21.42
C HIS B 694 -11.21 39.30 -21.54
N VAL B 695 -12.20 39.36 -20.66
CA VAL B 695 -13.24 40.39 -20.71
C VAL B 695 -13.35 41.07 -19.35
N ASN B 696 -13.84 42.30 -19.37
CA ASN B 696 -14.00 43.06 -18.12
C ASN B 696 -15.18 42.54 -17.32
N ASN B 697 -16.26 42.15 -17.99
CA ASN B 697 -17.49 41.77 -17.30
C ASN B 697 -17.26 40.53 -16.45
N SER B 698 -18.01 40.45 -15.36
CA SER B 698 -17.97 39.30 -14.45
C SER B 698 -19.29 38.55 -14.54
N TYR B 699 -19.21 37.23 -14.62
CA TYR B 699 -20.36 36.36 -14.73
C TYR B 699 -20.25 35.24 -13.71
N GLU B 700 -21.34 34.51 -13.53
CA GLU B 700 -21.29 33.32 -12.69
C GLU B 700 -20.30 32.31 -13.28
N CYS B 701 -19.54 31.67 -12.41
CA CYS B 701 -18.51 30.74 -12.88
C CYS B 701 -19.15 29.61 -13.67
N ASP B 702 -18.56 29.31 -14.83
CA ASP B 702 -18.99 28.20 -15.68
C ASP B 702 -17.96 27.09 -15.71
N ILE B 703 -16.72 27.40 -16.08
CA ILE B 703 -15.62 26.44 -16.06
C ILE B 703 -14.52 27.00 -15.17
N PRO B 704 -14.31 26.46 -13.97
CA PRO B 704 -13.29 27.04 -13.09
C PRO B 704 -11.88 26.84 -13.65
N ILE B 705 -11.06 27.86 -13.50
CA ILE B 705 -9.66 27.81 -13.87
C ILE B 705 -8.74 27.90 -12.65
N GLY B 706 -9.08 28.77 -11.71
CA GLY B 706 -8.30 28.93 -10.50
C GLY B 706 -8.07 30.39 -10.19
N ALA B 707 -7.90 30.70 -8.91
CA ALA B 707 -7.63 32.06 -8.45
C ALA B 707 -8.72 33.02 -8.89
N GLY B 708 -9.96 32.55 -8.86
CA GLY B 708 -11.11 33.39 -9.18
C GLY B 708 -11.37 33.58 -10.66
N ILE B 709 -10.63 32.91 -11.53
CA ILE B 709 -10.81 33.04 -12.97
C ILE B 709 -11.64 31.86 -13.46
N CYS B 710 -12.63 32.13 -14.29
CA CYS B 710 -13.49 31.11 -14.88
C CYS B 710 -13.61 31.36 -16.37
N ALA B 711 -13.94 30.30 -17.11
CA ALA B 711 -14.07 30.35 -18.55
C ALA B 711 -15.48 30.01 -18.97
N SER B 712 -15.92 30.62 -20.07
CA SER B 712 -17.27 30.38 -20.59
C SER B 712 -17.26 30.63 -22.09
N TYR B 713 -18.25 30.02 -22.77
CA TYR B 713 -18.44 30.17 -24.21
C TYR B 713 -19.62 31.13 -24.42
N GLN B 714 -19.32 32.43 -24.38
CA GLN B 714 -20.38 33.43 -24.35
C GLN B 714 -20.11 34.67 -25.19
N THR B 715 -19.13 34.68 -26.08
CA THR B 715 -18.86 35.87 -26.87
C THR B 715 -20.00 36.06 -27.86
N GLN B 716 -20.94 36.94 -27.52
CA GLN B 716 -22.16 37.11 -28.30
C GLN B 716 -22.90 35.78 -28.46
N THR B 717 -22.78 34.92 -27.45
CA THR B 717 -23.40 33.59 -27.50
C THR B 717 -22.95 32.83 -28.75
N ALA B 727 -22.17 38.52 -35.42
CA ALA B 727 -21.08 38.27 -34.47
C ALA B 727 -20.67 36.81 -34.50
N SER B 728 -19.67 36.46 -33.68
CA SER B 728 -19.15 35.10 -33.61
C SER B 728 -18.99 34.70 -32.15
N GLN B 729 -19.06 33.39 -31.91
CA GLN B 729 -18.90 32.83 -30.57
C GLN B 729 -17.42 32.54 -30.30
N SER B 730 -17.06 32.58 -29.02
CA SER B 730 -15.69 32.27 -28.62
C SER B 730 -15.69 31.99 -27.12
N ILE B 731 -14.54 31.54 -26.63
CA ILE B 731 -14.37 31.23 -25.22
C ILE B 731 -13.78 32.46 -24.53
N ILE B 732 -14.39 32.85 -23.41
CA ILE B 732 -13.98 34.04 -22.67
C ILE B 732 -13.48 33.64 -21.30
N ALA B 733 -12.63 34.48 -20.72
CA ALA B 733 -12.08 34.28 -19.39
C ALA B 733 -12.34 35.54 -18.57
N TYR B 734 -12.87 35.36 -17.36
CA TYR B 734 -13.32 36.49 -16.56
C TYR B 734 -13.13 36.15 -15.09
N THR B 735 -13.29 37.16 -14.24
CA THR B 735 -13.30 36.98 -12.80
C THR B 735 -14.73 36.70 -12.36
N MET B 736 -14.96 35.54 -11.75
CA MET B 736 -16.30 35.14 -11.38
C MET B 736 -16.91 36.12 -10.39
N SER B 737 -18.20 36.36 -10.53
CA SER B 737 -18.97 37.17 -9.60
C SER B 737 -19.68 36.26 -8.61
N LEU B 738 -19.63 36.62 -7.33
CA LEU B 738 -20.20 35.78 -6.29
C LEU B 738 -21.73 35.86 -6.27
N GLY B 739 -22.30 36.97 -6.69
CA GLY B 739 -23.74 37.09 -6.71
C GLY B 739 -24.14 38.52 -7.00
N ALA B 740 -25.45 38.74 -6.95
CA ALA B 740 -26.01 40.08 -7.16
C ALA B 740 -25.93 40.87 -5.86
N GLU B 741 -25.41 42.09 -5.95
CA GLU B 741 -25.36 42.96 -4.78
C GLU B 741 -26.77 43.26 -4.31
N ASN B 742 -26.96 43.28 -2.99
CA ASN B 742 -28.28 43.49 -2.42
C ASN B 742 -28.11 44.27 -1.12
N SER B 743 -28.25 45.58 -1.19
CA SER B 743 -28.19 46.43 0.00
C SER B 743 -29.52 46.30 0.72
N VAL B 744 -29.56 45.49 1.78
CA VAL B 744 -30.78 45.34 2.55
C VAL B 744 -31.22 46.72 3.05
N ALA B 745 -32.52 46.85 3.31
CA ALA B 745 -33.13 48.13 3.66
C ALA B 745 -33.27 48.28 5.17
N TYR B 746 -32.30 47.76 5.91
CA TYR B 746 -32.36 47.81 7.36
C TYR B 746 -32.56 49.23 7.86
N SER B 747 -33.57 49.40 8.71
CA SER B 747 -33.75 50.61 9.49
C SER B 747 -34.09 50.18 10.91
N ASN B 748 -33.94 51.11 11.85
CA ASN B 748 -34.13 50.77 13.25
C ASN B 748 -35.59 50.76 13.67
N ASN B 749 -36.52 51.11 12.76
CA ASN B 749 -37.94 50.98 13.03
C ASN B 749 -38.69 50.47 11.81
N SER B 750 -38.05 49.65 10.99
CA SER B 750 -38.66 49.10 9.79
C SER B 750 -38.54 47.59 9.80
N ILE B 751 -39.62 46.91 9.42
CA ILE B 751 -39.66 45.46 9.36
C ILE B 751 -40.39 45.04 8.08
N ALA B 752 -39.91 43.97 7.46
CA ALA B 752 -40.57 43.36 6.32
C ALA B 752 -41.17 42.04 6.74
N ILE B 753 -42.46 41.87 6.50
CA ILE B 753 -43.20 40.69 6.92
C ILE B 753 -43.79 40.03 5.67
N PRO B 754 -43.55 38.74 5.44
CA PRO B 754 -44.14 38.09 4.26
C PRO B 754 -45.65 38.11 4.33
N THR B 755 -46.28 38.34 3.18
CA THR B 755 -47.74 38.38 3.09
C THR B 755 -48.31 37.16 2.38
N ASN B 756 -47.49 36.26 1.88
CA ASN B 756 -47.99 35.11 1.15
C ASN B 756 -46.80 34.21 0.88
N PHE B 757 -47.06 32.95 0.57
CA PHE B 757 -46.03 31.92 0.67
C PHE B 757 -46.02 31.03 -0.56
N THR B 758 -44.94 30.26 -0.68
CA THR B 758 -44.79 29.24 -1.71
C THR B 758 -44.34 27.94 -1.06
N ILE B 759 -44.88 26.83 -1.54
CA ILE B 759 -44.50 25.49 -1.08
C ILE B 759 -43.52 24.92 -2.10
N SER B 760 -42.30 24.67 -1.67
CA SER B 760 -41.23 24.21 -2.55
C SER B 760 -40.83 22.79 -2.17
N VAL B 761 -40.70 21.92 -3.17
CA VAL B 761 -40.26 20.55 -3.00
C VAL B 761 -38.94 20.40 -3.73
N THR B 762 -37.86 20.24 -2.98
CA THR B 762 -36.52 20.10 -3.54
C THR B 762 -35.99 18.70 -3.26
N THR B 763 -35.25 18.16 -4.21
CA THR B 763 -34.73 16.80 -4.10
C THR B 763 -33.31 16.82 -3.53
N GLU B 764 -32.94 15.71 -2.89
CA GLU B 764 -31.61 15.52 -2.35
C GLU B 764 -31.21 14.07 -2.54
N ILE B 765 -30.07 13.83 -3.19
CA ILE B 765 -29.61 12.49 -3.51
C ILE B 765 -28.39 12.18 -2.65
N LEU B 766 -28.40 11.01 -2.02
CA LEU B 766 -27.32 10.60 -1.13
C LEU B 766 -26.91 9.17 -1.45
N PRO B 767 -25.63 8.90 -1.71
CA PRO B 767 -25.19 7.50 -1.81
C PRO B 767 -25.36 6.79 -0.49
N VAL B 768 -25.71 5.51 -0.55
CA VAL B 768 -25.95 4.69 0.63
C VAL B 768 -25.01 3.49 0.67
N SER B 769 -24.81 2.81 -0.46
CA SER B 769 -23.96 1.63 -0.50
C SER B 769 -23.26 1.57 -1.85
N MET B 770 -22.30 0.66 -1.94
CA MET B 770 -21.59 0.38 -3.18
C MET B 770 -21.53 -1.12 -3.39
N THR B 771 -21.24 -1.53 -4.63
CA THR B 771 -21.23 -2.94 -4.95
C THR B 771 -20.22 -3.68 -4.10
N LYS B 772 -20.61 -4.86 -3.62
CA LYS B 772 -19.70 -5.71 -2.87
C LYS B 772 -18.85 -6.52 -3.83
N THR B 773 -17.55 -6.57 -3.58
CA THR B 773 -16.62 -7.33 -4.41
C THR B 773 -15.81 -8.26 -3.53
N SER B 774 -15.61 -9.48 -4.02
CA SER B 774 -14.74 -10.45 -3.38
C SER B 774 -13.74 -10.94 -4.43
N VAL B 775 -12.50 -11.13 -4.01
CA VAL B 775 -11.42 -11.49 -4.91
C VAL B 775 -10.77 -12.78 -4.43
N ASP B 776 -10.70 -13.77 -5.32
CA ASP B 776 -9.91 -14.97 -5.08
C ASP B 776 -8.46 -14.63 -5.38
N CYS B 777 -7.67 -14.39 -4.34
CA CYS B 777 -6.33 -13.84 -4.52
C CYS B 777 -5.46 -14.80 -5.32
N THR B 778 -5.49 -16.08 -4.96
CA THR B 778 -4.67 -17.05 -5.68
C THR B 778 -5.07 -17.11 -7.14
N MET B 779 -6.37 -17.13 -7.43
CA MET B 779 -6.80 -17.13 -8.82
C MET B 779 -6.27 -15.90 -9.55
N TYR B 780 -6.49 -14.72 -8.97
CA TYR B 780 -6.11 -13.49 -9.65
C TYR B 780 -4.61 -13.42 -9.92
N ILE B 781 -3.80 -13.82 -8.94
CA ILE B 781 -2.36 -13.66 -9.09
C ILE B 781 -1.76 -14.79 -9.92
N CYS B 782 -2.11 -16.03 -9.60
CA CYS B 782 -1.47 -17.23 -10.13
C CYS B 782 -2.51 -18.16 -10.76
N GLY B 783 -3.38 -17.61 -11.60
CA GLY B 783 -4.39 -18.42 -12.25
C GLY B 783 -3.86 -19.74 -12.79
N ASP B 784 -4.32 -20.85 -12.20
CA ASP B 784 -4.00 -22.20 -12.66
C ASP B 784 -2.49 -22.39 -12.83
N SER B 785 -1.72 -21.85 -11.90
CA SER B 785 -0.26 -21.98 -11.89
C SER B 785 0.18 -22.51 -10.53
N THR B 786 0.53 -23.80 -10.48
CA THR B 786 0.93 -24.41 -9.21
C THR B 786 2.25 -23.84 -8.73
N GLU B 787 3.20 -23.62 -9.64
CA GLU B 787 4.48 -23.04 -9.24
C GLU B 787 4.29 -21.65 -8.67
N CYS B 788 3.46 -20.84 -9.34
CA CYS B 788 3.20 -19.49 -8.85
C CYS B 788 2.48 -19.52 -7.51
N SER B 789 1.58 -20.48 -7.31
CA SER B 789 0.92 -20.62 -6.01
C SER B 789 1.92 -20.98 -4.92
N ASN B 790 2.84 -21.91 -5.22
CA ASN B 790 3.86 -22.28 -4.26
C ASN B 790 4.73 -21.08 -3.90
N LEU B 791 5.06 -20.26 -4.90
CA LEU B 791 5.83 -19.05 -4.62
C LEU B 791 5.03 -18.07 -3.76
N LEU B 792 3.73 -17.92 -4.04
CA LEU B 792 2.91 -17.00 -3.27
C LEU B 792 2.77 -17.45 -1.82
N LEU B 793 2.91 -18.77 -1.58
CA LEU B 793 2.96 -19.24 -0.21
C LEU B 793 4.09 -18.58 0.58
N GLN B 794 5.14 -18.11 -0.10
CA GLN B 794 6.21 -17.41 0.58
C GLN B 794 5.68 -16.16 1.28
N TYR B 795 4.86 -15.39 0.60
CA TYR B 795 4.26 -14.20 1.21
C TYR B 795 3.19 -14.60 2.21
N GLY B 796 2.32 -15.53 1.84
CA GLY B 796 1.42 -16.16 2.81
C GLY B 796 0.12 -15.37 3.00
N SER B 797 0.01 -14.69 4.14
CA SER B 797 -1.27 -14.20 4.66
C SER B 797 -1.67 -12.82 4.13
N PHE B 798 -0.90 -12.25 3.21
CA PHE B 798 -1.26 -10.94 2.66
C PHE B 798 -2.67 -10.97 2.08
N CYS B 799 -2.98 -11.99 1.29
CA CYS B 799 -4.27 -11.96 0.63
C CYS B 799 -5.39 -12.47 1.52
N THR B 800 -5.07 -13.23 2.57
CA THR B 800 -6.06 -13.44 3.62
C THR B 800 -6.46 -12.10 4.25
N GLN B 801 -5.48 -11.23 4.49
CA GLN B 801 -5.80 -9.87 4.93
C GLN B 801 -6.68 -9.16 3.93
N LEU B 802 -6.34 -9.27 2.65
CA LEU B 802 -7.13 -8.59 1.61
C LEU B 802 -8.58 -9.08 1.61
N ASN B 803 -8.76 -10.40 1.69
CA ASN B 803 -10.11 -10.96 1.69
C ASN B 803 -10.88 -10.53 2.92
N ARG B 804 -10.22 -10.47 4.08
CA ARG B 804 -10.89 -9.99 5.27
C ARG B 804 -11.35 -8.55 5.10
N ALA B 805 -10.50 -7.71 4.50
CA ALA B 805 -10.88 -6.32 4.27
C ALA B 805 -12.10 -6.22 3.37
N LEU B 806 -12.10 -6.99 2.27
CA LEU B 806 -13.21 -6.92 1.33
C LEU B 806 -14.50 -7.44 1.98
N THR B 807 -14.39 -8.51 2.78
CA THR B 807 -15.57 -9.01 3.48
C THR B 807 -16.14 -7.98 4.44
N GLY B 808 -15.25 -7.30 5.17
CA GLY B 808 -15.70 -6.22 6.04
C GLY B 808 -16.42 -5.14 5.26
N ILE B 809 -15.90 -4.79 4.09
CA ILE B 809 -16.55 -3.77 3.27
C ILE B 809 -17.94 -4.21 2.86
N ALA B 810 -18.08 -5.46 2.43
CA ALA B 810 -19.39 -5.96 1.99
C ALA B 810 -20.40 -5.94 3.13
N VAL B 811 -19.98 -6.43 4.29
CA VAL B 811 -20.87 -6.41 5.46
C VAL B 811 -21.24 -4.98 5.79
N GLU B 812 -20.30 -4.05 5.65
CA GLU B 812 -20.59 -2.64 5.91
C GLU B 812 -21.63 -2.11 4.93
N GLN B 813 -21.57 -2.53 3.66
CA GLN B 813 -22.57 -2.07 2.70
C GLN B 813 -23.96 -2.55 3.10
N ASP B 814 -24.07 -3.83 3.48
CA ASP B 814 -25.36 -4.32 3.93
C ASP B 814 -25.84 -3.54 5.15
N LYS B 815 -24.94 -3.27 6.09
CA LYS B 815 -25.32 -2.51 7.28
C LYS B 815 -25.77 -1.10 6.92
N ASN B 816 -25.09 -0.47 5.96
CA ASN B 816 -25.48 0.87 5.53
C ASN B 816 -26.92 0.88 5.02
N THR B 817 -27.23 -0.06 4.12
CA THR B 817 -28.59 -0.10 3.58
C THR B 817 -29.60 -0.37 4.70
N GLN B 818 -29.28 -1.30 5.60
CA GLN B 818 -30.20 -1.61 6.69
C GLN B 818 -30.45 -0.37 7.55
N GLU B 819 -29.38 0.32 7.95
CA GLU B 819 -29.54 1.47 8.83
C GLU B 819 -30.34 2.57 8.16
N VAL B 820 -30.12 2.79 6.86
CA VAL B 820 -30.84 3.87 6.19
C VAL B 820 -32.32 3.53 6.05
N PHE B 821 -32.64 2.32 5.62
CA PHE B 821 -34.01 2.04 5.17
C PHE B 821 -34.86 1.30 6.20
N ALA B 822 -34.32 0.32 6.92
CA ALA B 822 -35.11 -0.48 7.85
C ALA B 822 -35.34 0.31 9.15
N GLN B 823 -36.09 1.40 9.02
CA GLN B 823 -36.43 2.26 10.14
C GLN B 823 -37.91 2.18 10.50
N VAL B 824 -38.65 1.21 9.97
CA VAL B 824 -40.05 1.03 10.28
C VAL B 824 -40.22 -0.35 10.91
N LYS B 825 -40.88 -0.39 12.06
CA LYS B 825 -41.15 -1.66 12.72
C LYS B 825 -42.19 -2.47 11.95
N GLN B 826 -43.19 -1.80 11.39
CA GLN B 826 -44.25 -2.44 10.63
C GLN B 826 -44.28 -1.92 9.20
N ILE B 827 -44.89 -2.70 8.32
CA ILE B 827 -45.01 -2.34 6.90
C ILE B 827 -46.37 -1.67 6.74
N TYR B 828 -46.40 -0.35 6.92
CA TYR B 828 -47.63 0.41 6.75
C TYR B 828 -48.02 0.48 5.28
N LYS B 829 -49.32 0.49 5.03
CA LYS B 829 -49.85 0.62 3.68
C LYS B 829 -50.98 1.65 3.67
N THR B 830 -50.98 2.49 2.63
CA THR B 830 -51.98 3.53 2.52
C THR B 830 -53.37 2.93 2.27
N PRO B 831 -54.43 3.60 2.71
CA PRO B 831 -55.78 3.09 2.48
C PRO B 831 -56.14 3.17 1.00
N PRO B 832 -57.13 2.40 0.56
CA PRO B 832 -57.54 2.47 -0.85
C PRO B 832 -58.05 3.84 -1.27
N ILE B 833 -58.61 4.61 -0.36
CA ILE B 833 -59.19 5.91 -0.67
C ILE B 833 -58.16 6.98 -0.32
N LYS B 834 -57.73 7.74 -1.32
CA LYS B 834 -56.68 8.74 -1.14
C LYS B 834 -57.30 10.12 -0.96
N ASP B 835 -57.99 10.27 0.17
CA ASP B 835 -58.62 11.55 0.53
C ASP B 835 -57.72 12.32 1.49
N PHE B 836 -56.57 12.74 0.96
CA PHE B 836 -55.56 13.45 1.75
C PHE B 836 -55.73 14.95 1.66
N GLY B 837 -56.95 15.43 1.93
CA GLY B 837 -57.19 16.87 1.99
C GLY B 837 -56.83 17.61 0.73
N GLY B 838 -56.85 16.93 -0.42
CA GLY B 838 -56.49 17.54 -1.68
C GLY B 838 -55.05 17.33 -2.10
N PHE B 839 -54.18 16.94 -1.18
CA PHE B 839 -52.80 16.64 -1.55
C PHE B 839 -52.75 15.34 -2.33
N ASN B 840 -51.79 15.26 -3.25
CA ASN B 840 -51.80 14.27 -4.32
C ASN B 840 -50.43 13.59 -4.35
N PHE B 841 -50.35 12.40 -3.74
CA PHE B 841 -49.09 11.66 -3.63
C PHE B 841 -49.02 10.51 -4.62
N SER B 842 -49.69 10.63 -5.76
CA SER B 842 -49.70 9.54 -6.73
C SER B 842 -48.31 9.26 -7.27
N GLN B 843 -47.54 10.31 -7.57
CA GLN B 843 -46.26 10.14 -8.22
C GLN B 843 -45.18 9.54 -7.31
N ILE B 844 -45.43 9.46 -6.01
CA ILE B 844 -44.46 8.89 -5.08
C ILE B 844 -44.95 7.63 -4.39
N LEU B 845 -46.22 7.28 -4.54
CA LEU B 845 -46.74 6.03 -3.99
C LEU B 845 -46.52 4.88 -4.97
N PRO B 846 -46.50 3.65 -4.48
CA PRO B 846 -46.21 2.52 -5.37
C PRO B 846 -47.28 2.34 -6.43
N ASP B 847 -46.85 1.80 -7.58
CA ASP B 847 -47.76 1.47 -8.68
C ASP B 847 -47.92 -0.04 -8.74
N PRO B 848 -49.04 -0.60 -8.27
CA PRO B 848 -49.19 -2.06 -8.30
C PRO B 848 -49.16 -2.65 -9.70
N SER B 849 -49.49 -1.86 -10.72
CA SER B 849 -49.56 -2.40 -12.07
C SER B 849 -48.22 -2.95 -12.54
N LYS B 850 -47.14 -2.22 -12.26
CA LYS B 850 -45.83 -2.64 -12.72
C LYS B 850 -45.39 -3.91 -11.98
N PRO B 851 -44.60 -4.78 -12.62
CA PRO B 851 -44.09 -5.96 -11.90
C PRO B 851 -43.27 -5.58 -10.68
N SER B 852 -42.52 -4.48 -10.74
CA SER B 852 -41.85 -3.92 -9.58
C SER B 852 -42.74 -2.84 -8.99
N LYS B 853 -43.08 -3.00 -7.71
CA LYS B 853 -44.01 -2.09 -7.04
C LYS B 853 -43.28 -0.81 -6.61
N ARG B 854 -42.72 -0.14 -7.60
CA ARG B 854 -42.02 1.13 -7.40
C ARG B 854 -42.90 2.29 -7.81
N SER B 855 -42.62 3.45 -7.24
CA SER B 855 -43.35 4.66 -7.60
C SER B 855 -42.87 5.16 -8.97
N PHE B 856 -43.62 6.12 -9.51
CA PHE B 856 -43.26 6.72 -10.79
C PHE B 856 -41.86 7.34 -10.71
N ILE B 857 -41.60 8.11 -9.65
CA ILE B 857 -40.31 8.77 -9.52
C ILE B 857 -39.21 7.76 -9.25
N GLU B 858 -39.50 6.70 -8.50
CA GLU B 858 -38.51 5.67 -8.27
C GLU B 858 -38.12 4.98 -9.57
N ASP B 859 -39.10 4.68 -10.42
CA ASP B 859 -38.79 4.13 -11.74
C ASP B 859 -37.97 5.10 -12.56
N LEU B 860 -38.32 6.39 -12.51
CA LEU B 860 -37.55 7.40 -13.22
C LEU B 860 -36.09 7.36 -12.77
N LEU B 861 -35.85 7.34 -11.47
CA LEU B 861 -34.49 7.33 -10.96
C LEU B 861 -33.74 6.07 -11.40
N PHE B 862 -34.39 4.92 -11.30
CA PHE B 862 -33.72 3.67 -11.65
C PHE B 862 -33.38 3.65 -13.13
N ASN B 863 -34.23 4.24 -13.97
CA ASN B 863 -33.90 4.36 -15.39
C ASN B 863 -32.76 5.34 -15.61
N LYS B 864 -32.76 6.46 -14.88
CA LYS B 864 -31.73 7.47 -15.08
C LYS B 864 -30.34 6.92 -14.76
N VAL B 865 -30.22 6.19 -13.66
CA VAL B 865 -28.92 5.62 -13.30
C VAL B 865 -28.68 4.37 -14.12
N THR B 866 -27.58 4.35 -14.87
CA THR B 866 -27.25 3.27 -15.79
C THR B 866 -25.89 2.69 -15.43
N LEU B 867 -25.78 1.36 -15.51
CA LEU B 867 -24.52 0.68 -15.23
C LEU B 867 -23.48 1.07 -16.27
N ALA B 868 -22.24 0.63 -16.02
CA ALA B 868 -21.12 0.92 -16.90
C ALA B 868 -20.55 -0.33 -17.55
N ASP B 869 -20.14 -1.33 -16.76
CA ASP B 869 -19.48 -2.50 -17.32
C ASP B 869 -20.50 -3.52 -17.83
N ALA B 870 -21.32 -4.05 -16.95
CA ALA B 870 -22.30 -5.07 -17.31
C ALA B 870 -23.21 -5.30 -16.09
N GLY B 871 -24.10 -6.27 -16.21
CA GLY B 871 -25.03 -6.57 -15.15
C GLY B 871 -24.36 -6.90 -13.84
N PHE B 872 -24.75 -6.22 -12.77
CA PHE B 872 -24.16 -6.45 -11.45
C PHE B 872 -24.93 -7.54 -10.71
N ASP B 882 -29.20 -6.90 -9.82
CA ASP B 882 -29.31 -6.66 -11.26
C ASP B 882 -30.36 -7.57 -11.88
N ILE B 883 -30.42 -7.56 -13.21
CA ILE B 883 -31.38 -8.38 -13.94
C ILE B 883 -30.69 -9.62 -14.54
N ALA B 884 -29.57 -10.03 -13.96
CA ALA B 884 -28.83 -11.18 -14.47
C ALA B 884 -29.55 -12.47 -14.09
N ALA B 885 -29.93 -13.25 -15.10
CA ALA B 885 -30.56 -14.55 -14.89
C ALA B 885 -29.55 -15.69 -15.04
N ARG B 886 -28.27 -15.37 -15.08
CA ARG B 886 -27.21 -16.37 -15.28
C ARG B 886 -25.98 -15.88 -14.53
N ASP B 887 -24.81 -16.44 -14.87
CA ASP B 887 -23.57 -16.01 -14.25
C ASP B 887 -23.43 -14.49 -14.34
N LEU B 888 -22.55 -13.92 -13.53
CA LEU B 888 -22.42 -12.46 -13.51
C LEU B 888 -22.10 -11.91 -14.88
N ILE B 889 -21.33 -12.65 -15.69
CA ILE B 889 -21.08 -12.29 -17.08
C ILE B 889 -20.41 -10.92 -17.14
N CYS B 890 -19.22 -10.80 -16.55
CA CYS B 890 -18.47 -9.56 -16.57
C CYS B 890 -17.01 -9.86 -16.94
N ALA B 891 -16.31 -8.82 -17.38
CA ALA B 891 -14.90 -8.98 -17.73
C ALA B 891 -14.08 -9.39 -16.53
N GLN B 892 -14.38 -8.83 -15.36
CA GLN B 892 -13.61 -9.14 -14.15
C GLN B 892 -13.74 -10.60 -13.75
N LYS B 893 -14.84 -11.26 -14.12
CA LYS B 893 -15.04 -12.64 -13.69
C LYS B 893 -13.92 -13.56 -14.14
N PHE B 894 -13.20 -13.21 -15.21
CA PHE B 894 -12.16 -14.09 -15.72
C PHE B 894 -11.03 -14.29 -14.73
N ASN B 895 -10.85 -13.39 -13.76
CA ASN B 895 -9.64 -13.32 -12.96
C ASN B 895 -9.97 -13.36 -11.47
N GLY B 896 -10.84 -14.28 -11.07
CA GLY B 896 -11.09 -14.48 -9.65
C GLY B 896 -11.78 -13.34 -8.95
N LEU B 897 -12.52 -12.50 -9.68
CA LEU B 897 -13.23 -11.37 -9.12
C LEU B 897 -14.72 -11.60 -9.26
N THR B 898 -15.46 -11.44 -8.16
CA THR B 898 -16.90 -11.65 -8.13
C THR B 898 -17.56 -10.50 -7.39
N VAL B 899 -18.81 -10.22 -7.78
CA VAL B 899 -19.64 -9.22 -7.12
C VAL B 899 -20.76 -9.94 -6.41
N LEU B 900 -20.87 -9.72 -5.09
CA LEU B 900 -21.91 -10.38 -4.31
C LEU B 900 -23.20 -9.56 -4.34
N PRO B 901 -24.36 -10.21 -4.45
CA PRO B 901 -25.61 -9.45 -4.48
C PRO B 901 -25.87 -8.79 -3.14
N PRO B 902 -26.54 -7.64 -3.13
CA PRO B 902 -26.91 -7.03 -1.85
C PRO B 902 -27.90 -7.89 -1.09
N LEU B 903 -27.84 -7.79 0.24
CA LEU B 903 -28.73 -8.59 1.08
C LEU B 903 -30.19 -8.24 0.83
N LEU B 904 -30.50 -6.95 0.71
CA LEU B 904 -31.85 -6.48 0.45
C LEU B 904 -32.03 -6.24 -1.04
N THR B 905 -33.07 -6.81 -1.61
CA THR B 905 -33.35 -6.62 -3.02
C THR B 905 -33.98 -5.24 -3.26
N ASP B 906 -33.96 -4.83 -4.52
CA ASP B 906 -34.58 -3.55 -4.88
C ASP B 906 -36.06 -3.54 -4.51
N GLU B 907 -36.72 -4.69 -4.65
CA GLU B 907 -38.12 -4.78 -4.25
C GLU B 907 -38.28 -4.53 -2.76
N MET B 908 -37.38 -5.08 -1.95
CA MET B 908 -37.47 -4.90 -0.51
C MET B 908 -37.16 -3.46 -0.11
N ILE B 909 -36.19 -2.83 -0.77
CA ILE B 909 -35.91 -1.42 -0.51
C ILE B 909 -37.12 -0.57 -0.87
N ALA B 910 -37.75 -0.87 -2.01
CA ALA B 910 -38.96 -0.15 -2.39
C ALA B 910 -40.08 -0.38 -1.39
N GLN B 911 -40.18 -1.60 -0.84
CA GLN B 911 -41.18 -1.87 0.18
C GLN B 911 -40.94 -1.04 1.42
N TYR B 912 -39.68 -0.95 1.86
CA TYR B 912 -39.36 -0.12 3.02
C TYR B 912 -39.70 1.34 2.77
N THR B 913 -39.35 1.85 1.59
CA THR B 913 -39.66 3.23 1.26
C THR B 913 -41.17 3.46 1.24
N SER B 914 -41.92 2.51 0.67
CA SER B 914 -43.37 2.61 0.63
C SER B 914 -43.95 2.62 2.03
N ALA B 915 -43.44 1.76 2.91
CA ALA B 915 -43.92 1.73 4.28
C ALA B 915 -43.65 3.06 4.98
N LEU B 916 -42.45 3.61 4.80
CA LEU B 916 -42.13 4.89 5.41
C LEU B 916 -43.06 5.98 4.90
N LEU B 917 -43.28 6.03 3.59
CA LEU B 917 -44.14 7.07 3.02
C LEU B 917 -45.58 6.93 3.49
N ALA B 918 -46.10 5.69 3.53
CA ALA B 918 -47.46 5.47 3.97
C ALA B 918 -47.62 5.85 5.43
N GLY B 919 -46.68 5.43 6.28
CA GLY B 919 -46.74 5.80 7.68
C GLY B 919 -46.72 7.30 7.86
N THR B 920 -45.84 7.99 7.12
CA THR B 920 -45.82 9.45 7.19
C THR B 920 -47.18 10.02 6.84
N ILE B 921 -47.64 9.79 5.60
CA ILE B 921 -48.85 10.47 5.15
C ILE B 921 -50.09 10.06 5.92
N THR B 922 -50.06 8.93 6.64
CA THR B 922 -51.23 8.50 7.39
C THR B 922 -51.17 8.84 8.87
N SER B 923 -49.99 9.05 9.45
CA SER B 923 -49.90 9.24 10.89
C SER B 923 -48.89 10.30 11.31
N GLY B 924 -48.53 11.23 10.42
CA GLY B 924 -47.60 12.27 10.83
C GLY B 924 -46.29 11.68 11.30
N TRP B 925 -45.82 12.18 12.44
CA TRP B 925 -44.56 11.72 13.04
C TRP B 925 -44.79 10.73 14.18
N THR B 926 -46.03 10.30 14.40
CA THR B 926 -46.32 9.44 15.54
C THR B 926 -45.73 8.06 15.37
N PHE B 927 -45.74 7.53 14.14
CA PHE B 927 -45.22 6.19 13.92
C PHE B 927 -43.72 6.10 14.14
N GLY B 928 -43.00 7.24 14.04
CA GLY B 928 -41.59 7.24 14.33
C GLY B 928 -41.25 7.17 15.80
N ALA B 929 -42.22 7.49 16.67
CA ALA B 929 -42.02 7.45 18.11
C ALA B 929 -42.73 6.27 18.78
N GLY B 930 -43.77 5.72 18.16
CA GLY B 930 -44.48 4.61 18.75
C GLY B 930 -45.45 3.99 17.77
N ALA B 931 -46.63 3.60 18.26
CA ALA B 931 -47.66 3.08 17.38
C ALA B 931 -48.16 4.19 16.46
N ALA B 932 -48.43 3.82 15.20
CA ALA B 932 -48.93 4.80 14.23
C ALA B 932 -50.32 5.26 14.66
N LEU B 933 -50.48 6.56 14.83
CA LEU B 933 -51.75 7.17 15.20
C LEU B 933 -52.26 7.96 14.01
N GLN B 934 -53.41 7.54 13.46
CA GLN B 934 -53.93 8.19 12.28
C GLN B 934 -54.33 9.63 12.59
N ILE B 935 -54.24 10.48 11.58
CA ILE B 935 -54.65 11.88 11.68
C ILE B 935 -54.95 12.38 10.27
N PRO B 936 -56.02 13.13 10.05
CA PRO B 936 -56.26 13.66 8.70
C PRO B 936 -55.08 14.49 8.24
N PHE B 937 -54.75 14.35 6.95
CA PHE B 937 -53.52 14.98 6.45
C PHE B 937 -53.58 16.50 6.55
N ALA B 938 -54.77 17.08 6.36
CA ALA B 938 -54.88 18.53 6.52
C ALA B 938 -54.51 18.95 7.93
N MET B 939 -54.99 18.20 8.93
CA MET B 939 -54.65 18.52 10.32
C MET B 939 -53.18 18.26 10.61
N GLN B 940 -52.60 17.23 10.00
CA GLN B 940 -51.16 17.00 10.14
C GLN B 940 -50.38 18.19 9.59
N MET B 941 -50.76 18.68 8.42
CA MET B 941 -50.09 19.84 7.85
C MET B 941 -50.32 21.08 8.70
N ALA B 942 -51.47 21.17 9.37
CA ALA B 942 -51.67 22.26 10.33
C ALA B 942 -50.69 22.15 11.49
N TYR B 943 -50.46 20.93 11.97
CA TYR B 943 -49.44 20.73 12.99
C TYR B 943 -48.08 21.19 12.49
N ARG B 944 -47.74 20.85 11.23
CA ARG B 944 -46.45 21.26 10.69
C ARG B 944 -46.34 22.78 10.61
N PHE B 945 -47.42 23.44 10.17
CA PHE B 945 -47.41 24.90 10.09
C PHE B 945 -47.21 25.50 11.47
N ASN B 946 -47.88 24.96 12.49
CA ASN B 946 -47.60 25.37 13.85
C ASN B 946 -46.13 25.16 14.19
N GLY B 947 -45.56 24.05 13.73
CA GLY B 947 -44.17 23.77 14.03
C GLY B 947 -43.23 24.84 13.49
N ILE B 948 -43.49 25.31 12.27
CA ILE B 948 -42.63 26.35 11.69
C ILE B 948 -42.99 27.74 12.17
N GLY B 949 -43.95 27.87 13.09
CA GLY B 949 -44.30 29.16 13.64
C GLY B 949 -45.42 29.89 12.94
N VAL B 950 -46.19 29.23 12.09
CA VAL B 950 -47.33 29.82 11.40
C VAL B 950 -48.59 29.20 11.96
N THR B 951 -49.59 30.04 12.26
CA THR B 951 -50.82 29.55 12.85
C THR B 951 -51.55 28.61 11.90
N GLN B 952 -52.23 27.62 12.47
CA GLN B 952 -52.91 26.61 11.67
C GLN B 952 -54.06 27.18 10.86
N ASN B 953 -54.65 28.30 11.30
CA ASN B 953 -55.70 28.92 10.51
C ASN B 953 -55.20 29.29 9.13
N VAL B 954 -53.93 29.62 8.99
CA VAL B 954 -53.37 29.95 7.68
C VAL B 954 -53.52 28.78 6.74
N LEU B 955 -53.14 27.58 7.19
CA LEU B 955 -53.31 26.40 6.36
C LEU B 955 -54.79 26.11 6.12
N TYR B 956 -55.61 26.19 7.17
CA TYR B 956 -57.01 25.82 6.96
C TYR B 956 -57.72 26.80 6.04
N GLU B 957 -57.21 28.01 5.89
CA GLU B 957 -57.81 28.99 4.99
C GLU B 957 -57.18 28.99 3.60
N ASN B 958 -55.95 28.49 3.46
CA ASN B 958 -55.30 28.38 2.16
C ASN B 958 -55.04 26.93 1.78
N GLN B 959 -55.89 26.01 2.25
CA GLN B 959 -55.67 24.60 1.99
C GLN B 959 -55.66 24.29 0.51
N LYS B 960 -56.63 24.81 -0.25
CA LYS B 960 -56.69 24.52 -1.67
C LYS B 960 -55.43 25.03 -2.37
N LEU B 961 -55.02 26.26 -2.05
CA LEU B 961 -53.83 26.82 -2.66
C LEU B 961 -52.59 26.01 -2.31
N ILE B 962 -52.48 25.59 -1.05
CA ILE B 962 -51.30 24.86 -0.61
C ILE B 962 -51.25 23.49 -1.27
N ALA B 963 -52.39 22.81 -1.38
CA ALA B 963 -52.42 21.52 -2.06
C ALA B 963 -52.05 21.68 -3.52
N ASN B 964 -52.57 22.72 -4.18
CA ASN B 964 -52.21 22.96 -5.57
C ASN B 964 -50.72 23.22 -5.71
N GLN B 965 -50.16 24.01 -4.80
CA GLN B 965 -48.72 24.31 -4.86
C GLN B 965 -47.90 23.05 -4.68
N PHE B 966 -48.28 22.21 -3.72
CA PHE B 966 -47.55 20.96 -3.51
C PHE B 966 -47.64 20.05 -4.73
N ASN B 967 -48.82 19.92 -5.32
CA ASN B 967 -48.97 19.08 -6.50
C ASN B 967 -48.14 19.62 -7.65
N SER B 968 -48.13 20.94 -7.84
CA SER B 968 -47.32 21.54 -8.90
C SER B 968 -45.84 21.30 -8.65
N ALA B 969 -45.39 21.41 -7.41
CA ALA B 969 -43.98 21.17 -7.10
C ALA B 969 -43.61 19.72 -7.37
N ILE B 970 -44.48 18.78 -7.00
CA ILE B 970 -44.21 17.37 -7.27
C ILE B 970 -44.13 17.11 -8.76
N GLY B 971 -45.05 17.69 -9.53
CA GLY B 971 -44.99 17.55 -10.97
C GLY B 971 -43.71 18.13 -11.55
N LYS B 972 -43.28 19.28 -11.03
CA LYS B 972 -42.03 19.88 -11.48
C LYS B 972 -40.84 18.98 -11.18
N ILE B 973 -40.83 18.36 -9.99
CA ILE B 973 -39.77 17.42 -9.66
C ILE B 973 -39.74 16.27 -10.65
N GLN B 974 -40.92 15.71 -10.93
CA GLN B 974 -41.01 14.60 -11.87
C GLN B 974 -40.48 15.00 -13.24
N ASP B 975 -40.91 16.15 -13.74
CA ASP B 975 -40.49 16.59 -15.07
C ASP B 975 -39.00 16.87 -15.10
N SER B 976 -38.46 17.50 -14.06
CA SER B 976 -37.04 17.77 -14.03
C SER B 976 -36.22 16.49 -14.05
N LEU B 977 -36.63 15.50 -13.24
CA LEU B 977 -35.90 14.23 -13.25
C LEU B 977 -36.01 13.55 -14.61
N SER B 978 -37.19 13.59 -15.23
CA SER B 978 -37.38 12.95 -16.52
C SER B 978 -36.51 13.61 -17.59
N SER B 979 -36.42 14.93 -17.57
CA SER B 979 -35.70 15.64 -18.63
C SER B 979 -34.20 15.64 -18.39
N THR B 980 -33.76 16.23 -17.28
CA THR B 980 -32.34 16.37 -17.03
C THR B 980 -31.71 15.01 -16.73
N ALA B 981 -30.38 14.94 -16.88
CA ALA B 981 -29.64 13.70 -16.68
C ALA B 981 -28.55 13.80 -15.62
N SER B 982 -28.18 15.00 -15.19
CA SER B 982 -27.11 15.19 -14.22
C SER B 982 -27.61 15.25 -12.79
N ALA B 983 -28.89 15.00 -12.56
CA ALA B 983 -29.44 15.07 -11.21
C ALA B 983 -28.84 13.99 -10.30
N LEU B 984 -28.60 12.81 -10.84
CA LEU B 984 -28.11 11.66 -10.06
C LEU B 984 -26.59 11.52 -10.17
N GLY B 985 -25.90 12.66 -10.23
CA GLY B 985 -24.47 12.65 -10.42
C GLY B 985 -23.74 11.87 -9.34
N LYS B 986 -24.18 11.98 -8.09
CA LYS B 986 -23.47 11.31 -7.00
C LYS B 986 -23.51 9.80 -7.16
N LEU B 987 -24.71 9.25 -7.38
CA LEU B 987 -24.83 7.80 -7.55
C LEU B 987 -24.09 7.34 -8.81
N GLN B 988 -24.22 8.10 -9.90
CA GLN B 988 -23.53 7.73 -11.12
C GLN B 988 -22.01 7.72 -10.92
N ASP B 989 -21.49 8.70 -10.18
CA ASP B 989 -20.06 8.75 -9.91
C ASP B 989 -19.62 7.58 -9.03
N VAL B 990 -20.43 7.19 -8.05
CA VAL B 990 -20.07 6.04 -7.23
C VAL B 990 -19.97 4.79 -8.12
N VAL B 991 -20.97 4.59 -8.98
CA VAL B 991 -20.96 3.42 -9.86
C VAL B 991 -19.74 3.46 -10.78
N ASN B 992 -19.48 4.64 -11.36
CA ASN B 992 -18.35 4.77 -12.28
C ASN B 992 -17.03 4.52 -11.58
N GLN B 993 -16.87 5.01 -10.36
CA GLN B 993 -15.64 4.80 -9.63
C GLN B 993 -15.41 3.33 -9.34
N ASN B 994 -16.45 2.63 -8.88
CA ASN B 994 -16.29 1.20 -8.63
C ASN B 994 -15.92 0.45 -9.91
N ALA B 995 -16.64 0.75 -10.99
CA ALA B 995 -16.36 0.06 -12.26
C ALA B 995 -14.95 0.36 -12.74
N GLN B 996 -14.50 1.60 -12.63
CA GLN B 996 -13.17 1.97 -13.09
C GLN B 996 -12.10 1.30 -12.23
N ALA B 997 -12.33 1.21 -10.92
CA ALA B 997 -11.37 0.51 -10.06
C ALA B 997 -11.24 -0.94 -10.47
N LEU B 998 -12.36 -1.62 -10.69
CA LEU B 998 -12.29 -3.02 -11.12
C LEU B 998 -11.61 -3.14 -12.47
N ASN B 999 -11.92 -2.21 -13.40
CA ASN B 999 -11.31 -2.27 -14.72
C ASN B 999 -9.81 -2.10 -14.65
N THR B 1000 -9.33 -1.16 -13.83
CA THR B 1000 -7.89 -0.98 -13.67
C THR B 1000 -7.25 -2.21 -13.04
N LEU B 1001 -7.91 -2.79 -12.04
CA LEU B 1001 -7.38 -4.00 -11.42
C LEU B 1001 -7.22 -5.11 -12.44
N VAL B 1002 -8.21 -5.28 -13.32
CA VAL B 1002 -8.11 -6.34 -14.33
C VAL B 1002 -7.04 -6.00 -15.36
N LYS B 1003 -6.95 -4.73 -15.76
CA LYS B 1003 -5.96 -4.32 -16.74
C LYS B 1003 -4.54 -4.43 -16.22
N GLN B 1004 -4.36 -4.43 -14.90
CA GLN B 1004 -3.02 -4.57 -14.34
C GLN B 1004 -2.42 -5.94 -14.58
N LEU B 1005 -3.22 -6.91 -15.04
CA LEU B 1005 -2.72 -8.25 -15.32
C LEU B 1005 -1.98 -8.35 -16.64
N SER B 1006 -1.98 -7.29 -17.45
CA SER B 1006 -1.29 -7.27 -18.73
C SER B 1006 0.06 -6.58 -18.66
N SER B 1007 0.56 -6.29 -17.46
CA SER B 1007 1.82 -5.60 -17.28
C SER B 1007 2.91 -6.58 -16.86
N ASN B 1008 4.11 -6.38 -17.39
CA ASN B 1008 5.23 -7.26 -17.06
C ASN B 1008 5.78 -7.00 -15.67
N PHE B 1009 5.75 -5.74 -15.22
CA PHE B 1009 6.36 -5.36 -13.95
C PHE B 1009 7.86 -5.66 -13.95
N GLY B 1010 8.47 -5.65 -15.13
CA GLY B 1010 9.89 -5.94 -15.28
C GLY B 1010 10.19 -7.35 -15.74
N ALA B 1011 9.21 -8.23 -15.76
CA ALA B 1011 9.42 -9.59 -16.23
C ALA B 1011 9.52 -9.62 -17.76
N ILE B 1012 9.95 -10.77 -18.28
CA ILE B 1012 10.06 -10.92 -19.73
C ILE B 1012 8.69 -10.87 -20.38
N SER B 1013 7.67 -11.39 -19.71
CA SER B 1013 6.32 -11.41 -20.27
C SER B 1013 5.32 -11.31 -19.13
N SER B 1014 4.08 -10.97 -19.49
CA SER B 1014 2.99 -10.91 -18.52
C SER B 1014 2.17 -12.19 -18.49
N VAL B 1015 2.57 -13.22 -19.23
CA VAL B 1015 1.84 -14.47 -19.29
C VAL B 1015 2.66 -15.53 -18.56
N LEU B 1016 2.08 -16.11 -17.52
CA LEU B 1016 2.79 -17.11 -16.73
C LEU B 1016 3.13 -18.34 -17.56
N ASN B 1017 2.20 -18.77 -18.41
CA ASN B 1017 2.46 -19.93 -19.26
C ASN B 1017 3.62 -19.66 -20.21
N ASP B 1018 3.64 -18.46 -20.82
CA ASP B 1018 4.76 -18.11 -21.70
C ASP B 1018 6.07 -18.10 -20.94
N ILE B 1019 6.07 -17.51 -19.74
CA ILE B 1019 7.30 -17.49 -18.95
C ILE B 1019 7.76 -18.92 -18.68
N LEU B 1020 6.86 -19.78 -18.21
CA LEU B 1020 7.25 -21.14 -17.85
C LEU B 1020 7.75 -21.91 -19.06
N SER B 1021 7.08 -21.77 -20.21
CA SER B 1021 7.49 -22.52 -21.40
C SER B 1021 8.83 -22.02 -21.91
N ARG B 1022 9.01 -20.70 -22.03
CA ARG B 1022 10.24 -20.16 -22.59
C ARG B 1022 11.40 -20.20 -21.62
N LEU B 1023 11.14 -20.45 -20.34
CA LEU B 1023 12.19 -20.52 -19.34
C LEU B 1023 12.06 -21.84 -18.58
N ASP B 1024 12.84 -22.01 -17.52
CA ASP B 1024 12.67 -23.18 -16.66
C ASP B 1024 12.80 -22.72 -15.22
N PRO B 1025 12.20 -23.45 -14.27
CA PRO B 1025 12.05 -22.95 -12.91
C PRO B 1025 13.25 -22.17 -12.43
N PRO B 1026 14.47 -22.67 -12.65
CA PRO B 1026 15.67 -21.96 -12.19
C PRO B 1026 15.60 -20.44 -12.29
N GLU B 1027 15.12 -19.90 -13.41
CA GLU B 1027 14.95 -18.46 -13.57
C GLU B 1027 13.52 -18.04 -13.83
N ALA B 1028 12.68 -18.96 -14.30
CA ALA B 1028 11.26 -18.69 -14.36
C ALA B 1028 10.72 -18.34 -12.99
N GLU B 1029 11.35 -18.82 -11.92
CA GLU B 1029 10.97 -18.41 -10.58
C GLU B 1029 11.25 -16.94 -10.36
N VAL B 1030 12.38 -16.44 -10.87
CA VAL B 1030 12.68 -15.01 -10.77
C VAL B 1030 11.62 -14.20 -11.49
N GLN B 1031 11.31 -14.61 -12.73
CA GLN B 1031 10.31 -13.88 -13.50
C GLN B 1031 8.93 -13.93 -12.83
N ILE B 1032 8.55 -15.11 -12.34
CA ILE B 1032 7.25 -15.27 -11.70
C ILE B 1032 7.19 -14.48 -10.42
N ASP B 1033 8.31 -14.38 -9.69
CA ASP B 1033 8.33 -13.56 -8.48
C ASP B 1033 8.15 -12.09 -8.82
N ARG B 1034 8.75 -11.63 -9.91
CA ARG B 1034 8.50 -10.26 -10.36
C ARG B 1034 7.02 -10.04 -10.60
N LEU B 1035 6.39 -10.95 -11.35
CA LEU B 1035 4.97 -10.82 -11.65
C LEU B 1035 4.14 -10.87 -10.37
N ILE B 1036 4.50 -11.76 -9.44
CA ILE B 1036 3.76 -11.89 -8.19
C ILE B 1036 3.82 -10.59 -7.41
N THR B 1037 5.02 -10.01 -7.30
CA THR B 1037 5.16 -8.74 -6.59
C THR B 1037 4.29 -7.67 -7.22
N GLY B 1038 4.33 -7.56 -8.54
CA GLY B 1038 3.53 -6.54 -9.21
C GLY B 1038 2.04 -6.72 -8.96
N ARG B 1039 1.54 -7.95 -9.12
CA ARG B 1039 0.12 -8.19 -8.98
C ARG B 1039 -0.33 -8.04 -7.54
N LEU B 1040 0.51 -8.44 -6.58
CA LEU B 1040 0.18 -8.25 -5.17
C LEU B 1040 0.10 -6.76 -4.84
N GLN B 1041 1.01 -5.96 -5.39
CA GLN B 1041 0.93 -4.52 -5.19
C GLN B 1041 -0.36 -3.96 -5.79
N SER B 1042 -0.74 -4.44 -6.97
CA SER B 1042 -1.98 -3.99 -7.59
C SER B 1042 -3.19 -4.31 -6.69
N LEU B 1043 -3.24 -5.54 -6.17
CA LEU B 1043 -4.34 -5.92 -5.29
C LEU B 1043 -4.35 -5.07 -4.03
N GLN B 1044 -3.18 -4.83 -3.45
CA GLN B 1044 -3.11 -4.00 -2.24
C GLN B 1044 -3.63 -2.60 -2.51
N THR B 1045 -3.23 -2.00 -3.63
CA THR B 1045 -3.71 -0.66 -3.97
C THR B 1045 -5.22 -0.66 -4.16
N TYR B 1046 -5.76 -1.67 -4.84
CA TYR B 1046 -7.20 -1.74 -5.03
C TYR B 1046 -7.93 -1.84 -3.70
N VAL B 1047 -7.42 -2.68 -2.80
CA VAL B 1047 -8.11 -2.88 -1.53
C VAL B 1047 -8.04 -1.62 -0.68
N THR B 1048 -6.91 -0.91 -0.70
CA THR B 1048 -6.81 0.33 0.06
C THR B 1048 -7.76 1.38 -0.48
N GLN B 1049 -7.83 1.52 -1.81
CA GLN B 1049 -8.77 2.46 -2.40
C GLN B 1049 -10.20 2.10 -2.03
N GLN B 1050 -10.52 0.81 -2.06
CA GLN B 1050 -11.86 0.37 -1.68
C GLN B 1050 -12.15 0.70 -0.22
N LEU B 1051 -11.16 0.55 0.66
CA LEU B 1051 -11.37 0.86 2.07
C LEU B 1051 -11.68 2.34 2.25
N ILE B 1052 -10.92 3.21 1.58
CA ILE B 1052 -11.17 4.64 1.71
C ILE B 1052 -12.53 5.01 1.14
N ARG B 1053 -12.87 4.46 -0.03
CA ARG B 1053 -14.16 4.73 -0.64
C ARG B 1053 -15.30 4.23 0.24
N ALA B 1054 -15.11 3.08 0.88
CA ALA B 1054 -16.13 2.53 1.77
C ALA B 1054 -16.30 3.42 2.99
N ALA B 1055 -15.22 4.00 3.51
CA ALA B 1055 -15.36 4.94 4.60
C ALA B 1055 -16.18 6.15 4.17
N GLU B 1056 -15.91 6.68 2.98
CA GLU B 1056 -16.69 7.81 2.48
C GLU B 1056 -18.17 7.45 2.32
N ILE B 1057 -18.44 6.28 1.74
CA ILE B 1057 -19.82 5.85 1.55
C ILE B 1057 -20.50 5.61 2.89
N ARG B 1058 -19.77 5.13 3.89
CA ARG B 1058 -20.35 4.95 5.22
C ARG B 1058 -20.72 6.29 5.83
N ALA B 1059 -19.88 7.30 5.66
CA ALA B 1059 -20.24 8.63 6.13
C ALA B 1059 -21.50 9.11 5.43
N SER B 1060 -21.59 8.91 4.12
CA SER B 1060 -22.78 9.31 3.38
C SER B 1060 -24.02 8.57 3.87
N ALA B 1061 -23.87 7.27 4.16
CA ALA B 1061 -25.00 6.47 4.60
C ALA B 1061 -25.45 6.85 6.00
N ASN B 1062 -24.50 7.20 6.87
CA ASN B 1062 -24.87 7.71 8.19
C ASN B 1062 -25.63 9.02 8.06
N LEU B 1063 -25.18 9.90 7.17
CA LEU B 1063 -25.93 11.13 6.93
C LEU B 1063 -27.33 10.83 6.41
N ALA B 1064 -27.44 9.86 5.50
CA ALA B 1064 -28.75 9.52 4.94
C ALA B 1064 -29.68 8.95 6.02
N ALA B 1065 -29.14 8.11 6.91
CA ALA B 1065 -29.96 7.58 7.98
C ALA B 1065 -30.42 8.68 8.93
N THR B 1066 -29.52 9.60 9.28
CA THR B 1066 -29.92 10.72 10.11
C THR B 1066 -30.99 11.56 9.43
N LYS B 1067 -30.84 11.80 8.13
CA LYS B 1067 -31.84 12.57 7.40
C LYS B 1067 -33.17 11.86 7.38
N MET B 1068 -33.17 10.54 7.17
CA MET B 1068 -34.42 9.78 7.23
C MET B 1068 -35.09 9.99 8.58
N SER B 1069 -34.33 9.76 9.66
CA SER B 1069 -34.91 9.85 11.00
C SER B 1069 -35.45 11.24 11.28
N GLU B 1070 -34.72 12.29 10.90
CA GLU B 1070 -35.03 13.64 11.36
C GLU B 1070 -35.90 14.43 10.39
N CYS B 1071 -36.05 13.99 9.14
CA CYS B 1071 -36.86 14.68 8.17
C CYS B 1071 -38.08 13.88 7.73
N VAL B 1072 -37.95 12.56 7.61
CA VAL B 1072 -39.08 11.73 7.23
C VAL B 1072 -39.89 11.31 8.44
N LEU B 1073 -39.22 10.89 9.51
CA LEU B 1073 -39.89 10.46 10.72
C LEU B 1073 -40.24 11.62 11.65
N GLY B 1074 -39.90 12.85 11.29
CA GLY B 1074 -40.23 13.98 12.12
C GLY B 1074 -40.07 15.27 11.35
N GLN B 1075 -40.27 16.38 12.07
CA GLN B 1075 -40.07 17.71 11.53
C GLN B 1075 -38.85 18.33 12.20
N SER B 1076 -37.93 18.84 11.38
CA SER B 1076 -36.63 19.30 11.86
C SER B 1076 -36.61 20.82 11.92
N LYS B 1077 -36.14 21.35 13.05
CA LYS B 1077 -35.89 22.78 13.19
C LYS B 1077 -34.50 23.18 12.75
N ARG B 1078 -33.62 22.21 12.49
CA ARG B 1078 -32.28 22.52 12.03
C ARG B 1078 -32.33 23.19 10.67
N VAL B 1079 -31.58 24.27 10.52
CA VAL B 1079 -31.65 25.09 9.32
C VAL B 1079 -30.87 24.40 8.20
N ASP B 1080 -31.50 24.32 7.02
CA ASP B 1080 -30.89 23.79 5.81
C ASP B 1080 -30.53 22.32 5.92
N PHE B 1081 -31.03 21.61 6.93
CA PHE B 1081 -30.79 20.17 7.02
C PHE B 1081 -31.74 19.41 6.11
N CYS B 1082 -33.04 19.61 6.29
CA CYS B 1082 -34.05 19.01 5.42
C CYS B 1082 -34.50 20.02 4.35
N GLY B 1083 -33.56 20.41 3.50
CA GLY B 1083 -33.85 21.31 2.41
C GLY B 1083 -33.81 22.77 2.83
N LYS B 1084 -33.89 23.64 1.81
CA LYS B 1084 -33.87 25.08 2.02
C LYS B 1084 -35.26 25.60 2.33
N GLY B 1085 -35.35 26.48 3.31
CA GLY B 1085 -36.62 26.98 3.80
C GLY B 1085 -36.99 26.34 5.12
N TYR B 1086 -38.23 26.60 5.54
CA TYR B 1086 -38.75 26.05 6.78
C TYR B 1086 -39.29 24.65 6.50
N HIS B 1087 -38.62 23.63 7.05
CA HIS B 1087 -38.99 22.26 6.77
C HIS B 1087 -40.40 21.96 7.26
N LEU B 1088 -41.18 21.30 6.41
CA LEU B 1088 -42.49 20.78 6.79
C LEU B 1088 -42.47 19.26 6.86
N MET B 1089 -42.10 18.60 5.76
CA MET B 1089 -42.03 17.15 5.73
C MET B 1089 -41.15 16.73 4.57
N SER B 1090 -40.68 15.49 4.63
CA SER B 1090 -39.87 14.92 3.57
C SER B 1090 -40.40 13.53 3.23
N PHE B 1091 -40.15 13.11 1.99
CA PHE B 1091 -40.59 11.80 1.51
C PHE B 1091 -39.39 11.07 0.94
N PRO B 1092 -39.11 9.84 1.36
CA PRO B 1092 -37.99 9.10 0.80
C PRO B 1092 -38.36 8.36 -0.47
N GLN B 1093 -37.39 8.29 -1.38
CA GLN B 1093 -37.51 7.52 -2.61
C GLN B 1093 -36.23 6.72 -2.79
N SER B 1094 -36.37 5.43 -3.06
CA SER B 1094 -35.22 4.57 -3.24
C SER B 1094 -34.62 4.75 -4.63
N ALA B 1095 -33.30 4.79 -4.70
CA ALA B 1095 -32.55 4.91 -5.93
C ALA B 1095 -31.44 3.87 -5.92
N PRO B 1096 -30.88 3.54 -7.08
CA PRO B 1096 -29.83 2.51 -7.12
C PRO B 1096 -28.63 2.91 -6.27
N HIS B 1097 -28.36 2.11 -5.24
CA HIS B 1097 -27.23 2.31 -4.34
C HIS B 1097 -27.34 3.64 -3.59
N GLY B 1098 -28.56 4.15 -3.42
CA GLY B 1098 -28.72 5.41 -2.74
C GLY B 1098 -30.17 5.64 -2.35
N VAL B 1099 -30.42 6.85 -1.85
CA VAL B 1099 -31.76 7.27 -1.46
C VAL B 1099 -31.98 8.70 -1.95
N VAL B 1100 -33.22 9.05 -2.19
CA VAL B 1100 -33.61 10.38 -2.63
C VAL B 1100 -34.65 10.93 -1.66
N PHE B 1101 -34.45 12.16 -1.21
CA PHE B 1101 -35.36 12.82 -0.29
C PHE B 1101 -36.04 13.98 -1.01
N LEU B 1102 -37.37 14.02 -0.90
CA LEU B 1102 -38.16 15.13 -1.43
C LEU B 1102 -38.54 16.02 -0.26
N HIS B 1103 -37.75 17.06 -0.03
CA HIS B 1103 -37.95 17.93 1.11
C HIS B 1103 -39.02 18.96 0.80
N VAL B 1104 -40.14 18.90 1.52
CA VAL B 1104 -41.20 19.88 1.40
C VAL B 1104 -40.94 20.97 2.44
N THR B 1105 -40.77 22.20 1.96
CA THR B 1105 -40.43 23.32 2.82
C THR B 1105 -41.40 24.47 2.58
N TYR B 1106 -41.44 25.39 3.53
CA TYR B 1106 -42.29 26.57 3.48
C TYR B 1106 -41.41 27.78 3.24
N VAL B 1107 -41.70 28.51 2.15
CA VAL B 1107 -40.87 29.65 1.76
C VAL B 1107 -41.74 30.90 1.70
N PRO B 1108 -41.52 31.90 2.56
CA PRO B 1108 -42.28 33.14 2.44
C PRO B 1108 -42.02 33.81 1.09
N ALA B 1109 -43.08 34.40 0.53
CA ALA B 1109 -43.07 34.79 -0.88
C ALA B 1109 -43.13 36.29 -1.10
N GLN B 1110 -44.15 36.98 -0.59
CA GLN B 1110 -44.43 38.37 -0.97
C GLN B 1110 -44.36 39.24 0.27
N GLU B 1111 -43.19 39.81 0.54
CA GLU B 1111 -42.98 40.63 1.73
C GLU B 1111 -43.46 42.06 1.51
N LYS B 1112 -44.19 42.57 2.49
CA LYS B 1112 -44.58 43.97 2.52
C LYS B 1112 -43.63 44.73 3.45
N ASN B 1113 -43.82 46.04 3.52
CA ASN B 1113 -42.97 46.92 4.31
C ASN B 1113 -43.82 47.61 5.37
N PHE B 1114 -43.38 47.54 6.62
CA PHE B 1114 -44.13 48.10 7.74
C PHE B 1114 -43.18 48.81 8.69
N THR B 1115 -43.74 49.75 9.44
CA THR B 1115 -43.05 50.36 10.57
C THR B 1115 -43.36 49.55 11.82
N THR B 1116 -42.33 49.30 12.62
CA THR B 1116 -42.46 48.43 13.79
C THR B 1116 -41.93 49.14 15.03
N ALA B 1117 -42.40 48.66 16.18
CA ALA B 1117 -41.97 49.15 17.47
C ALA B 1117 -41.70 47.96 18.40
N PRO B 1118 -40.81 48.13 19.38
CA PRO B 1118 -40.58 47.01 20.30
C PRO B 1118 -41.70 46.82 21.30
N ALA B 1119 -42.33 47.90 21.75
CA ALA B 1119 -43.40 47.81 22.73
C ALA B 1119 -44.37 48.96 22.47
N ILE B 1120 -45.40 49.06 23.31
CA ILE B 1120 -46.44 50.07 23.17
C ILE B 1120 -46.79 50.61 24.54
N CYS B 1121 -46.99 51.92 24.62
CA CYS B 1121 -47.40 52.60 25.85
C CYS B 1121 -48.91 52.79 25.85
N HIS B 1122 -49.57 52.36 26.93
CA HIS B 1122 -51.00 52.52 27.05
C HIS B 1122 -51.39 53.44 28.20
N ASP B 1123 -50.97 53.14 29.43
CA ASP B 1123 -51.32 53.93 30.60
C ASP B 1123 -50.10 54.06 31.50
N GLY B 1124 -48.96 54.38 30.90
CA GLY B 1124 -47.70 54.31 31.61
C GLY B 1124 -47.17 52.91 31.75
N LYS B 1125 -47.77 51.94 31.07
CA LYS B 1125 -47.34 50.55 31.10
C LYS B 1125 -46.85 50.14 29.72
N ALA B 1126 -45.79 49.35 29.68
CA ALA B 1126 -45.23 48.86 28.43
C ALA B 1126 -45.85 47.51 28.09
N HIS B 1127 -46.40 47.41 26.88
CA HIS B 1127 -47.01 46.19 26.39
C HIS B 1127 -46.10 45.55 25.35
N PHE B 1128 -45.81 44.27 25.52
CA PHE B 1128 -45.03 43.50 24.56
C PHE B 1128 -45.90 42.41 23.95
N PRO B 1129 -45.64 42.00 22.71
CA PRO B 1129 -46.48 40.96 22.09
C PRO B 1129 -46.26 39.62 22.76
N ARG B 1130 -47.36 38.90 22.99
CA ARG B 1130 -47.25 37.52 23.47
C ARG B 1130 -46.57 36.65 22.44
N GLU B 1131 -47.05 36.69 21.20
CA GLU B 1131 -46.39 36.03 20.08
C GLU B 1131 -46.69 36.85 18.84
N GLY B 1132 -45.63 37.37 18.20
CA GLY B 1132 -45.78 38.21 17.03
C GLY B 1132 -45.00 39.49 17.19
N VAL B 1133 -45.36 40.48 16.37
CA VAL B 1133 -44.63 41.73 16.32
C VAL B 1133 -45.61 42.86 16.04
N PHE B 1134 -45.33 44.03 16.62
CA PHE B 1134 -46.13 45.22 16.39
C PHE B 1134 -45.75 45.84 15.06
N VAL B 1135 -46.74 46.15 14.22
CA VAL B 1135 -46.51 46.77 12.92
C VAL B 1135 -47.50 47.91 12.74
N SER B 1136 -47.14 48.84 11.87
CA SER B 1136 -47.98 49.99 11.55
C SER B 1136 -48.21 50.05 10.04
N ASN B 1137 -49.48 49.96 9.66
CA ASN B 1137 -49.95 50.19 8.30
C ASN B 1137 -49.93 51.65 7.90
N GLY B 1138 -49.42 52.53 8.75
CA GLY B 1138 -49.18 53.90 8.37
C GLY B 1138 -49.85 54.87 9.32
N THR B 1139 -51.00 54.48 9.85
CA THR B 1139 -51.77 55.32 10.74
C THR B 1139 -52.19 54.56 11.99
N HIS B 1140 -52.38 53.25 11.86
CA HIS B 1140 -52.86 52.40 12.93
C HIS B 1140 -51.85 51.29 13.22
N TRP B 1141 -51.85 50.83 14.47
CA TRP B 1141 -50.93 49.80 14.93
C TRP B 1141 -51.67 48.49 15.15
N PHE B 1142 -51.04 47.40 14.74
CA PHE B 1142 -51.58 46.06 14.88
C PHE B 1142 -50.50 45.13 15.44
N VAL B 1143 -50.91 43.91 15.77
CA VAL B 1143 -49.98 42.85 16.17
C VAL B 1143 -50.20 41.68 15.22
N THR B 1144 -49.10 41.17 14.66
CA THR B 1144 -49.17 40.10 13.67
C THR B 1144 -48.13 39.06 13.98
N GLN B 1145 -48.41 37.82 13.57
CA GLN B 1145 -47.40 36.77 13.63
C GLN B 1145 -46.25 37.11 12.68
N ARG B 1146 -45.06 36.64 13.02
CA ARG B 1146 -43.85 37.11 12.35
C ARG B 1146 -43.74 36.59 10.93
N ASN B 1147 -44.21 35.38 10.65
CA ASN B 1147 -43.99 34.72 9.37
C ASN B 1147 -45.14 34.87 8.40
N PHE B 1148 -46.19 35.62 8.76
CA PHE B 1148 -47.34 35.79 7.88
C PHE B 1148 -48.10 37.03 8.31
N TYR B 1149 -48.32 37.95 7.38
CA TYR B 1149 -48.99 39.21 7.73
C TYR B 1149 -50.46 38.94 7.97
N GLU B 1150 -50.84 38.90 9.24
CA GLU B 1150 -52.23 38.74 9.66
C GLU B 1150 -52.53 39.78 10.73
N PRO B 1151 -52.69 41.04 10.35
CA PRO B 1151 -52.82 42.10 11.35
C PRO B 1151 -54.05 41.90 12.23
N GLN B 1152 -53.89 42.24 13.50
CA GLN B 1152 -54.97 42.11 14.47
C GLN B 1152 -54.93 43.28 15.43
N ILE B 1153 -56.09 43.62 15.99
CA ILE B 1153 -56.17 44.71 16.95
C ILE B 1153 -55.34 44.37 18.18
N ILE B 1154 -54.54 45.33 18.64
CA ILE B 1154 -53.73 45.14 19.83
C ILE B 1154 -54.66 45.19 21.04
N THR B 1155 -54.78 44.07 21.75
CA THR B 1155 -55.62 43.95 22.92
C THR B 1155 -54.79 43.45 24.10
N THR B 1156 -55.45 43.26 25.23
CA THR B 1156 -54.78 42.71 26.40
C THR B 1156 -54.52 41.22 26.26
N ASP B 1157 -55.20 40.56 25.32
CA ASP B 1157 -54.97 39.13 25.09
C ASP B 1157 -53.73 38.87 24.24
N ASN B 1158 -53.43 39.76 23.30
CA ASN B 1158 -52.26 39.58 22.45
C ASN B 1158 -50.96 40.00 23.12
N THR B 1159 -51.03 40.75 24.21
CA THR B 1159 -49.86 41.39 24.80
C THR B 1159 -49.81 41.12 26.30
N PHE B 1160 -48.62 41.25 26.86
CA PHE B 1160 -48.40 41.20 28.29
C PHE B 1160 -47.68 42.46 28.75
N VAL B 1161 -47.95 42.87 29.97
CA VAL B 1161 -47.42 44.11 30.52
C VAL B 1161 -46.15 43.81 31.30
N SER B 1162 -45.19 44.72 31.23
CA SER B 1162 -43.95 44.57 31.99
C SER B 1162 -43.33 45.95 32.16
N GLY B 1163 -43.38 46.48 33.38
CA GLY B 1163 -42.73 47.74 33.68
C GLY B 1163 -43.48 48.94 33.14
N ASN B 1164 -42.78 50.07 33.16
CA ASN B 1164 -43.32 51.35 32.73
C ASN B 1164 -42.70 51.75 31.39
N CYS B 1165 -43.04 52.96 30.95
CA CYS B 1165 -42.74 53.38 29.58
C CYS B 1165 -41.28 53.77 29.39
N ASP B 1166 -40.67 54.40 30.40
CA ASP B 1166 -39.43 55.13 30.20
C ASP B 1166 -38.19 54.25 30.19
N VAL B 1167 -38.33 52.95 29.97
CA VAL B 1167 -37.19 52.03 29.94
C VAL B 1167 -36.93 51.50 28.53
N VAL B 1168 -37.99 51.12 27.81
CA VAL B 1168 -37.81 50.55 26.48
C VAL B 1168 -37.42 51.64 25.50
N ILE B 1169 -36.47 51.31 24.62
CA ILE B 1169 -35.98 52.26 23.61
C ILE B 1169 -36.79 52.04 22.33
N GLY B 1170 -37.53 53.07 21.92
CA GLY B 1170 -38.36 53.00 20.75
C GLY B 1170 -39.83 52.71 21.01
N ILE B 1171 -40.26 52.71 22.27
CA ILE B 1171 -41.66 52.48 22.57
C ILE B 1171 -42.52 53.55 21.91
N VAL B 1172 -43.70 53.17 21.46
CA VAL B 1172 -44.62 54.06 20.75
C VAL B 1172 -45.94 54.11 21.51
N ASN B 1173 -46.53 55.30 21.56
CA ASN B 1173 -47.84 55.46 22.18
C ASN B 1173 -48.92 54.86 21.30
N ASN B 1174 -49.82 54.10 21.92
CA ASN B 1174 -50.96 53.55 21.21
C ASN B 1174 -51.90 52.90 22.22
N THR B 1175 -53.19 52.97 21.95
CA THR B 1175 -54.17 52.38 22.85
C THR B 1175 -54.16 50.86 22.73
N VAL B 1176 -54.43 50.19 23.85
CA VAL B 1176 -54.53 48.74 23.92
C VAL B 1176 -55.97 48.42 24.30
N TYR B 1177 -56.71 47.83 23.38
CA TYR B 1177 -58.12 47.55 23.59
C TYR B 1177 -58.30 46.48 24.66
N ASP B 1178 -59.25 46.70 25.56
CA ASP B 1178 -59.55 45.76 26.63
C ASP B 1178 -60.91 45.12 26.35
N PRO B 1179 -60.97 43.85 25.94
CA PRO B 1179 -62.28 43.26 25.60
C PRO B 1179 -63.23 43.20 26.77
N LEU B 1180 -62.74 43.24 28.00
CA LEU B 1180 -63.61 43.11 29.17
C LEU B 1180 -64.51 44.33 29.32
N GLN B 1181 -63.96 45.53 29.20
CA GLN B 1181 -64.70 46.74 29.56
C GLN B 1181 -66.00 46.85 28.79
N PRO B 1182 -66.04 46.73 27.47
CA PRO B 1182 -67.32 46.89 26.77
C PRO B 1182 -68.35 45.83 27.13
N GLU B 1183 -67.91 44.67 27.62
CA GLU B 1183 -68.87 43.62 27.96
C GLU B 1183 -69.79 44.06 29.09
N LEU B 1184 -69.24 44.70 30.12
CA LEU B 1184 -70.05 45.17 31.24
C LEU B 1184 -70.58 46.58 31.03
N ASP B 1185 -69.87 47.40 30.25
CA ASP B 1185 -70.35 48.76 30.00
C ASP B 1185 -71.68 48.74 29.25
N SER B 1186 -71.80 47.88 28.25
CA SER B 1186 -73.07 47.77 27.52
C SER B 1186 -74.18 47.25 28.42
N PHE B 1187 -73.85 46.37 29.37
CA PHE B 1187 -74.87 45.82 30.26
C PHE B 1187 -75.41 46.87 31.22
N LYS B 1188 -74.59 47.85 31.58
CA LYS B 1188 -75.00 48.89 32.52
C LYS B 1188 -76.25 49.60 32.03
N ALA C 66 45.71 17.73 35.08
CA ALA C 66 45.85 18.39 33.79
C ALA C 66 44.66 18.05 32.89
N TYR C 67 43.61 18.86 33.00
CA TYR C 67 42.42 18.68 32.18
C TYR C 67 41.74 20.04 32.02
N THR C 68 40.92 20.15 30.98
CA THR C 68 40.13 21.35 30.75
C THR C 68 38.94 20.99 29.88
N ASN C 69 37.95 21.88 29.87
CA ASN C 69 36.66 21.62 29.25
C ASN C 69 36.63 22.21 27.85
N SER C 70 36.13 21.42 26.90
CA SER C 70 35.94 21.84 25.51
C SER C 70 34.44 22.00 25.29
N PHE C 71 33.94 23.21 25.52
CA PHE C 71 32.49 23.44 25.51
C PHE C 71 31.91 23.13 24.13
N THR C 72 32.31 23.91 23.12
CA THR C 72 31.84 23.72 21.75
C THR C 72 33.03 24.01 20.85
N ARG C 73 33.81 22.98 20.53
CA ARG C 73 35.02 23.14 19.76
C ARG C 73 35.24 21.89 18.92
N GLY C 74 36.08 22.03 17.90
CA GLY C 74 36.34 20.93 16.99
C GLY C 74 35.28 20.71 15.95
N VAL C 75 34.32 21.62 15.83
CA VAL C 75 33.29 21.52 14.80
C VAL C 75 33.87 22.05 13.49
N TYR C 76 33.88 21.21 12.48
CA TYR C 76 34.43 21.55 11.17
C TYR C 76 33.36 21.30 10.10
N TYR C 77 33.73 21.53 8.85
CA TYR C 77 32.81 21.32 7.74
C TYR C 77 32.98 19.90 7.25
N PRO C 78 32.00 19.01 7.44
CA PRO C 78 32.22 17.60 7.08
C PRO C 78 32.44 17.37 5.61
N ASP C 79 31.98 18.27 4.74
CA ASP C 79 32.10 18.08 3.31
C ASP C 79 32.24 19.43 2.63
N LYS C 80 32.71 19.41 1.39
CA LYS C 80 32.92 20.60 0.58
C LYS C 80 31.65 21.06 -0.11
N VAL C 81 30.48 20.63 0.36
CA VAL C 81 29.20 20.95 -0.26
C VAL C 81 28.61 22.18 0.41
N PHE C 82 28.26 23.18 -0.39
CA PHE C 82 27.64 24.39 0.13
C PHE C 82 26.24 24.07 0.66
N ARG C 83 25.84 24.82 1.69
CA ARG C 83 24.52 24.65 2.29
C ARG C 83 24.22 25.89 3.12
N SER C 84 23.06 26.49 2.88
CA SER C 84 22.67 27.73 3.55
C SER C 84 21.25 27.62 4.08
N SER C 85 21.00 28.25 5.22
CA SER C 85 19.67 28.31 5.81
C SER C 85 19.05 26.92 5.95
N VAL C 86 19.88 25.94 6.31
CA VAL C 86 19.44 24.57 6.49
C VAL C 86 20.06 24.03 7.76
N LEU C 87 19.39 23.06 8.37
CA LEU C 87 19.88 22.34 9.55
C LEU C 87 20.22 20.92 9.10
N HIS C 88 21.49 20.68 8.82
CA HIS C 88 21.94 19.39 8.32
C HIS C 88 22.46 18.54 9.46
N SER C 89 22.14 17.26 9.43
CA SER C 89 22.61 16.28 10.39
C SER C 89 23.66 15.39 9.73
N THR C 90 24.82 15.28 10.35
CA THR C 90 25.94 14.54 9.79
C THR C 90 26.50 13.57 10.82
N GLN C 91 27.01 12.45 10.33
CA GLN C 91 27.70 11.45 11.15
C GLN C 91 29.15 11.42 10.72
N ASP C 92 30.03 11.93 11.57
CA ASP C 92 31.44 12.01 11.24
C ASP C 92 32.24 12.06 12.54
N LEU C 93 33.55 11.82 12.42
CA LEU C 93 34.43 11.88 13.57
C LEU C 93 34.43 13.30 14.13
N PHE C 94 33.86 13.48 15.32
CA PHE C 94 33.72 14.79 15.93
C PHE C 94 34.27 14.76 17.34
N LEU C 95 34.65 15.94 17.83
CA LEU C 95 35.05 16.07 19.21
C LEU C 95 33.81 16.27 20.07
N PRO C 96 33.50 15.34 21.00
CA PRO C 96 32.27 15.48 21.77
C PRO C 96 32.23 16.81 22.54
N PHE C 97 31.04 17.39 22.59
CA PHE C 97 30.86 18.64 23.32
C PHE C 97 31.14 18.43 24.80
N PHE C 98 31.79 19.42 25.41
CA PHE C 98 32.10 19.41 26.84
C PHE C 98 33.00 18.24 27.22
N SER C 99 33.73 17.68 26.26
CA SER C 99 34.74 16.68 26.59
C SER C 99 35.91 17.35 27.30
N ASN C 100 36.50 16.62 28.25
CA ASN C 100 37.56 17.17 29.09
C ASN C 100 38.91 16.90 28.42
N VAL C 101 39.21 17.76 27.43
CA VAL C 101 40.41 17.58 26.63
C VAL C 101 41.66 17.70 27.50
N THR C 102 42.69 16.91 27.15
CA THR C 102 43.95 16.96 27.88
C THR C 102 44.68 18.27 27.60
N TRP C 103 45.37 18.78 28.62
CA TRP C 103 46.15 20.00 28.53
C TRP C 103 47.61 19.67 28.81
N PHE C 104 48.51 20.18 27.98
CA PHE C 104 49.93 19.87 28.06
C PHE C 104 50.74 21.13 28.32
N HIS C 105 51.82 20.98 29.09
CA HIS C 105 52.74 22.08 29.35
C HIS C 105 54.14 21.50 29.50
N ALA C 106 55.14 22.35 29.29
CA ALA C 106 56.54 21.96 29.41
C ALA C 106 57.10 22.50 30.72
N ILE C 107 57.58 21.60 31.57
CA ILE C 107 58.18 21.94 32.85
C ILE C 107 59.45 21.13 33.01
N HIS C 108 60.52 21.80 33.46
CA HIS C 108 61.81 21.15 33.64
C HIS C 108 62.28 20.52 32.33
N LYS C 116 65.85 13.89 30.71
CA LYS C 116 65.69 13.80 32.16
C LYS C 116 64.23 13.97 32.55
N ARG C 117 63.77 15.22 32.60
CA ARG C 117 62.38 15.55 32.94
C ARG C 117 61.81 16.38 31.79
N PHE C 118 61.30 15.70 30.77
CA PHE C 118 60.75 16.32 29.57
C PHE C 118 59.41 15.66 29.21
N ASP C 119 58.53 15.54 30.21
CA ASP C 119 57.33 14.74 30.07
C ASP C 119 56.31 15.38 29.13
N ASN C 120 56.63 15.44 27.85
CA ASN C 120 55.69 15.78 26.79
C ASN C 120 55.85 14.75 25.68
N PRO C 121 55.52 13.49 25.96
CA PRO C 121 55.92 12.39 25.07
C PRO C 121 54.99 12.23 23.88
N VAL C 122 55.40 11.36 22.97
CA VAL C 122 54.60 11.05 21.80
C VAL C 122 53.23 10.56 22.25
N LEU C 123 52.17 11.11 21.63
CA LEU C 123 50.81 10.84 22.05
C LEU C 123 50.08 9.98 21.02
N PRO C 124 49.09 9.21 21.45
CA PRO C 124 48.35 8.37 20.50
C PRO C 124 47.51 9.20 19.55
N PHE C 125 47.25 8.63 18.37
CA PHE C 125 46.44 9.26 17.33
C PHE C 125 45.46 8.19 16.84
N ASN C 126 44.29 8.13 17.46
CA ASN C 126 43.28 7.13 17.15
C ASN C 126 42.02 7.84 16.68
N ASP C 127 41.54 7.47 15.49
CA ASP C 127 40.31 8.02 14.94
C ASP C 127 40.33 9.55 14.93
N GLY C 128 41.46 10.12 14.55
CA GLY C 128 41.61 11.55 14.47
C GLY C 128 41.99 12.18 15.79
N VAL C 129 42.34 13.47 15.73
CA VAL C 129 42.79 14.21 16.90
C VAL C 129 42.43 15.67 16.70
N TYR C 130 42.06 16.33 17.80
CA TYR C 130 41.80 17.76 17.81
C TYR C 130 42.94 18.46 18.53
N PHE C 131 43.50 19.49 17.90
CA PHE C 131 44.63 20.22 18.43
C PHE C 131 44.28 21.70 18.52
N ALA C 132 44.61 22.32 19.64
CA ALA C 132 44.39 23.74 19.83
C ALA C 132 45.45 24.28 20.78
N SER C 133 45.98 25.46 20.47
CA SER C 133 47.03 26.05 21.29
C SER C 133 47.07 27.55 21.04
N THR C 134 47.46 28.29 22.07
CA THR C 134 47.68 29.72 21.98
C THR C 134 49.16 29.96 21.69
N GLU C 135 49.46 30.49 20.51
CA GLU C 135 50.82 30.61 20.04
C GLU C 135 51.05 32.00 19.43
N LYS C 136 52.29 32.45 19.48
CA LYS C 136 52.71 33.70 18.85
C LYS C 136 54.12 33.52 18.30
N SER C 137 54.35 34.06 17.11
CA SER C 137 55.64 33.97 16.43
C SER C 137 56.00 32.55 16.02
N ASN C 138 55.01 31.66 15.95
CA ASN C 138 55.23 30.28 15.52
C ASN C 138 56.24 29.58 16.42
N ILE C 139 55.87 29.45 17.70
CA ILE C 139 56.71 28.73 18.65
C ILE C 139 56.83 27.27 18.23
N ILE C 140 55.71 26.66 17.86
CA ILE C 140 55.72 25.28 17.39
C ILE C 140 56.47 25.18 16.06
N ARG C 141 57.14 24.05 15.86
CA ARG C 141 57.79 23.77 14.58
C ARG C 141 56.90 22.97 13.64
N GLY C 142 55.97 22.21 14.18
CA GLY C 142 55.10 21.37 13.37
C GLY C 142 54.72 20.12 14.14
N TRP C 143 54.30 19.10 13.40
CA TRP C 143 53.88 17.84 13.98
C TRP C 143 54.50 16.69 13.20
N ILE C 144 54.80 15.60 13.90
CA ILE C 144 55.36 14.39 13.31
C ILE C 144 54.39 13.25 13.60
N PHE C 145 54.07 12.48 12.57
CA PHE C 145 53.11 11.39 12.67
C PHE C 145 53.82 10.07 12.36
N GLY C 146 53.06 8.99 12.40
CA GLY C 146 53.55 7.66 12.12
C GLY C 146 53.05 6.67 13.15
N THR C 147 53.65 5.48 13.15
CA THR C 147 53.31 4.42 14.09
C THR C 147 54.50 3.94 14.90
N THR C 148 55.69 3.87 14.29
CA THR C 148 56.90 3.49 14.99
C THR C 148 58.01 4.54 14.89
N LEU C 149 58.10 5.25 13.77
CA LEU C 149 59.09 6.30 13.55
C LEU C 149 60.45 5.89 14.10
N ASP C 150 60.85 4.65 13.79
CA ASP C 150 62.11 4.08 14.22
C ASP C 150 62.85 3.45 13.05
N SER C 151 62.74 4.06 11.87
CA SER C 151 63.39 3.61 10.64
C SER C 151 62.83 2.29 10.14
N LYS C 152 61.71 1.81 10.69
CA LYS C 152 61.07 0.58 10.25
C LYS C 152 59.73 0.83 9.56
N THR C 153 59.27 2.08 9.49
CA THR C 153 58.00 2.39 8.87
C THR C 153 58.07 3.80 8.27
N GLN C 154 57.18 4.06 7.33
CA GLN C 154 57.15 5.35 6.63
C GLN C 154 56.53 6.39 7.57
N SER C 155 57.37 7.16 8.24
CA SER C 155 56.90 8.22 9.11
C SER C 155 56.53 9.46 8.29
N LEU C 156 55.83 10.38 8.94
CA LEU C 156 55.34 11.59 8.29
C LEU C 156 55.74 12.82 9.08
N LEU C 157 55.84 13.95 8.38
CA LEU C 157 56.30 15.20 8.97
C LEU C 157 55.49 16.36 8.39
N ILE C 158 55.04 17.26 9.26
CA ILE C 158 54.36 18.48 8.84
C ILE C 158 55.16 19.66 9.35
N VAL C 159 56.49 19.50 9.39
CA VAL C 159 57.34 20.53 9.96
C VAL C 159 57.18 21.84 9.19
N ASN C 160 57.19 22.95 9.93
CA ASN C 160 57.08 24.29 9.36
C ASN C 160 58.26 25.09 9.89
N ASN C 161 59.31 25.25 9.08
CA ASN C 161 60.54 25.90 9.49
C ASN C 161 60.86 27.05 8.55
N ALA C 162 62.06 27.62 8.72
CA ALA C 162 62.43 28.80 7.96
C ALA C 162 62.46 28.53 6.46
N THR C 163 63.02 27.38 6.07
CA THR C 163 63.15 27.09 4.63
C THR C 163 61.78 26.99 3.96
N ASN C 164 60.90 26.17 4.50
CA ASN C 164 59.58 25.97 3.93
C ASN C 164 58.82 24.99 4.84
N VAL C 165 57.53 24.80 4.52
CA VAL C 165 56.73 23.79 5.20
C VAL C 165 57.02 22.44 4.54
N VAL C 166 57.97 21.70 5.09
CA VAL C 166 58.42 20.46 4.48
C VAL C 166 57.44 19.34 4.86
N ILE C 167 56.45 19.11 4.01
CA ILE C 167 55.54 17.98 4.19
C ILE C 167 56.19 16.80 3.48
N LYS C 168 57.12 16.16 4.18
CA LYS C 168 57.91 15.06 3.65
C LYS C 168 57.59 13.81 4.46
N VAL C 169 56.88 12.88 3.83
CA VAL C 169 56.49 11.63 4.48
C VAL C 169 57.48 10.57 4.00
N CYS C 170 58.57 10.42 4.75
CA CYS C 170 59.61 9.45 4.44
C CYS C 170 60.08 8.80 5.72
N GLU C 171 60.41 7.51 5.65
CA GLU C 171 60.97 6.82 6.79
C GLU C 171 62.24 7.52 7.26
N PHE C 172 62.29 7.86 8.54
CA PHE C 172 63.39 8.63 9.10
C PHE C 172 64.18 7.76 10.08
N GLN C 173 65.50 7.73 9.90
CA GLN C 173 66.38 6.98 10.79
C GLN C 173 66.65 7.80 12.04
N PHE C 174 66.51 7.18 13.20
CA PHE C 174 66.68 7.83 14.49
C PHE C 174 67.94 7.33 15.17
N CYS C 175 68.47 8.15 16.08
CA CYS C 175 69.69 7.82 16.81
C CYS C 175 69.33 6.89 17.97
N ASN C 176 70.27 6.70 18.90
CA ASN C 176 70.05 5.78 20.01
C ASN C 176 68.85 6.22 20.84
N ASP C 177 68.73 7.52 21.10
CA ASP C 177 67.60 8.06 21.85
C ASP C 177 66.64 8.75 20.89
N PRO C 178 65.47 8.17 20.59
CA PRO C 178 64.56 8.83 19.65
C PRO C 178 63.87 10.04 20.26
N PHE C 179 64.58 11.16 20.32
CA PHE C 179 64.02 12.41 20.84
C PHE C 179 64.85 13.57 20.32
N LEU C 180 64.39 14.78 20.63
CA LEU C 180 65.04 16.00 20.15
C LEU C 180 66.38 16.15 20.85
N GLY C 181 67.46 15.79 20.16
CA GLY C 181 68.81 15.93 20.67
C GLY C 181 69.44 17.27 20.39
N VAL C 182 68.68 18.24 19.87
CA VAL C 182 69.22 19.56 19.58
C VAL C 182 69.83 20.14 20.85
N TYR C 183 71.03 20.70 20.72
CA TYR C 183 71.70 21.31 21.86
C TYR C 183 70.82 22.42 22.44
N TYR C 184 70.39 22.23 23.68
CA TYR C 184 69.47 23.15 24.32
C TYR C 184 70.24 24.38 24.79
N HIS C 185 69.59 25.21 25.61
CA HIS C 185 70.19 26.47 26.07
C HIS C 185 71.29 26.15 27.07
N LYS C 186 72.45 25.76 26.53
CA LYS C 186 73.64 25.53 27.33
C LYS C 186 74.43 26.84 27.47
N ASN C 187 73.74 27.85 27.99
CA ASN C 187 74.29 29.21 28.10
C ASN C 187 74.67 29.77 26.72
N ASN C 188 73.95 29.32 25.69
CA ASN C 188 74.19 29.77 24.32
C ASN C 188 72.96 30.37 23.66
N LYS C 189 71.75 29.96 24.05
CA LYS C 189 70.51 30.43 23.45
C LYS C 189 70.47 30.10 21.95
N SER C 190 70.56 28.81 21.66
CA SER C 190 70.56 28.29 20.30
C SER C 190 69.37 27.33 20.17
N TRP C 191 68.20 27.87 19.81
CA TRP C 191 67.03 27.08 19.55
C TRP C 191 66.89 26.67 18.08
N MET C 192 67.86 27.04 17.24
CA MET C 192 67.80 26.72 15.83
C MET C 192 68.08 25.23 15.61
N GLU C 193 67.58 24.73 14.48
CA GLU C 193 67.82 23.34 14.08
C GLU C 193 69.25 23.22 13.55
N SER C 194 70.20 23.30 14.47
CA SER C 194 71.62 23.24 14.12
C SER C 194 72.12 21.81 14.07
N GLU C 195 72.02 21.09 15.17
CA GLU C 195 72.42 19.68 15.27
C GLU C 195 71.18 18.89 15.69
N PHE C 196 70.40 18.47 14.71
CA PHE C 196 69.16 17.75 14.96
C PHE C 196 69.42 16.25 14.98
N ARG C 197 68.86 15.58 15.99
CA ARG C 197 69.01 14.14 16.14
C ARG C 197 67.69 13.39 16.01
N VAL C 198 66.58 14.09 15.77
CA VAL C 198 65.31 13.41 15.56
C VAL C 198 65.37 12.52 14.33
N TYR C 199 66.00 13.02 13.26
CA TYR C 199 66.19 12.24 12.05
C TYR C 199 67.59 12.51 11.50
N SER C 200 68.14 11.51 10.83
CA SER C 200 69.45 11.63 10.21
C SER C 200 69.37 11.86 8.71
N SER C 201 68.59 11.04 8.01
CA SER C 201 68.44 11.17 6.56
C SER C 201 67.12 10.55 6.15
N ALA C 202 66.76 10.75 4.89
CA ALA C 202 65.52 10.25 4.34
C ALA C 202 65.66 8.75 4.02
N ASN C 203 64.67 8.20 3.33
CA ASN C 203 64.67 6.79 2.96
C ASN C 203 63.76 6.63 1.75
N ASN C 204 63.65 5.40 1.27
CA ASN C 204 62.73 5.10 0.17
C ASN C 204 61.32 5.53 0.55
N CYS C 205 60.75 6.43 -0.23
CA CYS C 205 59.41 6.93 0.03
C CYS C 205 58.77 7.37 -1.29
N THR C 206 57.45 7.55 -1.25
CA THR C 206 56.66 7.82 -2.44
C THR C 206 56.09 9.23 -2.52
N PHE C 207 55.86 9.88 -1.38
CA PHE C 207 55.23 11.19 -1.34
C PHE C 207 56.12 12.16 -0.60
N GLU C 208 56.44 13.29 -1.24
CA GLU C 208 57.25 14.32 -0.61
C GLU C 208 56.77 15.72 -0.98
N TYR C 209 55.52 15.88 -1.40
CA TYR C 209 55.04 17.16 -1.88
C TYR C 209 55.08 18.21 -0.77
N VAL C 210 55.39 19.44 -1.14
CA VAL C 210 55.51 20.56 -0.22
C VAL C 210 54.42 21.57 -0.56
N SER C 211 53.65 21.97 0.45
CA SER C 211 52.57 22.93 0.25
C SER C 211 53.13 24.34 0.23
N GLN C 212 52.24 25.34 0.29
CA GLN C 212 52.62 26.74 0.24
C GLN C 212 53.71 27.03 1.28
N PRO C 213 54.94 27.34 0.86
CA PRO C 213 56.01 27.52 1.84
C PRO C 213 55.72 28.64 2.82
N PHE C 214 56.11 28.41 4.08
CA PHE C 214 56.08 29.42 5.12
C PHE C 214 57.52 29.67 5.54
N LEU C 215 57.98 30.91 5.38
CA LEU C 215 59.38 31.27 5.58
C LEU C 215 59.50 32.27 6.73
N MET C 216 59.64 31.76 7.95
CA MET C 216 59.93 32.57 9.12
C MET C 216 60.91 31.83 10.00
N ASP C 217 61.89 32.57 10.53
CA ASP C 217 62.90 31.96 11.39
C ASP C 217 62.30 31.61 12.74
N LEU C 218 62.69 30.44 13.27
CA LEU C 218 62.23 29.97 14.57
C LEU C 218 63.44 29.80 15.48
N GLU C 219 63.59 30.71 16.44
CA GLU C 219 64.69 30.66 17.38
C GLU C 219 64.35 31.52 18.58
N GLY C 220 65.10 31.32 19.66
CA GLY C 220 64.87 32.05 20.88
C GLY C 220 63.77 31.42 21.72
N LYS C 221 63.23 32.24 22.63
CA LYS C 221 62.19 31.77 23.55
C LYS C 221 61.31 32.95 23.92
N GLN C 222 60.01 32.79 23.70
CA GLN C 222 59.01 33.80 24.05
C GLN C 222 57.88 33.16 24.84
N GLY C 223 57.32 33.91 25.77
CA GLY C 223 56.27 33.41 26.63
C GLY C 223 54.99 34.22 26.60
N ASN C 224 54.77 34.92 25.48
CA ASN C 224 53.57 35.73 25.30
C ASN C 224 52.80 35.21 24.09
N PHE C 225 51.49 35.03 24.25
CA PHE C 225 50.62 34.56 23.18
C PHE C 225 49.38 35.43 23.13
N LYS C 226 48.83 35.58 21.92
CA LYS C 226 47.69 36.45 21.69
C LYS C 226 46.58 35.81 20.85
N ASN C 227 46.87 34.78 20.06
CA ASN C 227 45.91 34.17 19.16
C ASN C 227 45.81 32.68 19.45
N LEU C 228 44.60 32.14 19.31
CA LEU C 228 44.36 30.71 19.50
C LEU C 228 44.23 30.03 18.14
N ARG C 229 45.05 29.00 17.92
CA ARG C 229 45.05 28.24 16.69
C ARG C 229 44.41 26.89 16.93
N GLU C 230 43.34 26.60 16.20
CA GLU C 230 42.60 25.35 16.33
C GLU C 230 42.86 24.50 15.10
N PHE C 231 43.15 23.22 15.31
CA PHE C 231 43.41 22.29 14.22
C PHE C 231 42.67 20.99 14.47
N VAL C 232 42.30 20.32 13.38
CA VAL C 232 41.71 18.99 13.43
C VAL C 232 42.45 18.11 12.42
N PHE C 233 42.86 16.93 12.87
CA PHE C 233 43.60 15.99 12.03
C PHE C 233 42.80 14.70 11.90
N LYS C 234 42.66 14.23 10.67
CA LYS C 234 41.94 12.99 10.39
C LYS C 234 42.75 12.16 9.41
N ASN C 235 42.60 10.83 9.52
CA ASN C 235 43.29 9.91 8.61
C ASN C 235 42.38 8.70 8.43
N ILE C 236 41.60 8.71 7.34
CA ILE C 236 40.70 7.61 7.01
C ILE C 236 40.71 7.41 5.50
N ASP C 237 40.25 6.23 5.08
CA ASP C 237 40.19 5.84 3.67
C ASP C 237 41.44 6.27 2.93
N GLY C 238 42.60 6.09 3.53
CA GLY C 238 43.85 6.40 2.87
C GLY C 238 44.02 7.87 2.54
N TYR C 239 43.35 8.75 3.28
CA TYR C 239 43.38 10.19 3.00
C TYR C 239 43.56 10.94 4.30
N PHE C 240 44.34 12.03 4.25
CA PHE C 240 44.63 12.86 5.41
C PHE C 240 43.98 14.22 5.23
N LYS C 241 43.18 14.63 6.21
CA LYS C 241 42.44 15.88 6.16
C LYS C 241 42.95 16.83 7.24
N ILE C 242 43.03 18.11 6.90
CA ILE C 242 43.45 19.15 7.83
C ILE C 242 42.37 20.23 7.85
N TYR C 243 41.87 20.53 9.05
CA TYR C 243 40.95 21.63 9.25
C TYR C 243 41.52 22.56 10.32
N SER C 244 41.26 23.85 10.18
CA SER C 244 41.79 24.82 11.13
C SER C 244 40.99 26.11 11.04
N LYS C 245 41.21 26.98 12.03
CA LYS C 245 40.60 28.30 12.07
C LYS C 245 41.44 29.20 12.93
N HIS C 246 41.80 30.37 12.41
CA HIS C 246 42.61 31.35 13.13
C HIS C 246 41.67 32.32 13.84
N THR C 247 41.55 32.20 15.16
CA THR C 247 40.66 33.03 15.95
C THR C 247 41.47 33.68 17.07
N PRO C 248 41.41 35.00 17.23
CA PRO C 248 42.20 35.65 18.28
C PRO C 248 41.55 35.47 19.65
N ILE C 249 42.33 34.97 20.61
CA ILE C 249 41.86 34.75 21.96
C ILE C 249 42.84 35.40 22.92
N ASN C 250 42.31 36.22 23.84
CA ASN C 250 43.18 36.85 24.84
C ASN C 250 43.67 35.83 25.85
N LEU C 251 42.83 34.89 26.25
CA LEU C 251 43.23 33.88 27.23
C LEU C 251 44.33 33.01 26.66
N VAL C 252 45.30 32.68 27.51
CA VAL C 252 46.41 31.80 27.13
C VAL C 252 46.56 30.59 28.03
N ARG C 253 45.77 30.50 29.11
CA ARG C 253 45.87 29.38 30.04
C ARG C 253 44.67 28.45 30.01
N ASP C 254 43.51 28.91 29.55
CA ASP C 254 42.30 28.11 29.52
C ASP C 254 41.63 28.20 28.16
N LEU C 255 41.01 27.12 27.74
CA LEU C 255 40.27 27.11 26.50
C LEU C 255 39.08 28.06 26.61
N PRO C 256 38.79 28.85 25.57
CA PRO C 256 37.75 29.88 25.68
C PRO C 256 36.36 29.30 25.45
N GLN C 257 35.36 30.16 25.59
CA GLN C 257 33.95 29.80 25.44
C GLN C 257 33.38 30.51 24.23
N GLY C 258 32.72 29.77 23.35
CA GLY C 258 32.16 30.32 22.14
C GLY C 258 31.91 29.22 21.13
N PHE C 259 31.83 29.62 19.86
CA PHE C 259 31.64 28.67 18.78
C PHE C 259 32.30 29.19 17.51
N SER C 260 33.02 28.33 16.81
CA SER C 260 33.62 28.65 15.53
C SER C 260 33.83 27.36 14.76
N ALA C 261 33.70 27.45 13.44
CA ALA C 261 33.84 26.29 12.57
C ALA C 261 35.18 26.35 11.85
N LEU C 262 35.82 25.19 11.71
CA LEU C 262 37.13 25.07 11.08
C LEU C 262 36.95 24.65 9.64
N GLU C 263 37.42 25.49 8.71
CA GLU C 263 37.40 25.11 7.29
C GLU C 263 38.63 24.28 6.94
N PRO C 264 38.49 23.33 6.00
CA PRO C 264 39.67 22.56 5.60
C PRO C 264 40.71 23.43 4.92
N LEU C 265 41.97 23.05 5.10
CA LEU C 265 43.09 23.72 4.44
C LEU C 265 43.71 22.90 3.33
N VAL C 266 43.86 21.59 3.51
CA VAL C 266 44.50 20.75 2.52
C VAL C 266 44.17 19.30 2.84
N ASP C 267 43.98 18.50 1.79
CA ASP C 267 43.70 17.07 1.90
C ASP C 267 44.87 16.32 1.28
N LEU C 268 45.63 15.62 2.12
CA LEU C 268 46.84 14.93 1.66
C LEU C 268 46.51 13.47 1.39
N PRO C 269 46.63 12.98 0.14
CA PRO C 269 46.32 11.57 -0.17
C PRO C 269 47.51 10.63 0.03
N ILE C 270 47.83 10.33 1.28
CA ILE C 270 49.03 9.57 1.65
C ILE C 270 48.69 8.13 2.08
N GLY C 271 47.78 7.96 3.03
CA GLY C 271 47.32 6.64 3.46
C GLY C 271 48.28 5.77 4.25
N ILE C 272 49.01 6.36 5.19
CA ILE C 272 49.88 5.64 6.11
C ILE C 272 49.11 5.16 7.34
N ASN C 273 49.70 4.26 8.14
CA ASN C 273 49.51 4.35 9.58
C ASN C 273 49.95 5.72 10.04
N ILE C 274 49.01 6.44 10.65
CA ILE C 274 49.26 7.27 11.81
C ILE C 274 48.57 6.59 12.99
N THR C 275 49.35 6.02 13.89
CA THR C 275 48.85 5.53 15.16
C THR C 275 49.27 6.39 16.34
N ARG C 276 50.45 6.99 16.25
CA ARG C 276 50.95 7.88 17.30
C ARG C 276 51.50 9.13 16.63
N PHE C 277 51.48 10.24 17.37
CA PHE C 277 51.95 11.52 16.84
C PHE C 277 52.54 12.34 17.97
N GLN C 278 53.38 13.30 17.60
CA GLN C 278 54.07 14.16 18.55
C GLN C 278 54.20 15.56 17.96
N THR C 279 54.04 16.56 18.81
CA THR C 279 54.26 17.94 18.40
C THR C 279 55.76 18.23 18.33
N LEU C 280 56.09 19.31 17.62
CA LEU C 280 57.48 19.75 17.44
C LEU C 280 57.63 21.11 18.11
N LEU C 281 58.08 21.12 19.36
CA LEU C 281 58.33 22.35 20.08
C LEU C 281 59.63 22.98 19.60
N ALA C 282 59.83 24.25 20.00
CA ALA C 282 61.05 24.96 19.64
C ALA C 282 62.24 24.37 20.37
N LEU C 283 63.31 24.07 19.63
CA LEU C 283 64.53 23.54 20.22
C LEU C 283 65.67 23.54 19.19
N SER C 293 70.42 16.93 29.53
CA SER C 293 69.72 17.71 30.54
C SER C 293 70.42 17.61 31.88
N SER C 294 71.75 17.48 31.85
CA SER C 294 72.50 17.37 33.09
C SER C 294 72.40 18.65 33.91
N SER C 295 72.60 19.81 33.28
CA SER C 295 72.53 21.07 33.99
C SER C 295 72.26 22.17 32.96
N GLY C 296 71.82 23.32 33.47
CA GLY C 296 71.52 24.45 32.60
C GLY C 296 70.40 24.16 31.62
N TRP C 297 69.32 23.54 32.09
CA TRP C 297 68.17 23.19 31.26
C TRP C 297 67.03 24.15 31.55
N THR C 298 66.46 24.73 30.50
CA THR C 298 65.32 25.62 30.60
C THR C 298 64.15 25.03 29.82
N ALA C 299 63.01 24.89 30.47
CA ALA C 299 61.85 24.28 29.83
C ALA C 299 61.26 25.20 28.79
N GLY C 300 60.78 24.63 27.69
CA GLY C 300 60.11 25.38 26.65
C GLY C 300 58.65 25.59 26.96
N ALA C 301 58.37 26.51 27.89
CA ALA C 301 57.01 26.72 28.37
C ALA C 301 56.05 26.99 27.20
N ALA C 302 55.09 26.09 27.03
CA ALA C 302 54.05 26.26 26.02
C ALA C 302 52.80 25.51 26.48
N ALA C 303 51.65 25.98 26.02
CA ALA C 303 50.36 25.41 26.40
C ALA C 303 49.62 24.99 25.14
N TYR C 304 49.49 23.68 24.92
CA TYR C 304 48.77 23.14 23.79
C TYR C 304 47.91 21.97 24.25
N TYR C 305 46.65 21.95 23.81
CA TYR C 305 45.69 20.92 24.16
C TYR C 305 45.62 19.88 23.05
N VAL C 306 45.20 18.66 23.43
CA VAL C 306 45.07 17.55 22.49
C VAL C 306 43.73 16.89 22.76
N GLY C 307 42.72 17.25 21.97
CA GLY C 307 41.44 16.56 22.02
C GLY C 307 41.46 15.31 21.15
N TYR C 308 40.35 14.58 21.20
CA TYR C 308 40.19 13.37 20.41
C TYR C 308 38.81 13.36 19.78
N LEU C 309 38.72 12.80 18.58
CA LEU C 309 37.47 12.72 17.84
C LEU C 309 36.86 11.34 18.01
N GLN C 310 35.54 11.29 17.95
CA GLN C 310 34.78 10.05 18.07
C GLN C 310 33.68 10.05 17.00
N PRO C 311 33.19 8.88 16.62
CA PRO C 311 32.10 8.84 15.63
C PRO C 311 30.78 9.31 16.22
N ARG C 312 30.61 10.62 16.32
CA ARG C 312 29.41 11.22 16.86
C ARG C 312 28.59 11.85 15.76
N THR C 313 27.29 12.00 16.03
CA THR C 313 26.34 12.62 15.12
C THR C 313 26.06 14.04 15.60
N PHE C 314 26.12 14.99 14.67
CA PHE C 314 25.93 16.40 14.97
C PHE C 314 24.80 16.95 14.12
N LEU C 315 24.18 18.02 14.61
CA LEU C 315 23.15 18.77 13.87
C LEU C 315 23.68 20.17 13.63
N LEU C 316 24.25 20.39 12.45
CA LEU C 316 24.87 21.66 12.11
C LEU C 316 23.85 22.62 11.52
N LYS C 317 23.92 23.87 11.93
CA LYS C 317 22.99 24.91 11.49
C LYS C 317 23.75 25.89 10.60
N TYR C 318 23.54 25.77 9.28
CA TYR C 318 24.12 26.72 8.34
C TYR C 318 23.28 27.99 8.31
N ASN C 319 23.94 29.14 8.34
CA ASN C 319 23.26 30.41 8.30
C ASN C 319 23.05 30.84 6.85
N GLU C 320 22.66 32.11 6.64
CA GLU C 320 22.32 32.57 5.31
C GLU C 320 23.50 32.44 4.35
N ASN C 321 24.71 32.65 4.85
CA ASN C 321 25.91 32.59 4.03
C ASN C 321 26.55 31.20 4.00
N GLY C 322 25.92 30.22 4.62
CA GLY C 322 26.46 28.87 4.61
C GLY C 322 27.57 28.63 5.61
N THR C 323 27.68 29.46 6.64
CA THR C 323 28.64 29.25 7.71
C THR C 323 27.94 28.58 8.88
N ILE C 324 28.56 27.55 9.44
CA ILE C 324 27.97 26.80 10.54
C ILE C 324 27.99 27.69 11.78
N THR C 325 26.83 28.25 12.13
CA THR C 325 26.75 29.17 13.25
C THR C 325 26.61 28.45 14.59
N ASP C 326 25.97 27.28 14.60
CA ASP C 326 25.79 26.52 15.82
C ASP C 326 25.59 25.06 15.48
N ALA C 327 25.85 24.20 16.46
CA ALA C 327 25.72 22.77 16.29
C ALA C 327 25.17 22.16 17.58
N VAL C 328 24.55 21.00 17.43
CA VAL C 328 23.99 20.25 18.56
C VAL C 328 24.56 18.84 18.52
N ASP C 329 25.12 18.39 19.64
CA ASP C 329 25.62 17.03 19.74
C ASP C 329 24.44 16.08 19.92
N CYS C 330 24.28 15.15 18.98
CA CYS C 330 23.08 14.31 18.93
C CYS C 330 22.99 13.35 20.11
N ALA C 331 24.05 13.19 20.91
CA ALA C 331 24.01 12.23 22.01
C ALA C 331 24.63 12.79 23.29
N LEU C 332 24.72 14.11 23.44
CA LEU C 332 25.29 14.67 24.67
C LEU C 332 24.37 14.41 25.86
N ASP C 333 23.08 14.67 25.70
CA ASP C 333 22.13 14.54 26.80
C ASP C 333 20.74 14.36 26.19
N PRO C 334 19.73 14.04 27.01
CA PRO C 334 18.38 13.87 26.45
C PRO C 334 17.85 15.09 25.72
N LEU C 335 18.13 16.30 26.22
CA LEU C 335 17.63 17.50 25.55
C LEU C 335 18.27 17.64 24.17
N SER C 336 19.57 17.43 24.07
CA SER C 336 20.24 17.49 22.78
C SER C 336 19.71 16.40 21.85
N GLU C 337 19.43 15.21 22.39
CA GLU C 337 18.90 14.14 21.57
C GLU C 337 17.51 14.50 21.04
N THR C 338 16.69 15.14 21.86
CA THR C 338 15.37 15.57 21.39
C THR C 338 15.51 16.65 20.31
N LYS C 339 16.45 17.57 20.49
CA LYS C 339 16.70 18.56 19.45
C LYS C 339 17.10 17.88 18.15
N CYS C 340 17.99 16.89 18.25
CA CYS C 340 18.43 16.15 17.08
C CYS C 340 17.26 15.44 16.41
N THR C 341 16.38 14.83 17.21
CA THR C 341 15.24 14.10 16.67
C THR C 341 14.27 15.04 15.97
N LEU C 342 14.01 16.20 16.55
CA LEU C 342 13.07 17.15 15.97
C LEU C 342 13.71 18.01 14.88
N LYS C 343 15.02 17.91 14.67
CA LYS C 343 15.71 18.71 13.66
C LYS C 343 15.47 20.20 13.89
N SER C 344 15.56 20.62 15.15
CA SER C 344 15.37 22.02 15.52
C SER C 344 16.25 22.32 16.73
N PHE C 345 16.71 23.57 16.80
CA PHE C 345 17.51 24.00 17.93
C PHE C 345 16.66 24.46 19.12
N THR C 346 15.35 24.66 18.91
CA THR C 346 14.43 25.00 19.98
C THR C 346 13.28 24.01 19.93
N VAL C 347 13.01 23.35 21.06
CA VAL C 347 11.99 22.33 21.17
C VAL C 347 10.86 22.88 22.03
N GLU C 348 9.63 22.77 21.52
CA GLU C 348 8.48 23.29 22.25
C GLU C 348 8.13 22.37 23.42
N LYS C 349 7.35 22.91 24.35
CA LYS C 349 6.97 22.16 25.54
C LYS C 349 6.17 20.92 25.16
N GLY C 350 6.48 19.81 25.82
CA GLY C 350 5.77 18.57 25.57
C GLY C 350 6.62 17.37 25.94
N ILE C 351 6.16 16.21 25.50
CA ILE C 351 6.85 14.94 25.71
C ILE C 351 7.10 14.33 24.34
N TYR C 352 8.35 13.95 24.09
CA TYR C 352 8.79 13.53 22.77
C TYR C 352 9.41 12.13 22.83
N GLN C 353 9.02 11.29 21.88
CA GLN C 353 9.56 9.94 21.80
C GLN C 353 10.88 9.97 21.03
N THR C 354 11.94 9.46 21.65
CA THR C 354 13.26 9.43 21.05
C THR C 354 13.77 7.99 21.02
N SER C 355 15.07 7.84 20.72
CA SER C 355 15.66 6.53 20.50
C SER C 355 15.31 5.58 21.63
N ASN C 356 14.90 4.37 21.27
CA ASN C 356 14.63 3.34 22.25
C ASN C 356 15.90 2.96 22.99
N PHE C 357 15.76 2.09 23.98
CA PHE C 357 16.90 1.57 24.72
C PHE C 357 16.75 0.06 24.88
N ARG C 358 17.88 -0.62 25.01
CA ARG C 358 17.88 -2.08 25.14
C ARG C 358 19.05 -2.48 26.02
N VAL C 359 18.87 -3.59 26.74
CA VAL C 359 19.91 -4.12 27.61
C VAL C 359 20.81 -5.02 26.78
N GLN C 360 22.08 -4.64 26.65
CA GLN C 360 22.99 -5.42 25.84
C GLN C 360 23.46 -6.66 26.59
N PRO C 361 23.77 -7.74 25.88
CA PRO C 361 24.25 -8.96 26.55
C PRO C 361 25.58 -8.71 27.25
N THR C 362 25.74 -9.35 28.42
CA THR C 362 26.99 -9.21 29.16
C THR C 362 28.10 -10.02 28.49
N GLU C 363 27.80 -11.22 28.02
CA GLU C 363 28.78 -12.09 27.37
C GLU C 363 28.03 -13.04 26.44
N SER C 364 28.76 -13.98 25.85
CA SER C 364 28.21 -14.95 24.93
C SER C 364 28.34 -16.35 25.51
N ILE C 365 27.37 -17.21 25.19
CA ILE C 365 27.32 -18.58 25.67
C ILE C 365 27.07 -19.50 24.49
N VAL C 366 27.85 -20.58 24.40
CA VAL C 366 27.63 -21.62 23.41
C VAL C 366 27.57 -22.96 24.14
N ARG C 367 26.56 -23.77 23.80
CA ARG C 367 26.38 -25.08 24.42
C ARG C 367 26.26 -26.10 23.30
N PHE C 368 27.32 -26.87 23.07
CA PHE C 368 27.36 -27.92 22.06
C PHE C 368 27.46 -29.28 22.72
N PRO C 369 26.91 -30.32 22.10
CA PRO C 369 27.12 -31.67 22.63
C PRO C 369 28.60 -32.04 22.65
N ASN C 370 29.00 -32.66 23.76
CA ASN C 370 30.34 -33.21 23.98
C ASN C 370 30.42 -34.65 23.46
N ILE C 371 30.27 -34.72 22.13
CA ILE C 371 30.72 -35.82 21.30
C ILE C 371 32.24 -35.68 21.10
N THR C 372 32.94 -36.81 21.05
CA THR C 372 34.39 -36.81 20.91
C THR C 372 34.89 -37.35 19.57
N ASN C 373 34.32 -38.44 19.07
CA ASN C 373 34.83 -39.07 17.87
C ASN C 373 34.85 -38.09 16.70
N LEU C 374 35.97 -38.05 15.99
CA LEU C 374 36.10 -37.19 14.82
C LEU C 374 35.34 -37.78 13.64
N CYS C 375 34.92 -36.90 12.73
CA CYS C 375 34.19 -37.35 11.56
C CYS C 375 35.11 -38.08 10.59
N PRO C 376 34.64 -39.16 9.93
CA PRO C 376 35.46 -39.87 8.93
C PRO C 376 35.53 -39.17 7.57
N PHE C 377 35.76 -37.86 7.60
CA PHE C 377 35.89 -37.11 6.34
C PHE C 377 37.09 -37.60 5.55
N GLY C 378 38.21 -37.83 6.22
CA GLY C 378 39.37 -38.36 5.53
C GLY C 378 39.09 -39.71 4.90
N GLU C 379 38.46 -40.60 5.65
CA GLU C 379 38.11 -41.91 5.11
C GLU C 379 37.23 -41.78 3.89
N VAL C 380 36.24 -40.88 3.94
CA VAL C 380 35.36 -40.68 2.79
C VAL C 380 36.15 -40.18 1.59
N PHE C 381 37.00 -39.17 1.81
CA PHE C 381 37.78 -38.58 0.72
C PHE C 381 38.98 -39.43 0.33
N ASN C 382 39.33 -40.44 1.12
CA ASN C 382 40.45 -41.34 0.84
C ASN C 382 40.05 -42.56 0.01
N ALA C 383 38.76 -42.79 -0.20
CA ALA C 383 38.26 -44.10 -0.64
C ALA C 383 39.13 -44.69 -1.74
N THR C 384 39.36 -46.00 -1.64
CA THR C 384 40.23 -46.69 -2.59
C THR C 384 39.78 -46.45 -4.03
N ARG C 385 38.49 -46.64 -4.30
CA ARG C 385 37.95 -46.44 -5.63
C ARG C 385 36.60 -45.75 -5.52
N PHE C 386 36.39 -44.74 -6.36
CA PHE C 386 35.13 -44.01 -6.40
C PHE C 386 34.15 -44.68 -7.35
N ALA C 387 32.88 -44.63 -6.99
CA ALA C 387 31.84 -45.24 -7.81
C ALA C 387 31.65 -44.45 -9.10
N SER C 388 30.96 -45.07 -10.05
CA SER C 388 30.66 -44.43 -11.31
C SER C 388 29.61 -43.34 -11.12
N VAL C 389 29.44 -42.52 -12.16
CA VAL C 389 28.49 -41.41 -12.06
C VAL C 389 27.08 -41.93 -11.89
N TYR C 390 26.69 -42.93 -12.69
CA TYR C 390 25.33 -43.44 -12.61
C TYR C 390 25.08 -44.15 -11.29
N ALA C 391 26.11 -44.78 -10.71
CA ALA C 391 25.99 -45.51 -9.45
C ALA C 391 26.70 -44.77 -8.32
N TRP C 392 26.67 -43.44 -8.35
CA TRP C 392 27.30 -42.61 -7.33
C TRP C 392 27.02 -43.16 -5.93
N ASN C 393 28.10 -43.47 -5.21
CA ASN C 393 27.97 -44.00 -3.86
C ASN C 393 27.64 -42.88 -2.89
N ARG C 394 26.63 -43.12 -2.06
CA ARG C 394 26.20 -42.15 -1.05
C ARG C 394 26.55 -42.70 0.33
N LYS C 395 27.30 -41.93 1.10
CA LYS C 395 27.72 -42.30 2.44
C LYS C 395 27.04 -41.39 3.45
N ARG C 396 26.36 -41.98 4.43
CA ARG C 396 25.71 -41.22 5.49
C ARG C 396 26.67 -41.09 6.67
N ILE C 397 26.92 -39.85 7.08
CA ILE C 397 27.88 -39.54 8.12
C ILE C 397 27.19 -38.69 9.17
N SER C 398 27.31 -39.07 10.44
CA SER C 398 26.62 -38.38 11.52
C SER C 398 27.26 -38.80 12.84
N ASN C 399 26.77 -38.19 13.92
CA ASN C 399 27.23 -38.50 15.27
C ASN C 399 28.75 -38.35 15.40
N CYS C 400 29.27 -37.26 14.85
CA CYS C 400 30.69 -36.98 14.90
C CYS C 400 30.91 -35.47 14.87
N VAL C 401 32.08 -35.06 15.35
CA VAL C 401 32.48 -33.66 15.34
C VAL C 401 33.18 -33.38 14.02
N ALA C 402 32.55 -32.56 13.18
CA ALA C 402 33.09 -32.25 11.86
C ALA C 402 33.99 -31.03 11.95
N ASP C 403 35.19 -31.14 11.38
CA ASP C 403 36.17 -30.07 11.35
C ASP C 403 36.42 -29.71 9.88
N TYR C 404 35.61 -28.78 9.36
CA TYR C 404 35.74 -28.37 7.97
C TYR C 404 36.95 -27.48 7.74
N SER C 405 37.61 -27.02 8.80
CA SER C 405 38.75 -26.13 8.61
C SER C 405 39.87 -26.82 7.85
N VAL C 406 40.18 -28.05 8.21
CA VAL C 406 41.28 -28.75 7.54
C VAL C 406 40.92 -29.05 6.09
N LEU C 407 39.68 -29.47 5.83
CA LEU C 407 39.26 -29.69 4.45
C LEU C 407 39.39 -28.40 3.63
N TYR C 408 38.92 -27.28 4.18
CA TYR C 408 38.99 -26.03 3.44
C TYR C 408 40.44 -25.60 3.21
N ASN C 409 41.29 -25.77 4.21
CA ASN C 409 42.68 -25.36 4.08
C ASN C 409 43.44 -26.23 3.08
N SER C 410 43.11 -27.52 3.01
CA SER C 410 43.79 -28.40 2.08
C SER C 410 43.69 -27.85 0.66
N ALA C 411 44.84 -27.72 0.00
CA ALA C 411 44.91 -27.16 -1.34
C ALA C 411 44.75 -28.22 -2.44
N SER C 412 44.53 -29.48 -2.06
CA SER C 412 44.38 -30.53 -3.06
C SER C 412 43.07 -30.44 -3.82
N PHE C 413 42.16 -29.57 -3.41
CA PHE C 413 40.85 -29.42 -4.04
C PHE C 413 40.89 -28.24 -5.00
N SER C 414 40.67 -28.52 -6.29
CA SER C 414 40.64 -27.46 -7.28
C SER C 414 39.35 -26.65 -7.19
N THR C 415 38.23 -27.32 -6.94
CA THR C 415 36.92 -26.67 -6.84
C THR C 415 36.36 -26.89 -5.45
N PHE C 416 35.89 -25.82 -4.82
CA PHE C 416 35.29 -25.88 -3.49
C PHE C 416 34.21 -24.81 -3.44
N LYS C 417 32.97 -25.20 -3.73
CA LYS C 417 31.85 -24.28 -3.82
C LYS C 417 30.77 -24.68 -2.81
N CYS C 418 30.34 -23.72 -2.02
CA CYS C 418 29.24 -23.90 -1.07
C CYS C 418 28.09 -23.01 -1.47
N TYR C 419 26.87 -23.51 -1.33
CA TYR C 419 25.69 -22.83 -1.84
C TYR C 419 24.76 -22.34 -0.72
N GLY C 420 24.32 -23.23 0.16
CA GLY C 420 23.45 -22.82 1.24
C GLY C 420 24.16 -22.25 2.45
N VAL C 421 25.47 -22.40 2.52
CA VAL C 421 26.28 -21.95 3.65
C VAL C 421 27.55 -21.30 3.11
N SER C 422 28.42 -20.90 4.03
CA SER C 422 29.73 -20.41 3.68
C SER C 422 30.81 -21.30 4.29
N PRO C 423 31.89 -21.59 3.54
CA PRO C 423 32.90 -22.50 4.09
C PRO C 423 33.52 -21.99 5.38
N THR C 424 33.75 -20.69 5.49
CA THR C 424 34.31 -20.14 6.72
C THR C 424 33.36 -20.34 7.89
N LYS C 425 32.06 -20.18 7.66
CA LYS C 425 31.06 -20.32 8.71
C LYS C 425 30.71 -21.78 9.00
N LEU C 426 31.14 -22.71 8.15
CA LEU C 426 30.78 -24.11 8.37
C LEU C 426 31.26 -24.62 9.72
N ASN C 427 32.38 -24.10 10.22
CA ASN C 427 32.94 -24.57 11.48
C ASN C 427 32.08 -24.20 12.69
N ASP C 428 31.09 -23.33 12.53
CA ASP C 428 30.28 -22.86 13.63
C ASP C 428 28.81 -23.23 13.46
N LEU C 429 28.54 -24.30 12.71
CA LEU C 429 27.18 -24.71 12.41
C LEU C 429 26.98 -26.16 12.82
N CYS C 430 25.79 -26.47 13.33
CA CYS C 430 25.41 -27.81 13.74
C CYS C 430 24.33 -28.34 12.80
N PHE C 431 24.56 -29.53 12.26
CA PHE C 431 23.66 -30.13 11.29
C PHE C 431 23.06 -31.41 11.85
N THR C 432 21.82 -31.70 11.41
CA THR C 432 21.19 -32.95 11.80
C THR C 432 21.96 -34.15 11.27
N ASN C 433 22.42 -34.08 10.02
CA ASN C 433 23.22 -35.14 9.42
C ASN C 433 23.81 -34.59 8.14
N VAL C 434 24.81 -35.30 7.62
CA VAL C 434 25.51 -34.91 6.41
C VAL C 434 25.62 -36.11 5.49
N TYR C 435 25.44 -35.88 4.19
CA TYR C 435 25.57 -36.91 3.17
C TYR C 435 26.83 -36.63 2.36
N ALA C 436 27.62 -37.67 2.12
CA ALA C 436 28.83 -37.58 1.30
C ALA C 436 28.64 -38.47 0.08
N ASP C 437 28.44 -37.84 -1.08
CA ASP C 437 28.26 -38.54 -2.35
C ASP C 437 29.50 -38.36 -3.19
N SER C 438 30.12 -39.47 -3.59
CA SER C 438 31.38 -39.46 -4.31
C SER C 438 31.23 -40.14 -5.67
N PHE C 439 31.93 -39.60 -6.66
CA PHE C 439 31.96 -40.17 -8.00
C PHE C 439 32.97 -39.39 -8.82
N VAL C 440 33.25 -39.90 -10.01
CA VAL C 440 34.22 -39.31 -10.93
C VAL C 440 33.50 -38.93 -12.22
N ILE C 441 33.68 -37.69 -12.67
CA ILE C 441 33.04 -37.18 -13.86
C ILE C 441 34.10 -36.50 -14.73
N ARG C 442 33.65 -36.06 -15.91
CA ARG C 442 34.50 -35.26 -16.79
C ARG C 442 34.88 -33.93 -16.14
N GLY C 443 36.09 -33.48 -16.46
CA GLY C 443 36.58 -32.22 -15.89
C GLY C 443 35.76 -31.02 -16.34
N ASP C 444 35.46 -30.96 -17.64
CA ASP C 444 34.67 -29.85 -18.16
C ASP C 444 33.22 -29.89 -17.71
N GLU C 445 32.76 -31.04 -17.22
CA GLU C 445 31.39 -31.19 -16.75
C GLU C 445 31.23 -30.87 -15.27
N VAL C 446 32.31 -30.46 -14.59
CA VAL C 446 32.22 -30.18 -13.16
C VAL C 446 31.26 -29.02 -12.91
N ARG C 447 31.31 -27.99 -13.76
CA ARG C 447 30.39 -26.87 -13.61
C ARG C 447 28.94 -27.28 -13.81
N GLN C 448 28.70 -28.43 -14.45
CA GLN C 448 27.35 -28.92 -14.66
C GLN C 448 26.72 -29.45 -13.37
N ILE C 449 27.51 -29.61 -12.29
CA ILE C 449 27.01 -30.21 -11.06
C ILE C 449 26.35 -29.22 -10.13
N ALA C 450 26.38 -27.92 -10.45
CA ALA C 450 25.76 -26.93 -9.59
C ALA C 450 24.25 -27.10 -9.57
N PRO C 451 23.59 -26.68 -8.50
CA PRO C 451 22.13 -26.84 -8.44
C PRO C 451 21.43 -26.05 -9.53
N GLY C 452 20.31 -26.59 -9.98
CA GLY C 452 19.54 -25.93 -11.04
C GLY C 452 20.31 -25.78 -12.33
N GLN C 453 21.06 -26.81 -12.72
CA GLN C 453 21.85 -26.79 -13.94
C GLN C 453 21.23 -27.72 -14.97
N THR C 454 21.70 -27.60 -16.20
CA THR C 454 21.23 -28.43 -17.32
C THR C 454 22.42 -29.08 -17.99
N GLY C 455 22.16 -30.22 -18.60
CA GLY C 455 23.20 -30.99 -19.27
C GLY C 455 22.91 -32.48 -19.16
N LYS C 456 23.70 -33.25 -19.89
CA LYS C 456 23.51 -34.70 -19.90
C LYS C 456 23.63 -35.27 -18.50
N ILE C 457 24.73 -34.97 -17.82
CA ILE C 457 24.97 -35.54 -16.49
C ILE C 457 23.86 -35.13 -15.53
N ALA C 458 23.60 -33.82 -15.44
CA ALA C 458 22.65 -33.30 -14.47
C ALA C 458 21.24 -33.76 -14.74
N ASP C 459 20.90 -33.99 -16.01
CA ASP C 459 19.55 -34.39 -16.38
C ASP C 459 19.35 -35.90 -16.38
N TYR C 460 20.43 -36.69 -16.37
CA TYR C 460 20.31 -38.14 -16.45
C TYR C 460 20.74 -38.86 -15.20
N ASN C 461 21.96 -38.63 -14.69
CA ASN C 461 22.52 -39.51 -13.68
C ASN C 461 22.72 -38.89 -12.31
N TYR C 462 22.80 -37.55 -12.21
CA TYR C 462 23.00 -36.92 -10.91
C TYR C 462 22.40 -35.53 -10.95
N LYS C 463 21.24 -35.36 -10.32
CA LYS C 463 20.53 -34.09 -10.27
C LYS C 463 20.53 -33.57 -8.84
N LEU C 464 20.89 -32.28 -8.66
CA LEU C 464 20.85 -31.64 -7.36
C LEU C 464 19.60 -30.78 -7.22
N PRO C 465 19.02 -30.70 -6.02
CA PRO C 465 17.82 -29.87 -5.86
C PRO C 465 18.11 -28.40 -6.04
N ASP C 466 17.08 -27.65 -6.44
CA ASP C 466 17.24 -26.22 -6.66
C ASP C 466 17.62 -25.51 -5.38
N ASP C 467 17.05 -25.94 -4.24
CA ASP C 467 17.35 -25.36 -2.94
C ASP C 467 18.46 -26.11 -2.21
N PHE C 468 19.41 -26.69 -2.95
CA PHE C 468 20.47 -27.49 -2.35
C PHE C 468 21.25 -26.65 -1.35
N THR C 469 21.49 -27.23 -0.17
CA THR C 469 22.30 -26.60 0.87
C THR C 469 23.47 -27.53 1.18
N GLY C 470 24.66 -27.12 0.78
CA GLY C 470 25.84 -27.94 0.98
C GLY C 470 27.02 -27.38 0.21
N CYS C 471 28.07 -28.19 0.14
CA CYS C 471 29.31 -27.81 -0.52
C CYS C 471 29.72 -28.89 -1.51
N VAL C 472 30.17 -28.45 -2.68
CA VAL C 472 30.64 -29.34 -3.74
C VAL C 472 32.15 -29.19 -3.84
N ILE C 473 32.87 -30.31 -3.76
CA ILE C 473 34.32 -30.33 -3.79
C ILE C 473 34.75 -31.26 -4.92
N ALA C 474 35.64 -30.77 -5.79
CA ALA C 474 36.15 -31.54 -6.90
C ALA C 474 37.65 -31.27 -7.07
N TRP C 475 38.35 -32.23 -7.66
CA TRP C 475 39.77 -32.08 -7.92
C TRP C 475 40.18 -33.11 -8.97
N ASN C 476 41.17 -32.74 -9.78
CA ASN C 476 41.66 -33.62 -10.82
C ASN C 476 42.29 -34.87 -10.20
N SER C 477 41.94 -36.03 -10.76
CA SER C 477 42.49 -37.31 -10.34
C SER C 477 42.99 -38.08 -11.56
N ASN C 478 43.59 -37.36 -12.51
CA ASN C 478 44.04 -37.99 -13.74
C ASN C 478 45.09 -39.06 -13.46
N ASN C 479 46.15 -38.70 -12.73
CA ASN C 479 47.25 -39.62 -12.53
C ASN C 479 46.83 -40.86 -11.73
N LEU C 480 45.82 -40.71 -10.87
CA LEU C 480 45.43 -41.82 -10.00
C LEU C 480 44.32 -42.67 -10.61
N ASP C 481 43.49 -42.12 -11.49
CA ASP C 481 42.37 -42.84 -12.08
C ASP C 481 42.62 -43.24 -13.53
N SER C 482 42.97 -42.29 -14.38
CA SER C 482 43.16 -42.59 -15.79
C SER C 482 44.32 -43.57 -15.97
N LYS C 483 44.17 -44.49 -16.92
CA LYS C 483 45.17 -45.51 -17.19
C LYS C 483 45.88 -45.19 -18.51
N VAL C 484 47.17 -45.56 -18.56
CA VAL C 484 47.95 -45.31 -19.77
C VAL C 484 47.32 -46.02 -20.97
N GLY C 485 46.81 -47.23 -20.75
CA GLY C 485 46.11 -47.95 -21.79
C GLY C 485 44.66 -47.55 -21.98
N GLY C 486 44.15 -46.64 -21.15
CA GLY C 486 42.78 -46.18 -21.28
C GLY C 486 41.84 -46.83 -20.29
N ASN C 487 41.47 -46.08 -19.24
CA ASN C 487 40.57 -46.57 -18.21
C ASN C 487 39.14 -46.28 -18.64
N TYR C 488 38.36 -47.34 -18.87
CA TYR C 488 36.99 -47.21 -19.33
C TYR C 488 35.99 -47.81 -18.35
N ASN C 489 36.41 -48.12 -17.12
CA ASN C 489 35.53 -48.69 -16.12
C ASN C 489 34.45 -47.72 -15.65
N TYR C 490 34.59 -46.44 -15.94
CA TYR C 490 33.62 -45.43 -15.52
C TYR C 490 32.50 -45.34 -16.54
N LEU C 491 31.26 -45.52 -16.08
CA LEU C 491 30.09 -45.53 -16.94
C LEU C 491 29.16 -44.38 -16.58
N TYR C 492 28.47 -43.87 -17.60
CA TYR C 492 27.48 -42.82 -17.42
C TYR C 492 26.22 -43.17 -18.18
N ARG C 493 25.09 -42.68 -17.72
CA ARG C 493 23.82 -42.87 -18.41
C ARG C 493 23.64 -41.76 -19.45
N LEU C 494 23.26 -42.15 -20.67
CA LEU C 494 23.09 -41.22 -21.76
C LEU C 494 21.64 -40.97 -22.13
N PHE C 495 20.77 -41.97 -21.97
CA PHE C 495 19.37 -41.87 -22.34
C PHE C 495 18.49 -42.27 -21.16
N ARG C 496 17.40 -41.55 -20.97
CA ARG C 496 16.44 -41.88 -19.92
C ARG C 496 15.04 -41.51 -20.41
N LYS C 497 14.05 -42.21 -19.87
CA LYS C 497 12.67 -41.94 -20.27
C LYS C 497 12.27 -40.52 -19.95
N SER C 498 12.65 -40.03 -18.76
CA SER C 498 12.34 -38.68 -18.35
C SER C 498 13.39 -38.20 -17.37
N ASN C 499 13.43 -36.89 -17.15
CA ASN C 499 14.40 -36.32 -16.22
C ASN C 499 14.22 -36.92 -14.83
N LEU C 500 15.32 -37.34 -14.22
CA LEU C 500 15.27 -37.96 -12.91
C LEU C 500 15.18 -36.90 -11.82
N LYS C 501 14.43 -37.21 -10.77
CA LYS C 501 14.28 -36.29 -9.66
C LYS C 501 15.62 -36.14 -8.93
N PRO C 502 15.80 -35.04 -8.20
CA PRO C 502 17.09 -34.82 -7.54
C PRO C 502 17.40 -35.91 -6.53
N PHE C 503 18.69 -36.24 -6.41
CA PHE C 503 19.15 -37.29 -5.51
C PHE C 503 18.47 -38.62 -5.84
N GLU C 504 18.53 -39.00 -7.11
CA GLU C 504 17.98 -40.26 -7.59
C GLU C 504 19.08 -41.05 -8.29
N ARG C 505 19.14 -42.35 -8.00
CA ARG C 505 20.13 -43.24 -8.57
C ARG C 505 19.44 -44.21 -9.52
N ASP C 506 19.93 -44.29 -10.75
CA ASP C 506 19.38 -45.17 -11.78
C ASP C 506 20.47 -46.16 -12.19
N ILE C 507 20.27 -47.44 -11.86
CA ILE C 507 21.21 -48.49 -12.19
C ILE C 507 20.64 -49.45 -13.23
N SER C 508 19.49 -49.12 -13.83
CA SER C 508 18.88 -49.98 -14.83
C SER C 508 19.82 -50.15 -16.02
N THR C 509 19.81 -51.36 -16.59
CA THR C 509 20.62 -51.68 -17.76
C THR C 509 19.78 -52.02 -18.98
N GLU C 510 18.46 -51.85 -18.91
CA GLU C 510 17.61 -52.15 -20.04
C GLU C 510 17.96 -51.25 -21.23
N ILE C 511 17.90 -51.82 -22.44
CA ILE C 511 18.26 -51.06 -23.62
C ILE C 511 17.23 -49.95 -23.84
N TYR C 512 17.64 -48.94 -24.62
CA TYR C 512 16.83 -47.76 -24.87
C TYR C 512 16.42 -47.73 -26.34
N GLN C 513 15.17 -47.31 -26.59
CA GLN C 513 14.62 -47.16 -27.93
C GLN C 513 14.43 -45.68 -28.21
N ALA C 514 14.95 -45.22 -29.35
CA ALA C 514 14.92 -43.82 -29.71
C ALA C 514 13.87 -43.50 -30.77
N GLY C 515 12.90 -44.39 -30.97
CA GLY C 515 11.86 -44.20 -31.96
C GLY C 515 10.57 -44.84 -31.52
N SER C 516 9.58 -44.79 -32.42
CA SER C 516 8.27 -45.37 -32.12
C SER C 516 8.29 -46.89 -32.20
N THR C 517 9.18 -47.47 -33.00
CA THR C 517 9.20 -48.91 -33.17
C THR C 517 9.51 -49.58 -31.84
N PRO C 518 8.87 -50.71 -31.53
CA PRO C 518 9.17 -51.40 -30.26
C PRO C 518 10.57 -52.01 -30.27
N CYS C 519 11.12 -52.16 -29.08
CA CYS C 519 12.43 -52.77 -28.87
C CYS C 519 12.26 -53.97 -27.94
N ASN C 520 11.98 -55.14 -28.52
CA ASN C 520 11.83 -56.36 -27.75
C ASN C 520 13.19 -57.02 -27.55
N GLY C 521 13.26 -57.90 -26.56
CA GLY C 521 14.49 -58.60 -26.28
C GLY C 521 15.59 -57.65 -25.82
N VAL C 522 16.84 -58.03 -26.12
CA VAL C 522 18.00 -57.26 -25.70
C VAL C 522 18.49 -56.28 -26.77
N GLU C 523 17.92 -56.31 -27.97
CA GLU C 523 18.38 -55.46 -29.05
C GLU C 523 17.24 -55.23 -30.04
N GLY C 524 17.43 -54.26 -30.92
CA GLY C 524 16.43 -53.95 -31.91
C GLY C 524 16.91 -52.86 -32.83
N PHE C 525 16.00 -52.39 -33.68
CA PHE C 525 16.33 -51.32 -34.61
C PHE C 525 16.50 -50.01 -33.86
N ASN C 526 17.66 -49.37 -34.04
CA ASN C 526 17.96 -48.10 -33.37
C ASN C 526 17.78 -48.23 -31.86
N CYS C 527 18.22 -49.37 -31.31
CA CYS C 527 18.22 -49.61 -29.88
C CYS C 527 19.64 -49.46 -29.34
N TYR C 528 19.81 -48.59 -28.35
CA TYR C 528 21.13 -48.22 -27.86
C TYR C 528 21.24 -48.49 -26.37
N PHE C 529 22.41 -48.97 -25.94
CA PHE C 529 22.63 -49.25 -24.53
C PHE C 529 22.77 -47.94 -23.75
N PRO C 530 21.99 -47.73 -22.69
CA PRO C 530 22.03 -46.43 -22.00
C PRO C 530 23.34 -46.11 -21.30
N LEU C 531 24.21 -47.10 -21.06
CA LEU C 531 25.46 -46.89 -20.34
C LEU C 531 26.62 -46.83 -21.34
N GLN C 532 27.36 -45.73 -21.32
CA GLN C 532 28.51 -45.53 -22.19
C GLN C 532 29.75 -45.26 -21.35
N SER C 533 30.87 -45.88 -21.73
CA SER C 533 32.09 -45.77 -20.96
C SER C 533 32.72 -44.38 -21.14
N TYR C 534 33.75 -44.13 -20.33
CA TYR C 534 34.48 -42.86 -20.34
C TYR C 534 35.83 -43.07 -20.98
N GLY C 535 36.19 -42.18 -21.91
CA GLY C 535 37.49 -42.24 -22.56
C GLY C 535 38.54 -41.44 -21.82
N PHE C 536 38.93 -41.90 -20.65
CA PHE C 536 39.94 -41.23 -19.83
C PHE C 536 41.32 -41.77 -20.20
N GLN C 537 42.19 -40.90 -20.65
CA GLN C 537 43.58 -41.24 -20.96
C GLN C 537 44.49 -40.14 -20.41
N PRO C 538 45.70 -40.49 -19.98
CA PRO C 538 46.64 -39.44 -19.52
C PRO C 538 46.91 -38.40 -20.59
N THR C 539 46.97 -38.82 -21.86
CA THR C 539 47.23 -37.88 -22.94
C THR C 539 46.11 -36.85 -23.11
N ASN C 540 44.91 -37.13 -22.59
CA ASN C 540 43.81 -36.20 -22.73
C ASN C 540 44.14 -34.89 -22.03
N GLY C 541 43.69 -33.78 -22.63
CA GLY C 541 43.91 -32.47 -22.06
C GLY C 541 42.92 -32.15 -20.96
N VAL C 542 43.07 -30.95 -20.40
CA VAL C 542 42.18 -30.51 -19.34
C VAL C 542 40.75 -30.46 -19.87
N GLY C 543 39.80 -30.83 -19.02
CA GLY C 543 38.41 -30.93 -19.39
C GLY C 543 37.95 -32.32 -19.74
N TYR C 544 38.88 -33.23 -20.02
CA TYR C 544 38.59 -34.63 -20.31
C TYR C 544 39.17 -35.60 -19.29
N GLN C 545 40.13 -35.16 -18.49
CA GLN C 545 40.69 -36.05 -17.48
C GLN C 545 39.67 -36.34 -16.39
N PRO C 546 39.75 -37.50 -15.74
CA PRO C 546 38.82 -37.80 -14.66
C PRO C 546 38.97 -36.81 -13.52
N TYR C 547 37.84 -36.49 -12.88
CA TYR C 547 37.81 -35.53 -11.77
C TYR C 547 37.03 -36.16 -10.63
N ARG C 548 37.72 -36.43 -9.52
CA ARG C 548 37.06 -36.97 -8.34
C ARG C 548 36.18 -35.90 -7.70
N VAL C 549 34.89 -36.17 -7.61
CA VAL C 549 33.91 -35.21 -7.13
C VAL C 549 33.22 -35.79 -5.91
N VAL C 550 33.15 -34.99 -4.84
CA VAL C 550 32.49 -35.37 -3.61
C VAL C 550 31.53 -34.25 -3.22
N VAL C 551 30.27 -34.60 -2.97
CA VAL C 551 29.22 -33.64 -2.70
C VAL C 551 28.80 -33.80 -1.25
N LEU C 552 28.87 -32.72 -0.48
CA LEU C 552 28.46 -32.71 0.93
C LEU C 552 27.13 -31.96 1.03
N SER C 553 26.08 -32.68 1.38
CA SER C 553 24.75 -32.12 1.54
C SER C 553 24.27 -32.32 2.97
N PHE C 554 23.71 -31.27 3.56
CA PHE C 554 23.20 -31.35 4.92
C PHE C 554 21.98 -30.45 5.05
N GLU C 555 21.05 -30.89 5.89
CA GLU C 555 19.81 -30.15 6.15
C GLU C 555 19.83 -29.61 7.58
N LEU C 556 19.03 -28.59 7.80
CA LEU C 556 19.04 -27.85 9.06
C LEU C 556 17.63 -27.68 9.59
N LEU C 557 17.53 -27.57 10.92
CA LEU C 557 16.29 -27.22 11.60
C LEU C 557 15.15 -28.19 11.26
N HIS C 558 15.44 -29.48 11.36
CA HIS C 558 14.41 -30.50 11.23
C HIS C 558 14.54 -31.63 12.25
N ALA C 559 15.55 -31.61 13.11
CA ALA C 559 15.79 -32.69 14.07
C ALA C 559 16.90 -32.28 15.03
N PRO C 560 17.11 -33.02 16.11
CA PRO C 560 18.23 -32.68 17.00
C PRO C 560 19.56 -32.77 16.26
N ALA C 561 20.46 -31.85 16.58
CA ALA C 561 21.75 -31.81 15.92
C ALA C 561 22.60 -33.00 16.32
N THR C 562 23.26 -33.60 15.33
CA THR C 562 24.18 -34.71 15.57
C THR C 562 25.59 -34.45 15.05
N VAL C 563 25.74 -33.58 14.05
CA VAL C 563 27.05 -33.18 13.54
C VAL C 563 27.24 -31.72 13.90
N CYS C 564 28.35 -31.41 14.59
CA CYS C 564 28.63 -30.07 15.04
C CYS C 564 30.08 -29.73 14.76
N GLY C 565 30.36 -28.44 14.64
CA GLY C 565 31.69 -27.96 14.35
C GLY C 565 32.59 -28.06 15.57
N PRO C 566 33.87 -27.74 15.38
CA PRO C 566 34.84 -27.82 16.49
C PRO C 566 34.85 -26.56 17.36
N LYS C 567 33.72 -26.32 18.02
CA LYS C 567 33.56 -25.17 18.91
C LYS C 567 33.59 -25.63 20.35
N LYS C 568 34.40 -24.97 21.16
CA LYS C 568 34.58 -25.35 22.56
C LYS C 568 33.43 -24.77 23.37
N SER C 569 32.58 -25.65 23.91
CA SER C 569 31.45 -25.20 24.72
C SER C 569 31.95 -24.53 25.99
N THR C 570 31.26 -23.47 26.39
CA THR C 570 31.58 -22.73 27.61
C THR C 570 30.57 -23.06 28.70
N ASN C 571 30.73 -22.40 29.84
CA ASN C 571 29.83 -22.60 30.96
C ASN C 571 28.46 -22.00 30.66
N LEU C 572 27.51 -22.26 31.56
CA LEU C 572 26.14 -21.79 31.42
C LEU C 572 25.78 -20.90 32.59
N VAL C 573 25.20 -19.74 32.31
CA VAL C 573 24.72 -18.82 33.33
C VAL C 573 23.31 -18.39 32.96
N LYS C 574 22.56 -17.96 33.97
CA LYS C 574 21.16 -17.61 33.79
C LYS C 574 20.84 -16.31 34.52
N ASN C 575 19.70 -15.73 34.17
CA ASN C 575 19.20 -14.50 34.74
C ASN C 575 20.00 -13.27 34.31
N LYS C 576 20.74 -13.37 33.20
CA LYS C 576 21.52 -12.27 32.68
C LYS C 576 21.34 -12.18 31.17
N CYS C 577 21.43 -10.97 30.64
CA CYS C 577 21.42 -10.78 29.20
C CYS C 577 22.66 -11.43 28.61
N VAL C 578 22.47 -12.41 27.73
CA VAL C 578 23.58 -13.20 27.21
C VAL C 578 23.25 -13.64 25.79
N ASN C 579 24.30 -13.78 24.97
CA ASN C 579 24.16 -14.27 23.61
C ASN C 579 24.29 -15.79 23.64
N PHE C 580 23.15 -16.47 23.73
CA PHE C 580 23.15 -17.92 23.83
C PHE C 580 23.33 -18.56 22.46
N ASN C 581 23.75 -19.82 22.47
CA ASN C 581 23.92 -20.60 21.24
C ASN C 581 23.79 -22.07 21.61
N PHE C 582 22.62 -22.64 21.34
CA PHE C 582 22.34 -24.05 21.64
C PHE C 582 22.26 -24.82 20.33
N ASN C 583 23.23 -25.71 20.12
CA ASN C 583 23.24 -26.55 18.92
C ASN C 583 23.16 -25.70 17.65
N GLY C 584 23.82 -24.55 17.68
CA GLY C 584 23.76 -23.62 16.57
C GLY C 584 22.54 -22.72 16.57
N LEU C 585 21.66 -22.83 17.55
CA LEU C 585 20.48 -21.96 17.66
C LEU C 585 20.89 -20.63 18.28
N THR C 586 21.61 -19.84 17.49
CA THR C 586 22.12 -18.56 17.97
C THR C 586 20.98 -17.63 18.32
N GLY C 587 21.21 -16.78 19.33
CA GLY C 587 20.21 -15.83 19.75
C GLY C 587 20.70 -15.07 20.97
N THR C 588 19.87 -14.14 21.43
CA THR C 588 20.19 -13.32 22.59
C THR C 588 18.96 -13.21 23.48
N GLY C 589 19.19 -13.24 24.78
CA GLY C 589 18.10 -13.16 25.73
C GLY C 589 18.57 -13.48 27.13
N VAL C 590 17.62 -13.75 28.02
CA VAL C 590 17.89 -14.07 29.41
C VAL C 590 17.47 -15.52 29.65
N LEU C 591 18.42 -16.35 30.03
CA LEU C 591 18.14 -17.75 30.33
C LEU C 591 17.58 -17.88 31.74
N THR C 592 16.64 -18.81 31.91
CA THR C 592 16.02 -19.03 33.20
C THR C 592 15.50 -20.46 33.27
N GLU C 593 15.71 -21.10 34.43
CA GLU C 593 15.16 -22.43 34.63
C GLU C 593 13.65 -22.39 34.50
N SER C 594 13.10 -23.38 33.80
CA SER C 594 11.68 -23.41 33.46
C SER C 594 11.02 -24.64 34.06
N ASN C 595 9.72 -24.53 34.29
CA ASN C 595 8.90 -25.62 34.76
C ASN C 595 8.09 -26.27 33.64
N LYS C 596 8.39 -25.92 32.38
CA LYS C 596 7.68 -26.54 31.25
C LYS C 596 7.88 -28.05 31.28
N LYS C 597 6.80 -28.77 31.00
CA LYS C 597 6.81 -30.23 31.02
C LYS C 597 7.20 -30.79 29.66
N PHE C 598 8.42 -30.46 29.24
CA PHE C 598 8.95 -31.00 27.99
C PHE C 598 8.93 -32.52 28.04
N LEU C 599 8.41 -33.14 26.99
CA LEU C 599 8.47 -34.58 26.89
C LEU C 599 9.88 -35.01 26.51
N PRO C 600 10.24 -36.27 26.76
CA PRO C 600 11.64 -36.68 26.51
C PRO C 600 12.11 -36.40 25.10
N PHE C 601 11.24 -36.55 24.11
CA PHE C 601 11.63 -36.31 22.72
C PHE C 601 11.66 -34.84 22.34
N GLN C 602 11.01 -33.97 23.12
CA GLN C 602 10.93 -32.56 22.79
C GLN C 602 12.23 -31.86 23.13
N GLN C 603 12.73 -31.06 22.18
CA GLN C 603 13.99 -30.33 22.36
C GLN C 603 13.76 -28.82 22.48
N PHE C 604 13.09 -28.22 21.51
CA PHE C 604 12.83 -26.79 21.52
C PHE C 604 11.45 -26.51 22.10
N GLY C 605 11.14 -25.23 22.24
CA GLY C 605 9.83 -24.79 22.64
C GLY C 605 9.43 -23.54 21.89
N ARG C 606 8.15 -23.41 21.53
CA ARG C 606 7.67 -22.27 20.76
C ARG C 606 6.42 -21.70 21.41
N ASP C 607 6.29 -20.38 21.32
CA ASP C 607 5.17 -19.67 21.90
C ASP C 607 4.04 -19.56 20.89
N ILE C 608 3.05 -18.72 21.17
CA ILE C 608 1.92 -18.57 20.25
C ILE C 608 2.35 -17.82 19.00
N ALA C 609 3.34 -16.93 19.12
CA ALA C 609 3.91 -16.24 17.96
C ALA C 609 4.85 -17.12 17.16
N ASP C 610 5.10 -18.35 17.61
CA ASP C 610 5.99 -19.27 16.92
C ASP C 610 7.42 -18.76 16.88
N THR C 611 7.98 -18.47 18.06
CA THR C 611 9.39 -18.16 18.20
C THR C 611 9.95 -18.92 19.39
N THR C 612 11.26 -19.15 19.36
CA THR C 612 11.91 -19.97 20.39
C THR C 612 11.79 -19.31 21.75
N ASP C 613 10.93 -19.87 22.62
CA ASP C 613 10.73 -19.37 23.97
C ASP C 613 11.16 -20.37 25.03
N ALA C 614 11.79 -21.47 24.62
CA ALA C 614 12.30 -22.47 25.57
C ALA C 614 13.21 -23.42 24.80
N VAL C 615 14.34 -23.78 25.42
CA VAL C 615 15.31 -24.66 24.80
C VAL C 615 15.79 -25.68 25.82
N ARG C 616 16.37 -26.77 25.32
CA ARG C 616 16.94 -27.82 26.15
C ARG C 616 18.44 -27.82 25.96
N ASP C 617 19.17 -27.72 27.06
CA ASP C 617 20.63 -27.64 26.99
C ASP C 617 21.18 -28.97 26.48
N PRO C 618 21.98 -28.98 25.40
CA PRO C 618 22.46 -30.27 24.88
C PRO C 618 23.30 -31.05 25.87
N GLN C 619 24.10 -30.37 26.70
CA GLN C 619 24.98 -31.07 27.62
C GLN C 619 24.19 -31.72 28.74
N THR C 620 23.49 -30.91 29.53
CA THR C 620 22.61 -31.38 30.58
C THR C 620 21.17 -31.24 30.14
N LEU C 621 20.40 -32.32 30.26
CA LEU C 621 19.02 -32.36 29.76
C LEU C 621 18.13 -31.61 30.74
N GLU C 622 18.12 -30.29 30.61
CA GLU C 622 17.26 -29.43 31.40
C GLU C 622 16.60 -28.41 30.48
N ILE C 623 15.42 -27.94 30.89
CA ILE C 623 14.61 -27.02 30.10
C ILE C 623 14.86 -25.61 30.63
N LEU C 624 15.37 -24.73 29.77
CA LEU C 624 15.66 -23.35 30.11
C LEU C 624 14.68 -22.44 29.39
N ASP C 625 14.05 -21.54 30.13
CA ASP C 625 13.22 -20.52 29.51
C ASP C 625 14.08 -19.51 28.76
N ILE C 626 13.55 -19.03 27.65
CA ILE C 626 14.23 -18.03 26.81
C ILE C 626 13.41 -16.75 26.86
N THR C 627 14.06 -15.64 27.19
CA THR C 627 13.39 -14.36 27.27
C THR C 627 14.31 -13.25 26.79
N PRO C 628 13.92 -12.49 25.76
CA PRO C 628 14.78 -11.39 25.31
C PRO C 628 14.96 -10.35 26.40
N CYS C 629 16.14 -9.73 26.41
CA CYS C 629 16.46 -8.74 27.41
C CYS C 629 15.52 -7.54 27.27
N SER C 630 15.29 -6.85 28.39
CA SER C 630 14.27 -5.81 28.42
C SER C 630 14.58 -4.71 27.43
N PHE C 631 13.51 -4.10 26.91
CA PHE C 631 13.63 -3.01 25.94
C PHE C 631 12.38 -2.14 26.04
N GLY C 632 12.46 -0.96 25.47
CA GLY C 632 11.33 -0.07 25.43
C GLY C 632 11.68 1.31 24.89
N GLY C 633 10.68 2.07 24.49
CA GLY C 633 10.92 3.42 24.03
C GLY C 633 11.36 4.33 25.14
N VAL C 634 12.08 5.38 24.76
CA VAL C 634 12.53 6.41 25.69
C VAL C 634 11.89 7.72 25.27
N SER C 635 11.16 8.35 26.17
CA SER C 635 10.46 9.60 25.91
C SER C 635 11.00 10.66 26.85
N VAL C 636 11.28 11.84 26.30
CA VAL C 636 11.88 12.94 27.05
C VAL C 636 10.80 13.99 27.29
N ILE C 637 10.66 14.43 28.53
CA ILE C 637 9.69 15.44 28.92
C ILE C 637 10.44 16.76 29.10
N THR C 638 10.00 17.80 28.38
CA THR C 638 10.65 19.09 28.46
C THR C 638 9.60 20.19 28.60
N PRO C 639 9.90 21.25 29.35
CA PRO C 639 9.01 22.42 29.38
C PRO C 639 9.25 23.44 28.28
N GLY C 640 10.06 23.13 27.29
CA GLY C 640 10.30 24.03 26.19
C GLY C 640 11.67 24.69 26.28
N THR C 641 12.31 24.86 25.13
CA THR C 641 13.61 25.50 25.11
C THR C 641 13.50 26.95 25.55
N ASN C 642 12.36 27.58 25.28
CA ASN C 642 11.98 28.75 26.05
C ASN C 642 12.41 28.70 27.49
N THR C 643 11.92 27.71 28.23
CA THR C 643 11.68 27.92 29.65
C THR C 643 12.73 27.28 30.54
N SER C 644 13.30 26.15 30.13
CA SER C 644 14.31 25.49 30.94
C SER C 644 14.98 24.38 30.14
N ASN C 645 16.30 24.28 30.26
CA ASN C 645 17.01 23.17 29.64
C ASN C 645 16.90 21.90 30.46
N GLN C 646 16.29 21.96 31.63
CA GLN C 646 16.02 20.77 32.42
C GLN C 646 14.98 19.90 31.73
N VAL C 647 15.18 18.58 31.78
CA VAL C 647 14.28 17.63 31.16
C VAL C 647 14.11 16.42 32.08
N ALA C 648 13.04 15.67 31.84
CA ALA C 648 12.79 14.40 32.51
C ALA C 648 12.65 13.31 31.47
N VAL C 649 13.15 12.12 31.80
CA VAL C 649 13.17 10.99 30.87
C VAL C 649 12.21 9.93 31.37
N LEU C 650 11.49 9.30 30.44
CA LEU C 650 10.55 8.24 30.74
C LEU C 650 10.96 7.00 29.97
N TYR C 651 11.23 5.91 30.70
CA TYR C 651 11.54 4.62 30.08
C TYR C 651 10.25 3.81 30.08
N GLN C 652 9.38 4.10 29.12
CA GLN C 652 8.05 3.54 29.14
C GLN C 652 8.08 2.02 29.03
N GLY C 653 7.26 1.37 29.84
CA GLY C 653 7.19 -0.08 29.82
C GLY C 653 8.37 -0.77 30.45
N VAL C 654 9.12 -0.08 31.31
CA VAL C 654 10.34 -0.63 31.89
C VAL C 654 10.32 -0.37 33.39
N ASN C 655 10.69 -1.40 34.17
CA ASN C 655 10.82 -1.24 35.61
C ASN C 655 12.04 -0.38 35.93
N CYS C 656 11.91 0.41 37.01
CA CYS C 656 13.01 1.29 37.41
C CYS C 656 14.23 0.49 37.84
N THR C 657 14.04 -0.74 38.34
CA THR C 657 15.17 -1.55 38.75
C THR C 657 16.08 -1.86 37.57
N GLU C 658 15.48 -2.11 36.40
CA GLU C 658 16.27 -2.54 35.25
C GLU C 658 17.27 -1.47 34.81
N VAL C 659 16.84 -0.21 34.79
CA VAL C 659 17.71 0.88 34.33
C VAL C 659 18.93 0.99 35.22
N PRO C 670 21.54 4.02 24.92
CA PRO C 670 21.72 5.45 25.22
C PRO C 670 23.09 5.76 25.80
N THR C 671 23.85 6.60 25.11
CA THR C 671 25.19 6.95 25.59
C THR C 671 25.12 7.69 26.93
N TRP C 672 24.20 8.64 27.06
CA TRP C 672 24.10 9.41 28.29
C TRP C 672 23.58 8.52 29.41
N ARG C 673 24.25 8.58 30.57
CA ARG C 673 23.88 7.76 31.71
C ARG C 673 23.92 8.53 33.03
N VAL C 674 24.10 9.86 32.98
CA VAL C 674 24.10 10.66 34.21
C VAL C 674 22.75 10.59 34.89
N TYR C 675 21.71 10.14 34.19
CA TYR C 675 20.38 9.98 34.78
C TYR C 675 20.20 8.64 35.48
N SER C 676 21.15 7.71 35.35
CA SER C 676 21.05 6.44 36.06
C SER C 676 21.20 6.62 37.56
N THR C 677 21.99 7.61 37.99
CA THR C 677 22.16 7.84 39.42
C THR C 677 20.82 8.18 40.08
N GLY C 678 20.03 9.04 39.43
CA GLY C 678 18.67 9.29 39.87
C GLY C 678 18.57 10.22 41.06
N SER C 679 18.25 9.67 42.23
CA SER C 679 17.89 10.36 43.45
C SER C 679 16.46 10.90 43.39
N ASN C 680 15.79 10.83 42.23
CA ASN C 680 14.40 11.19 42.11
C ASN C 680 13.66 10.23 41.18
N VAL C 681 14.10 8.97 41.14
CA VAL C 681 13.49 7.98 40.25
C VAL C 681 12.09 7.66 40.72
N PHE C 682 11.13 7.77 39.82
CA PHE C 682 9.72 7.52 40.11
C PHE C 682 9.21 6.42 39.19
N GLN C 683 8.51 5.44 39.76
CA GLN C 683 7.96 4.32 39.01
C GLN C 683 6.48 4.58 38.77
N THR C 684 6.07 4.55 37.51
CA THR C 684 4.69 4.80 37.12
C THR C 684 4.20 3.66 36.24
N ARG C 685 2.87 3.53 36.16
CA ARG C 685 2.29 2.51 35.31
C ARG C 685 2.72 2.69 33.85
N ALA C 686 3.03 3.92 33.46
CA ALA C 686 3.53 4.17 32.10
C ALA C 686 4.97 3.72 31.93
N GLY C 687 5.75 3.71 33.00
CA GLY C 687 7.14 3.31 32.95
C GLY C 687 7.91 3.99 34.07
N CYS C 688 9.23 3.96 33.93
CA CYS C 688 10.12 4.58 34.91
C CYS C 688 10.35 6.04 34.51
N LEU C 689 10.03 6.95 35.42
CA LEU C 689 10.21 8.37 35.21
C LEU C 689 11.40 8.84 36.04
N ILE C 690 12.39 9.44 35.37
CA ILE C 690 13.63 9.86 35.99
C ILE C 690 13.81 11.35 35.77
N GLY C 691 14.17 12.08 36.82
CA GLY C 691 14.39 13.50 36.73
C GLY C 691 13.19 14.36 37.06
N ALA C 692 12.08 13.77 37.48
CA ALA C 692 10.88 14.50 37.85
C ALA C 692 10.57 14.23 39.31
N GLU C 693 10.29 15.29 40.06
CA GLU C 693 10.00 15.17 41.49
C GLU C 693 8.54 14.82 41.68
N HIS C 694 8.27 13.62 42.18
CA HIS C 694 6.89 13.24 42.46
C HIS C 694 6.33 14.12 43.57
N VAL C 695 5.07 14.50 43.42
CA VAL C 695 4.36 15.29 44.41
C VAL C 695 3.02 14.62 44.67
N ASN C 696 2.41 15.00 45.79
CA ASN C 696 1.19 14.35 46.26
C ASN C 696 -0.02 15.25 46.03
N ASN C 697 0.18 16.38 45.35
CA ASN C 697 -0.87 17.33 45.01
C ASN C 697 -1.62 16.81 43.78
N SER C 698 -2.41 17.67 43.14
CA SER C 698 -3.07 17.32 41.90
C SER C 698 -3.47 18.60 41.18
N TYR C 699 -3.04 18.72 39.92
CA TYR C 699 -3.33 19.89 39.11
C TYR C 699 -3.87 19.42 37.75
N GLU C 700 -4.23 20.38 36.92
CA GLU C 700 -4.62 20.06 35.55
C GLU C 700 -3.45 19.45 34.80
N CYS C 701 -3.74 18.52 33.91
CA CYS C 701 -2.69 17.86 33.15
C CYS C 701 -1.96 18.88 32.27
N ASP C 702 -0.67 19.05 32.50
CA ASP C 702 0.15 19.93 31.68
C ASP C 702 0.83 19.15 30.56
N ILE C 703 1.63 18.15 30.92
CA ILE C 703 2.29 17.27 29.95
C ILE C 703 1.83 15.85 30.23
N PRO C 704 1.08 15.21 29.33
CA PRO C 704 0.57 13.87 29.63
C PRO C 704 1.68 12.83 29.57
N ILE C 705 1.81 12.05 30.63
CA ILE C 705 2.74 10.93 30.68
C ILE C 705 2.03 9.60 30.47
N GLY C 706 0.84 9.44 31.06
CA GLY C 706 0.07 8.22 30.89
C GLY C 706 -0.47 7.68 32.20
N ALA C 707 -1.58 6.94 32.12
CA ALA C 707 -2.17 6.30 33.29
C ALA C 707 -2.53 7.31 34.37
N GLY C 708 -2.95 8.51 33.94
CA GLY C 708 -3.35 9.53 34.87
C GLY C 708 -2.23 10.33 35.47
N ILE C 709 -0.99 10.15 35.01
CA ILE C 709 0.17 10.88 35.49
C ILE C 709 0.53 11.95 34.48
N CYS C 710 0.82 13.15 34.96
CA CYS C 710 1.20 14.27 34.11
C CYS C 710 2.40 14.97 34.72
N ALA C 711 3.13 15.71 33.89
CA ALA C 711 4.32 16.42 34.31
C ALA C 711 4.15 17.92 34.04
N SER C 712 4.71 18.73 34.93
CA SER C 712 4.61 20.18 34.80
C SER C 712 5.84 20.83 35.42
N TYR C 713 6.09 22.07 35.02
CA TYR C 713 7.23 22.84 35.50
C TYR C 713 6.73 23.94 36.42
N GLN C 714 7.21 23.93 37.66
CA GLN C 714 6.82 24.91 38.67
C GLN C 714 7.77 24.77 39.86
N THR C 715 7.67 25.73 40.78
CA THR C 715 8.59 25.80 41.91
C THR C 715 8.45 24.59 42.84
N GLN C 716 7.33 24.51 43.56
CA GLN C 716 7.12 23.51 44.60
C GLN C 716 8.41 23.22 45.36
N THR C 717 8.95 24.28 45.97
CA THR C 717 10.18 24.18 46.73
C THR C 717 11.33 23.73 45.84
N ASN C 718 11.71 22.46 45.92
CA ASN C 718 12.83 21.95 45.14
C ASN C 718 12.56 22.09 43.64
N SER C 725 11.06 25.57 49.99
CA SER C 725 11.64 26.80 49.46
C SER C 725 10.74 27.42 48.40
N VAL C 726 11.26 28.44 47.73
CA VAL C 726 10.53 29.11 46.65
C VAL C 726 11.53 29.53 45.58
N ALA C 727 11.00 29.87 44.40
CA ALA C 727 11.73 30.37 43.25
C ALA C 727 12.68 29.35 42.65
N SER C 728 12.69 28.11 43.14
CA SER C 728 13.52 27.04 42.57
C SER C 728 12.61 26.17 41.72
N GLN C 729 12.70 26.31 40.41
CA GLN C 729 11.84 25.59 39.49
C GLN C 729 12.37 24.19 39.23
N SER C 730 11.45 23.25 39.04
CA SER C 730 11.81 21.87 38.76
C SER C 730 10.62 21.20 38.09
N ILE C 731 10.86 20.03 37.53
CA ILE C 731 9.82 19.25 36.86
C ILE C 731 9.22 18.28 37.88
N ILE C 732 7.90 18.28 37.99
CA ILE C 732 7.18 17.46 38.95
C ILE C 732 6.28 16.49 38.20
N ALA C 733 5.97 15.38 38.87
CA ALA C 733 5.03 14.38 38.37
C ALA C 733 3.91 14.23 39.38
N TYR C 734 2.68 14.19 38.91
CA TYR C 734 1.51 14.17 39.79
C TYR C 734 0.38 13.43 39.10
N THR C 735 -0.65 13.12 39.88
CA THR C 735 -1.88 12.54 39.35
C THR C 735 -2.81 13.67 38.96
N MET C 736 -3.17 13.74 37.68
CA MET C 736 -3.96 14.86 37.20
C MET C 736 -5.31 14.90 37.90
N SER C 737 -5.79 16.12 38.15
CA SER C 737 -7.09 16.34 38.78
C SER C 737 -8.11 16.63 37.68
N LEU C 738 -9.28 15.99 37.79
CA LEU C 738 -10.33 16.18 36.80
C LEU C 738 -11.06 17.50 36.97
N GLY C 739 -11.00 18.10 38.15
CA GLY C 739 -11.64 19.38 38.37
C GLY C 739 -11.91 19.59 39.84
N ALA C 740 -12.51 20.74 40.13
CA ALA C 740 -12.86 21.10 41.50
C ALA C 740 -14.11 20.34 41.92
N GLU C 741 -14.06 19.74 43.11
CA GLU C 741 -15.23 19.05 43.63
C GLU C 741 -16.36 20.04 43.89
N ASN C 742 -17.57 19.63 43.54
CA ASN C 742 -18.75 20.45 43.73
C ASN C 742 -19.90 19.57 44.21
N SER C 743 -20.64 20.05 45.19
CA SER C 743 -21.79 19.35 45.75
C SER C 743 -23.00 20.25 45.55
N VAL C 744 -23.83 19.93 44.55
CA VAL C 744 -25.01 20.73 44.31
C VAL C 744 -25.92 20.68 45.52
N ALA C 745 -26.47 21.83 45.90
CA ALA C 745 -27.30 21.94 47.08
C ALA C 745 -28.71 21.41 46.79
N TYR C 746 -28.74 20.17 46.32
CA TYR C 746 -30.01 19.57 45.90
C TYR C 746 -30.90 19.28 47.11
N SER C 747 -32.16 19.63 46.96
CA SER C 747 -33.19 19.26 47.92
C SER C 747 -34.52 19.23 47.20
N ASN C 748 -35.47 18.50 47.76
CA ASN C 748 -36.84 18.64 47.30
C ASN C 748 -37.41 19.94 47.84
N ASN C 749 -38.09 20.69 46.98
CA ASN C 749 -38.68 21.99 47.27
C ASN C 749 -37.66 23.12 47.26
N SER C 750 -36.45 22.90 46.76
CA SER C 750 -35.43 23.94 46.66
C SER C 750 -35.00 24.09 45.20
N ILE C 751 -35.04 25.33 44.71
CA ILE C 751 -34.66 25.63 43.34
C ILE C 751 -33.77 26.87 43.33
N ALA C 752 -32.86 26.93 42.36
CA ALA C 752 -31.99 28.08 42.15
C ALA C 752 -32.33 28.72 40.81
N ILE C 753 -32.48 30.03 40.80
CA ILE C 753 -32.89 30.75 39.60
C ILE C 753 -31.92 31.91 39.36
N PRO C 754 -31.40 32.09 38.16
CA PRO C 754 -30.48 33.21 37.91
C PRO C 754 -31.20 34.55 37.95
N THR C 755 -30.55 35.52 38.60
CA THR C 755 -31.05 36.88 38.67
C THR C 755 -30.34 37.81 37.70
N ASN C 756 -29.41 37.30 36.89
CA ASN C 756 -28.62 38.11 35.99
C ASN C 756 -28.24 37.25 34.80
N PHE C 757 -27.35 37.76 33.96
CA PHE C 757 -26.84 37.00 32.83
C PHE C 757 -25.57 37.65 32.32
N THR C 758 -24.81 36.89 31.55
CA THR C 758 -23.65 37.41 30.85
C THR C 758 -23.72 36.98 29.39
N ILE C 759 -23.41 37.90 28.49
CA ILE C 759 -23.35 37.61 27.06
C ILE C 759 -21.92 37.21 26.75
N SER C 760 -21.72 35.92 26.51
CA SER C 760 -20.39 35.38 26.26
C SER C 760 -20.22 35.15 24.75
N VAL C 761 -19.07 35.56 24.23
CA VAL C 761 -18.70 35.34 22.84
C VAL C 761 -17.45 34.49 22.84
N THR C 762 -17.54 33.29 22.25
CA THR C 762 -16.42 32.37 22.17
C THR C 762 -16.13 32.07 20.70
N THR C 763 -14.88 31.69 20.43
CA THR C 763 -14.41 31.44 19.08
C THR C 763 -14.25 29.95 18.86
N GLU C 764 -14.56 29.51 17.64
CA GLU C 764 -14.39 28.11 17.26
C GLU C 764 -13.74 28.06 15.88
N ILE C 765 -12.60 27.40 15.78
CA ILE C 765 -11.80 27.33 14.57
C ILE C 765 -11.97 25.94 13.96
N LEU C 766 -12.26 25.89 12.67
CA LEU C 766 -12.53 24.64 11.97
C LEU C 766 -11.74 24.62 10.67
N PRO C 767 -10.85 23.66 10.44
CA PRO C 767 -10.23 23.53 9.12
C PRO C 767 -11.29 23.24 8.07
N VAL C 768 -11.10 23.84 6.89
CA VAL C 768 -12.04 23.71 5.78
C VAL C 768 -11.39 23.05 4.57
N SER C 769 -10.15 23.41 4.25
CA SER C 769 -9.47 22.88 3.09
C SER C 769 -7.98 22.82 3.36
N MET C 770 -7.25 22.18 2.45
CA MET C 770 -5.80 22.13 2.48
C MET C 770 -5.26 22.49 1.11
N THR C 771 -3.97 22.78 1.06
CA THR C 771 -3.35 23.20 -0.19
C THR C 771 -3.44 22.10 -1.23
N LYS C 772 -3.71 22.48 -2.47
CA LYS C 772 -3.75 21.53 -3.58
C LYS C 772 -2.35 21.27 -4.09
N THR C 773 -1.93 20.01 -4.10
CA THR C 773 -0.63 19.60 -4.60
C THR C 773 -0.82 18.63 -5.74
N SER C 774 -0.17 18.90 -6.87
CA SER C 774 -0.21 18.04 -8.04
C SER C 774 1.19 17.47 -8.22
N VAL C 775 1.34 16.17 -7.91
CA VAL C 775 2.62 15.48 -8.03
C VAL C 775 2.58 14.64 -9.29
N ASP C 776 3.45 14.96 -10.24
CA ASP C 776 3.56 14.20 -11.47
C ASP C 776 4.35 12.93 -11.19
N CYS C 777 3.70 11.78 -11.34
CA CYS C 777 4.34 10.50 -11.00
C CYS C 777 5.58 10.27 -11.83
N THR C 778 5.46 10.44 -13.16
CA THR C 778 6.60 10.17 -14.04
C THR C 778 7.75 11.14 -13.77
N MET C 779 7.45 12.43 -13.58
CA MET C 779 8.49 13.40 -13.31
C MET C 779 9.18 13.09 -11.97
N TYR C 780 8.40 12.72 -10.96
CA TYR C 780 8.97 12.44 -9.65
C TYR C 780 9.86 11.21 -9.68
N ILE C 781 9.43 10.15 -10.37
CA ILE C 781 10.18 8.90 -10.33
C ILE C 781 11.36 8.95 -11.29
N CYS C 782 11.12 9.36 -12.53
CA CYS C 782 12.06 9.23 -13.64
C CYS C 782 12.32 10.59 -14.27
N GLY C 783 12.55 11.60 -13.45
CA GLY C 783 12.67 12.96 -13.93
C GLY C 783 13.63 13.12 -15.10
N ASP C 784 13.09 13.45 -16.27
CA ASP C 784 13.89 13.69 -17.47
C ASP C 784 14.85 12.53 -17.73
N SER C 785 14.28 11.35 -17.95
CA SER C 785 15.07 10.15 -18.26
C SER C 785 14.20 9.22 -19.08
N THR C 786 14.47 9.13 -20.38
CA THR C 786 13.66 8.29 -21.25
C THR C 786 13.79 6.82 -20.87
N GLU C 787 15.00 6.37 -20.52
CA GLU C 787 15.19 4.98 -20.14
C GLU C 787 14.35 4.63 -18.92
N CYS C 788 14.40 5.48 -17.89
CA CYS C 788 13.63 5.23 -16.69
C CYS C 788 12.14 5.30 -16.97
N SER C 789 11.71 6.24 -17.82
CA SER C 789 10.29 6.33 -18.17
C SER C 789 9.82 5.06 -18.86
N ASN C 790 10.61 4.56 -19.81
CA ASN C 790 10.25 3.33 -20.51
C ASN C 790 10.18 2.16 -19.54
N LEU C 791 11.13 2.09 -18.61
CA LEU C 791 11.08 1.04 -17.59
C LEU C 791 9.82 1.17 -16.74
N LEU C 792 9.45 2.41 -16.38
CA LEU C 792 8.28 2.63 -15.55
C LEU C 792 6.99 2.30 -16.29
N LEU C 793 7.00 2.39 -17.62
CA LEU C 793 5.81 2.06 -18.39
C LEU C 793 5.38 0.61 -18.18
N GLN C 794 6.28 -0.25 -17.73
CA GLN C 794 5.99 -1.66 -17.54
C GLN C 794 5.23 -1.94 -16.25
N TYR C 795 5.00 -0.94 -15.41
CA TYR C 795 4.30 -1.11 -14.15
C TYR C 795 2.81 -0.81 -14.26
N GLY C 796 2.31 -0.47 -15.43
CA GLY C 796 0.87 -0.35 -15.64
C GLY C 796 0.39 1.06 -15.38
N SER C 797 -0.71 1.18 -14.63
CA SER C 797 -1.42 2.44 -14.45
C SER C 797 -1.23 3.01 -13.05
N PHE C 798 -0.11 2.70 -12.39
CA PHE C 798 0.13 3.23 -11.06
C PHE C 798 0.20 4.76 -11.09
N CYS C 799 0.93 5.31 -12.07
CA CYS C 799 1.05 6.76 -12.17
C CYS C 799 -0.30 7.40 -12.45
N THR C 800 -1.08 6.80 -13.35
CA THR C 800 -2.40 7.33 -13.64
C THR C 800 -3.28 7.32 -12.40
N GLN C 801 -3.25 6.24 -11.63
CA GLN C 801 -4.05 6.15 -10.42
C GLN C 801 -3.65 7.23 -9.42
N LEU C 802 -2.34 7.41 -9.21
CA LEU C 802 -1.88 8.41 -8.25
C LEU C 802 -2.27 9.81 -8.69
N ASN C 803 -2.10 10.12 -9.98
CA ASN C 803 -2.49 11.43 -10.47
C ASN C 803 -3.99 11.66 -10.31
N ARG C 804 -4.79 10.63 -10.59
CA ARG C 804 -6.23 10.76 -10.42
C ARG C 804 -6.58 11.03 -8.96
N ALA C 805 -5.94 10.31 -8.04
CA ALA C 805 -6.22 10.51 -6.62
C ALA C 805 -5.89 11.94 -6.19
N LEU C 806 -4.71 12.43 -6.58
CA LEU C 806 -4.33 13.78 -6.18
C LEU C 806 -5.25 14.82 -6.79
N THR C 807 -5.64 14.63 -8.06
CA THR C 807 -6.58 15.57 -8.68
C THR C 807 -7.92 15.56 -7.97
N GLY C 808 -8.40 14.37 -7.58
CA GLY C 808 -9.64 14.31 -6.82
C GLY C 808 -9.55 15.06 -5.52
N ILE C 809 -8.43 14.92 -4.80
CA ILE C 809 -8.25 15.67 -3.56
C ILE C 809 -8.28 17.17 -3.84
N ALA C 810 -7.58 17.60 -4.89
CA ALA C 810 -7.54 19.03 -5.20
C ALA C 810 -8.93 19.57 -5.49
N VAL C 811 -9.72 18.85 -6.27
CA VAL C 811 -11.08 19.30 -6.57
C VAL C 811 -11.93 19.30 -5.31
N GLU C 812 -11.75 18.30 -4.45
CA GLU C 812 -12.52 18.22 -3.22
C GLU C 812 -12.24 19.41 -2.31
N GLN C 813 -11.02 19.95 -2.37
CA GLN C 813 -10.73 21.13 -1.55
C GLN C 813 -11.60 22.31 -1.94
N ASP C 814 -11.70 22.59 -3.24
CA ASP C 814 -12.57 23.65 -3.71
C ASP C 814 -14.03 23.36 -3.36
N LYS C 815 -14.43 22.09 -3.48
CA LYS C 815 -15.79 21.73 -3.11
C LYS C 815 -16.06 22.04 -1.64
N ASN C 816 -15.11 21.71 -0.76
CA ASN C 816 -15.26 21.99 0.67
C ASN C 816 -15.42 23.48 0.90
N THR C 817 -14.53 24.29 0.33
CA THR C 817 -14.62 25.73 0.55
C THR C 817 -15.94 26.28 0.04
N GLN C 818 -16.38 25.84 -1.14
CA GLN C 818 -17.65 26.30 -1.68
C GLN C 818 -18.80 25.94 -0.76
N GLU C 819 -18.84 24.69 -0.29
CA GLU C 819 -19.94 24.27 0.56
C GLU C 819 -19.97 25.06 1.86
N VAL C 820 -18.80 25.35 2.43
CA VAL C 820 -18.77 26.07 3.70
C VAL C 820 -19.21 27.52 3.51
N PHE C 821 -18.67 28.20 2.50
CA PHE C 821 -18.81 29.65 2.41
C PHE C 821 -19.90 30.10 1.44
N ALA C 822 -19.92 29.58 0.23
CA ALA C 822 -20.89 30.03 -0.76
C ALA C 822 -22.27 29.47 -0.44
N GLN C 823 -22.84 29.90 0.69
CA GLN C 823 -24.14 29.43 1.13
C GLN C 823 -25.29 30.34 0.73
N VAL C 824 -25.00 31.60 0.38
CA VAL C 824 -26.01 32.56 -0.04
C VAL C 824 -25.59 33.11 -1.39
N LYS C 825 -26.49 33.02 -2.36
CA LYS C 825 -26.25 33.57 -3.70
C LYS C 825 -26.75 35.01 -3.80
N GLN C 826 -26.38 35.82 -2.82
CA GLN C 826 -26.75 37.23 -2.81
C GLN C 826 -25.81 37.94 -1.85
N ILE C 827 -25.09 38.94 -2.35
CA ILE C 827 -24.05 39.62 -1.56
C ILE C 827 -24.73 40.76 -0.82
N TYR C 828 -25.13 40.51 0.42
CA TYR C 828 -25.76 41.53 1.25
C TYR C 828 -24.73 42.50 1.77
N LYS C 829 -25.14 43.77 1.89
CA LYS C 829 -24.28 44.81 2.45
C LYS C 829 -25.02 45.51 3.58
N THR C 830 -24.29 45.78 4.66
CA THR C 830 -24.85 46.56 5.74
C THR C 830 -25.04 48.01 5.30
N PRO C 831 -26.07 48.69 5.79
CA PRO C 831 -26.31 50.07 5.35
C PRO C 831 -25.22 51.00 5.88
N PRO C 832 -25.04 52.16 5.24
CA PRO C 832 -24.01 53.09 5.74
C PRO C 832 -24.20 53.47 7.19
N ILE C 833 -25.45 53.61 7.64
CA ILE C 833 -25.73 53.89 9.03
C ILE C 833 -25.63 52.59 9.83
N LYS C 834 -25.15 52.70 11.07
CA LYS C 834 -24.88 51.52 11.88
C LYS C 834 -25.61 51.59 13.22
N ASP C 835 -26.90 51.91 13.16
CA ASP C 835 -27.73 51.99 14.37
C ASP C 835 -28.31 50.62 14.70
N PHE C 836 -27.43 49.74 15.17
CA PHE C 836 -27.81 48.38 15.55
C PHE C 836 -28.14 48.30 17.04
N GLY C 837 -29.03 49.17 17.49
CA GLY C 837 -29.48 49.11 18.88
C GLY C 837 -28.38 49.23 19.91
N GLY C 838 -27.26 49.85 19.54
CA GLY C 838 -26.13 49.97 20.44
C GLY C 838 -25.09 48.87 20.32
N PHE C 839 -25.38 47.81 19.58
CA PHE C 839 -24.39 46.76 19.36
C PHE C 839 -23.33 47.19 18.37
N ASN C 840 -22.10 46.77 18.62
CA ASN C 840 -20.95 47.09 17.78
C ASN C 840 -20.51 45.88 16.97
N PHE C 841 -20.37 46.07 15.66
CA PHE C 841 -19.85 45.04 14.78
C PHE C 841 -18.69 45.56 13.93
N SER C 842 -18.05 46.65 14.36
CA SER C 842 -16.98 47.24 13.57
C SER C 842 -15.81 46.27 13.40
N GLN C 843 -15.46 45.56 14.47
CA GLN C 843 -14.30 44.69 14.43
C GLN C 843 -14.52 43.43 13.59
N ILE C 844 -15.76 43.13 13.22
CA ILE C 844 -16.05 41.97 12.37
C ILE C 844 -16.58 42.37 11.00
N LEU C 845 -16.98 43.62 10.81
CA LEU C 845 -17.43 44.07 9.51
C LEU C 845 -16.25 44.46 8.64
N PRO C 846 -16.41 44.45 7.31
CA PRO C 846 -15.30 44.78 6.44
C PRO C 846 -14.77 46.19 6.67
N ASP C 847 -13.47 46.36 6.46
CA ASP C 847 -12.83 47.66 6.54
C ASP C 847 -12.51 48.14 5.14
N PRO C 848 -13.25 49.11 4.58
CA PRO C 848 -12.98 49.53 3.20
C PRO C 848 -11.60 50.12 3.01
N SER C 849 -10.99 50.67 4.06
CA SER C 849 -9.72 51.37 3.91
C SER C 849 -8.65 50.46 3.32
N LYS C 850 -8.54 49.24 3.84
CA LYS C 850 -7.48 48.34 3.39
C LYS C 850 -7.73 47.90 1.96
N PRO C 851 -6.67 47.56 1.21
CA PRO C 851 -6.89 47.01 -0.13
C PRO C 851 -7.72 45.74 -0.10
N SER C 852 -7.54 44.90 0.92
CA SER C 852 -8.38 43.75 1.14
C SER C 852 -9.54 44.15 2.04
N LYS C 853 -10.73 43.61 1.75
CA LYS C 853 -11.93 43.95 2.49
C LYS C 853 -12.12 43.08 3.72
N ARG C 854 -11.05 42.50 4.24
CA ARG C 854 -11.13 41.71 5.45
C ARG C 854 -11.42 42.59 6.65
N SER C 855 -12.06 42.01 7.66
CA SER C 855 -12.34 42.72 8.90
C SER C 855 -11.08 42.77 9.76
N PHE C 856 -11.17 43.47 10.89
CA PHE C 856 -10.05 43.55 11.81
C PHE C 856 -9.66 42.16 12.30
N ILE C 857 -10.63 41.37 12.73
CA ILE C 857 -10.35 40.05 13.27
C ILE C 857 -9.86 39.11 12.17
N GLU C 858 -10.40 39.25 10.96
CA GLU C 858 -9.92 38.43 9.85
C GLU C 858 -8.47 38.74 9.52
N ASP C 859 -8.10 40.03 9.53
CA ASP C 859 -6.70 40.40 9.36
C ASP C 859 -5.85 39.81 10.46
N LEU C 860 -6.33 39.86 11.71
CA LEU C 860 -5.59 39.28 12.81
C LEU C 860 -5.33 37.80 12.58
N LEU C 861 -6.36 37.06 12.18
CA LEU C 861 -6.22 35.63 11.94
C LEU C 861 -5.23 35.36 10.81
N PHE C 862 -5.34 36.11 9.71
CA PHE C 862 -4.44 35.88 8.59
C PHE C 862 -3.00 36.18 8.95
N ASN C 863 -2.78 37.21 9.76
CA ASN C 863 -1.42 37.48 10.23
C ASN C 863 -0.93 36.37 11.13
N LYS C 864 -1.78 35.87 12.03
CA LYS C 864 -1.34 34.85 12.96
C LYS C 864 -0.96 33.55 12.25
N VAL C 865 -1.75 33.13 11.27
CA VAL C 865 -1.46 31.89 10.56
C VAL C 865 -0.43 32.16 9.47
N THR C 866 0.66 31.42 9.50
CA THR C 866 1.74 31.56 8.53
C THR C 866 1.75 30.34 7.62
N LEU C 867 1.78 30.60 6.31
CA LEU C 867 1.73 29.55 5.30
C LEU C 867 3.10 29.36 4.66
N ALA C 868 3.20 28.30 3.85
CA ALA C 868 4.44 27.98 3.14
C ALA C 868 4.09 27.48 1.75
N ASP C 869 5.06 27.61 0.84
CA ASP C 869 4.88 27.21 -0.56
C ASP C 869 3.71 27.98 -1.18
N ALA C 870 3.92 29.30 -1.28
CA ALA C 870 2.87 30.18 -1.80
C ALA C 870 2.33 29.70 -3.13
N GLY C 871 3.22 29.36 -4.06
CA GLY C 871 2.79 28.90 -5.37
C GLY C 871 2.01 29.93 -6.15
N PHE C 872 2.46 31.19 -6.13
CA PHE C 872 1.83 32.28 -6.85
C PHE C 872 2.79 32.76 -7.93
N ILE C 873 2.76 32.08 -9.07
CA ILE C 873 3.67 32.35 -10.18
C ILE C 873 5.10 32.46 -9.66
N LYS C 874 5.38 31.75 -8.57
CA LYS C 874 6.70 31.78 -7.92
C LYS C 874 7.24 33.20 -7.84
N GLN C 875 6.42 34.10 -7.29
CA GLN C 875 6.82 35.49 -7.12
C GLN C 875 7.73 35.64 -5.90
N ASP C 887 14.58 28.28 -0.89
CA ASP C 887 14.17 27.76 0.42
C ASP C 887 13.28 26.54 0.23
N LEU C 888 12.36 26.31 1.17
CA LEU C 888 11.46 25.16 1.06
C LEU C 888 10.61 25.24 -0.19
N ILE C 889 10.11 26.44 -0.52
CA ILE C 889 9.17 26.58 -1.63
C ILE C 889 9.82 26.13 -2.93
N CYS C 890 11.02 26.63 -3.22
CA CYS C 890 11.68 26.31 -4.48
C CYS C 890 11.97 24.82 -4.60
N ALA C 891 12.58 24.23 -3.57
CA ALA C 891 12.93 22.83 -3.63
C ALA C 891 11.69 21.95 -3.75
N GLN C 892 10.64 22.27 -2.98
CA GLN C 892 9.42 21.48 -3.04
C GLN C 892 8.76 21.56 -4.42
N LYS C 893 8.73 22.76 -5.01
CA LYS C 893 8.06 22.92 -6.29
C LYS C 893 8.87 22.37 -7.46
N PHE C 894 10.20 22.33 -7.33
CA PHE C 894 11.08 22.09 -8.48
C PHE C 894 11.48 20.63 -8.62
N ASN C 895 10.62 19.70 -8.23
CA ASN C 895 10.92 18.28 -8.38
C ASN C 895 9.68 17.51 -8.86
N GLY C 896 8.95 18.09 -9.81
CA GLY C 896 7.74 17.48 -10.30
C GLY C 896 6.51 17.74 -9.47
N LEU C 897 6.64 18.50 -8.38
CA LEU C 897 5.53 18.83 -7.50
C LEU C 897 5.09 20.27 -7.77
N THR C 898 3.79 20.48 -7.90
CA THR C 898 3.23 21.80 -8.11
C THR C 898 2.06 22.02 -7.15
N VAL C 899 1.78 23.29 -6.87
CA VAL C 899 0.68 23.67 -5.99
C VAL C 899 -0.31 24.48 -6.81
N LEU C 900 -1.57 24.06 -6.82
CA LEU C 900 -2.60 24.73 -7.59
C LEU C 900 -3.30 25.78 -6.74
N PRO C 901 -3.51 27.00 -7.24
CA PRO C 901 -4.17 28.02 -6.43
C PRO C 901 -5.61 27.63 -6.17
N PRO C 902 -6.17 28.01 -5.02
CA PRO C 902 -7.58 27.74 -4.77
C PRO C 902 -8.48 28.50 -5.73
N LEU C 903 -9.62 27.89 -6.06
CA LEU C 903 -10.55 28.51 -6.99
C LEU C 903 -11.07 29.84 -6.45
N LEU C 904 -11.42 29.87 -5.16
CA LEU C 904 -11.89 31.10 -4.52
C LEU C 904 -10.71 31.79 -3.84
N THR C 905 -10.46 33.03 -4.22
CA THR C 905 -9.38 33.78 -3.60
C THR C 905 -9.79 34.23 -2.19
N ASP C 906 -8.78 34.67 -1.42
CA ASP C 906 -9.05 35.11 -0.06
C ASP C 906 -10.01 36.28 -0.05
N GLU C 907 -9.90 37.19 -1.03
CA GLU C 907 -10.82 38.32 -1.10
C GLU C 907 -12.25 37.84 -1.31
N MET C 908 -12.44 36.82 -2.15
CA MET C 908 -13.79 36.34 -2.42
C MET C 908 -14.35 35.57 -1.22
N ILE C 909 -13.50 34.84 -0.51
CA ILE C 909 -13.95 34.20 0.72
C ILE C 909 -14.37 35.24 1.74
N ALA C 910 -13.59 36.32 1.87
CA ALA C 910 -13.95 37.40 2.77
C ALA C 910 -15.24 38.07 2.33
N GLN C 911 -15.45 38.18 1.03
CA GLN C 911 -16.70 38.77 0.54
C GLN C 911 -17.90 37.89 0.89
N TYR C 912 -17.75 36.57 0.76
CA TYR C 912 -18.82 35.67 1.17
C TYR C 912 -19.09 35.80 2.66
N THR C 913 -18.03 35.86 3.47
CA THR C 913 -18.20 36.02 4.91
C THR C 913 -18.90 37.33 5.23
N SER C 914 -18.53 38.40 4.54
CA SER C 914 -19.18 39.69 4.74
C SER C 914 -20.65 39.63 4.36
N ALA C 915 -20.97 38.94 3.27
CA ALA C 915 -22.36 38.82 2.87
C ALA C 915 -23.17 38.08 3.93
N LEU C 916 -22.62 36.97 4.45
CA LEU C 916 -23.31 36.25 5.51
C LEU C 916 -23.50 37.12 6.74
N LEU C 917 -22.45 37.84 7.14
CA LEU C 917 -22.49 38.64 8.35
C LEU C 917 -23.50 39.78 8.22
N ALA C 918 -23.50 40.48 7.08
CA ALA C 918 -24.45 41.55 6.86
C ALA C 918 -25.88 41.02 6.80
N GLY C 919 -26.09 39.90 6.10
CA GLY C 919 -27.41 39.31 6.06
C GLY C 919 -27.91 38.99 7.46
N THR C 920 -27.07 38.37 8.28
CA THR C 920 -27.48 38.08 9.65
C THR C 920 -27.84 39.35 10.39
N ILE C 921 -26.93 40.33 10.40
CA ILE C 921 -27.14 41.54 11.19
C ILE C 921 -28.43 42.23 10.78
N THR C 922 -28.70 42.29 9.48
CA THR C 922 -29.80 43.10 8.99
C THR C 922 -31.13 42.36 8.91
N SER C 923 -31.13 41.03 8.88
CA SER C 923 -32.39 40.31 8.70
C SER C 923 -32.50 39.03 9.53
N GLY C 924 -31.79 38.92 10.65
CA GLY C 924 -31.98 37.74 11.47
C GLY C 924 -31.72 36.47 10.69
N TRP C 925 -32.62 35.51 10.84
CA TRP C 925 -32.51 34.21 10.16
C TRP C 925 -33.36 34.13 8.90
N THR C 926 -34.04 35.21 8.53
CA THR C 926 -34.95 35.15 7.39
C THR C 926 -34.19 34.93 6.08
N PHE C 927 -33.04 35.56 5.92
CA PHE C 927 -32.28 35.41 4.69
C PHE C 927 -31.79 33.98 4.48
N GLY C 928 -31.69 33.20 5.54
CA GLY C 928 -31.31 31.80 5.40
C GLY C 928 -32.41 30.92 4.85
N ALA C 929 -33.66 31.34 4.98
CA ALA C 929 -34.80 30.57 4.49
C ALA C 929 -35.41 31.14 3.21
N GLY C 930 -35.21 32.43 2.95
CA GLY C 930 -35.76 33.03 1.75
C GLY C 930 -35.20 34.42 1.51
N ALA C 931 -36.04 35.34 1.06
CA ALA C 931 -35.62 36.72 0.90
C ALA C 931 -35.27 37.32 2.26
N ALA C 932 -34.21 38.11 2.30
CA ALA C 932 -33.79 38.76 3.53
C ALA C 932 -34.82 39.81 3.91
N LEU C 933 -35.50 39.59 5.03
CA LEU C 933 -36.49 40.53 5.55
C LEU C 933 -35.86 41.32 6.68
N GLN C 934 -35.81 42.64 6.52
CA GLN C 934 -35.14 43.47 7.51
C GLN C 934 -35.90 43.46 8.83
N ILE C 935 -35.18 43.74 9.91
CA ILE C 935 -35.76 43.82 11.25
C ILE C 935 -34.76 44.52 12.14
N PRO C 936 -35.19 45.44 13.01
CA PRO C 936 -34.23 46.10 13.91
C PRO C 936 -33.49 45.08 14.76
N PHE C 937 -32.19 45.34 14.96
CA PHE C 937 -31.36 44.35 15.62
C PHE C 937 -31.82 44.10 17.05
N ALA C 938 -32.34 45.13 17.73
CA ALA C 938 -32.86 44.92 19.07
C ALA C 938 -34.04 43.94 19.04
N MET C 939 -34.92 44.07 18.06
CA MET C 939 -36.05 43.16 17.96
C MET C 939 -35.59 41.76 17.58
N GLN C 940 -34.58 41.65 16.72
CA GLN C 940 -34.01 40.34 16.42
C GLN C 940 -33.45 39.70 17.68
N MET C 941 -32.74 40.48 18.50
CA MET C 941 -32.23 39.96 19.76
C MET C 941 -33.36 39.53 20.66
N ALA C 942 -34.48 40.25 20.64
CA ALA C 942 -35.64 39.85 21.42
C ALA C 942 -36.17 38.51 20.94
N TYR C 943 -36.20 38.30 19.62
CA TYR C 943 -36.60 37.00 19.09
C TYR C 943 -35.67 35.90 19.58
N ARG C 944 -34.37 36.17 19.59
CA ARG C 944 -33.41 35.16 20.06
C ARG C 944 -33.63 34.87 21.54
N PHE C 945 -33.87 35.91 22.34
CA PHE C 945 -34.14 35.71 23.76
C PHE C 945 -35.37 34.85 23.97
N ASN C 946 -36.43 35.11 23.20
CA ASN C 946 -37.58 34.22 23.23
C ASN C 946 -37.18 32.80 22.86
N GLY C 947 -36.29 32.67 21.88
CA GLY C 947 -35.85 31.34 21.46
C GLY C 947 -35.19 30.56 22.57
N ILE C 948 -34.40 31.25 23.42
CA ILE C 948 -33.71 30.57 24.51
C ILE C 948 -34.60 30.53 25.75
N GLY C 949 -35.86 30.92 25.61
CA GLY C 949 -36.80 30.83 26.70
C GLY C 949 -36.79 31.98 27.68
N VAL C 950 -36.36 33.17 27.26
CA VAL C 950 -36.37 34.37 28.09
C VAL C 950 -37.30 35.37 27.44
N THR C 951 -38.21 35.95 28.23
CA THR C 951 -39.17 36.90 27.70
C THR C 951 -38.45 38.12 27.15
N GLN C 952 -38.99 38.67 26.05
CA GLN C 952 -38.31 39.75 25.35
C GLN C 952 -38.23 41.04 26.17
N ASN C 953 -39.13 41.22 27.14
CA ASN C 953 -39.04 42.41 27.99
C ASN C 953 -37.70 42.45 28.71
N VAL C 954 -37.11 41.30 29.00
CA VAL C 954 -35.81 41.27 29.66
C VAL C 954 -34.78 41.99 28.80
N LEU C 955 -34.72 41.63 27.51
CA LEU C 955 -33.79 42.31 26.61
C LEU C 955 -34.15 43.79 26.47
N TYR C 956 -35.44 44.08 26.30
CA TYR C 956 -35.79 45.48 26.06
C TYR C 956 -35.51 46.35 27.28
N GLU C 957 -35.45 45.77 28.47
CA GLU C 957 -35.12 46.52 29.67
C GLU C 957 -33.63 46.52 30.00
N ASN C 958 -32.88 45.54 29.52
CA ASN C 958 -31.44 45.48 29.73
C ASN C 958 -30.66 45.63 28.42
N GLN C 959 -31.23 46.36 27.47
CA GLN C 959 -30.59 46.53 26.17
C GLN C 959 -29.20 47.16 26.29
N LYS C 960 -29.09 48.23 27.06
CA LYS C 960 -27.79 48.89 27.19
C LYS C 960 -26.76 47.94 27.78
N LEU C 961 -27.13 47.23 28.84
CA LEU C 961 -26.20 46.30 29.47
C LEU C 961 -25.81 45.19 28.51
N ILE C 962 -26.79 44.65 27.76
CA ILE C 962 -26.50 43.54 26.86
C ILE C 962 -25.59 43.98 25.74
N ALA C 963 -25.84 45.17 25.18
CA ALA C 963 -24.97 45.70 24.13
C ALA C 963 -23.57 45.93 24.66
N ASN C 964 -23.45 46.48 25.87
CA ASN C 964 -22.13 46.68 26.46
C ASN C 964 -21.40 45.36 26.66
N GLN C 965 -22.12 44.34 27.13
CA GLN C 965 -21.50 43.04 27.34
C GLN C 965 -21.03 42.44 26.01
N PHE C 966 -21.85 42.56 24.96
CA PHE C 966 -21.44 42.04 23.65
C PHE C 966 -20.21 42.77 23.13
N ASN C 967 -20.19 44.10 23.24
CA ASN C 967 -19.05 44.86 22.77
C ASN C 967 -17.79 44.48 23.55
N SER C 968 -17.91 44.33 24.87
CA SER C 968 -16.77 43.95 25.68
C SER C 968 -16.27 42.56 25.30
N ALA C 969 -17.18 41.62 25.05
CA ALA C 969 -16.77 40.27 24.66
C ALA C 969 -16.05 40.28 23.32
N ILE C 970 -16.54 41.06 22.36
CA ILE C 970 -15.86 41.16 21.07
C ILE C 970 -14.47 41.75 21.24
N GLY C 971 -14.36 42.80 22.06
CA GLY C 971 -13.05 43.38 22.31
C GLY C 971 -12.10 42.39 22.97
N LYS C 972 -12.61 41.59 23.91
CA LYS C 972 -11.79 40.58 24.56
C LYS C 972 -11.31 39.53 23.56
N ILE C 973 -12.20 39.12 22.65
CA ILE C 973 -11.79 38.17 21.62
C ILE C 973 -10.68 38.77 20.76
N GLN C 974 -10.83 40.04 20.38
CA GLN C 974 -9.81 40.70 19.58
C GLN C 974 -8.48 40.72 20.32
N ASP C 975 -8.50 41.08 21.60
CA ASP C 975 -7.27 41.14 22.37
C ASP C 975 -6.63 39.76 22.51
N SER C 976 -7.43 38.74 22.75
CA SER C 976 -6.91 37.39 22.87
C SER C 976 -6.26 36.94 21.57
N LEU C 977 -6.90 37.23 20.44
CA LEU C 977 -6.31 36.86 19.15
C LEU C 977 -5.02 37.62 18.91
N SER C 978 -4.98 38.90 19.28
CA SER C 978 -3.77 39.70 19.08
C SER C 978 -2.63 39.23 19.97
N SER C 979 -2.94 38.69 21.15
CA SER C 979 -1.89 38.31 22.10
C SER C 979 -1.45 36.86 21.94
N THR C 980 -2.37 35.92 22.13
CA THR C 980 -2.01 34.50 22.12
C THR C 980 -1.68 34.05 20.70
N ALA C 981 -0.70 33.16 20.58
CA ALA C 981 -0.25 32.68 19.29
C ALA C 981 -0.76 31.29 18.94
N SER C 982 -1.18 30.51 19.93
CA SER C 982 -1.67 29.15 19.70
C SER C 982 -3.16 29.11 19.42
N ALA C 983 -3.77 30.25 19.11
CA ALA C 983 -5.22 30.28 18.87
C ALA C 983 -5.60 29.45 17.66
N LEU C 984 -4.84 29.55 16.57
CA LEU C 984 -5.14 28.87 15.33
C LEU C 984 -4.33 27.59 15.16
N GLY C 985 -4.03 26.91 16.27
CA GLY C 985 -3.29 25.66 16.18
C GLY C 985 -3.98 24.63 15.33
N LYS C 986 -5.32 24.65 15.28
CA LYS C 986 -6.05 23.67 14.49
C LYS C 986 -5.67 23.78 13.01
N LEU C 987 -5.59 25.00 12.49
CA LEU C 987 -5.19 25.18 11.09
C LEU C 987 -3.68 25.01 10.93
N GLN C 988 -2.90 25.44 11.92
CA GLN C 988 -1.46 25.30 11.82
C GLN C 988 -1.05 23.84 11.75
N ASP C 989 -1.77 22.97 12.46
CA ASP C 989 -1.46 21.55 12.41
C ASP C 989 -1.67 20.98 11.02
N VAL C 990 -2.75 21.39 10.34
CA VAL C 990 -2.98 20.93 8.98
C VAL C 990 -1.86 21.40 8.05
N VAL C 991 -1.51 22.68 8.17
CA VAL C 991 -0.45 23.22 7.32
C VAL C 991 0.86 22.47 7.57
N ASN C 992 1.20 22.26 8.85
CA ASN C 992 2.43 21.58 9.20
C ASN C 992 2.44 20.15 8.70
N GLN C 993 1.31 19.45 8.83
CA GLN C 993 1.25 18.06 8.38
C GLN C 993 1.47 17.97 6.88
N ASN C 994 0.80 18.84 6.11
CA ASN C 994 0.98 18.81 4.67
C ASN C 994 2.42 19.13 4.29
N ALA C 995 2.99 20.16 4.91
CA ALA C 995 4.37 20.53 4.59
C ALA C 995 5.34 19.42 4.94
N GLN C 996 5.13 18.75 6.08
CA GLN C 996 6.05 17.70 6.49
C GLN C 996 5.92 16.48 5.59
N ALA C 997 4.70 16.14 5.17
CA ALA C 997 4.54 15.05 4.22
C ALA C 997 5.24 15.34 2.91
N LEU C 998 5.10 16.57 2.40
CA LEU C 998 5.80 16.94 1.17
C LEU C 998 7.30 16.88 1.37
N ASN C 999 7.79 17.35 2.52
CA ASN C 999 9.23 17.31 2.79
C ASN C 999 9.75 15.89 2.82
N THR C 1000 9.01 14.98 3.46
CA THR C 1000 9.42 13.58 3.48
C THR C 1000 9.43 12.99 2.08
N LEU C 1001 8.40 13.29 1.29
CA LEU C 1001 8.36 12.78 -0.08
C LEU C 1001 9.56 13.28 -0.88
N VAL C 1002 9.91 14.56 -0.73
CA VAL C 1002 11.04 15.10 -1.48
C VAL C 1002 12.34 14.49 -0.99
N LYS C 1003 12.50 14.35 0.32
CA LYS C 1003 13.72 13.75 0.87
C LYS C 1003 13.88 12.30 0.42
N GLN C 1004 12.77 11.61 0.16
CA GLN C 1004 12.87 10.21 -0.26
C GLN C 1004 13.60 10.07 -1.59
N LEU C 1005 13.72 11.14 -2.36
CA LEU C 1005 14.45 11.07 -3.62
C LEU C 1005 15.95 10.91 -3.42
N SER C 1006 16.44 11.08 -2.20
CA SER C 1006 17.86 10.95 -1.90
C SER C 1006 18.26 9.55 -1.45
N SER C 1007 17.32 8.60 -1.45
CA SER C 1007 17.59 7.26 -0.99
C SER C 1007 18.11 6.40 -2.13
N ASN C 1008 19.06 5.52 -1.82
CA ASN C 1008 19.59 4.60 -2.82
C ASN C 1008 18.62 3.45 -3.10
N PHE C 1009 17.92 2.98 -2.06
CA PHE C 1009 17.02 1.84 -2.19
C PHE C 1009 17.77 0.59 -2.66
N GLY C 1010 19.06 0.50 -2.33
CA GLY C 1010 19.87 -0.62 -2.73
C GLY C 1010 20.65 -0.41 -4.00
N ALA C 1011 20.36 0.65 -4.77
CA ALA C 1011 21.10 0.93 -5.98
C ALA C 1011 22.48 1.51 -5.64
N ILE C 1012 23.36 1.51 -6.65
CA ILE C 1012 24.69 2.05 -6.45
C ILE C 1012 24.64 3.52 -6.08
N SER C 1013 23.68 4.25 -6.66
CA SER C 1013 23.54 5.68 -6.42
C SER C 1013 22.07 6.04 -6.40
N SER C 1014 21.77 7.18 -5.79
CA SER C 1014 20.42 7.73 -5.78
C SER C 1014 20.20 8.75 -6.90
N VAL C 1015 21.19 8.94 -7.77
CA VAL C 1015 21.11 9.92 -8.84
C VAL C 1015 20.93 9.16 -10.16
N LEU C 1016 19.79 9.37 -10.80
CA LEU C 1016 19.49 8.69 -12.05
C LEU C 1016 20.51 9.04 -13.13
N ASN C 1017 20.88 10.31 -13.21
CA ASN C 1017 21.87 10.72 -14.21
C ASN C 1017 23.21 10.04 -13.96
N ASP C 1018 23.63 9.96 -12.69
CA ASP C 1018 24.89 9.29 -12.38
C ASP C 1018 24.83 7.82 -12.76
N ILE C 1019 23.72 7.15 -12.47
CA ILE C 1019 23.58 5.75 -12.84
C ILE C 1019 23.66 5.59 -14.35
N LEU C 1020 22.95 6.46 -15.09
CA LEU C 1020 22.89 6.33 -16.54
C LEU C 1020 24.20 6.72 -17.21
N SER C 1021 25.03 7.52 -16.56
CA SER C 1021 26.29 7.98 -17.16
C SER C 1021 27.47 7.09 -16.81
N ARG C 1022 27.26 5.99 -16.10
CA ARG C 1022 28.34 5.11 -15.69
C ARG C 1022 28.18 3.69 -16.20
N LEU C 1023 26.95 3.19 -16.32
CA LEU C 1023 26.70 1.83 -16.74
C LEU C 1023 25.89 1.83 -18.02
N ASP C 1024 26.25 0.94 -18.95
CA ASP C 1024 25.46 0.79 -20.15
C ASP C 1024 24.12 0.10 -19.92
N PRO C 1025 23.18 0.23 -20.85
CA PRO C 1025 21.77 -0.11 -20.59
C PRO C 1025 21.62 -1.38 -19.77
N PRO C 1026 22.19 -2.50 -20.22
CA PRO C 1026 21.86 -3.78 -19.56
C PRO C 1026 22.14 -3.79 -18.06
N GLU C 1027 23.26 -3.23 -17.63
CA GLU C 1027 23.54 -3.13 -16.20
C GLU C 1027 22.81 -1.96 -15.55
N ALA C 1028 22.69 -0.83 -16.26
CA ALA C 1028 22.05 0.33 -15.66
C ALA C 1028 20.59 0.06 -15.31
N GLU C 1029 19.94 -0.83 -16.05
CA GLU C 1029 18.52 -1.09 -15.81
C GLU C 1029 18.24 -1.67 -14.43
N VAL C 1030 19.15 -2.45 -13.87
CA VAL C 1030 18.92 -3.02 -12.54
C VAL C 1030 18.84 -1.91 -11.50
N GLN C 1031 19.80 -0.99 -11.54
CA GLN C 1031 19.79 0.13 -10.60
C GLN C 1031 18.58 1.02 -10.84
N ILE C 1032 18.26 1.26 -12.11
CA ILE C 1032 17.09 2.09 -12.43
C ILE C 1032 15.83 1.45 -11.85
N ASP C 1033 15.72 0.12 -11.94
CA ASP C 1033 14.53 -0.55 -11.43
C ASP C 1033 14.48 -0.49 -9.91
N ARG C 1034 15.62 -0.62 -9.25
CA ARG C 1034 15.63 -0.47 -7.79
C ARG C 1034 15.12 0.91 -7.39
N LEU C 1035 15.63 1.95 -8.05
CA LEU C 1035 15.17 3.31 -7.76
C LEU C 1035 13.69 3.46 -8.07
N ILE C 1036 13.23 2.88 -9.18
CA ILE C 1036 11.83 2.98 -9.56
C ILE C 1036 10.94 2.38 -8.47
N THR C 1037 11.31 1.18 -8.00
CA THR C 1037 10.51 0.53 -6.96
C THR C 1037 10.46 1.39 -5.71
N GLY C 1038 11.61 1.89 -5.26
CA GLY C 1038 11.63 2.69 -4.06
C GLY C 1038 10.80 3.95 -4.18
N ARG C 1039 10.97 4.67 -5.29
CA ARG C 1039 10.27 5.94 -5.45
C ARG C 1039 8.77 5.73 -5.64
N LEU C 1040 8.38 4.66 -6.32
CA LEU C 1040 6.97 4.34 -6.46
C LEU C 1040 6.36 4.02 -5.11
N GLN C 1041 7.07 3.27 -4.27
CA GLN C 1041 6.57 3.00 -2.93
C GLN C 1041 6.41 4.29 -2.13
N SER C 1042 7.37 5.19 -2.23
CA SER C 1042 7.28 6.46 -1.51
C SER C 1042 6.06 7.25 -1.98
N LEU C 1043 5.86 7.32 -3.30
CA LEU C 1043 4.71 8.05 -3.84
C LEU C 1043 3.40 7.43 -3.36
N GLN C 1044 3.31 6.10 -3.37
CA GLN C 1044 2.08 5.45 -2.94
C GLN C 1044 1.80 5.74 -1.47
N THR C 1045 2.82 5.69 -0.62
CA THR C 1045 2.63 6.00 0.78
C THR C 1045 2.15 7.44 0.95
N TYR C 1046 2.77 8.37 0.24
CA TYR C 1046 2.37 9.77 0.34
C TYR C 1046 0.92 9.96 -0.10
N VAL C 1047 0.54 9.33 -1.20
CA VAL C 1047 -0.80 9.53 -1.75
C VAL C 1047 -1.85 8.93 -0.83
N THR C 1048 -1.57 7.75 -0.25
CA THR C 1048 -2.53 7.16 0.67
C THR C 1048 -2.69 8.03 1.92
N GLN C 1049 -1.58 8.52 2.47
CA GLN C 1049 -1.68 9.41 3.62
C GLN C 1049 -2.47 10.66 3.27
N GLN C 1050 -2.24 11.21 2.07
CA GLN C 1050 -2.98 12.39 1.65
C GLN C 1050 -4.46 12.10 1.51
N LEU C 1051 -4.81 10.93 1.00
CA LEU C 1051 -6.22 10.57 0.87
C LEU C 1051 -6.89 10.49 2.23
N ILE C 1052 -6.22 9.88 3.21
CA ILE C 1052 -6.80 9.80 4.55
C ILE C 1052 -6.95 11.19 5.16
N ARG C 1053 -5.91 12.02 5.02
CA ARG C 1053 -5.97 13.37 5.55
C ARG C 1053 -7.08 14.17 4.88
N ALA C 1054 -7.27 13.97 3.58
CA ALA C 1054 -8.33 14.66 2.86
C ALA C 1054 -9.70 14.22 3.34
N ALA C 1055 -9.86 12.93 3.66
CA ALA C 1055 -11.11 12.47 4.24
C ALA C 1055 -11.37 13.18 5.57
N GLU C 1056 -10.34 13.29 6.40
CA GLU C 1056 -10.52 14.00 7.68
C GLU C 1056 -10.89 15.46 7.46
N ILE C 1057 -10.21 16.12 6.53
CA ILE C 1057 -10.49 17.53 6.26
C ILE C 1057 -11.90 17.70 5.69
N ARG C 1058 -12.34 16.73 4.88
CA ARG C 1058 -13.71 16.79 4.36
C ARG C 1058 -14.72 16.64 5.48
N ALA C 1059 -14.46 15.77 6.44
CA ALA C 1059 -15.35 15.67 7.59
C ALA C 1059 -15.40 16.99 8.34
N SER C 1060 -14.24 17.62 8.54
CA SER C 1060 -14.22 18.92 9.22
C SER C 1060 -14.98 19.97 8.42
N ALA C 1061 -14.85 19.95 7.10
CA ALA C 1061 -15.52 20.94 6.26
C ALA C 1061 -17.03 20.74 6.26
N ASN C 1062 -17.48 19.49 6.28
CA ASN C 1062 -18.90 19.21 6.41
C ASN C 1062 -19.41 19.72 7.76
N LEU C 1063 -18.63 19.51 8.82
CA LEU C 1063 -19.02 20.06 10.12
C LEU C 1063 -19.10 21.57 10.07
N ALA C 1064 -18.14 22.22 9.41
CA ALA C 1064 -18.15 23.67 9.30
C ALA C 1064 -19.35 24.17 8.53
N ALA C 1065 -19.72 23.49 7.45
CA ALA C 1065 -20.91 23.87 6.68
C ALA C 1065 -22.17 23.72 7.52
N THR C 1066 -22.28 22.61 8.26
CA THR C 1066 -23.42 22.42 9.14
C THR C 1066 -23.48 23.52 10.20
N LYS C 1067 -22.33 23.87 10.77
CA LYS C 1067 -22.30 24.92 11.78
C LYS C 1067 -22.71 26.25 11.18
N MET C 1068 -22.23 26.58 9.99
CA MET C 1068 -22.67 27.80 9.32
C MET C 1068 -24.19 27.80 9.19
N SER C 1069 -24.75 26.74 8.63
CA SER C 1069 -26.18 26.70 8.37
C SER C 1069 -26.99 26.81 9.66
N GLU C 1070 -26.55 26.13 10.72
CA GLU C 1070 -27.39 25.98 11.90
C GLU C 1070 -27.12 27.00 12.99
N CYS C 1071 -25.99 27.70 12.94
CA CYS C 1071 -25.65 28.73 13.93
C CYS C 1071 -25.64 30.13 13.34
N VAL C 1072 -25.15 30.30 12.12
CA VAL C 1072 -25.11 31.62 11.51
C VAL C 1072 -26.45 31.93 10.84
N LEU C 1073 -26.96 31.00 10.05
CA LEU C 1073 -28.22 31.21 9.33
C LEU C 1073 -29.44 30.99 10.22
N GLY C 1074 -29.26 30.50 11.44
CA GLY C 1074 -30.38 30.29 12.33
C GLY C 1074 -29.93 30.29 13.78
N GLN C 1075 -30.86 29.91 14.65
CA GLN C 1075 -30.60 29.76 16.07
C GLN C 1075 -30.75 28.29 16.44
N SER C 1076 -29.72 27.73 17.05
CA SER C 1076 -29.65 26.30 17.33
C SER C 1076 -30.10 26.02 18.76
N LYS C 1077 -30.96 25.04 18.93
CA LYS C 1077 -31.32 24.52 20.24
C LYS C 1077 -30.50 23.30 20.63
N ARG C 1078 -29.58 22.86 19.78
CA ARG C 1078 -28.69 21.76 20.11
C ARG C 1078 -27.66 22.24 21.13
N VAL C 1079 -27.49 21.46 22.21
CA VAL C 1079 -26.63 21.89 23.30
C VAL C 1079 -25.16 21.78 22.88
N ASP C 1080 -24.40 22.81 23.20
CA ASP C 1080 -22.95 22.86 22.98
C ASP C 1080 -22.56 22.76 21.51
N PHE C 1081 -23.52 22.89 20.59
CA PHE C 1081 -23.18 22.88 19.17
C PHE C 1081 -22.59 24.22 18.75
N CYS C 1082 -23.34 25.29 18.95
CA CYS C 1082 -22.85 26.64 18.68
C CYS C 1082 -22.38 27.32 19.96
N GLY C 1083 -21.33 26.77 20.56
CA GLY C 1083 -20.73 27.36 21.74
C GLY C 1083 -21.34 26.88 23.03
N LYS C 1084 -20.77 27.38 24.14
CA LYS C 1084 -21.18 26.98 25.48
C LYS C 1084 -22.19 28.00 26.02
N GLY C 1085 -23.36 27.51 26.39
CA GLY C 1085 -24.45 28.34 26.85
C GLY C 1085 -25.65 28.20 25.94
N TYR C 1086 -26.63 29.08 26.15
CA TYR C 1086 -27.81 29.12 25.31
C TYR C 1086 -27.50 29.95 24.07
N HIS C 1087 -27.46 29.30 22.91
CA HIS C 1087 -27.02 29.97 21.70
C HIS C 1087 -27.98 31.09 21.32
N LEU C 1088 -27.41 32.26 21.03
CA LEU C 1088 -28.16 33.39 20.51
C LEU C 1088 -27.90 33.59 19.02
N MET C 1089 -26.64 33.76 18.62
CA MET C 1089 -26.29 33.92 17.23
C MET C 1089 -24.80 33.67 17.07
N SER C 1090 -24.39 33.46 15.83
CA SER C 1090 -22.99 33.25 15.49
C SER C 1090 -22.62 34.11 14.30
N PHE C 1091 -21.36 34.53 14.26
CA PHE C 1091 -20.82 35.35 13.19
C PHE C 1091 -19.64 34.63 12.56
N PRO C 1092 -19.62 34.39 11.24
CA PRO C 1092 -18.47 33.73 10.64
C PRO C 1092 -17.35 34.70 10.33
N GLN C 1093 -16.12 34.21 10.48
CA GLN C 1093 -14.92 34.92 10.09
C GLN C 1093 -14.01 33.99 9.31
N SER C 1094 -13.46 34.49 8.22
CA SER C 1094 -12.66 33.66 7.33
C SER C 1094 -11.20 33.65 7.78
N ALA C 1095 -10.64 32.47 7.90
CA ALA C 1095 -9.25 32.26 8.25
C ALA C 1095 -8.57 31.44 7.18
N PRO C 1096 -7.24 31.50 7.08
CA PRO C 1096 -6.55 30.76 6.02
C PRO C 1096 -6.86 29.27 6.09
N HIS C 1097 -7.47 28.76 5.03
CA HIS C 1097 -7.82 27.34 4.92
C HIS C 1097 -8.76 26.90 6.03
N GLY C 1098 -9.58 27.82 6.52
CA GLY C 1098 -10.50 27.49 7.61
C GLY C 1098 -11.50 28.60 7.82
N VAL C 1099 -12.33 28.40 8.84
CA VAL C 1099 -13.34 29.36 9.23
C VAL C 1099 -13.33 29.51 10.74
N VAL C 1100 -13.69 30.69 11.22
CA VAL C 1100 -13.77 30.98 12.64
C VAL C 1100 -15.19 31.44 12.94
N PHE C 1101 -15.83 30.80 13.91
CA PHE C 1101 -17.18 31.14 14.34
C PHE C 1101 -17.12 31.84 15.68
N LEU C 1102 -17.75 33.01 15.77
CA LEU C 1102 -17.89 33.74 17.02
C LEU C 1102 -19.29 33.46 17.56
N HIS C 1103 -19.39 32.55 18.51
CA HIS C 1103 -20.67 32.10 19.03
C HIS C 1103 -21.09 33.01 20.17
N VAL C 1104 -22.22 33.69 20.00
CA VAL C 1104 -22.81 34.51 21.04
C VAL C 1104 -23.83 33.66 21.79
N THR C 1105 -23.62 33.50 23.09
CA THR C 1105 -24.48 32.66 23.92
C THR C 1105 -24.93 33.42 25.15
N TYR C 1106 -26.05 32.99 25.70
CA TYR C 1106 -26.63 33.56 26.90
C TYR C 1106 -26.25 32.69 28.09
N VAL C 1107 -25.62 33.28 29.09
CA VAL C 1107 -25.15 32.53 30.26
C VAL C 1107 -25.77 33.11 31.52
N PRO C 1108 -26.65 32.39 32.22
CA PRO C 1108 -27.13 32.89 33.50
C PRO C 1108 -25.98 33.07 34.48
N ALA C 1109 -26.06 34.13 35.29
CA ALA C 1109 -24.90 34.59 36.04
C ALA C 1109 -25.06 34.46 37.56
N GLN C 1110 -26.10 35.05 38.15
CA GLN C 1110 -26.19 35.21 39.60
C GLN C 1110 -27.43 34.48 40.11
N GLU C 1111 -27.26 33.19 40.42
CA GLU C 1111 -28.36 32.38 40.91
C GLU C 1111 -28.65 32.69 42.37
N LYS C 1112 -29.93 32.57 42.74
CA LYS C 1112 -30.37 32.71 44.12
C LYS C 1112 -31.29 31.54 44.46
N ASN C 1113 -31.23 31.10 45.71
CA ASN C 1113 -31.97 29.94 46.16
C ASN C 1113 -33.36 30.35 46.63
N PHE C 1114 -34.38 29.68 46.10
CA PHE C 1114 -35.77 29.89 46.51
C PHE C 1114 -36.41 28.55 46.84
N THR C 1115 -37.37 28.60 47.75
CA THR C 1115 -38.24 27.45 47.97
C THR C 1115 -39.27 27.38 46.85
N THR C 1116 -39.58 26.15 46.42
CA THR C 1116 -40.44 25.96 45.27
C THR C 1116 -41.43 24.83 45.55
N ALA C 1117 -42.53 24.85 44.81
CA ALA C 1117 -43.56 23.83 44.89
C ALA C 1117 -43.99 23.43 43.49
N PRO C 1118 -44.50 22.22 43.31
CA PRO C 1118 -44.93 21.79 41.97
C PRO C 1118 -46.27 22.40 41.57
N ALA C 1119 -47.15 22.62 42.54
CA ALA C 1119 -48.47 23.18 42.27
C ALA C 1119 -48.91 23.99 43.48
N ILE C 1120 -50.05 24.66 43.33
CA ILE C 1120 -50.60 25.52 44.38
C ILE C 1120 -52.04 25.11 44.65
N CYS C 1121 -52.40 24.98 45.92
CA CYS C 1121 -53.78 24.73 46.33
C CYS C 1121 -54.45 26.05 46.63
N HIS C 1122 -55.57 26.32 45.96
CA HIS C 1122 -56.30 27.57 46.17
C HIS C 1122 -57.69 27.33 46.76
N ASP C 1123 -58.52 26.53 46.09
CA ASP C 1123 -59.91 26.33 46.49
C ASP C 1123 -60.30 24.87 46.30
N GLY C 1124 -59.43 23.96 46.72
CA GLY C 1124 -59.62 22.56 46.38
C GLY C 1124 -59.20 22.21 44.98
N LYS C 1125 -58.49 23.11 44.29
CA LYS C 1125 -58.03 22.88 42.93
C LYS C 1125 -56.53 23.09 42.87
N ALA C 1126 -55.88 22.36 41.97
CA ALA C 1126 -54.44 22.44 41.79
C ALA C 1126 -54.12 23.37 40.63
N HIS C 1127 -53.26 24.35 40.88
CA HIS C 1127 -52.85 25.32 39.88
C HIS C 1127 -51.40 25.08 39.51
N PHE C 1128 -51.15 24.94 38.20
CA PHE C 1128 -49.80 24.76 37.70
C PHE C 1128 -49.37 25.97 36.89
N PRO C 1129 -48.07 26.28 36.83
CA PRO C 1129 -47.64 27.44 36.05
C PRO C 1129 -47.81 27.20 34.55
N ARG C 1130 -48.35 28.21 33.87
CA ARG C 1130 -48.47 28.11 32.42
C ARG C 1130 -47.11 28.02 31.77
N GLU C 1131 -46.18 28.87 32.19
CA GLU C 1131 -44.79 28.78 31.76
C GLU C 1131 -43.94 29.46 32.82
N GLY C 1132 -43.23 28.67 33.60
CA GLY C 1132 -42.44 29.18 34.70
C GLY C 1132 -42.47 28.22 35.86
N VAL C 1133 -42.16 28.74 37.04
CA VAL C 1133 -42.03 27.92 38.24
C VAL C 1133 -42.48 28.75 39.44
N PHE C 1134 -43.15 28.09 40.38
CA PHE C 1134 -43.55 28.73 41.62
C PHE C 1134 -42.35 28.84 42.55
N VAL C 1135 -42.12 30.03 43.09
CA VAL C 1135 -41.01 30.28 43.99
C VAL C 1135 -41.51 31.09 45.18
N SER C 1136 -40.79 30.96 46.29
CA SER C 1136 -41.12 31.66 47.53
C SER C 1136 -39.87 32.35 48.05
N ASN C 1137 -40.00 33.62 48.40
CA ASN C 1137 -38.90 34.35 49.03
C ASN C 1137 -38.84 34.12 50.54
N GLY C 1138 -39.76 33.34 51.09
CA GLY C 1138 -39.75 33.02 52.51
C GLY C 1138 -41.11 33.12 53.13
N THR C 1139 -41.94 34.01 52.62
CA THR C 1139 -43.30 34.20 53.11
C THR C 1139 -44.34 34.21 52.01
N HIS C 1140 -44.02 34.79 50.86
CA HIS C 1140 -44.96 34.93 49.76
C HIS C 1140 -44.56 34.01 48.60
N TRP C 1141 -45.54 33.67 47.78
CA TRP C 1141 -45.34 32.80 46.63
C TRP C 1141 -45.58 33.59 45.34
N PHE C 1142 -44.68 33.42 44.39
CA PHE C 1142 -44.75 34.08 43.09
C PHE C 1142 -44.59 33.03 42.00
N VAL C 1143 -44.72 33.47 40.75
CA VAL C 1143 -44.45 32.65 39.58
C VAL C 1143 -43.48 33.41 38.70
N THR C 1144 -42.38 32.77 38.32
CA THR C 1144 -41.34 33.41 37.55
C THR C 1144 -40.96 32.52 36.37
N GLN C 1145 -40.41 33.15 35.33
CA GLN C 1145 -39.83 32.39 34.23
C GLN C 1145 -38.57 31.68 34.71
N ARG C 1146 -38.32 30.51 34.13
CA ARG C 1146 -37.30 29.62 34.68
C ARG C 1146 -35.90 30.22 34.59
N ASN C 1147 -35.59 30.87 33.47
CA ASN C 1147 -34.21 31.26 33.17
C ASN C 1147 -33.87 32.67 33.64
N PHE C 1148 -34.80 33.38 34.27
CA PHE C 1148 -34.54 34.73 34.76
C PHE C 1148 -35.52 35.03 35.87
N TYR C 1149 -35.05 35.69 36.92
CA TYR C 1149 -35.89 35.93 38.10
C TYR C 1149 -36.63 37.24 37.93
N GLU C 1150 -37.94 37.16 37.73
CA GLU C 1150 -38.83 38.32 37.84
C GLU C 1150 -40.14 37.82 38.43
N PRO C 1151 -40.26 37.84 39.76
CA PRO C 1151 -41.45 37.26 40.39
C PRO C 1151 -42.71 38.03 40.01
N GLN C 1152 -43.82 37.29 39.92
CA GLN C 1152 -45.11 37.87 39.59
C GLN C 1152 -46.17 37.25 40.49
N ILE C 1153 -47.25 38.00 40.70
CA ILE C 1153 -48.35 37.50 41.51
C ILE C 1153 -48.97 36.30 40.82
N ILE C 1154 -49.23 35.24 41.59
CA ILE C 1154 -49.86 34.04 41.03
C ILE C 1154 -51.33 34.35 40.80
N THR C 1155 -51.72 34.53 39.55
CA THR C 1155 -53.10 34.81 39.18
C THR C 1155 -53.64 33.70 38.30
N THR C 1156 -54.92 33.81 37.94
CA THR C 1156 -55.53 32.86 37.02
C THR C 1156 -54.93 32.95 35.63
N ASP C 1157 -54.22 34.05 35.32
CA ASP C 1157 -53.62 34.20 34.01
C ASP C 1157 -52.26 33.52 33.92
N ASN C 1158 -51.52 33.46 35.03
CA ASN C 1158 -50.22 32.80 35.03
C ASN C 1158 -50.31 31.29 35.09
N THR C 1159 -51.45 30.74 35.51
CA THR C 1159 -51.57 29.33 35.85
C THR C 1159 -52.78 28.72 35.16
N PHE C 1160 -52.87 27.39 35.22
CA PHE C 1160 -54.03 26.66 34.77
C PHE C 1160 -54.38 25.60 35.81
N VAL C 1161 -55.66 25.23 35.85
CA VAL C 1161 -56.18 24.32 36.87
C VAL C 1161 -56.24 22.92 36.30
N SER C 1162 -56.01 21.92 37.16
CA SER C 1162 -56.09 20.53 36.76
C SER C 1162 -56.34 19.69 38.00
N GLY C 1163 -57.55 19.14 38.11
CA GLY C 1163 -57.85 18.25 39.21
C GLY C 1163 -57.92 18.97 40.55
N ASN C 1164 -57.75 18.19 41.61
CA ASN C 1164 -57.84 18.67 42.98
C ASN C 1164 -56.48 18.48 43.68
N CYS C 1165 -56.47 18.73 44.98
CA CYS C 1165 -55.25 18.83 45.77
C CYS C 1165 -54.76 17.48 46.29
N ASP C 1166 -55.49 16.39 46.05
CA ASP C 1166 -55.24 15.14 46.76
C ASP C 1166 -54.22 14.24 46.08
N VAL C 1167 -53.71 14.62 44.91
CA VAL C 1167 -52.88 13.73 44.11
C VAL C 1167 -51.45 14.25 43.96
N VAL C 1168 -51.28 15.55 43.77
CA VAL C 1168 -49.95 16.10 43.51
C VAL C 1168 -49.12 16.04 44.78
N ILE C 1169 -47.89 15.53 44.66
CA ILE C 1169 -46.99 15.38 45.78
C ILE C 1169 -46.20 16.67 45.95
N GLY C 1170 -46.33 17.32 47.10
CA GLY C 1170 -45.65 18.56 47.39
C GLY C 1170 -46.45 19.82 47.19
N ILE C 1171 -47.76 19.70 46.93
CA ILE C 1171 -48.59 20.87 46.73
C ILE C 1171 -48.66 21.67 48.02
N VAL C 1172 -48.88 22.99 47.89
CA VAL C 1172 -48.86 23.90 49.01
C VAL C 1172 -50.07 24.82 48.92
N ASN C 1173 -50.66 25.13 50.08
CA ASN C 1173 -51.70 26.15 50.13
C ASN C 1173 -51.13 27.47 49.64
N ASN C 1174 -51.91 28.17 48.82
CA ASN C 1174 -51.66 29.60 48.64
C ASN C 1174 -52.77 30.18 47.79
N THR C 1175 -53.17 31.41 48.09
CA THR C 1175 -54.24 32.06 47.35
C THR C 1175 -53.81 32.35 45.92
N VAL C 1176 -54.73 32.17 44.98
CA VAL C 1176 -54.51 32.50 43.58
C VAL C 1176 -55.40 33.69 43.25
N TYR C 1177 -54.76 34.82 42.93
CA TYR C 1177 -55.49 36.06 42.69
C TYR C 1177 -56.30 35.98 41.40
N ASP C 1178 -57.53 36.48 41.45
CA ASP C 1178 -58.40 36.50 40.28
C ASP C 1178 -58.53 37.93 39.78
N PRO C 1179 -57.96 38.28 38.61
CA PRO C 1179 -58.03 39.68 38.17
C PRO C 1179 -59.45 40.19 37.97
N LEU C 1180 -60.40 39.31 37.65
CA LEU C 1180 -61.76 39.75 37.41
C LEU C 1180 -62.48 40.17 38.68
N GLN C 1181 -62.02 39.72 39.85
CA GLN C 1181 -62.76 39.99 41.08
C GLN C 1181 -62.88 41.48 41.38
N PRO C 1182 -61.81 42.28 41.40
CA PRO C 1182 -61.99 43.71 41.67
C PRO C 1182 -62.88 44.40 40.65
N GLU C 1183 -62.79 44.01 39.37
CA GLU C 1183 -63.65 44.59 38.36
C GLU C 1183 -65.11 44.26 38.65
N LEU C 1184 -65.38 43.02 39.07
CA LEU C 1184 -66.74 42.65 39.46
C LEU C 1184 -67.20 43.47 40.66
N ASP C 1185 -66.33 43.65 41.66
CA ASP C 1185 -66.71 44.42 42.83
C ASP C 1185 -67.05 45.86 42.45
N SER C 1186 -66.22 46.48 41.60
CA SER C 1186 -66.55 47.80 41.08
C SER C 1186 -67.82 47.74 40.24
N PHE C 1187 -67.96 46.70 39.43
CA PHE C 1187 -69.16 46.54 38.61
C PHE C 1187 -70.39 46.38 39.49
N LYS C 1188 -70.28 45.58 40.56
CA LYS C 1188 -71.40 45.46 41.50
C LYS C 1188 -71.70 46.79 42.17
N GLU C 1189 -70.66 47.52 42.57
CA GLU C 1189 -70.83 48.82 43.20
C GLU C 1189 -71.47 49.81 42.24
#